data_1YX6
#
_entry.id   1YX6
#
loop_
_entity.id
_entity.type
_entity.pdbx_description
1 polymer '26S proteasome non-ATPase regulatory subunit 4'
2 polymer Ubiquitin
#
loop_
_entity_poly.entity_id
_entity_poly.type
_entity_poly.pdbx_seq_one_letter_code
_entity_poly.pdbx_strand_id
1 'polypeptide(L)'
;MGHHHHHHHHHHSSGHIEGRHMLGLGASDFEFGVDPSADPELALALRVSMEEQRQRQEEEARRAAAASAAEAGIATTGTE
DSDDALLKMTISQQEFGRTGLPDLSSMTEEEQIAYAMQMSLQGAEFGQAESA
;
A
2 'polypeptide(L)'
;MQIFVKTLTGKTITLEVEPSDTIENVKAKIQDKEGIPPDQQRLIFAGKQLEDGRTLSDYNIQKESTLHLVLRLRGGRDPN
SSSVDKLAAALEHHHHHH
;
B
#
# COMPACT_ATOMS: atom_id res chain seq x y z
N HIS A 21 11.65 -10.99 70.35
CA HIS A 21 12.05 -10.62 68.96
C HIS A 21 11.22 -11.41 67.95
N MET A 22 11.28 -11.03 66.70
CA MET A 22 10.49 -11.76 65.66
C MET A 22 11.23 -11.73 64.32
N LEU A 23 10.57 -12.13 63.26
CA LEU A 23 11.22 -12.11 61.92
C LEU A 23 10.56 -11.05 61.04
N GLY A 24 10.02 -10.03 61.65
CA GLY A 24 9.34 -8.96 60.87
C GLY A 24 10.33 -7.83 60.58
N LEU A 25 11.16 -7.50 61.54
CA LEU A 25 12.15 -6.41 61.31
C LEU A 25 13.43 -6.68 62.11
N GLY A 26 13.79 -7.93 62.26
CA GLY A 26 15.03 -8.26 63.04
C GLY A 26 16.06 -8.89 62.10
N ALA A 27 15.91 -10.16 61.81
CA ALA A 27 16.88 -10.84 60.91
C ALA A 27 16.23 -11.11 59.55
N SER A 28 15.25 -10.34 59.18
CA SER A 28 14.57 -10.56 57.87
C SER A 28 14.70 -9.30 57.00
N ASP A 29 15.74 -8.54 57.19
CA ASP A 29 15.92 -7.31 56.37
C ASP A 29 17.28 -7.34 55.67
N PHE A 30 17.79 -8.51 55.39
CA PHE A 30 19.11 -8.62 54.70
C PHE A 30 18.98 -9.45 53.42
N GLU A 31 17.80 -9.92 53.12
CA GLU A 31 17.62 -10.75 51.88
C GLU A 31 18.00 -9.93 50.64
N PHE A 32 19.25 -10.00 50.24
CA PHE A 32 19.70 -9.25 49.03
C PHE A 32 19.31 -7.76 49.15
N GLY A 33 19.19 -7.27 50.35
CA GLY A 33 18.81 -5.84 50.54
C GLY A 33 19.84 -5.14 51.43
N VAL A 34 21.06 -5.61 51.41
CA VAL A 34 22.11 -4.98 52.26
C VAL A 34 22.99 -4.06 51.41
N ASP A 35 23.51 -4.56 50.32
CA ASP A 35 24.37 -3.72 49.45
C ASP A 35 24.50 -4.36 48.06
N PRO A 36 24.76 -3.54 47.07
CA PRO A 36 24.90 -4.04 45.68
C PRO A 36 26.22 -4.81 45.52
N SER A 37 27.22 -4.44 46.26
CA SER A 37 28.53 -5.15 46.14
C SER A 37 28.46 -6.55 46.78
N ALA A 38 27.37 -6.86 47.43
CA ALA A 38 27.24 -8.21 48.07
C ALA A 38 26.76 -9.25 47.04
N ASP A 39 26.60 -8.87 45.80
CA ASP A 39 26.14 -9.83 44.77
C ASP A 39 26.28 -9.23 43.38
N PRO A 40 27.07 -9.87 42.56
CA PRO A 40 27.29 -9.39 41.18
C PRO A 40 26.02 -9.57 40.34
N GLU A 41 25.08 -10.35 40.83
CA GLU A 41 23.82 -10.56 40.06
C GLU A 41 22.89 -9.37 40.27
N LEU A 42 22.95 -8.78 41.43
CA LEU A 42 22.08 -7.59 41.72
C LEU A 42 22.81 -6.32 41.29
N ALA A 43 24.12 -6.33 41.30
CA ALA A 43 24.88 -5.14 40.88
C ALA A 43 24.79 -4.96 39.37
N LEU A 44 24.86 -6.05 38.65
CA LEU A 44 24.77 -5.96 37.16
C LEU A 44 23.31 -5.79 36.74
N ALA A 45 22.40 -6.37 37.47
CA ALA A 45 20.96 -6.23 37.10
C ALA A 45 20.54 -4.76 37.20
N LEU A 46 20.99 -4.07 38.21
CA LEU A 46 20.64 -2.62 38.35
C LEU A 46 21.47 -1.78 37.40
N ARG A 47 22.60 -2.30 36.96
CA ARG A 47 23.46 -1.52 36.03
C ARG A 47 22.96 -1.71 34.60
N VAL A 48 22.37 -2.84 34.31
CA VAL A 48 21.85 -3.08 32.93
C VAL A 48 20.54 -2.33 32.73
N SER A 49 19.77 -2.18 33.77
CA SER A 49 18.48 -1.45 33.65
C SER A 49 18.73 0.06 33.58
N MET A 50 19.66 0.54 34.35
CA MET A 50 19.96 2.01 34.33
C MET A 50 20.51 2.41 32.95
N GLU A 51 21.32 1.57 32.36
CA GLU A 51 21.88 1.90 31.01
C GLU A 51 20.80 1.82 29.95
N GLU A 52 19.91 0.86 30.06
CA GLU A 52 18.81 0.73 29.06
C GLU A 52 17.96 2.01 29.03
N GLN A 53 17.57 2.49 30.19
CA GLN A 53 16.74 3.73 30.23
C GLN A 53 17.51 4.91 29.62
N ARG A 54 18.80 4.96 29.84
CA ARG A 54 19.61 6.08 29.27
C ARG A 54 19.54 6.04 27.74
N GLN A 55 19.57 4.87 27.17
CA GLN A 55 19.50 4.76 25.68
C GLN A 55 18.16 5.30 25.18
N ARG A 56 17.10 5.06 25.91
CA ARG A 56 15.77 5.57 25.47
C ARG A 56 15.73 7.09 25.59
N GLN A 57 16.21 7.63 26.68
CA GLN A 57 16.21 9.11 26.86
C GLN A 57 17.28 9.75 25.95
N GLU A 58 18.23 8.98 25.50
CA GLU A 58 19.29 9.53 24.61
C GLU A 58 18.79 9.56 23.17
N GLU A 59 18.51 8.41 22.61
CA GLU A 59 18.00 8.37 21.21
C GLU A 59 16.78 9.30 21.09
N GLU A 60 16.08 9.48 22.17
CA GLU A 60 14.89 10.38 22.15
C GLU A 60 15.32 11.83 22.40
N ALA A 61 16.41 12.02 23.11
CA ALA A 61 16.88 13.42 23.37
C ALA A 61 17.72 13.91 22.20
N ARG A 62 18.31 13.00 21.46
CA ARG A 62 19.15 13.39 20.30
C ARG A 62 18.26 13.65 19.08
N ARG A 63 17.27 12.82 18.88
CA ARG A 63 16.36 13.02 17.70
C ARG A 63 15.48 14.25 17.93
N ALA A 64 15.09 14.49 19.17
CA ALA A 64 14.22 15.67 19.47
C ALA A 64 15.04 16.96 19.30
N ALA A 65 16.26 16.95 19.73
CA ALA A 65 17.11 18.17 19.61
C ALA A 65 17.44 18.44 18.14
N ALA A 66 17.59 17.40 17.36
CA ALA A 66 17.91 17.58 15.91
C ALA A 66 16.70 18.16 15.18
N ALA A 67 15.53 17.64 15.44
CA ALA A 67 14.31 18.16 14.77
C ALA A 67 14.11 19.64 15.11
N SER A 68 14.16 19.98 16.38
CA SER A 68 13.98 21.40 16.78
C SER A 68 15.16 22.24 16.29
N ALA A 69 16.30 21.63 16.12
CA ALA A 69 17.49 22.38 15.64
C ALA A 69 17.34 22.76 14.16
N ALA A 70 16.48 22.08 13.45
CA ALA A 70 16.28 22.40 12.01
C ALA A 70 15.12 23.39 11.84
N GLU A 71 14.74 24.08 12.88
CA GLU A 71 13.62 25.06 12.78
C GLU A 71 14.07 26.42 13.30
N ALA A 72 14.77 26.45 14.40
CA ALA A 72 15.23 27.74 14.97
C ALA A 72 16.72 27.94 14.67
N GLY A 73 17.51 26.91 14.83
CA GLY A 73 18.97 27.04 14.55
C GLY A 73 19.33 26.17 13.34
N ILE A 74 18.92 26.57 12.17
CA ILE A 74 19.23 25.77 10.94
C ILE A 74 20.75 25.67 10.74
N ALA A 75 21.50 26.54 11.36
CA ALA A 75 22.99 26.50 11.21
C ALA A 75 23.52 25.12 11.61
N THR A 76 24.82 24.97 11.64
CA THR A 76 25.42 23.65 12.03
C THR A 76 24.93 23.23 13.41
N THR A 77 25.06 21.97 13.74
CA THR A 77 24.61 21.48 15.08
C THR A 77 25.42 20.25 15.51
N GLY A 78 25.40 19.22 14.71
CA GLY A 78 26.17 17.99 15.06
C GLY A 78 26.32 17.10 13.82
N THR A 79 25.22 16.73 13.22
CA THR A 79 25.29 15.86 12.01
C THR A 79 24.32 16.37 10.94
N GLU A 80 24.78 17.24 10.09
CA GLU A 80 23.88 17.79 9.02
C GLU A 80 24.63 17.83 7.68
N ASP A 81 25.21 16.73 7.27
CA ASP A 81 25.95 16.72 5.98
C ASP A 81 24.98 16.40 4.82
N SER A 82 24.25 15.32 4.92
CA SER A 82 23.30 14.96 3.84
C SER A 82 21.88 14.89 4.38
N ASP A 83 21.28 16.01 4.67
CA ASP A 83 19.89 16.01 5.20
C ASP A 83 18.89 15.69 4.08
N ASP A 84 18.83 16.53 3.09
CA ASP A 84 17.88 16.26 1.97
C ASP A 84 18.45 15.14 1.11
N ALA A 85 19.75 14.98 1.10
CA ALA A 85 20.35 13.89 0.29
C ALA A 85 19.86 12.55 0.84
N LEU A 86 19.77 12.42 2.13
CA LEU A 86 19.27 11.17 2.73
C LEU A 86 17.78 11.02 2.40
N LEU A 87 17.10 12.12 2.26
CA LEU A 87 15.64 12.05 1.92
C LEU A 87 15.47 11.69 0.45
N LYS A 88 16.27 12.29 -0.40
CA LYS A 88 16.16 12.00 -1.86
C LYS A 88 16.87 10.68 -2.20
N MET A 89 18.11 10.55 -1.82
CA MET A 89 18.87 9.28 -2.11
C MET A 89 18.08 8.06 -1.62
N THR A 90 17.43 8.17 -0.49
CA THR A 90 16.66 7.00 0.02
C THR A 90 15.40 6.77 -0.81
N ILE A 91 14.71 7.82 -1.19
CA ILE A 91 13.48 7.63 -2.01
C ILE A 91 13.84 7.48 -3.48
N SER A 92 15.03 7.84 -3.86
CA SER A 92 15.44 7.71 -5.28
C SER A 92 15.73 6.24 -5.60
N GLN A 93 16.37 5.55 -4.69
CA GLN A 93 16.68 4.11 -4.93
C GLN A 93 15.44 3.25 -4.64
N GLN A 94 14.57 3.73 -3.78
CA GLN A 94 13.33 2.95 -3.45
C GLN A 94 12.24 3.24 -4.48
N GLU A 95 11.96 4.50 -4.72
CA GLU A 95 10.91 4.84 -5.72
C GLU A 95 11.30 4.36 -7.11
N PHE A 96 12.58 4.26 -7.37
CA PHE A 96 13.05 3.79 -8.71
C PHE A 96 13.34 2.29 -8.67
N GLY A 97 12.56 1.54 -7.94
CA GLY A 97 12.78 0.07 -7.86
C GLY A 97 11.52 -0.66 -8.30
N ARG A 98 11.38 -0.95 -9.57
CA ARG A 98 10.17 -1.67 -10.06
C ARG A 98 8.91 -0.95 -9.60
N THR A 99 8.37 -0.09 -10.44
CA THR A 99 7.13 0.64 -10.05
C THR A 99 6.06 0.47 -11.13
N GLY A 100 6.08 -0.63 -11.83
CA GLY A 100 5.06 -0.86 -12.89
C GLY A 100 3.92 -1.73 -12.33
N LEU A 101 3.72 -1.71 -11.05
CA LEU A 101 2.64 -2.53 -10.43
C LEU A 101 2.34 -1.98 -9.05
N PRO A 102 1.12 -2.12 -8.62
CA PRO A 102 0.74 -1.61 -7.29
C PRO A 102 1.22 -2.55 -6.18
N ASP A 103 2.33 -3.21 -6.38
CA ASP A 103 2.86 -4.15 -5.35
C ASP A 103 1.85 -5.25 -5.07
N LEU A 104 2.31 -6.42 -4.72
CA LEU A 104 1.37 -7.54 -4.44
C LEU A 104 1.80 -8.28 -3.16
N SER A 105 2.86 -9.03 -3.23
CA SER A 105 3.33 -9.78 -2.03
C SER A 105 3.97 -8.83 -1.01
N SER A 106 4.14 -7.59 -1.37
CA SER A 106 4.75 -6.61 -0.41
C SER A 106 3.71 -6.13 0.60
N MET A 107 2.44 -6.27 0.27
CA MET A 107 1.38 -5.82 1.22
C MET A 107 0.67 -7.04 1.83
N THR A 108 -0.62 -6.97 2.04
CA THR A 108 -1.34 -8.14 2.64
C THR A 108 -2.64 -8.42 1.89
N GLU A 109 -3.37 -9.42 2.31
CA GLU A 109 -4.65 -9.75 1.64
C GLU A 109 -5.64 -8.62 1.86
N GLU A 110 -5.52 -7.91 2.95
CA GLU A 110 -6.44 -6.78 3.20
C GLU A 110 -5.99 -5.59 2.37
N GLU A 111 -4.70 -5.36 2.31
CA GLU A 111 -4.18 -4.24 1.47
C GLU A 111 -4.53 -4.53 0.03
N GLN A 112 -4.36 -5.77 -0.38
CA GLN A 112 -4.72 -6.15 -1.77
C GLN A 112 -6.24 -6.09 -1.89
N ILE A 113 -6.91 -6.43 -0.81
CA ILE A 113 -8.40 -6.37 -0.82
C ILE A 113 -8.84 -4.91 -1.01
N ALA A 114 -8.17 -4.00 -0.36
CA ALA A 114 -8.52 -2.56 -0.52
C ALA A 114 -8.46 -2.20 -2.00
N TYR A 115 -7.50 -2.77 -2.68
CA TYR A 115 -7.35 -2.50 -4.13
C TYR A 115 -8.58 -2.97 -4.90
N ALA A 116 -8.98 -4.19 -4.70
CA ALA A 116 -10.18 -4.73 -5.42
C ALA A 116 -11.46 -4.04 -4.92
N MET A 117 -11.53 -3.74 -3.64
CA MET A 117 -12.74 -3.07 -3.11
C MET A 117 -12.74 -1.60 -3.55
N GLN A 118 -11.58 -1.03 -3.67
CA GLN A 118 -11.49 0.39 -4.09
C GLN A 118 -11.93 0.53 -5.55
N MET A 119 -11.75 -0.50 -6.33
CA MET A 119 -12.15 -0.44 -7.77
C MET A 119 -13.57 -0.99 -7.94
N SER A 120 -13.96 -1.91 -7.12
CA SER A 120 -15.33 -2.49 -7.23
C SER A 120 -16.39 -1.40 -7.03
N LEU A 121 -16.34 -0.71 -5.92
CA LEU A 121 -17.34 0.37 -5.67
C LEU A 121 -17.08 1.55 -6.60
N GLN A 122 -15.95 1.58 -7.26
CA GLN A 122 -15.65 2.71 -8.19
C GLN A 122 -15.91 2.30 -9.64
N GLY A 123 -16.89 1.47 -9.87
CA GLY A 123 -17.19 1.03 -11.26
C GLY A 123 -18.54 1.61 -11.70
N ALA A 124 -19.62 1.00 -11.29
CA ALA A 124 -20.96 1.52 -11.68
C ALA A 124 -21.59 2.31 -10.54
N GLU A 125 -21.33 3.58 -10.46
CA GLU A 125 -21.91 4.40 -9.36
C GLU A 125 -22.27 5.80 -9.87
N PHE A 126 -23.37 5.92 -10.57
CA PHE A 126 -23.78 7.25 -11.10
C PHE A 126 -25.05 7.73 -10.39
N GLY A 127 -24.98 7.96 -9.11
CA GLY A 127 -26.19 8.43 -8.37
C GLY A 127 -26.32 7.65 -7.06
N GLN A 128 -25.87 6.42 -7.06
CA GLN A 128 -25.97 5.60 -5.81
C GLN A 128 -24.61 5.56 -5.11
N ALA A 129 -24.35 6.49 -4.24
CA ALA A 129 -23.05 6.49 -3.51
C ALA A 129 -23.27 6.19 -2.02
N GLU A 130 -22.57 6.87 -1.15
CA GLU A 130 -22.74 6.60 0.31
C GLU A 130 -23.41 7.80 0.99
N SER A 131 -24.58 8.17 0.56
CA SER A 131 -25.28 9.34 1.18
C SER A 131 -26.04 8.90 2.44
N ALA A 132 -26.32 9.81 3.32
CA ALA A 132 -27.07 9.44 4.57
C ALA A 132 -28.51 9.95 4.49
N MET B 1 -25.33 -18.79 -15.79
CA MET B 1 -24.97 -17.50 -16.43
C MET B 1 -23.45 -17.34 -16.49
N GLN B 2 -22.98 -16.33 -17.19
CA GLN B 2 -21.51 -16.11 -17.30
C GLN B 2 -21.12 -14.85 -16.54
N ILE B 3 -19.94 -14.83 -15.95
CA ILE B 3 -19.50 -13.62 -15.20
C ILE B 3 -18.03 -13.31 -15.52
N PHE B 4 -17.61 -12.10 -15.28
CA PHE B 4 -16.19 -11.73 -15.56
C PHE B 4 -15.43 -11.46 -14.26
N VAL B 5 -14.18 -11.82 -14.20
CA VAL B 5 -13.38 -11.57 -12.97
C VAL B 5 -12.07 -10.84 -13.35
N LYS B 6 -11.85 -9.69 -12.77
CA LYS B 6 -10.60 -8.93 -13.09
C LYS B 6 -9.54 -9.14 -12.01
N THR B 7 -8.35 -9.47 -12.40
CA THR B 7 -7.26 -9.69 -11.41
C THR B 7 -6.43 -8.43 -11.22
N LEU B 8 -5.46 -8.47 -10.35
CA LEU B 8 -4.60 -7.28 -10.11
C LEU B 8 -3.84 -6.88 -11.39
N THR B 9 -3.77 -7.77 -12.35
CA THR B 9 -3.04 -7.43 -13.61
C THR B 9 -4.01 -6.93 -14.69
N GLY B 10 -5.18 -6.50 -14.29
CA GLY B 10 -6.17 -5.99 -15.29
C GLY B 10 -6.63 -7.13 -16.21
N LYS B 11 -6.35 -8.36 -15.85
CA LYS B 11 -6.80 -9.49 -16.71
C LYS B 11 -8.23 -9.87 -16.35
N THR B 12 -9.10 -10.02 -17.33
CA THR B 12 -10.51 -10.38 -17.04
C THR B 12 -10.81 -11.78 -17.56
N ILE B 13 -11.31 -12.65 -16.71
CA ILE B 13 -11.64 -14.03 -17.17
C ILE B 13 -13.15 -14.24 -17.22
N THR B 14 -13.63 -14.94 -18.22
CA THR B 14 -15.09 -15.20 -18.32
C THR B 14 -15.40 -16.61 -17.84
N LEU B 15 -16.26 -16.75 -16.86
CA LEU B 15 -16.58 -18.12 -16.35
C LEU B 15 -18.08 -18.40 -16.43
N GLU B 16 -18.46 -19.65 -16.36
CA GLU B 16 -19.91 -20.00 -16.42
C GLU B 16 -20.39 -20.41 -15.03
N VAL B 17 -21.22 -19.61 -14.42
CA VAL B 17 -21.72 -19.96 -13.05
C VAL B 17 -23.19 -19.61 -12.90
N GLU B 18 -23.80 -20.06 -11.83
CA GLU B 18 -25.24 -19.75 -11.60
C GLU B 18 -25.35 -18.83 -10.37
N PRO B 19 -26.51 -18.27 -10.19
CA PRO B 19 -26.73 -17.36 -9.03
C PRO B 19 -26.79 -18.16 -7.72
N SER B 20 -27.13 -19.41 -7.80
CA SER B 20 -27.20 -20.25 -6.56
C SER B 20 -25.80 -20.81 -6.22
N ASP B 21 -24.83 -20.58 -7.08
CA ASP B 21 -23.46 -21.11 -6.79
C ASP B 21 -22.81 -20.33 -5.64
N THR B 22 -22.07 -21.02 -4.81
CA THR B 22 -21.40 -20.33 -3.67
C THR B 22 -20.09 -19.70 -4.12
N ILE B 23 -19.59 -18.75 -3.37
CA ILE B 23 -18.29 -18.09 -3.76
C ILE B 23 -17.18 -19.14 -3.82
N GLU B 24 -17.19 -20.08 -2.90
CA GLU B 24 -16.14 -21.14 -2.92
C GLU B 24 -16.18 -21.87 -4.26
N ASN B 25 -17.35 -22.06 -4.80
CA ASN B 25 -17.48 -22.77 -6.10
C ASN B 25 -16.93 -21.87 -7.21
N VAL B 26 -17.07 -20.57 -7.06
CA VAL B 26 -16.55 -19.64 -8.10
C VAL B 26 -15.01 -19.66 -8.06
N LYS B 27 -14.46 -19.68 -6.87
CA LYS B 27 -12.96 -19.72 -6.75
C LYS B 27 -12.43 -21.01 -7.39
N ALA B 28 -13.09 -22.12 -7.14
CA ALA B 28 -12.64 -23.39 -7.75
C ALA B 28 -12.72 -23.29 -9.27
N LYS B 29 -13.68 -22.55 -9.77
CA LYS B 29 -13.81 -22.41 -11.25
C LYS B 29 -12.63 -21.59 -11.79
N ILE B 30 -12.23 -20.57 -11.06
CA ILE B 30 -11.07 -19.76 -11.53
C ILE B 30 -9.79 -20.62 -11.47
N GLN B 31 -9.67 -21.43 -10.46
CA GLN B 31 -8.46 -22.30 -10.35
C GLN B 31 -8.38 -23.23 -11.56
N ASP B 32 -9.44 -23.95 -11.84
CA ASP B 32 -9.44 -24.88 -13.01
C ASP B 32 -9.14 -24.11 -14.30
N LYS B 33 -9.43 -22.83 -14.33
CA LYS B 33 -9.17 -22.04 -15.57
C LYS B 33 -7.72 -21.54 -15.60
N GLU B 34 -7.20 -21.11 -14.47
CA GLU B 34 -5.80 -20.60 -14.44
C GLU B 34 -4.89 -21.60 -13.71
N GLY B 35 -5.23 -21.94 -12.49
CA GLY B 35 -4.38 -22.91 -11.73
C GLY B 35 -4.02 -22.31 -10.36
N ILE B 36 -4.75 -21.33 -9.89
CA ILE B 36 -4.45 -20.72 -8.57
C ILE B 36 -5.25 -21.45 -7.48
N PRO B 37 -4.65 -21.58 -6.31
CA PRO B 37 -5.34 -22.26 -5.19
C PRO B 37 -6.54 -21.43 -4.71
N PRO B 38 -7.66 -22.10 -4.55
CA PRO B 38 -8.90 -21.40 -4.10
C PRO B 38 -8.70 -20.78 -2.72
N ASP B 39 -7.79 -21.31 -1.95
CA ASP B 39 -7.54 -20.74 -0.59
C ASP B 39 -6.89 -19.36 -0.72
N GLN B 40 -6.23 -19.10 -1.82
CA GLN B 40 -5.58 -17.77 -2.01
C GLN B 40 -6.43 -16.88 -2.91
N GLN B 41 -7.57 -17.34 -3.33
CA GLN B 41 -8.45 -16.51 -4.21
C GLN B 41 -9.47 -15.74 -3.38
N ARG B 42 -9.64 -14.48 -3.67
CA ARG B 42 -10.63 -13.65 -2.91
C ARG B 42 -11.54 -12.90 -3.88
N LEU B 43 -12.82 -12.95 -3.66
CA LEU B 43 -13.76 -12.25 -4.59
C LEU B 43 -14.29 -10.96 -3.94
N ILE B 44 -14.14 -9.86 -4.62
CA ILE B 44 -14.62 -8.54 -4.08
C ILE B 44 -15.64 -7.93 -5.05
N PHE B 45 -16.74 -7.45 -4.54
CA PHE B 45 -17.77 -6.84 -5.43
C PHE B 45 -18.39 -5.61 -4.75
N ALA B 46 -18.64 -4.57 -5.51
CA ALA B 46 -19.26 -3.33 -4.93
C ALA B 46 -18.59 -2.94 -3.61
N GLY B 47 -17.33 -3.26 -3.43
CA GLY B 47 -16.63 -2.89 -2.16
C GLY B 47 -16.95 -3.90 -1.06
N LYS B 48 -17.67 -4.94 -1.36
CA LYS B 48 -18.02 -5.95 -0.32
C LYS B 48 -17.29 -7.27 -0.59
N GLN B 49 -16.66 -7.82 0.40
CA GLN B 49 -15.94 -9.11 0.21
C GLN B 49 -16.95 -10.26 0.22
N LEU B 50 -16.87 -11.17 -0.72
CA LEU B 50 -17.85 -12.28 -0.75
C LEU B 50 -17.41 -13.41 0.20
N GLU B 51 -18.34 -13.96 0.94
CA GLU B 51 -17.98 -15.07 1.89
C GLU B 51 -18.18 -16.43 1.22
N ASP B 52 -17.21 -17.31 1.35
CA ASP B 52 -17.33 -18.67 0.75
C ASP B 52 -18.69 -19.31 1.08
N GLY B 53 -19.27 -18.95 2.20
CA GLY B 53 -20.57 -19.55 2.59
C GLY B 53 -21.74 -18.83 1.90
N ARG B 54 -21.47 -17.74 1.23
CA ARG B 54 -22.57 -16.99 0.55
C ARG B 54 -22.60 -17.33 -0.94
N THR B 55 -23.74 -17.16 -1.56
CA THR B 55 -23.84 -17.46 -3.03
C THR B 55 -23.81 -16.17 -3.84
N LEU B 56 -23.53 -16.26 -5.12
CA LEU B 56 -23.49 -15.03 -5.96
C LEU B 56 -24.78 -14.22 -5.83
N SER B 57 -25.91 -14.88 -5.84
CA SER B 57 -27.22 -14.16 -5.72
C SER B 57 -27.26 -13.31 -4.44
N ASP B 58 -26.63 -13.77 -3.39
CA ASP B 58 -26.65 -12.98 -2.11
C ASP B 58 -26.06 -11.60 -2.33
N TYR B 59 -25.17 -11.46 -3.27
CA TYR B 59 -24.54 -10.12 -3.52
C TYR B 59 -25.19 -9.47 -4.74
N ASN B 60 -26.41 -9.83 -5.03
CA ASN B 60 -27.11 -9.23 -6.22
C ASN B 60 -26.23 -9.31 -7.47
N ILE B 61 -25.42 -10.34 -7.56
CA ILE B 61 -24.54 -10.48 -8.76
C ILE B 61 -25.33 -11.10 -9.92
N GLN B 62 -25.52 -10.36 -10.98
CA GLN B 62 -26.28 -10.89 -12.14
C GLN B 62 -25.33 -11.24 -13.29
N LYS B 63 -25.82 -11.93 -14.29
CA LYS B 63 -24.95 -12.31 -15.45
C LYS B 63 -24.13 -11.11 -15.94
N GLU B 64 -23.01 -11.37 -16.56
CA GLU B 64 -22.14 -10.28 -17.08
C GLU B 64 -21.62 -9.40 -15.94
N SER B 65 -21.74 -9.85 -14.72
CA SER B 65 -21.25 -9.04 -13.57
C SER B 65 -19.71 -9.03 -13.55
N THR B 66 -19.12 -7.96 -13.09
CA THR B 66 -17.63 -7.89 -13.04
C THR B 66 -17.15 -8.00 -11.58
N LEU B 67 -16.52 -9.08 -11.24
CA LEU B 67 -16.02 -9.25 -9.84
C LEU B 67 -14.52 -8.99 -9.79
N HIS B 68 -13.99 -8.69 -8.64
CA HIS B 68 -12.53 -8.42 -8.52
C HIS B 68 -11.84 -9.58 -7.79
N LEU B 69 -10.68 -9.97 -8.23
CA LEU B 69 -9.97 -11.10 -7.56
C LEU B 69 -8.77 -10.58 -6.75
N VAL B 70 -8.62 -11.04 -5.54
CA VAL B 70 -7.47 -10.59 -4.69
C VAL B 70 -6.67 -11.81 -4.21
N LEU B 71 -5.41 -11.62 -3.92
CA LEU B 71 -4.57 -12.75 -3.44
C LEU B 71 -4.55 -12.77 -1.90
N ARG B 72 -4.82 -13.91 -1.31
CA ARG B 72 -4.82 -13.99 0.17
C ARG B 72 -3.54 -14.69 0.66
N LEU B 73 -2.80 -14.04 1.52
CA LEU B 73 -1.53 -14.65 2.04
C LEU B 73 -1.71 -15.07 3.50
N ARG B 74 -2.20 -16.26 3.74
CA ARG B 74 -2.39 -16.72 5.15
C ARG B 74 -2.37 -18.25 5.20
N GLY B 75 -1.60 -18.88 4.34
CA GLY B 75 -1.54 -20.36 4.33
C GLY B 75 -0.08 -20.81 4.24
N GLY B 76 0.42 -21.44 5.25
CA GLY B 76 1.85 -21.91 5.23
C GLY B 76 1.89 -23.42 5.01
N HIS A 21 42.47 82.21 39.39
CA HIS A 21 42.24 80.96 38.61
C HIS A 21 40.75 80.58 38.67
N MET A 22 40.01 80.92 37.65
CA MET A 22 38.55 80.56 37.66
C MET A 22 38.06 80.36 36.21
N LEU A 23 36.78 80.14 36.05
CA LEU A 23 36.23 79.94 34.68
C LEU A 23 35.37 81.15 34.29
N GLY A 24 35.49 82.23 35.01
CA GLY A 24 34.68 83.45 34.69
C GLY A 24 35.38 84.24 33.58
N LEU A 25 36.66 84.41 33.68
CA LEU A 25 37.40 85.18 32.62
C LEU A 25 38.27 84.23 31.80
N GLY A 26 38.63 83.10 32.35
CA GLY A 26 39.47 82.13 31.59
C GLY A 26 38.65 81.51 30.45
N ALA A 27 37.61 80.79 30.79
CA ALA A 27 36.76 80.15 29.73
C ALA A 27 37.64 79.34 28.76
N SER A 28 38.66 78.70 29.26
CA SER A 28 39.55 77.91 28.38
C SER A 28 40.46 77.00 29.21
N ASP A 29 40.91 77.46 30.34
CA ASP A 29 41.80 76.63 31.20
C ASP A 29 41.19 75.25 31.42
N PHE A 30 39.88 75.14 31.38
CA PHE A 30 39.22 73.82 31.58
C PHE A 30 38.78 73.26 30.23
N GLU A 31 39.63 72.50 29.59
CA GLU A 31 39.26 71.92 28.27
C GLU A 31 38.87 70.45 28.42
N PHE A 32 37.73 70.18 28.99
CA PHE A 32 37.28 68.76 29.18
C PHE A 32 38.38 67.94 29.85
N GLY A 33 39.25 68.57 30.59
CA GLY A 33 40.34 67.82 31.27
C GLY A 33 40.25 68.04 32.78
N VAL A 34 39.08 67.89 33.34
CA VAL A 34 38.93 68.10 34.81
C VAL A 34 38.07 66.99 35.41
N ASP A 35 36.81 66.94 35.06
CA ASP A 35 35.91 65.88 35.60
C ASP A 35 34.74 65.65 34.66
N PRO A 36 34.17 64.47 34.73
CA PRO A 36 33.02 64.12 33.86
C PRO A 36 31.76 64.87 34.30
N SER A 37 31.77 65.41 35.50
CA SER A 37 30.56 66.16 35.98
C SER A 37 30.46 67.52 35.28
N ALA A 38 31.43 67.89 34.50
CA ALA A 38 31.37 69.21 33.80
C ALA A 38 30.83 69.04 32.38
N ASP A 39 30.47 67.83 32.00
CA ASP A 39 29.94 67.61 30.63
C ASP A 39 29.16 66.30 30.58
N PRO A 40 27.88 66.42 30.37
CA PRO A 40 27.00 65.22 30.30
C PRO A 40 27.28 64.43 29.03
N GLU A 41 27.98 65.02 28.09
CA GLU A 41 28.29 64.29 26.82
C GLU A 41 29.45 63.32 27.05
N LEU A 42 30.35 63.67 27.94
CA LEU A 42 31.50 62.78 28.24
C LEU A 42 31.11 61.81 29.37
N ALA A 43 30.20 62.21 30.21
CA ALA A 43 29.77 61.32 31.32
C ALA A 43 28.91 60.17 30.76
N LEU A 44 28.04 60.48 29.84
CA LEU A 44 27.19 59.43 29.23
C LEU A 44 27.99 58.61 28.22
N ALA A 45 28.96 59.23 27.60
CA ALA A 45 29.79 58.48 26.60
C ALA A 45 30.70 57.48 27.31
N LEU A 46 31.26 57.87 28.43
CA LEU A 46 32.16 56.94 29.18
C LEU A 46 31.33 55.84 29.87
N ARG A 47 30.07 56.11 30.11
CA ARG A 47 29.20 55.09 30.78
C ARG A 47 28.77 54.06 29.74
N VAL A 48 28.66 54.47 28.50
CA VAL A 48 28.24 53.52 27.44
C VAL A 48 29.41 52.60 27.09
N SER A 49 30.62 53.09 27.20
CA SER A 49 31.80 52.26 26.88
C SER A 49 32.03 51.21 27.98
N MET A 50 31.89 51.62 29.21
CA MET A 50 32.08 50.65 30.33
C MET A 50 31.05 49.52 30.24
N GLU A 51 29.83 49.86 29.92
CA GLU A 51 28.77 48.80 29.81
C GLU A 51 29.07 47.90 28.61
N GLU A 52 29.55 48.46 27.53
CA GLU A 52 29.85 47.64 26.33
C GLU A 52 30.97 46.64 26.65
N GLN A 53 32.03 47.09 27.27
CA GLN A 53 33.14 46.17 27.63
C GLN A 53 32.64 45.07 28.57
N ARG A 54 31.78 45.41 29.49
CA ARG A 54 31.26 44.38 30.43
C ARG A 54 30.47 43.33 29.66
N GLN A 55 29.78 43.72 28.63
CA GLN A 55 28.99 42.74 27.83
C GLN A 55 29.96 41.74 27.16
N ARG A 56 31.11 42.20 26.78
CA ARG A 56 32.11 41.28 26.12
C ARG A 56 32.75 40.37 27.18
N GLN A 57 33.16 40.92 28.29
CA GLN A 57 33.79 40.09 29.35
C GLN A 57 32.75 39.12 29.93
N GLU A 58 31.51 39.51 29.93
CA GLU A 58 30.44 38.62 30.47
C GLU A 58 30.01 37.63 29.40
N GLU A 59 29.58 38.13 28.26
CA GLU A 59 29.16 37.21 27.16
C GLU A 59 30.29 36.20 26.88
N GLU A 60 31.51 36.62 27.06
CA GLU A 60 32.65 35.70 26.84
C GLU A 60 32.89 34.88 28.11
N ALA A 61 32.66 35.48 29.26
CA ALA A 61 32.84 34.72 30.53
C ALA A 61 31.86 33.57 30.60
N ARG A 62 30.60 33.83 30.35
CA ARG A 62 29.59 32.74 30.40
C ARG A 62 29.83 31.76 29.24
N ARG A 63 30.32 32.25 28.13
CA ARG A 63 30.60 31.35 26.98
C ARG A 63 31.51 30.21 27.43
N ALA A 64 32.45 30.51 28.28
CA ALA A 64 33.36 29.44 28.78
C ALA A 64 32.64 28.66 29.90
N ALA A 65 31.74 29.31 30.59
CA ALA A 65 30.99 28.62 31.68
C ALA A 65 30.18 27.47 31.09
N ALA A 66 29.79 27.59 29.85
CA ALA A 66 28.99 26.50 29.21
C ALA A 66 29.93 25.47 28.58
N ALA A 67 31.01 25.92 27.99
CA ALA A 67 31.97 24.96 27.35
C ALA A 67 32.68 24.13 28.43
N SER A 68 33.00 24.74 29.55
CA SER A 68 33.69 23.99 30.63
C SER A 68 32.69 23.10 31.38
N ALA A 69 31.53 23.61 31.66
CA ALA A 69 30.51 22.81 32.39
C ALA A 69 30.16 21.54 31.60
N ALA A 70 30.35 21.57 30.31
CA ALA A 70 30.03 20.37 29.47
C ALA A 70 31.32 19.69 28.99
N GLU A 71 32.45 20.33 29.18
CA GLU A 71 33.73 19.70 28.73
C GLU A 71 33.90 18.33 29.38
N ALA A 72 33.67 18.24 30.67
CA ALA A 72 33.82 16.93 31.36
C ALA A 72 32.44 16.34 31.71
N GLY A 73 31.42 16.78 31.02
CA GLY A 73 30.04 16.26 31.31
C GLY A 73 29.49 15.58 30.06
N ILE A 74 29.65 16.18 28.92
CA ILE A 74 29.12 15.57 27.67
C ILE A 74 30.13 15.75 26.52
N ALA A 75 31.17 14.97 26.50
CA ALA A 75 32.18 15.08 25.42
C ALA A 75 32.83 13.73 25.15
N THR A 76 32.41 13.05 24.12
CA THR A 76 33.00 11.72 23.81
C THR A 76 32.76 11.36 22.33
N THR A 77 33.66 10.64 21.73
CA THR A 77 33.49 10.26 20.30
C THR A 77 33.64 8.75 20.13
N GLY A 78 32.63 8.00 20.47
CA GLY A 78 32.72 6.51 20.33
C GLY A 78 31.30 5.93 20.25
N THR A 79 30.80 5.72 19.07
CA THR A 79 29.43 5.15 18.93
C THR A 79 29.43 3.67 19.28
N GLU A 80 29.66 3.35 20.53
CA GLU A 80 29.68 1.92 20.94
C GLU A 80 28.51 1.63 21.91
N ASP A 81 27.31 1.53 21.39
CA ASP A 81 26.14 1.26 22.25
C ASP A 81 24.93 0.86 21.39
N SER A 82 24.74 1.52 20.28
CA SER A 82 23.60 1.18 19.40
C SER A 82 24.10 0.54 18.10
N ASP A 83 24.65 -0.64 18.19
CA ASP A 83 25.16 -1.32 16.96
C ASP A 83 24.00 -1.89 16.15
N ASP A 84 23.17 -2.69 16.79
CA ASP A 84 22.01 -3.28 16.05
C ASP A 84 20.95 -2.21 15.87
N ALA A 85 20.88 -1.27 16.77
CA ALA A 85 19.86 -0.19 16.64
C ALA A 85 20.13 0.58 15.34
N LEU A 86 21.37 0.90 15.10
CA LEU A 86 21.71 1.62 13.84
C LEU A 86 21.41 0.72 12.65
N LEU A 87 21.50 -0.58 12.85
CA LEU A 87 21.20 -1.53 11.74
C LEU A 87 19.68 -1.65 11.55
N LYS A 88 18.94 -1.61 12.63
CA LYS A 88 17.46 -1.74 12.53
C LYS A 88 16.83 -0.36 12.23
N MET A 89 17.10 0.62 13.05
CA MET A 89 16.51 1.97 12.81
C MET A 89 16.81 2.45 11.38
N THR A 90 18.02 2.23 10.92
CA THR A 90 18.38 2.68 9.54
C THR A 90 17.66 1.83 8.49
N ILE A 91 17.57 0.55 8.69
CA ILE A 91 16.87 -0.31 7.70
C ILE A 91 15.36 -0.27 7.92
N SER A 92 14.92 0.19 9.05
CA SER A 92 13.46 0.26 9.33
C SER A 92 12.85 1.42 8.54
N GLN A 93 13.50 2.55 8.53
CA GLN A 93 12.96 3.72 7.79
C GLN A 93 13.26 3.58 6.29
N GLN A 94 14.30 2.87 5.96
CA GLN A 94 14.65 2.68 4.51
C GLN A 94 13.83 1.54 3.91
N GLU A 95 13.76 0.43 4.59
CA GLU A 95 12.97 -0.73 4.06
C GLU A 95 11.49 -0.34 3.91
N PHE A 96 10.96 0.35 4.88
CA PHE A 96 9.53 0.76 4.79
C PHE A 96 9.41 2.27 4.63
N GLY A 97 10.18 2.84 3.73
CA GLY A 97 10.12 4.32 3.52
C GLY A 97 9.56 4.61 2.13
N ARG A 98 10.04 3.94 1.13
CA ARG A 98 9.53 4.18 -0.25
C ARG A 98 8.31 3.30 -0.53
N THR A 99 7.22 3.90 -0.92
CA THR A 99 5.99 3.10 -1.20
C THR A 99 5.11 3.85 -2.22
N GLY A 100 5.69 4.36 -3.27
CA GLY A 100 4.89 5.09 -4.28
C GLY A 100 4.60 4.16 -5.47
N LEU A 101 3.99 3.04 -5.21
CA LEU A 101 3.67 2.08 -6.31
C LEU A 101 2.81 0.95 -5.75
N PRO A 102 1.94 0.44 -6.57
CA PRO A 102 1.05 -0.66 -6.12
C PRO A 102 1.84 -1.95 -5.95
N ASP A 103 2.80 -1.96 -5.05
CA ASP A 103 3.61 -3.20 -4.83
C ASP A 103 2.71 -4.36 -4.41
N LEU A 104 2.37 -5.22 -5.34
CA LEU A 104 1.49 -6.38 -5.01
C LEU A 104 2.16 -7.25 -3.95
N SER A 105 3.44 -7.48 -4.07
CA SER A 105 4.15 -8.34 -3.08
C SER A 105 4.02 -7.74 -1.67
N SER A 106 3.97 -6.44 -1.57
CA SER A 106 3.86 -5.79 -0.24
C SER A 106 2.39 -5.78 0.20
N MET A 107 1.48 -5.71 -0.72
CA MET A 107 0.04 -5.69 -0.36
C MET A 107 -0.42 -7.11 0.03
N THR A 108 -0.85 -7.29 1.25
CA THR A 108 -1.30 -8.64 1.69
C THR A 108 -2.73 -8.91 1.23
N GLU A 109 -3.38 -9.87 1.82
CA GLU A 109 -4.78 -10.19 1.41
C GLU A 109 -5.71 -9.04 1.81
N GLU A 110 -5.40 -8.37 2.90
CA GLU A 110 -6.25 -7.24 3.32
C GLU A 110 -5.79 -5.98 2.59
N GLU A 111 -4.51 -5.82 2.38
CA GLU A 111 -4.01 -4.64 1.63
C GLU A 111 -4.52 -4.74 0.20
N GLN A 112 -4.35 -5.89 -0.41
CA GLN A 112 -4.87 -6.08 -1.79
C GLN A 112 -6.38 -5.94 -1.75
N ILE A 113 -6.97 -6.36 -0.65
CA ILE A 113 -8.44 -6.24 -0.48
C ILE A 113 -8.81 -4.75 -0.61
N ALA A 114 -7.97 -3.90 -0.11
CA ALA A 114 -8.25 -2.43 -0.21
C ALA A 114 -8.27 -2.04 -1.68
N TYR A 115 -7.44 -2.69 -2.46
CA TYR A 115 -7.38 -2.38 -3.91
C TYR A 115 -8.65 -2.85 -4.61
N ALA A 116 -9.10 -4.05 -4.33
CA ALA A 116 -10.34 -4.57 -5.00
C ALA A 116 -11.59 -4.05 -4.29
N MET A 117 -11.50 -3.72 -3.04
CA MET A 117 -12.70 -3.22 -2.31
C MET A 117 -12.87 -1.72 -2.55
N GLN A 118 -11.79 -1.02 -2.74
CA GLN A 118 -11.88 0.45 -2.98
C GLN A 118 -12.19 0.74 -4.46
N MET A 119 -11.81 -0.16 -5.34
CA MET A 119 -12.08 0.07 -6.78
C MET A 119 -13.41 -0.58 -7.19
N SER A 120 -13.93 -1.46 -6.38
CA SER A 120 -15.23 -2.12 -6.74
C SER A 120 -16.39 -1.36 -6.09
N LEU A 121 -16.15 -0.70 -5.00
CA LEU A 121 -17.25 0.06 -4.33
C LEU A 121 -17.80 1.11 -5.31
N GLN A 122 -17.00 1.58 -6.22
CA GLN A 122 -17.47 2.61 -7.19
C GLN A 122 -17.70 1.97 -8.56
N GLY A 123 -16.65 1.59 -9.24
CA GLY A 123 -16.80 0.96 -10.59
C GLY A 123 -16.88 2.05 -11.65
N ALA A 124 -15.83 2.82 -11.81
CA ALA A 124 -15.84 3.90 -12.84
C ALA A 124 -14.93 3.54 -14.01
N GLU A 125 -15.33 2.62 -14.84
CA GLU A 125 -14.48 2.22 -16.00
C GLU A 125 -14.80 3.09 -17.21
N PHE A 126 -16.01 3.04 -17.69
CA PHE A 126 -16.38 3.87 -18.87
C PHE A 126 -17.73 4.56 -18.63
N GLY A 127 -18.81 3.83 -18.74
CA GLY A 127 -20.15 4.44 -18.51
C GLY A 127 -20.37 5.60 -19.50
N GLN A 128 -19.75 5.53 -20.65
CA GLN A 128 -19.92 6.61 -21.65
C GLN A 128 -20.19 6.01 -23.03
N ALA A 129 -21.44 5.91 -23.40
CA ALA A 129 -21.79 5.34 -24.74
C ALA A 129 -23.27 5.58 -25.05
N GLU A 130 -23.71 6.80 -24.96
CA GLU A 130 -25.14 7.10 -25.24
C GLU A 130 -25.29 8.54 -25.76
N SER A 131 -24.29 9.04 -26.43
CA SER A 131 -24.36 10.43 -26.96
C SER A 131 -23.26 10.66 -28.00
N ALA A 132 -23.30 11.78 -28.68
CA ALA A 132 -22.25 12.05 -29.70
C ALA A 132 -20.93 12.42 -29.02
N MET B 1 -25.36 -18.77 -15.87
CA MET B 1 -24.99 -17.46 -16.51
C MET B 1 -23.47 -17.32 -16.59
N GLN B 2 -23.00 -16.28 -17.23
CA GLN B 2 -21.53 -16.07 -17.35
C GLN B 2 -21.11 -14.82 -16.58
N ILE B 3 -19.94 -14.83 -16.00
CA ILE B 3 -19.47 -13.64 -15.24
C ILE B 3 -17.99 -13.38 -15.54
N PHE B 4 -17.53 -12.18 -15.32
CA PHE B 4 -16.10 -11.86 -15.61
C PHE B 4 -15.34 -11.58 -14.31
N VAL B 5 -14.09 -11.94 -14.26
CA VAL B 5 -13.28 -11.69 -13.03
C VAL B 5 -11.99 -10.95 -13.42
N LYS B 6 -11.76 -9.81 -12.84
CA LYS B 6 -10.53 -9.02 -13.19
C LYS B 6 -9.46 -9.23 -12.11
N THR B 7 -8.24 -9.47 -12.51
CA THR B 7 -7.15 -9.69 -11.51
C THR B 7 -6.39 -8.38 -11.26
N LEU B 8 -5.52 -8.38 -10.29
CA LEU B 8 -4.74 -7.14 -9.96
C LEU B 8 -3.87 -6.72 -11.16
N THR B 9 -3.73 -7.56 -12.15
CA THR B 9 -2.88 -7.19 -13.33
C THR B 9 -3.74 -6.62 -14.46
N GLY B 10 -5.04 -6.76 -14.38
CA GLY B 10 -5.92 -6.21 -15.45
C GLY B 10 -6.42 -7.35 -16.35
N LYS B 11 -6.18 -8.58 -15.98
CA LYS B 11 -6.65 -9.72 -16.82
C LYS B 11 -8.10 -10.06 -16.46
N THR B 12 -8.93 -10.27 -17.45
CA THR B 12 -10.36 -10.60 -17.18
C THR B 12 -10.67 -12.03 -17.61
N ILE B 13 -11.23 -12.82 -16.73
CA ILE B 13 -11.56 -14.23 -17.11
C ILE B 13 -13.07 -14.40 -17.22
N THR B 14 -13.53 -15.11 -18.21
CA THR B 14 -15.00 -15.34 -18.37
C THR B 14 -15.36 -16.74 -17.87
N LEU B 15 -16.22 -16.84 -16.90
CA LEU B 15 -16.60 -18.19 -16.36
C LEU B 15 -18.11 -18.40 -16.45
N GLU B 16 -18.54 -19.64 -16.42
CA GLU B 16 -20.00 -19.92 -16.47
C GLU B 16 -20.48 -20.36 -15.09
N VAL B 17 -21.32 -19.57 -14.46
CA VAL B 17 -21.80 -19.93 -13.10
C VAL B 17 -23.29 -19.59 -12.93
N GLU B 18 -23.87 -20.02 -11.84
CA GLU B 18 -25.30 -19.70 -11.57
C GLU B 18 -25.39 -18.77 -10.37
N PRO B 19 -26.53 -18.15 -10.19
CA PRO B 19 -26.71 -17.22 -9.06
C PRO B 19 -26.77 -17.99 -7.74
N SER B 20 -27.14 -19.23 -7.78
CA SER B 20 -27.20 -20.03 -6.52
C SER B 20 -25.83 -20.62 -6.18
N ASP B 21 -24.86 -20.44 -7.03
CA ASP B 21 -23.50 -20.99 -6.75
C ASP B 21 -22.82 -20.22 -5.61
N THR B 22 -22.08 -20.90 -4.78
CA THR B 22 -21.38 -20.22 -3.65
C THR B 22 -20.06 -19.63 -4.13
N ILE B 23 -19.53 -18.67 -3.40
CA ILE B 23 -18.24 -18.06 -3.81
C ILE B 23 -17.14 -19.13 -3.84
N GLU B 24 -17.23 -20.09 -2.96
CA GLU B 24 -16.21 -21.18 -2.94
C GLU B 24 -16.26 -21.95 -4.26
N ASN B 25 -17.43 -22.13 -4.81
CA ASN B 25 -17.55 -22.84 -6.11
C ASN B 25 -16.98 -21.97 -7.22
N VAL B 26 -17.12 -20.67 -7.11
CA VAL B 26 -16.56 -19.77 -8.16
C VAL B 26 -15.04 -19.78 -8.08
N LYS B 27 -14.50 -19.81 -6.89
CA LYS B 27 -13.01 -19.85 -6.74
C LYS B 27 -12.48 -21.14 -7.36
N ALA B 28 -13.13 -22.24 -7.10
CA ALA B 28 -12.69 -23.53 -7.69
C ALA B 28 -12.75 -23.45 -9.21
N LYS B 29 -13.70 -22.72 -9.73
CA LYS B 29 -13.81 -22.58 -11.21
C LYS B 29 -12.61 -21.77 -11.74
N ILE B 30 -12.21 -20.76 -11.02
CA ILE B 30 -11.05 -19.95 -11.49
C ILE B 30 -9.78 -20.82 -11.42
N GLN B 31 -9.66 -21.62 -10.40
CA GLN B 31 -8.45 -22.50 -10.28
C GLN B 31 -8.39 -23.44 -11.49
N ASP B 32 -9.49 -24.10 -11.78
CA ASP B 32 -9.50 -25.03 -12.95
C ASP B 32 -9.14 -24.29 -14.24
N LYS B 33 -9.41 -23.00 -14.29
CA LYS B 33 -9.08 -22.23 -15.52
C LYS B 33 -7.61 -21.77 -15.51
N GLU B 34 -7.13 -21.33 -14.38
CA GLU B 34 -5.71 -20.87 -14.30
C GLU B 34 -4.87 -21.88 -13.51
N GLY B 35 -5.24 -22.17 -12.29
CA GLY B 35 -4.46 -23.15 -11.48
C GLY B 35 -4.13 -22.55 -10.11
N ILE B 36 -4.87 -21.55 -9.68
CA ILE B 36 -4.58 -20.94 -8.35
C ILE B 36 -5.41 -21.64 -7.27
N PRO B 37 -4.84 -21.77 -6.10
CA PRO B 37 -5.55 -22.44 -4.97
C PRO B 37 -6.74 -21.56 -4.51
N PRO B 38 -7.88 -22.19 -4.36
CA PRO B 38 -9.09 -21.46 -3.91
C PRO B 38 -8.88 -20.85 -2.53
N ASP B 39 -8.00 -21.41 -1.75
CA ASP B 39 -7.74 -20.84 -0.39
C ASP B 39 -7.05 -19.48 -0.52
N GLN B 40 -6.37 -19.25 -1.61
CA GLN B 40 -5.67 -17.95 -1.79
C GLN B 40 -6.49 -17.04 -2.73
N GLN B 41 -7.64 -17.49 -3.16
CA GLN B 41 -8.47 -16.66 -4.08
C GLN B 41 -9.50 -15.85 -3.28
N ARG B 42 -9.65 -14.59 -3.60
CA ARG B 42 -10.63 -13.75 -2.87
C ARG B 42 -11.52 -13.00 -3.86
N LEU B 43 -12.81 -13.02 -3.66
CA LEU B 43 -13.72 -12.31 -4.62
C LEU B 43 -14.24 -11.02 -4.00
N ILE B 44 -14.06 -9.92 -4.69
CA ILE B 44 -14.52 -8.60 -4.17
C ILE B 44 -15.54 -7.98 -5.13
N PHE B 45 -16.64 -7.51 -4.63
CA PHE B 45 -17.67 -6.88 -5.51
C PHE B 45 -18.30 -5.67 -4.82
N ALA B 46 -18.55 -4.62 -5.55
CA ALA B 46 -19.16 -3.39 -4.95
C ALA B 46 -18.47 -3.04 -3.61
N GLY B 47 -17.20 -3.28 -3.50
CA GLY B 47 -16.46 -2.94 -2.24
C GLY B 47 -16.83 -3.95 -1.14
N LYS B 48 -17.56 -4.97 -1.47
CA LYS B 48 -17.94 -5.98 -0.43
C LYS B 48 -17.24 -7.31 -0.70
N GLN B 49 -16.60 -7.88 0.28
CA GLN B 49 -15.92 -9.19 0.07
C GLN B 49 -16.94 -10.32 0.09
N LEU B 50 -16.91 -11.20 -0.87
CA LEU B 50 -17.90 -12.32 -0.89
C LEU B 50 -17.42 -13.48 0.00
N GLU B 51 -18.31 -14.03 0.78
CA GLU B 51 -17.91 -15.15 1.68
C GLU B 51 -18.15 -16.51 1.02
N ASP B 52 -17.21 -17.41 1.14
CA ASP B 52 -17.35 -18.76 0.53
C ASP B 52 -18.71 -19.39 0.88
N GLY B 53 -19.26 -19.04 2.01
CA GLY B 53 -20.57 -19.63 2.41
C GLY B 53 -21.73 -18.87 1.75
N ARG B 54 -21.45 -17.77 1.12
CA ARG B 54 -22.56 -16.99 0.47
C ARG B 54 -22.60 -17.29 -1.04
N THR B 55 -23.75 -17.08 -1.65
CA THR B 55 -23.87 -17.36 -3.12
C THR B 55 -23.82 -16.05 -3.91
N LEU B 56 -23.55 -16.13 -5.18
CA LEU B 56 -23.49 -14.88 -6.00
C LEU B 56 -24.77 -14.06 -5.85
N SER B 57 -25.90 -14.69 -5.82
CA SER B 57 -27.20 -13.95 -5.68
C SER B 57 -27.21 -13.09 -4.42
N ASP B 58 -26.55 -13.51 -3.38
CA ASP B 58 -26.54 -12.71 -2.12
C ASP B 58 -25.97 -11.31 -2.37
N TYR B 59 -25.07 -11.18 -3.31
CA TYR B 59 -24.47 -9.85 -3.60
C TYR B 59 -25.11 -9.24 -4.85
N ASN B 60 -26.33 -9.63 -5.14
CA ASN B 60 -27.02 -9.07 -6.34
C ASN B 60 -26.14 -9.21 -7.59
N ILE B 61 -25.34 -10.24 -7.66
CA ILE B 61 -24.46 -10.41 -8.85
C ILE B 61 -25.26 -11.04 -9.99
N GLN B 62 -25.45 -10.31 -11.05
CA GLN B 62 -26.23 -10.86 -12.21
C GLN B 62 -25.28 -11.20 -13.37
N LYS B 63 -25.79 -11.84 -14.38
CA LYS B 63 -24.94 -12.22 -15.55
C LYS B 63 -24.09 -11.03 -16.02
N GLU B 64 -22.98 -11.32 -16.65
CA GLU B 64 -22.09 -10.23 -17.15
C GLU B 64 -21.54 -9.38 -16.00
N SER B 65 -21.68 -9.85 -14.78
CA SER B 65 -21.16 -9.07 -13.63
C SER B 65 -19.63 -9.11 -13.60
N THR B 66 -19.00 -8.05 -13.18
CA THR B 66 -17.51 -8.03 -13.12
C THR B 66 -17.03 -8.11 -11.68
N LEU B 67 -16.41 -9.19 -11.31
CA LEU B 67 -15.92 -9.34 -9.91
C LEU B 67 -14.41 -9.07 -9.86
N HIS B 68 -13.89 -8.76 -8.71
CA HIS B 68 -12.44 -8.50 -8.59
C HIS B 68 -11.76 -9.65 -7.84
N LEU B 69 -10.60 -10.05 -8.26
CA LEU B 69 -9.90 -11.19 -7.59
C LEU B 69 -8.71 -10.69 -6.76
N VAL B 70 -8.60 -11.15 -5.54
CA VAL B 70 -7.47 -10.72 -4.67
C VAL B 70 -6.70 -11.96 -4.17
N LEU B 71 -5.47 -11.79 -3.75
CA LEU B 71 -4.68 -12.96 -3.26
C LEU B 71 -4.82 -13.07 -1.73
N ARG B 72 -5.23 -14.22 -1.25
CA ARG B 72 -5.37 -14.40 0.22
C ARG B 72 -4.15 -15.13 0.78
N LEU B 73 -4.10 -15.31 2.07
CA LEU B 73 -2.94 -16.01 2.69
C LEU B 73 -3.42 -17.19 3.55
N ARG B 74 -2.62 -18.21 3.67
CA ARG B 74 -3.03 -19.38 4.49
C ARG B 74 -1.79 -20.06 5.09
N GLY B 75 -1.21 -19.45 6.09
CA GLY B 75 0.00 -20.05 6.72
C GLY B 75 1.16 -20.07 5.73
N GLY B 76 1.22 -19.08 4.87
CA GLY B 76 2.33 -19.03 3.87
C GLY B 76 1.96 -18.06 2.75
N HIS A 21 10.43 7.04 51.07
CA HIS A 21 9.07 6.78 50.52
C HIS A 21 8.06 7.79 51.08
N MET A 22 8.37 9.06 50.99
CA MET A 22 7.45 10.10 51.52
C MET A 22 7.18 11.17 50.45
N LEU A 23 6.28 12.07 50.74
CA LEU A 23 5.98 13.16 49.75
C LEU A 23 6.47 14.50 50.31
N GLY A 24 7.41 14.46 51.20
CA GLY A 24 7.93 15.73 51.79
C GLY A 24 8.99 16.33 50.87
N LEU A 25 8.57 16.91 49.78
CA LEU A 25 9.55 17.52 48.82
C LEU A 25 9.83 18.97 49.22
N GLY A 26 10.70 19.18 50.18
CA GLY A 26 11.02 20.57 50.62
C GLY A 26 12.39 20.59 51.27
N ALA A 27 12.48 21.03 52.50
CA ALA A 27 13.79 21.09 53.20
C ALA A 27 13.59 21.01 54.71
N SER A 28 13.63 19.82 55.26
CA SER A 28 13.44 19.66 56.73
C SER A 28 13.84 18.25 57.17
N ASP A 29 13.44 17.25 56.43
CA ASP A 29 13.80 15.86 56.80
C ASP A 29 15.24 15.54 56.36
N PHE A 30 15.71 16.20 55.33
CA PHE A 30 17.09 15.94 54.84
C PHE A 30 17.50 17.01 53.81
N GLU A 31 18.59 17.67 54.04
CA GLU A 31 19.04 18.73 53.07
C GLU A 31 20.54 19.00 53.26
N PHE A 32 21.32 17.97 53.38
CA PHE A 32 22.79 18.17 53.56
C PHE A 32 23.56 17.39 52.48
N GLY A 33 23.35 17.71 51.23
CA GLY A 33 24.06 16.99 50.14
C GLY A 33 23.03 16.42 49.16
N VAL A 34 21.85 16.12 49.64
CA VAL A 34 20.80 15.55 48.74
C VAL A 34 20.30 16.63 47.76
N ASP A 35 20.39 17.88 48.15
CA ASP A 35 19.92 18.97 47.24
C ASP A 35 20.96 20.11 47.22
N PRO A 36 21.17 20.66 46.05
CA PRO A 36 22.14 21.77 45.89
C PRO A 36 21.61 23.05 46.52
N SER A 37 20.34 23.09 46.86
CA SER A 37 19.76 24.32 47.47
C SER A 37 20.26 24.48 48.92
N ALA A 38 20.94 23.49 49.44
CA ALA A 38 21.43 23.59 50.85
C ALA A 38 22.97 23.65 50.87
N ASP A 39 23.60 23.85 49.74
CA ASP A 39 25.08 23.92 49.70
C ASP A 39 25.55 24.40 48.34
N PRO A 40 26.21 25.53 48.35
CA PRO A 40 26.72 26.12 47.09
C PRO A 40 27.89 25.28 46.56
N GLU A 41 28.43 24.42 47.39
CA GLU A 41 29.56 23.56 46.93
C GLU A 41 29.04 22.46 46.02
N LEU A 42 27.83 22.04 46.24
CA LEU A 42 27.24 20.97 45.37
C LEU A 42 26.56 21.62 44.17
N ALA A 43 26.09 22.82 44.31
CA ALA A 43 25.42 23.52 43.17
C ALA A 43 26.46 23.93 42.14
N LEU A 44 27.59 24.43 42.58
CA LEU A 44 28.66 24.84 41.63
C LEU A 44 29.40 23.60 41.12
N ALA A 45 29.53 22.60 41.95
CA ALA A 45 30.25 21.37 41.52
C ALA A 45 29.53 20.73 40.33
N LEU A 46 28.23 20.67 40.37
CA LEU A 46 27.47 20.08 39.23
C LEU A 46 27.40 21.08 38.07
N ARG A 47 27.56 22.34 38.35
CA ARG A 47 27.52 23.36 37.26
C ARG A 47 28.87 23.38 36.53
N VAL A 48 29.93 23.08 37.24
CA VAL A 48 31.27 23.08 36.60
C VAL A 48 31.45 21.80 35.77
N SER A 49 30.79 20.74 36.15
CA SER A 49 30.91 19.46 35.38
C SER A 49 30.11 19.56 34.09
N MET A 50 28.88 20.01 34.16
CA MET A 50 28.04 20.12 32.93
C MET A 50 28.68 21.13 31.97
N GLU A 51 29.19 22.22 32.48
CA GLU A 51 29.82 23.24 31.60
C GLU A 51 31.07 22.66 30.92
N GLU A 52 31.80 21.84 31.63
CA GLU A 52 33.04 21.24 31.03
C GLU A 52 32.66 20.36 29.84
N GLN A 53 31.64 19.56 29.98
CA GLN A 53 31.23 18.67 28.86
C GLN A 53 30.82 19.52 27.65
N ARG A 54 30.28 20.68 27.88
CA ARG A 54 29.87 21.55 26.75
C ARG A 54 31.10 22.04 25.97
N GLN A 55 32.13 22.45 26.68
CA GLN A 55 33.37 22.92 25.99
C GLN A 55 33.98 21.79 25.16
N ARG A 56 33.78 20.57 25.57
CA ARG A 56 34.34 19.42 24.80
C ARG A 56 33.52 19.17 23.54
N GLN A 57 32.22 19.24 23.64
CA GLN A 57 31.36 19.02 22.44
C GLN A 57 31.34 20.27 21.56
N GLU A 58 31.62 21.41 22.13
CA GLU A 58 31.62 22.67 21.33
C GLU A 58 32.97 22.85 20.66
N GLU A 59 34.03 22.94 21.43
CA GLU A 59 35.38 23.09 20.83
C GLU A 59 35.61 21.97 19.81
N GLU A 60 34.99 20.84 20.02
CA GLU A 60 35.15 19.70 19.07
C GLU A 60 34.15 19.86 17.92
N ALA A 61 32.96 20.33 18.22
CA ALA A 61 31.94 20.52 17.13
C ALA A 61 32.36 21.66 16.22
N ARG A 62 32.61 22.81 16.77
CA ARG A 62 33.03 23.98 15.93
C ARG A 62 34.33 23.66 15.19
N ARG A 63 35.22 22.92 15.81
CA ARG A 63 36.49 22.57 15.14
C ARG A 63 36.22 21.82 13.84
N ALA A 64 35.32 20.86 13.87
CA ALA A 64 34.99 20.10 12.64
C ALA A 64 34.02 20.91 11.77
N ALA A 65 33.20 21.72 12.39
CA ALA A 65 32.23 22.54 11.61
C ALA A 65 32.98 23.55 10.74
N ALA A 66 34.18 23.92 11.13
CA ALA A 66 34.95 24.90 10.33
C ALA A 66 35.85 24.17 9.33
N ALA A 67 36.55 23.16 9.78
CA ALA A 67 37.45 22.40 8.86
C ALA A 67 36.63 21.74 7.74
N SER A 68 35.40 21.40 8.02
CA SER A 68 34.55 20.75 6.98
C SER A 68 33.80 21.81 6.18
N ALA A 69 33.44 22.91 6.82
CA ALA A 69 32.69 23.98 6.10
C ALA A 69 33.58 24.63 5.04
N ALA A 70 34.88 24.58 5.24
CA ALA A 70 35.80 25.21 4.24
C ALA A 70 35.92 24.31 3.00
N GLU A 71 35.74 23.03 3.17
CA GLU A 71 35.85 22.10 2.00
C GLU A 71 34.49 21.48 1.70
N ALA A 72 33.43 22.23 1.87
CA ALA A 72 32.07 21.68 1.59
C ALA A 72 31.05 22.81 1.53
N GLY A 73 31.00 23.63 2.54
CA GLY A 73 30.01 24.76 2.55
C GLY A 73 30.43 25.81 1.52
N ILE A 74 31.68 25.82 1.14
CA ILE A 74 32.14 26.83 0.13
C ILE A 74 31.36 26.68 -1.17
N ALA A 75 30.84 25.51 -1.44
CA ALA A 75 30.06 25.31 -2.69
C ALA A 75 28.66 24.78 -2.37
N THR A 76 27.79 25.62 -1.87
CA THR A 76 26.41 25.17 -1.54
C THR A 76 25.44 26.35 -1.61
N THR A 77 25.35 26.98 -2.75
CA THR A 77 24.42 28.13 -2.90
C THR A 77 24.06 28.35 -4.37
N GLY A 78 22.78 28.37 -4.68
CA GLY A 78 22.36 28.57 -6.10
C GLY A 78 20.93 29.12 -6.13
N THR A 79 19.97 28.28 -5.86
CA THR A 79 18.55 28.75 -5.88
C THR A 79 17.73 28.02 -4.82
N GLU A 80 17.99 28.30 -3.57
CA GLU A 80 17.23 27.63 -2.47
C GLU A 80 15.90 28.34 -2.23
N ASP A 81 15.06 28.39 -3.22
CA ASP A 81 13.74 29.08 -3.04
C ASP A 81 12.74 28.13 -2.38
N SER A 82 12.50 26.99 -2.98
CA SER A 82 11.53 26.02 -2.37
C SER A 82 12.19 24.66 -2.21
N ASP A 83 12.81 24.41 -1.09
CA ASP A 83 13.47 23.10 -0.85
C ASP A 83 12.44 21.97 -0.87
N ASP A 84 11.24 22.24 -0.43
CA ASP A 84 10.19 21.19 -0.42
C ASP A 84 9.66 21.02 -1.84
N ALA A 85 9.61 22.08 -2.60
CA ALA A 85 9.11 21.96 -3.99
C ALA A 85 10.00 20.97 -4.75
N LEU A 86 11.28 21.02 -4.49
CA LEU A 86 12.21 20.08 -5.17
C LEU A 86 11.95 18.67 -4.63
N LEU A 87 11.54 18.56 -3.40
CA LEU A 87 11.25 17.21 -2.83
C LEU A 87 9.94 16.68 -3.40
N LYS A 88 8.94 17.51 -3.49
CA LYS A 88 7.62 17.06 -4.04
C LYS A 88 7.67 17.03 -5.57
N MET A 89 8.05 18.12 -6.20
CA MET A 89 8.10 18.15 -7.69
C MET A 89 8.94 16.98 -8.22
N THR A 90 10.02 16.66 -7.55
CA THR A 90 10.88 15.53 -8.02
C THR A 90 10.16 14.18 -7.83
N ILE A 91 9.50 13.99 -6.72
CA ILE A 91 8.78 12.70 -6.51
C ILE A 91 7.41 12.74 -7.19
N SER A 92 6.94 13.90 -7.56
CA SER A 92 5.62 14.00 -8.23
C SER A 92 5.74 13.52 -9.68
N GLN A 93 6.85 13.80 -10.31
CA GLN A 93 7.05 13.37 -11.72
C GLN A 93 7.62 11.94 -11.77
N GLN A 94 8.28 11.52 -10.72
CA GLN A 94 8.87 10.15 -10.71
C GLN A 94 7.86 9.15 -10.13
N GLU A 95 7.10 9.55 -9.15
CA GLU A 95 6.10 8.62 -8.55
C GLU A 95 4.85 8.53 -9.44
N PHE A 96 4.42 9.64 -9.98
CA PHE A 96 3.22 9.62 -10.86
C PHE A 96 3.62 9.43 -12.32
N GLY A 97 4.85 9.69 -12.65
CA GLY A 97 5.30 9.52 -14.07
C GLY A 97 5.03 8.09 -14.52
N ARG A 98 5.54 7.12 -13.82
CA ARG A 98 5.32 5.70 -14.21
C ARG A 98 4.37 5.02 -13.22
N THR A 99 3.32 4.43 -13.71
CA THR A 99 2.35 3.75 -12.79
C THR A 99 2.60 2.24 -12.77
N GLY A 100 3.68 1.79 -13.36
CA GLY A 100 3.99 0.33 -13.36
C GLY A 100 4.79 -0.03 -12.10
N LEU A 101 4.26 0.25 -10.95
CA LEU A 101 4.98 -0.07 -9.70
C LEU A 101 4.00 -0.08 -8.51
N PRO A 102 2.84 -0.66 -8.72
CA PRO A 102 1.84 -0.74 -7.63
C PRO A 102 2.35 -1.72 -6.58
N ASP A 103 3.40 -2.44 -6.91
CA ASP A 103 3.97 -3.43 -5.96
C ASP A 103 2.90 -4.45 -5.54
N LEU A 104 2.93 -5.63 -6.11
CA LEU A 104 1.92 -6.66 -5.74
C LEU A 104 2.44 -7.53 -4.59
N SER A 105 3.72 -7.83 -4.60
CA SER A 105 4.30 -8.68 -3.51
C SER A 105 4.34 -7.89 -2.20
N SER A 106 4.12 -6.61 -2.25
CA SER A 106 4.15 -5.79 -1.00
C SER A 106 2.75 -5.68 -0.40
N MET A 107 1.74 -5.81 -1.21
CA MET A 107 0.34 -5.71 -0.69
C MET A 107 -0.11 -7.06 -0.14
N THR A 108 -0.53 -7.08 1.11
CA THR A 108 -0.98 -8.37 1.72
C THR A 108 -2.39 -8.72 1.25
N GLU A 109 -3.03 -9.65 1.92
CA GLU A 109 -4.41 -10.04 1.53
C GLU A 109 -5.35 -8.86 1.77
N GLU A 110 -5.06 -8.05 2.75
CA GLU A 110 -5.92 -6.87 3.03
C GLU A 110 -5.50 -5.72 2.12
N GLU A 111 -4.21 -5.54 1.94
CA GLU A 111 -3.73 -4.45 1.05
C GLU A 111 -4.21 -4.76 -0.36
N GLN A 112 -4.06 -5.98 -0.78
CA GLN A 112 -4.56 -6.36 -2.13
C GLN A 112 -6.08 -6.24 -2.11
N ILE A 113 -6.68 -6.57 -0.99
CA ILE A 113 -8.16 -6.43 -0.88
C ILE A 113 -8.53 -4.97 -1.12
N ALA A 114 -7.75 -4.07 -0.59
CA ALA A 114 -8.03 -2.62 -0.81
C ALA A 114 -8.07 -2.35 -2.31
N TYR A 115 -7.30 -3.10 -3.06
CA TYR A 115 -7.29 -2.93 -4.53
C TYR A 115 -8.66 -3.33 -5.10
N ALA A 116 -9.27 -4.33 -4.51
CA ALA A 116 -10.60 -4.79 -4.99
C ALA A 116 -11.70 -3.93 -4.38
N MET A 117 -11.50 -3.45 -3.17
CA MET A 117 -12.53 -2.60 -2.53
C MET A 117 -12.40 -1.16 -2.99
N GLN A 118 -11.22 -0.77 -3.42
CA GLN A 118 -11.02 0.63 -3.89
C GLN A 118 -11.49 0.78 -5.33
N MET A 119 -11.29 -0.22 -6.14
CA MET A 119 -11.72 -0.15 -7.56
C MET A 119 -13.21 -0.48 -7.69
N SER A 120 -13.74 -1.23 -6.75
CA SER A 120 -15.18 -1.59 -6.82
C SER A 120 -16.04 -0.46 -6.26
N LEU A 121 -15.50 0.32 -5.36
CA LEU A 121 -16.28 1.46 -4.78
C LEU A 121 -16.01 2.74 -5.56
N GLN A 122 -15.44 2.63 -6.74
CA GLN A 122 -15.15 3.85 -7.54
C GLN A 122 -16.11 3.94 -8.73
N GLY A 123 -16.59 2.82 -9.19
CA GLY A 123 -17.54 2.84 -10.36
C GLY A 123 -18.94 3.22 -9.87
N ALA A 124 -19.64 2.29 -9.28
CA ALA A 124 -21.01 2.59 -8.78
C ALA A 124 -20.94 3.49 -7.55
N GLU A 125 -20.66 4.76 -7.75
CA GLU A 125 -20.58 5.70 -6.60
C GLU A 125 -21.95 5.85 -5.93
N PHE A 126 -22.88 6.47 -6.61
CA PHE A 126 -24.24 6.64 -6.03
C PHE A 126 -25.32 6.27 -7.06
N GLY A 127 -25.20 6.77 -8.26
CA GLY A 127 -26.20 6.45 -9.30
C GLY A 127 -26.55 7.72 -10.08
N GLN A 128 -27.70 8.28 -9.84
CA GLN A 128 -28.10 9.53 -10.57
C GLN A 128 -28.23 10.70 -9.59
N ALA A 129 -27.21 10.96 -8.83
CA ALA A 129 -27.27 12.08 -7.83
C ALA A 129 -28.51 11.96 -6.96
N GLU A 130 -28.46 11.10 -5.96
CA GLU A 130 -29.63 10.91 -5.06
C GLU A 130 -29.35 11.57 -3.70
N SER A 131 -28.92 12.80 -3.69
CA SER A 131 -28.63 13.48 -2.40
C SER A 131 -29.92 13.72 -1.63
N ALA A 132 -30.12 13.02 -0.54
CA ALA A 132 -31.36 13.20 0.26
C ALA A 132 -31.04 13.18 1.75
N MET B 1 -25.38 -18.57 -16.12
CA MET B 1 -24.97 -17.23 -16.64
C MET B 1 -23.46 -17.10 -16.67
N GLN B 2 -22.95 -16.11 -17.35
CA GLN B 2 -21.48 -15.91 -17.41
C GLN B 2 -21.07 -14.68 -16.58
N ILE B 3 -19.91 -14.71 -15.99
CA ILE B 3 -19.46 -13.55 -15.17
C ILE B 3 -17.98 -13.25 -15.45
N PHE B 4 -17.57 -12.03 -15.22
CA PHE B 4 -16.15 -11.65 -15.47
C PHE B 4 -15.42 -11.37 -14.15
N VAL B 5 -14.17 -11.74 -14.08
CA VAL B 5 -13.38 -11.48 -12.83
C VAL B 5 -12.09 -10.75 -13.19
N LYS B 6 -11.86 -9.59 -12.61
CA LYS B 6 -10.63 -8.83 -12.92
C LYS B 6 -9.60 -9.02 -11.81
N THR B 7 -8.37 -9.32 -12.17
CA THR B 7 -7.32 -9.53 -11.15
C THR B 7 -6.51 -8.25 -10.94
N LEU B 8 -5.58 -8.26 -10.03
CA LEU B 8 -4.74 -7.05 -9.78
C LEU B 8 -3.94 -6.67 -11.03
N THR B 9 -3.85 -7.55 -11.99
CA THR B 9 -3.08 -7.23 -13.23
C THR B 9 -4.00 -6.72 -14.34
N GLY B 10 -5.22 -6.38 -14.00
CA GLY B 10 -6.16 -5.85 -15.04
C GLY B 10 -6.62 -6.99 -15.96
N LYS B 11 -6.32 -8.22 -15.64
CA LYS B 11 -6.76 -9.35 -16.51
C LYS B 11 -8.20 -9.76 -16.15
N THR B 12 -9.02 -9.96 -17.15
CA THR B 12 -10.43 -10.36 -16.86
C THR B 12 -10.70 -11.79 -17.34
N ILE B 13 -11.29 -12.60 -16.49
CA ILE B 13 -11.59 -14.00 -16.90
C ILE B 13 -13.09 -14.20 -17.09
N THR B 14 -13.48 -14.95 -18.09
CA THR B 14 -14.94 -15.19 -18.32
C THR B 14 -15.31 -16.59 -17.80
N LEU B 15 -16.23 -16.68 -16.88
CA LEU B 15 -16.60 -18.01 -16.34
C LEU B 15 -18.10 -18.28 -16.51
N GLU B 16 -18.49 -19.53 -16.53
CA GLU B 16 -19.93 -19.87 -16.67
C GLU B 16 -20.48 -20.35 -15.32
N VAL B 17 -21.31 -19.57 -14.69
CA VAL B 17 -21.85 -20.00 -13.36
C VAL B 17 -23.32 -19.60 -13.23
N GLU B 18 -23.96 -20.04 -12.18
CA GLU B 18 -25.38 -19.69 -11.95
C GLU B 18 -25.49 -18.79 -10.72
N PRO B 19 -26.63 -18.20 -10.52
CA PRO B 19 -26.83 -17.31 -9.35
C PRO B 19 -26.91 -18.14 -8.07
N SER B 20 -27.30 -19.37 -8.17
CA SER B 20 -27.38 -20.23 -6.94
C SER B 20 -26.01 -20.84 -6.62
N ASP B 21 -25.02 -20.59 -7.44
CA ASP B 21 -23.67 -21.16 -7.17
C ASP B 21 -23.03 -20.48 -5.96
N THR B 22 -22.32 -21.23 -5.16
CA THR B 22 -21.67 -20.63 -3.97
C THR B 22 -20.33 -19.99 -4.35
N ILE B 23 -19.88 -19.02 -3.58
CA ILE B 23 -18.58 -18.36 -3.90
C ILE B 23 -17.46 -19.40 -3.88
N GLU B 24 -17.58 -20.40 -3.05
CA GLU B 24 -16.53 -21.46 -3.00
C GLU B 24 -16.46 -22.17 -4.35
N ASN B 25 -17.59 -22.39 -4.97
CA ASN B 25 -17.61 -23.06 -6.30
C ASN B 25 -17.02 -22.11 -7.34
N VAL B 26 -17.21 -20.83 -7.16
CA VAL B 26 -16.66 -19.86 -8.15
C VAL B 26 -15.13 -19.83 -8.01
N LYS B 27 -14.63 -19.87 -6.81
CA LYS B 27 -13.16 -19.88 -6.61
C LYS B 27 -12.56 -21.14 -7.24
N ALA B 28 -13.22 -22.26 -7.08
CA ALA B 28 -12.72 -23.52 -7.68
C ALA B 28 -12.68 -23.36 -9.20
N LYS B 29 -13.63 -22.65 -9.75
CA LYS B 29 -13.64 -22.44 -11.23
C LYS B 29 -12.44 -21.57 -11.62
N ILE B 30 -12.10 -20.62 -10.79
CA ILE B 30 -10.93 -19.75 -11.12
C ILE B 30 -9.66 -20.60 -11.07
N GLN B 31 -9.56 -21.48 -10.11
CA GLN B 31 -8.36 -22.36 -10.02
C GLN B 31 -8.24 -23.18 -11.31
N ASP B 32 -9.33 -23.77 -11.74
CA ASP B 32 -9.29 -24.59 -12.99
C ASP B 32 -8.82 -23.75 -14.17
N LYS B 33 -9.11 -22.47 -14.17
CA LYS B 33 -8.68 -21.60 -15.31
C LYS B 33 -7.23 -21.13 -15.13
N GLU B 34 -6.83 -20.80 -13.94
CA GLU B 34 -5.44 -20.33 -13.71
C GLU B 34 -4.62 -21.39 -12.98
N GLY B 35 -5.09 -21.85 -11.85
CA GLY B 35 -4.34 -22.89 -11.09
C GLY B 35 -4.05 -22.39 -9.68
N ILE B 36 -4.75 -21.39 -9.22
CA ILE B 36 -4.51 -20.86 -7.84
C ILE B 36 -5.42 -21.58 -6.85
N PRO B 37 -4.91 -21.79 -5.66
CA PRO B 37 -5.70 -22.48 -4.60
C PRO B 37 -6.90 -21.62 -4.18
N PRO B 38 -8.06 -22.24 -4.13
CA PRO B 38 -9.30 -21.51 -3.75
C PRO B 38 -9.18 -20.95 -2.33
N ASP B 39 -8.35 -21.55 -1.51
CA ASP B 39 -8.18 -21.04 -0.12
C ASP B 39 -7.48 -19.67 -0.14
N GLN B 40 -6.72 -19.41 -1.17
CA GLN B 40 -6.01 -18.09 -1.26
C GLN B 40 -6.74 -17.15 -2.23
N GLN B 41 -7.91 -17.52 -2.67
CA GLN B 41 -8.67 -16.64 -3.61
C GLN B 41 -9.65 -15.76 -2.85
N ARG B 42 -9.77 -14.51 -3.24
CA ARG B 42 -10.70 -13.59 -2.54
C ARG B 42 -11.58 -12.86 -3.57
N LEU B 43 -12.88 -12.92 -3.39
CA LEU B 43 -13.79 -12.23 -4.37
C LEU B 43 -14.34 -10.94 -3.76
N ILE B 44 -14.15 -9.84 -4.43
CA ILE B 44 -14.65 -8.53 -3.91
C ILE B 44 -15.62 -7.92 -4.93
N PHE B 45 -16.70 -7.36 -4.47
CA PHE B 45 -17.68 -6.73 -5.39
C PHE B 45 -18.23 -5.45 -4.77
N ALA B 46 -18.27 -4.38 -5.51
CA ALA B 46 -18.79 -3.09 -4.96
C ALA B 46 -18.21 -2.80 -3.57
N GLY B 47 -17.02 -3.29 -3.30
CA GLY B 47 -16.39 -3.03 -1.97
C GLY B 47 -16.86 -4.07 -0.93
N LYS B 48 -17.59 -5.06 -1.36
CA LYS B 48 -18.08 -6.10 -0.40
C LYS B 48 -17.38 -7.44 -0.64
N GLN B 49 -16.76 -8.00 0.36
CA GLN B 49 -16.09 -9.31 0.17
C GLN B 49 -17.14 -10.43 0.20
N LEU B 50 -17.07 -11.34 -0.73
CA LEU B 50 -18.09 -12.44 -0.77
C LEU B 50 -17.69 -13.57 0.19
N GLU B 51 -18.64 -14.15 0.87
CA GLU B 51 -18.33 -15.26 1.81
C GLU B 51 -18.50 -16.61 1.12
N ASP B 52 -17.52 -17.47 1.21
CA ASP B 52 -17.59 -18.80 0.57
C ASP B 52 -18.92 -19.50 0.88
N GLY B 53 -19.53 -19.18 1.99
CA GLY B 53 -20.83 -19.83 2.35
C GLY B 53 -22.00 -19.13 1.66
N ARG B 54 -21.76 -18.00 1.02
CA ARG B 54 -22.88 -17.29 0.34
C ARG B 54 -22.85 -17.58 -1.16
N THR B 55 -23.96 -17.39 -1.83
CA THR B 55 -24.00 -17.66 -3.31
C THR B 55 -23.94 -16.34 -4.08
N LEU B 56 -23.67 -16.40 -5.35
CA LEU B 56 -23.58 -15.16 -6.17
C LEU B 56 -24.84 -14.31 -6.01
N SER B 57 -25.99 -14.92 -6.08
CA SER B 57 -27.28 -14.17 -5.94
C SER B 57 -27.33 -13.39 -4.62
N ASP B 58 -26.73 -13.93 -3.58
CA ASP B 58 -26.77 -13.22 -2.26
C ASP B 58 -26.11 -11.84 -2.40
N TYR B 59 -25.16 -11.70 -3.29
CA TYR B 59 -24.48 -10.39 -3.47
C TYR B 59 -25.05 -9.67 -4.70
N ASN B 60 -26.29 -9.94 -5.02
CA ASN B 60 -26.93 -9.29 -6.21
C ASN B 60 -26.03 -9.45 -7.45
N ILE B 61 -25.27 -10.50 -7.51
CA ILE B 61 -24.38 -10.71 -8.69
C ILE B 61 -25.18 -11.31 -9.85
N GLN B 62 -25.43 -10.54 -10.87
CA GLN B 62 -26.21 -11.06 -12.04
C GLN B 62 -25.27 -11.32 -13.22
N LYS B 63 -25.79 -11.92 -14.26
CA LYS B 63 -24.93 -12.21 -15.46
C LYS B 63 -24.10 -10.97 -15.85
N GLU B 64 -22.99 -11.20 -16.49
CA GLU B 64 -22.10 -10.08 -16.92
C GLU B 64 -21.57 -9.31 -15.71
N SER B 65 -21.70 -9.86 -14.53
CA SER B 65 -21.20 -9.15 -13.32
C SER B 65 -19.67 -9.17 -13.29
N THR B 66 -19.06 -8.08 -12.94
CA THR B 66 -17.57 -8.03 -12.89
C THR B 66 -17.07 -8.03 -11.44
N LEU B 67 -16.48 -9.11 -11.02
CA LEU B 67 -15.97 -9.17 -9.60
C LEU B 67 -14.46 -8.97 -9.59
N HIS B 68 -13.90 -8.69 -8.44
CA HIS B 68 -12.42 -8.50 -8.36
C HIS B 68 -11.78 -9.67 -7.63
N LEU B 69 -10.67 -10.16 -8.11
CA LEU B 69 -10.00 -11.31 -7.45
C LEU B 69 -8.74 -10.86 -6.71
N VAL B 70 -8.59 -11.26 -5.47
CA VAL B 70 -7.39 -10.87 -4.69
C VAL B 70 -6.68 -12.11 -4.15
N LEU B 71 -5.40 -12.03 -3.92
CA LEU B 71 -4.65 -13.22 -3.40
C LEU B 71 -4.56 -13.15 -1.87
N ARG B 72 -5.14 -14.11 -1.20
CA ARG B 72 -5.10 -14.11 0.29
C ARG B 72 -3.87 -14.89 0.79
N LEU B 73 -2.83 -14.20 1.16
CA LEU B 73 -1.61 -14.89 1.65
C LEU B 73 -1.87 -15.50 3.03
N ARG B 74 -0.84 -16.03 3.65
CA ARG B 74 -1.03 -16.65 5.00
C ARG B 74 0.33 -16.84 5.69
N GLY B 75 0.72 -15.91 6.52
CA GLY B 75 2.02 -16.03 7.23
C GLY B 75 3.16 -15.68 6.26
N GLY B 76 3.35 -16.47 5.24
CA GLY B 76 4.44 -16.17 4.27
C GLY B 76 3.88 -15.40 3.07
N HIS A 21 -15.37 90.26 6.50
CA HIS A 21 -13.92 90.46 6.21
C HIS A 21 -13.08 89.52 7.08
N MET A 22 -11.80 89.79 7.19
CA MET A 22 -10.93 88.91 8.02
C MET A 22 -11.40 88.91 9.48
N LEU A 23 -10.71 88.21 10.33
CA LEU A 23 -11.10 88.18 11.77
C LEU A 23 -10.06 88.91 12.62
N GLY A 24 -9.32 89.80 12.00
CA GLY A 24 -8.27 90.55 12.75
C GLY A 24 -8.89 91.78 13.42
N LEU A 25 -10.12 92.09 13.13
CA LEU A 25 -10.77 93.29 13.74
C LEU A 25 -11.08 93.02 15.21
N GLY A 26 -11.41 91.80 15.55
CA GLY A 26 -11.73 91.47 16.96
C GLY A 26 -10.49 90.90 17.66
N ALA A 27 -10.16 91.41 18.81
CA ALA A 27 -8.96 90.90 19.53
C ALA A 27 -9.34 89.73 20.45
N SER A 28 -10.53 89.22 20.32
CA SER A 28 -10.95 88.08 21.18
C SER A 28 -11.15 86.81 20.34
N ASP A 29 -11.30 86.96 19.05
CA ASP A 29 -11.49 85.77 18.17
C ASP A 29 -10.32 84.80 18.31
N PHE A 30 -9.18 85.28 18.73
CA PHE A 30 -8.00 84.39 18.89
C PHE A 30 -6.96 85.04 19.81
N GLU A 31 -6.64 84.40 20.90
CA GLU A 31 -5.64 84.98 21.84
C GLU A 31 -4.65 83.90 22.28
N PHE A 32 -3.85 83.39 21.37
CA PHE A 32 -2.87 82.33 21.73
C PHE A 32 -3.58 81.17 22.44
N GLY A 33 -4.78 80.85 22.04
CA GLY A 33 -5.51 79.73 22.68
C GLY A 33 -6.24 78.91 21.61
N VAL A 34 -5.86 79.06 20.37
CA VAL A 34 -6.52 78.28 19.28
C VAL A 34 -5.49 77.57 18.40
N ASP A 35 -4.29 78.10 18.33
CA ASP A 35 -3.23 77.47 17.49
C ASP A 35 -3.03 76.02 17.92
N PRO A 36 -2.10 75.35 17.27
CA PRO A 36 -1.84 73.92 17.59
C PRO A 36 -1.37 73.79 19.04
N SER A 37 -2.30 73.81 19.94
CA SER A 37 -1.96 73.70 21.40
C SER A 37 -1.26 74.97 21.84
N ALA A 38 -1.81 76.09 21.44
CA ALA A 38 -1.21 77.40 21.81
C ALA A 38 0.31 77.39 21.63
N ASP A 39 0.82 76.57 20.74
CA ASP A 39 2.30 76.52 20.54
C ASP A 39 2.64 75.88 19.21
N PRO A 40 3.02 76.71 18.28
CA PRO A 40 3.40 76.22 16.94
C PRO A 40 4.76 75.52 17.00
N GLU A 41 5.47 75.69 18.09
CA GLU A 41 6.80 75.03 18.23
C GLU A 41 6.59 73.55 18.53
N LEU A 42 5.52 73.21 19.18
CA LEU A 42 5.24 71.78 19.49
C LEU A 42 4.53 71.13 18.30
N ALA A 43 3.82 71.91 17.54
CA ALA A 43 3.12 71.35 16.34
C ALA A 43 4.12 71.10 15.22
N LEU A 44 5.05 72.00 15.02
CA LEU A 44 6.07 71.81 13.95
C LEU A 44 7.15 70.84 14.42
N ALA A 45 7.46 70.84 15.69
CA ALA A 45 8.50 69.92 16.21
C ALA A 45 8.05 68.47 16.05
N LEU A 46 6.78 68.21 16.28
CA LEU A 46 6.27 66.82 16.14
C LEU A 46 6.01 66.48 14.68
N ARG A 47 5.85 67.47 13.84
CA ARG A 47 5.61 67.20 12.40
C ARG A 47 6.95 66.93 11.71
N VAL A 48 8.01 67.51 12.21
CA VAL A 48 9.34 67.27 11.60
C VAL A 48 9.89 65.92 12.06
N SER A 49 9.56 65.52 13.26
CA SER A 49 10.05 64.21 13.78
C SER A 49 9.28 63.06 13.11
N MET A 50 8.00 63.22 12.92
CA MET A 50 7.20 62.14 12.28
C MET A 50 7.63 61.98 10.81
N GLU A 51 7.82 63.07 10.12
CA GLU A 51 8.23 62.97 8.69
C GLU A 51 9.60 62.28 8.58
N GLU A 52 10.45 62.49 9.54
CA GLU A 52 11.80 61.84 9.49
C GLU A 52 11.65 60.32 9.67
N GLN A 53 10.81 59.90 10.58
CA GLN A 53 10.62 58.44 10.79
C GLN A 53 9.94 57.81 9.58
N ARG A 54 9.04 58.53 8.95
CA ARG A 54 8.35 57.97 7.76
C ARG A 54 9.30 57.89 6.57
N GLN A 55 10.07 58.93 6.34
CA GLN A 55 11.03 58.92 5.19
C GLN A 55 12.07 57.81 5.40
N ARG A 56 12.54 57.64 6.61
CA ARG A 56 13.56 56.59 6.87
C ARG A 56 12.96 55.21 6.61
N GLN A 57 11.73 54.99 6.98
CA GLN A 57 11.10 53.66 6.76
C GLN A 57 10.67 53.53 5.29
N GLU A 58 10.37 54.63 4.65
CA GLU A 58 9.94 54.59 3.22
C GLU A 58 11.18 54.55 2.32
N GLU A 59 12.01 55.55 2.40
CA GLU A 59 13.25 55.57 1.57
C GLU A 59 14.01 54.25 1.73
N GLU A 60 13.88 53.66 2.90
CA GLU A 60 14.58 52.37 3.14
C GLU A 60 13.69 51.22 2.65
N ALA A 61 12.39 51.33 2.83
CA ALA A 61 11.48 50.25 2.36
C ALA A 61 11.47 50.19 0.83
N ARG A 62 11.18 51.30 0.19
CA ARG A 62 11.15 51.33 -1.30
C ARG A 62 12.53 50.97 -1.86
N ARG A 63 13.58 51.40 -1.21
CA ARG A 63 14.95 51.08 -1.71
C ARG A 63 15.12 49.56 -1.81
N ALA A 64 14.61 48.83 -0.85
CA ALA A 64 14.73 47.34 -0.90
C ALA A 64 13.80 46.79 -1.98
N ALA A 65 12.72 47.46 -2.26
CA ALA A 65 11.77 46.98 -3.30
C ALA A 65 12.31 47.30 -4.69
N ALA A 66 13.12 48.32 -4.81
CA ALA A 66 13.69 48.69 -6.14
C ALA A 66 14.92 47.82 -6.44
N ALA A 67 15.72 47.55 -5.45
CA ALA A 67 16.95 46.72 -5.68
C ALA A 67 16.54 45.29 -6.00
N SER A 68 15.55 44.77 -5.32
CA SER A 68 15.12 43.37 -5.59
C SER A 68 14.24 43.32 -6.84
N ALA A 69 13.54 44.39 -7.13
CA ALA A 69 12.66 44.40 -8.33
C ALA A 69 13.50 44.39 -9.60
N ALA A 70 14.72 44.86 -9.52
CA ALA A 70 15.60 44.88 -10.74
C ALA A 70 16.30 43.52 -10.90
N GLU A 71 16.54 42.84 -9.81
CA GLU A 71 17.21 41.51 -9.90
C GLU A 71 16.19 40.40 -10.12
N ALA A 72 16.04 39.95 -11.34
CA ALA A 72 15.05 38.87 -11.63
C ALA A 72 13.67 39.24 -11.10
N GLY A 73 13.35 40.51 -11.11
CA GLY A 73 12.01 40.94 -10.60
C GLY A 73 11.27 41.71 -11.69
N ILE A 74 11.98 42.49 -12.47
CA ILE A 74 11.31 43.27 -13.55
C ILE A 74 10.77 42.32 -14.63
N ALA A 75 9.64 41.70 -14.38
CA ALA A 75 9.06 40.78 -15.39
C ALA A 75 7.72 41.31 -15.91
N THR A 76 7.54 41.33 -17.19
CA THR A 76 6.26 41.84 -17.76
C THR A 76 5.14 40.81 -17.58
N THR A 77 3.99 41.05 -18.17
CA THR A 77 2.87 40.09 -18.03
C THR A 77 3.13 38.85 -18.89
N GLY A 78 3.52 37.76 -18.29
CA GLY A 78 3.79 36.53 -19.08
C GLY A 78 3.23 35.32 -18.32
N THR A 79 4.09 34.45 -17.84
CA THR A 79 3.60 33.26 -17.10
C THR A 79 4.67 32.76 -16.12
N GLU A 80 4.86 33.46 -15.03
CA GLU A 80 5.89 33.04 -14.04
C GLU A 80 5.37 33.24 -12.61
N ASP A 81 4.14 32.85 -12.38
CA ASP A 81 3.56 33.01 -11.01
C ASP A 81 3.53 31.66 -10.29
N SER A 82 3.14 30.62 -10.99
CA SER A 82 3.08 29.28 -10.35
C SER A 82 4.30 28.44 -10.78
N ASP A 83 5.46 28.78 -10.33
CA ASP A 83 6.68 28.01 -10.72
C ASP A 83 6.75 26.71 -9.91
N ASP A 84 6.83 26.80 -8.61
CA ASP A 84 6.89 25.57 -7.78
C ASP A 84 5.51 24.92 -7.75
N ALA A 85 4.48 25.71 -7.87
CA ALA A 85 3.11 25.14 -7.87
C ALA A 85 2.98 24.15 -9.03
N LEU A 86 3.36 24.58 -10.21
CA LEU A 86 3.30 23.66 -11.38
C LEU A 86 4.17 22.44 -11.09
N LEU A 87 5.23 22.62 -10.33
CA LEU A 87 6.12 21.47 -9.99
C LEU A 87 5.43 20.61 -8.93
N LYS A 88 4.68 21.22 -8.05
CA LYS A 88 3.97 20.45 -6.98
C LYS A 88 2.69 19.81 -7.55
N MET A 89 1.79 20.61 -8.07
CA MET A 89 0.53 20.04 -8.63
C MET A 89 0.84 18.94 -9.65
N THR A 90 1.94 19.03 -10.34
CA THR A 90 2.28 17.98 -11.35
C THR A 90 2.75 16.71 -10.65
N ILE A 91 3.58 16.83 -9.65
CA ILE A 91 4.06 15.62 -8.93
C ILE A 91 3.01 15.17 -7.91
N SER A 92 2.11 16.04 -7.55
CA SER A 92 1.06 15.66 -6.56
C SER A 92 0.06 14.71 -7.23
N GLN A 93 -0.30 15.00 -8.45
CA GLN A 93 -1.27 14.11 -9.17
C GLN A 93 -0.54 12.84 -9.66
N GLN A 94 0.75 12.93 -9.89
CA GLN A 94 1.50 11.75 -10.37
C GLN A 94 1.93 10.88 -9.19
N GLU A 95 2.39 11.48 -8.12
CA GLU A 95 2.83 10.69 -6.93
C GLU A 95 1.63 9.94 -6.34
N PHE A 96 0.48 10.57 -6.32
CA PHE A 96 -0.72 9.90 -5.76
C PHE A 96 -1.36 8.98 -6.80
N GLY A 97 -1.22 9.30 -8.05
CA GLY A 97 -1.81 8.45 -9.13
C GLY A 97 -1.09 7.10 -9.17
N ARG A 98 0.19 7.10 -8.92
CA ARG A 98 0.96 5.82 -8.95
C ARG A 98 1.31 5.37 -7.53
N THR A 99 1.36 6.28 -6.60
CA THR A 99 1.68 5.90 -5.19
C THR A 99 2.98 5.09 -5.15
N GLY A 100 3.83 5.28 -6.13
CA GLY A 100 5.12 4.52 -6.16
C GLY A 100 4.97 3.36 -7.15
N LEU A 101 4.58 2.20 -6.66
CA LEU A 101 4.41 1.02 -7.54
C LEU A 101 3.37 0.11 -6.92
N PRO A 102 2.57 -0.51 -7.74
CA PRO A 102 1.55 -1.43 -7.21
C PRO A 102 2.18 -2.75 -6.79
N ASP A 103 3.22 -2.70 -6.00
CA ASP A 103 3.89 -3.96 -5.55
C ASP A 103 2.89 -4.84 -4.78
N LEU A 104 2.64 -6.02 -5.26
CA LEU A 104 1.68 -6.92 -4.56
C LEU A 104 2.37 -7.60 -3.38
N SER A 105 3.65 -7.81 -3.47
CA SER A 105 4.38 -8.47 -2.35
C SER A 105 4.28 -7.63 -1.07
N SER A 106 4.22 -6.33 -1.21
CA SER A 106 4.10 -5.46 -0.02
C SER A 106 2.64 -5.35 0.42
N MET A 107 1.72 -5.48 -0.51
CA MET A 107 0.27 -5.40 -0.15
C MET A 107 -0.21 -6.74 0.43
N THR A 108 -0.67 -6.72 1.65
CA THR A 108 -1.16 -7.99 2.28
C THR A 108 -2.52 -8.37 1.70
N GLU A 109 -3.18 -9.32 2.31
CA GLU A 109 -4.51 -9.75 1.82
C GLU A 109 -5.51 -8.61 2.02
N GLU A 110 -5.28 -7.77 3.00
CA GLU A 110 -6.21 -6.63 3.23
C GLU A 110 -5.78 -5.47 2.35
N GLU A 111 -4.49 -5.22 2.23
CA GLU A 111 -4.03 -4.11 1.35
C GLU A 111 -4.42 -4.46 -0.09
N GLN A 112 -4.23 -5.69 -0.47
CA GLN A 112 -4.63 -6.12 -1.83
C GLN A 112 -6.15 -6.10 -1.89
N ILE A 113 -6.79 -6.41 -0.80
CA ILE A 113 -8.28 -6.38 -0.76
C ILE A 113 -8.74 -4.94 -1.01
N ALA A 114 -8.04 -3.98 -0.44
CA ALA A 114 -8.42 -2.56 -0.67
C ALA A 114 -8.38 -2.28 -2.18
N TYR A 115 -7.49 -2.94 -2.86
CA TYR A 115 -7.38 -2.76 -4.33
C TYR A 115 -8.68 -3.22 -4.99
N ALA A 116 -9.20 -4.33 -4.56
CA ALA A 116 -10.47 -4.85 -5.13
C ALA A 116 -11.66 -4.07 -4.58
N MET A 117 -11.58 -3.63 -3.35
CA MET A 117 -12.71 -2.86 -2.77
C MET A 117 -12.66 -1.41 -3.26
N GLN A 118 -11.51 -0.96 -3.68
CA GLN A 118 -11.40 0.43 -4.18
C GLN A 118 -11.86 0.52 -5.64
N MET A 119 -11.75 -0.56 -6.36
CA MET A 119 -12.17 -0.57 -7.78
C MET A 119 -13.61 -1.06 -7.92
N SER A 120 -14.09 -1.79 -6.94
CA SER A 120 -15.50 -2.30 -7.01
C SER A 120 -16.46 -1.25 -6.43
N LEU A 121 -15.98 -0.38 -5.60
CA LEU A 121 -16.86 0.66 -5.01
C LEU A 121 -16.95 1.88 -5.93
N GLN A 122 -16.41 1.78 -7.11
CA GLN A 122 -16.46 2.95 -8.05
C GLN A 122 -16.71 2.47 -9.48
N GLY A 123 -17.49 1.43 -9.63
CA GLY A 123 -17.78 0.90 -11.00
C GLY A 123 -19.26 0.51 -11.10
N ALA A 124 -20.13 1.47 -11.18
CA ALA A 124 -21.59 1.15 -11.27
C ALA A 124 -22.34 2.30 -11.94
N GLU A 125 -22.53 2.23 -13.24
CA GLU A 125 -23.26 3.31 -13.96
C GLU A 125 -24.66 2.82 -14.38
N PHE A 126 -24.72 1.69 -15.02
CA PHE A 126 -26.04 1.14 -15.46
C PHE A 126 -26.71 2.12 -16.43
N GLY A 127 -25.94 2.73 -17.29
CA GLY A 127 -26.51 3.70 -18.27
C GLY A 127 -27.53 2.98 -19.15
N GLN A 128 -28.76 3.43 -19.15
CA GLN A 128 -29.81 2.78 -19.99
C GLN A 128 -30.09 3.61 -21.24
N ALA A 129 -29.34 3.39 -22.30
CA ALA A 129 -29.57 4.17 -23.54
C ALA A 129 -28.76 3.58 -24.69
N GLU A 130 -29.41 3.22 -25.77
CA GLU A 130 -28.67 2.63 -26.92
C GLU A 130 -27.72 3.66 -27.52
N SER A 131 -28.14 4.90 -27.59
CA SER A 131 -27.25 5.96 -28.17
C SER A 131 -27.63 7.33 -27.58
N ALA A 132 -28.86 7.74 -27.75
CA ALA A 132 -29.28 9.06 -27.22
C ALA A 132 -30.30 8.88 -26.09
N MET B 1 -25.24 -18.63 -16.05
CA MET B 1 -24.95 -17.16 -16.03
C MET B 1 -23.45 -16.91 -16.25
N GLN B 2 -23.11 -16.13 -17.24
CA GLN B 2 -21.67 -15.84 -17.49
C GLN B 2 -21.24 -14.60 -16.71
N ILE B 3 -20.07 -14.63 -16.14
CA ILE B 3 -19.60 -13.45 -15.35
C ILE B 3 -18.13 -13.16 -15.65
N PHE B 4 -17.68 -11.96 -15.36
CA PHE B 4 -16.26 -11.59 -15.63
C PHE B 4 -15.50 -11.40 -14.31
N VAL B 5 -14.26 -11.81 -14.28
CA VAL B 5 -13.45 -11.65 -13.04
C VAL B 5 -12.13 -10.94 -13.38
N LYS B 6 -11.89 -9.80 -12.78
CA LYS B 6 -10.64 -9.05 -13.07
C LYS B 6 -9.60 -9.27 -11.96
N THR B 7 -8.40 -9.62 -12.33
CA THR B 7 -7.34 -9.85 -11.31
C THR B 7 -6.49 -8.59 -11.14
N LEU B 8 -5.57 -8.61 -10.20
CA LEU B 8 -4.70 -7.41 -9.98
C LEU B 8 -3.87 -7.09 -11.24
N THR B 9 -3.81 -8.00 -12.17
CA THR B 9 -3.01 -7.74 -13.40
C THR B 9 -3.90 -7.21 -14.53
N GLY B 10 -5.06 -6.72 -14.20
CA GLY B 10 -5.98 -6.18 -15.25
C GLY B 10 -6.47 -7.32 -16.15
N LYS B 11 -6.25 -8.55 -15.76
CA LYS B 11 -6.73 -9.69 -16.60
C LYS B 11 -8.19 -10.00 -16.29
N THR B 12 -9.02 -10.10 -17.30
CA THR B 12 -10.45 -10.40 -17.05
C THR B 12 -10.81 -11.79 -17.59
N ILE B 13 -11.34 -12.65 -16.76
CA ILE B 13 -11.70 -14.01 -17.22
C ILE B 13 -13.22 -14.17 -17.26
N THR B 14 -13.73 -14.77 -18.30
CA THR B 14 -15.21 -14.97 -18.41
C THR B 14 -15.56 -16.42 -18.05
N LEU B 15 -16.36 -16.62 -17.05
CA LEU B 15 -16.70 -18.02 -16.65
C LEU B 15 -18.23 -18.22 -16.65
N GLU B 16 -18.66 -19.45 -16.68
CA GLU B 16 -20.13 -19.73 -16.67
C GLU B 16 -20.54 -20.25 -15.30
N VAL B 17 -21.38 -19.53 -14.61
CA VAL B 17 -21.83 -19.99 -13.26
C VAL B 17 -23.31 -19.71 -13.05
N GLU B 18 -23.84 -20.12 -11.93
CA GLU B 18 -25.27 -19.86 -11.64
C GLU B 18 -25.38 -18.88 -10.46
N PRO B 19 -26.56 -18.33 -10.28
CA PRO B 19 -26.76 -17.37 -9.17
C PRO B 19 -26.78 -18.11 -7.82
N SER B 20 -27.18 -19.35 -7.82
CA SER B 20 -27.22 -20.12 -6.53
C SER B 20 -25.84 -20.71 -6.23
N ASP B 21 -24.87 -20.51 -7.09
CA ASP B 21 -23.51 -21.07 -6.83
C ASP B 21 -22.84 -20.31 -5.69
N THR B 22 -22.11 -21.00 -4.86
CA THR B 22 -21.42 -20.34 -3.72
C THR B 22 -20.10 -19.72 -4.19
N ILE B 23 -19.59 -18.77 -3.44
CA ILE B 23 -18.30 -18.12 -3.83
C ILE B 23 -17.20 -19.19 -3.88
N GLU B 24 -17.23 -20.14 -2.99
CA GLU B 24 -16.19 -21.21 -3.00
C GLU B 24 -16.25 -21.97 -4.32
N ASN B 25 -17.43 -22.14 -4.86
CA ASN B 25 -17.56 -22.86 -6.16
C ASN B 25 -17.01 -21.98 -7.29
N VAL B 26 -17.16 -20.69 -7.17
CA VAL B 26 -16.63 -19.77 -8.22
C VAL B 26 -15.09 -19.79 -8.16
N LYS B 27 -14.55 -19.80 -6.97
CA LYS B 27 -13.06 -19.82 -6.83
C LYS B 27 -12.53 -21.12 -7.44
N ALA B 28 -13.20 -22.22 -7.20
CA ALA B 28 -12.75 -23.51 -7.79
C ALA B 28 -12.78 -23.42 -9.31
N LYS B 29 -13.73 -22.69 -9.84
CA LYS B 29 -13.83 -22.55 -11.32
C LYS B 29 -12.63 -21.74 -11.83
N ILE B 30 -12.25 -20.71 -11.12
CA ILE B 30 -11.08 -19.90 -11.55
C ILE B 30 -9.81 -20.74 -11.46
N GLN B 31 -9.71 -21.56 -10.44
CA GLN B 31 -8.51 -22.43 -10.29
C GLN B 31 -8.39 -23.36 -11.49
N ASP B 32 -9.44 -24.08 -11.80
CA ASP B 32 -9.42 -25.02 -12.95
C ASP B 32 -9.07 -24.27 -14.25
N LYS B 33 -9.38 -22.99 -14.31
CA LYS B 33 -9.06 -22.21 -15.55
C LYS B 33 -7.62 -21.72 -15.51
N GLU B 34 -7.14 -21.29 -14.39
CA GLU B 34 -5.73 -20.80 -14.30
C GLU B 34 -4.86 -21.80 -13.55
N GLY B 35 -5.19 -22.10 -12.33
CA GLY B 35 -4.38 -23.08 -11.54
C GLY B 35 -4.06 -22.51 -10.15
N ILE B 36 -4.79 -21.51 -9.71
CA ILE B 36 -4.51 -20.94 -8.36
C ILE B 36 -5.38 -21.65 -7.31
N PRO B 37 -4.82 -21.83 -6.13
CA PRO B 37 -5.56 -22.49 -5.04
C PRO B 37 -6.72 -21.62 -4.56
N PRO B 38 -7.89 -22.22 -4.44
CA PRO B 38 -9.08 -21.47 -3.99
C PRO B 38 -8.88 -20.90 -2.59
N ASP B 39 -8.03 -21.51 -1.80
CA ASP B 39 -7.79 -21.00 -0.42
C ASP B 39 -7.05 -19.64 -0.49
N GLN B 40 -6.35 -19.39 -1.57
CA GLN B 40 -5.61 -18.11 -1.70
C GLN B 40 -6.39 -17.14 -2.60
N GLN B 41 -7.54 -17.54 -3.08
CA GLN B 41 -8.33 -16.63 -3.97
C GLN B 41 -9.36 -15.85 -3.15
N ARG B 42 -9.53 -14.59 -3.45
CA ARG B 42 -10.51 -13.76 -2.71
C ARG B 42 -11.41 -13.01 -3.71
N LEU B 43 -12.69 -13.05 -3.51
CA LEU B 43 -13.60 -12.34 -4.46
C LEU B 43 -14.15 -11.05 -3.83
N ILE B 44 -14.01 -9.95 -4.51
CA ILE B 44 -14.52 -8.65 -3.97
C ILE B 44 -15.53 -8.04 -4.94
N PHE B 45 -16.65 -7.60 -4.43
CA PHE B 45 -17.69 -6.99 -5.31
C PHE B 45 -18.33 -5.79 -4.62
N ALA B 46 -18.70 -4.78 -5.36
CA ALA B 46 -19.33 -3.56 -4.75
C ALA B 46 -18.59 -3.10 -3.49
N GLY B 47 -17.32 -3.39 -3.39
CA GLY B 47 -16.54 -2.95 -2.19
C GLY B 47 -16.73 -3.94 -1.03
N LYS B 48 -17.55 -4.95 -1.22
CA LYS B 48 -17.77 -5.93 -0.12
C LYS B 48 -17.15 -7.29 -0.50
N GLN B 49 -16.50 -7.94 0.43
CA GLN B 49 -15.88 -9.25 0.13
C GLN B 49 -16.95 -10.35 0.12
N LEU B 50 -16.87 -11.27 -0.79
CA LEU B 50 -17.90 -12.36 -0.85
C LEU B 50 -17.55 -13.47 0.13
N GLU B 51 -18.53 -14.03 0.80
CA GLU B 51 -18.25 -15.14 1.77
C GLU B 51 -18.40 -16.51 1.10
N ASP B 52 -17.42 -17.36 1.27
CA ASP B 52 -17.49 -18.73 0.66
C ASP B 52 -18.85 -19.39 0.92
N GLY B 53 -19.46 -19.10 2.04
CA GLY B 53 -20.77 -19.73 2.36
C GLY B 53 -21.92 -18.98 1.67
N ARG B 54 -21.63 -17.86 1.04
CA ARG B 54 -22.71 -17.09 0.36
C ARG B 54 -22.72 -17.39 -1.15
N THR B 55 -23.83 -17.19 -1.80
CA THR B 55 -23.90 -17.46 -3.27
C THR B 55 -23.83 -16.15 -4.05
N LEU B 56 -23.60 -16.24 -5.34
CA LEU B 56 -23.51 -15.00 -6.18
C LEU B 56 -24.78 -14.14 -6.00
N SER B 57 -25.93 -14.73 -6.09
CA SER B 57 -27.20 -13.95 -5.94
C SER B 57 -27.24 -13.21 -4.61
N ASP B 58 -26.67 -13.77 -3.57
CA ASP B 58 -26.68 -13.08 -2.25
C ASP B 58 -26.00 -11.72 -2.34
N TYR B 59 -25.06 -11.58 -3.24
CA TYR B 59 -24.36 -10.26 -3.39
C TYR B 59 -24.92 -9.51 -4.59
N ASN B 60 -26.17 -9.74 -4.91
CA ASN B 60 -26.80 -9.04 -6.07
C ASN B 60 -25.93 -9.19 -7.32
N ILE B 61 -25.18 -10.27 -7.42
CA ILE B 61 -24.32 -10.47 -8.62
C ILE B 61 -25.15 -11.04 -9.76
N GLN B 62 -25.38 -10.27 -10.79
CA GLN B 62 -26.19 -10.77 -11.95
C GLN B 62 -25.28 -11.07 -13.14
N LYS B 63 -25.81 -11.65 -14.17
CA LYS B 63 -24.99 -11.97 -15.38
C LYS B 63 -24.12 -10.78 -15.79
N GLU B 64 -23.02 -11.04 -16.44
CA GLU B 64 -22.11 -9.95 -16.88
C GLU B 64 -21.55 -9.18 -15.67
N SER B 65 -21.67 -9.74 -14.50
CA SER B 65 -21.13 -9.04 -13.29
C SER B 65 -19.60 -9.07 -13.29
N THR B 66 -18.96 -8.01 -12.90
CA THR B 66 -17.47 -7.99 -12.88
C THR B 66 -16.97 -8.05 -11.44
N LEU B 67 -16.35 -9.15 -11.06
CA LEU B 67 -15.83 -9.26 -9.67
C LEU B 67 -14.32 -9.04 -9.64
N HIS B 68 -13.77 -8.73 -8.49
CA HIS B 68 -12.30 -8.51 -8.39
C HIS B 68 -11.64 -9.67 -7.64
N LEU B 69 -10.48 -10.09 -8.06
CA LEU B 69 -9.81 -11.23 -7.36
C LEU B 69 -8.59 -10.72 -6.58
N VAL B 70 -8.44 -11.16 -5.35
CA VAL B 70 -7.27 -10.74 -4.53
C VAL B 70 -6.51 -11.97 -4.02
N LEU B 71 -5.23 -11.83 -3.79
CA LEU B 71 -4.43 -12.98 -3.29
C LEU B 71 -4.35 -12.94 -1.76
N ARG B 72 -4.51 -14.06 -1.12
CA ARG B 72 -4.44 -14.09 0.37
C ARG B 72 -3.42 -15.14 0.84
N LEU B 73 -2.74 -14.86 1.92
CA LEU B 73 -1.73 -15.83 2.42
C LEU B 73 -2.42 -16.96 3.22
N ARG B 74 -1.74 -18.05 3.42
CA ARG B 74 -2.35 -19.18 4.18
C ARG B 74 -2.16 -18.96 5.69
N GLY B 75 -2.93 -18.09 6.27
CA GLY B 75 -2.80 -17.83 7.74
C GLY B 75 -3.56 -16.56 8.10
N GLY B 76 -2.92 -15.42 7.98
CA GLY B 76 -3.62 -14.15 8.33
C GLY B 76 -2.72 -12.96 7.98
N HIS A 21 1.04 83.84 -15.59
CA HIS A 21 2.07 83.06 -16.31
C HIS A 21 1.59 81.63 -16.56
N MET A 22 0.31 81.44 -16.72
CA MET A 22 -0.24 80.07 -16.95
C MET A 22 -1.67 80.15 -17.47
N LEU A 23 -2.30 79.03 -17.69
CA LEU A 23 -3.70 79.03 -18.19
C LEU A 23 -4.62 78.48 -17.10
N GLY A 24 -4.21 78.56 -15.86
CA GLY A 24 -5.04 78.03 -14.75
C GLY A 24 -6.06 79.10 -14.33
N LEU A 25 -7.00 79.41 -15.18
CA LEU A 25 -8.02 80.45 -14.82
C LEU A 25 -9.12 79.83 -13.96
N GLY A 26 -9.46 78.59 -14.21
CA GLY A 26 -10.53 77.94 -13.41
C GLY A 26 -10.24 76.44 -13.31
N ALA A 27 -11.03 75.72 -12.55
CA ALA A 27 -10.80 74.25 -12.40
C ALA A 27 -11.72 73.48 -13.35
N SER A 28 -12.02 74.04 -14.50
CA SER A 28 -12.92 73.33 -15.46
C SER A 28 -12.09 72.67 -16.56
N ASP A 29 -10.81 72.48 -16.34
CA ASP A 29 -9.96 71.83 -17.38
C ASP A 29 -10.09 70.31 -17.29
N PHE A 30 -10.50 69.79 -16.16
CA PHE A 30 -10.66 68.32 -16.03
C PHE A 30 -11.44 67.99 -14.75
N GLU A 31 -12.55 67.31 -14.88
CA GLU A 31 -13.36 66.97 -13.67
C GLU A 31 -14.48 65.98 -14.04
N PHE A 32 -14.15 64.91 -14.72
CA PHE A 32 -15.20 63.91 -15.08
C PHE A 32 -14.58 62.53 -15.25
N GLY A 33 -13.42 62.45 -15.84
CA GLY A 33 -12.76 61.12 -16.04
C GLY A 33 -11.31 61.20 -15.56
N VAL A 34 -11.06 61.97 -14.53
CA VAL A 34 -9.66 62.09 -14.02
C VAL A 34 -9.53 61.40 -12.65
N ASP A 35 -10.42 61.72 -11.74
CA ASP A 35 -10.35 61.08 -10.38
C ASP A 35 -10.60 59.58 -10.49
N PRO A 36 -10.54 58.90 -9.37
CA PRO A 36 -10.74 57.43 -9.36
C PRO A 36 -12.11 57.06 -9.91
N SER A 37 -12.26 57.09 -11.21
CA SER A 37 -13.55 56.75 -11.85
C SER A 37 -14.58 57.82 -11.50
N ALA A 38 -14.17 59.05 -11.60
CA ALA A 38 -15.08 60.19 -11.29
C ALA A 38 -15.94 59.88 -10.04
N ASP A 39 -15.43 59.12 -9.11
CA ASP A 39 -16.22 58.79 -7.89
C ASP A 39 -15.29 58.32 -6.77
N PRO A 40 -15.20 59.14 -5.75
CA PRO A 40 -14.34 58.80 -4.59
C PRO A 40 -15.00 57.68 -3.78
N GLU A 41 -16.26 57.40 -4.04
CA GLU A 41 -16.95 56.32 -3.30
C GLU A 41 -16.43 54.96 -3.75
N LEU A 42 -16.01 54.88 -4.99
CA LEU A 42 -15.46 53.59 -5.51
C LEU A 42 -13.96 53.54 -5.24
N ALA A 43 -13.32 54.69 -5.22
CA ALA A 43 -11.85 54.71 -4.96
C ALA A 43 -11.59 54.26 -3.52
N LEU A 44 -12.39 54.69 -2.60
CA LEU A 44 -12.19 54.28 -1.17
C LEU A 44 -12.74 52.87 -0.96
N ALA A 45 -13.75 52.49 -1.70
CA ALA A 45 -14.32 51.12 -1.55
C ALA A 45 -13.28 50.07 -1.97
N LEU A 46 -12.53 50.36 -2.99
CA LEU A 46 -11.49 49.39 -3.45
C LEU A 46 -10.23 49.50 -2.58
N ARG A 47 -10.04 50.62 -1.93
CA ARG A 47 -8.85 50.78 -1.06
C ARG A 47 -9.09 50.09 0.27
N VAL A 48 -10.32 50.09 0.72
CA VAL A 48 -10.63 49.43 2.01
C VAL A 48 -10.69 47.91 1.81
N SER A 49 -11.05 47.48 0.63
CA SER A 49 -11.10 46.01 0.35
C SER A 49 -9.69 45.45 0.18
N MET A 50 -8.84 46.17 -0.49
CA MET A 50 -7.44 45.69 -0.69
C MET A 50 -6.74 45.56 0.65
N GLU A 51 -6.88 46.55 1.50
CA GLU A 51 -6.22 46.48 2.84
C GLU A 51 -6.77 45.29 3.63
N GLU A 52 -8.04 45.03 3.52
CA GLU A 52 -8.63 43.88 4.26
C GLU A 52 -8.01 42.57 3.76
N GLN A 53 -7.76 42.47 2.49
CA GLN A 53 -7.15 41.22 1.93
C GLN A 53 -5.79 40.98 2.56
N ARG A 54 -4.99 42.01 2.70
CA ARG A 54 -3.65 41.85 3.32
C ARG A 54 -3.79 41.37 4.77
N GLN A 55 -4.77 41.87 5.48
CA GLN A 55 -4.97 41.44 6.89
C GLN A 55 -5.22 39.93 6.96
N ARG A 56 -6.06 39.43 6.09
CA ARG A 56 -6.35 37.96 6.10
C ARG A 56 -5.12 37.18 5.62
N GLN A 57 -4.42 37.70 4.65
CA GLN A 57 -3.20 36.99 4.13
C GLN A 57 -2.07 37.07 5.17
N GLU A 58 -2.09 38.09 6.00
CA GLU A 58 -1.03 38.22 7.03
C GLU A 58 -1.39 37.37 8.26
N GLU A 59 -2.54 37.62 8.84
CA GLU A 59 -2.96 36.82 10.02
C GLU A 59 -2.85 35.33 9.69
N GLU A 60 -3.06 34.98 8.45
CA GLU A 60 -2.95 33.56 8.03
C GLU A 60 -1.49 33.24 7.71
N ALA A 61 -0.78 34.20 7.16
CA ALA A 61 0.65 33.97 6.82
C ALA A 61 1.44 33.70 8.10
N ARG A 62 1.29 34.56 9.08
CA ARG A 62 2.02 34.35 10.37
C ARG A 62 1.49 33.11 11.06
N ARG A 63 0.23 32.81 10.89
CA ARG A 63 -0.35 31.59 11.54
C ARG A 63 0.50 30.38 11.16
N ALA A 64 0.93 30.32 9.93
CA ALA A 64 1.79 29.18 9.50
C ALA A 64 3.20 29.38 10.04
N ALA A 65 3.58 30.61 10.26
CA ALA A 65 4.95 30.91 10.79
C ALA A 65 5.03 30.47 12.27
N ALA A 66 3.92 30.48 12.96
CA ALA A 66 3.93 30.06 14.39
C ALA A 66 3.73 28.55 14.50
N ALA A 67 2.85 27.99 13.71
CA ALA A 67 2.62 26.52 13.77
C ALA A 67 3.90 25.76 13.39
N SER A 68 4.70 26.33 12.54
CA SER A 68 5.97 25.66 12.13
C SER A 68 7.07 25.94 13.15
N ALA A 69 7.13 27.15 13.65
CA ALA A 69 8.19 27.49 14.65
C ALA A 69 7.82 26.91 16.02
N ALA A 70 6.56 26.73 16.28
CA ALA A 70 6.14 26.16 17.59
C ALA A 70 6.39 24.65 17.62
N GLU A 71 6.69 24.06 16.50
CA GLU A 71 6.95 22.58 16.47
C GLU A 71 8.45 22.30 16.57
N ALA A 72 9.01 22.43 17.75
CA ALA A 72 10.47 22.17 17.93
C ALA A 72 11.29 22.98 16.92
N GLY A 73 10.75 24.09 16.47
CA GLY A 73 11.51 24.92 15.48
C GLY A 73 11.47 26.39 15.92
N ILE A 74 11.24 26.64 17.18
CA ILE A 74 11.20 28.05 17.66
C ILE A 74 12.61 28.60 17.83
N ALA A 75 13.55 27.76 18.16
CA ALA A 75 14.96 28.24 18.33
C ALA A 75 15.76 28.00 17.05
N THR A 76 15.86 26.77 16.61
CA THR A 76 16.62 26.48 15.36
C THR A 76 15.82 25.53 14.46
N THR A 77 16.36 25.17 13.33
CA THR A 77 15.63 24.25 12.41
C THR A 77 16.18 22.83 12.56
N GLY A 78 15.31 21.86 12.76
CA GLY A 78 15.77 20.46 12.92
C GLY A 78 14.74 19.51 12.31
N THR A 79 14.60 19.51 11.01
CA THR A 79 13.61 18.60 10.36
C THR A 79 14.09 17.15 10.44
N GLU A 80 14.09 16.59 11.62
CA GLU A 80 14.54 15.17 11.77
C GLU A 80 13.34 14.25 12.04
N ASP A 81 12.33 14.32 11.22
CA ASP A 81 11.13 13.47 11.43
C ASP A 81 11.20 12.24 10.52
N SER A 82 11.78 12.37 9.35
CA SER A 82 11.87 11.21 8.43
C SER A 82 13.31 10.69 8.39
N ASP A 83 13.72 9.96 9.38
CA ASP A 83 15.12 9.43 9.40
C ASP A 83 15.23 8.21 8.47
N ASP A 84 14.45 7.19 8.71
CA ASP A 84 14.51 5.99 7.83
C ASP A 84 13.84 6.31 6.50
N ALA A 85 12.91 7.22 6.50
CA ALA A 85 12.23 7.59 5.23
C ALA A 85 13.27 8.18 4.28
N LEU A 86 14.15 9.00 4.79
CA LEU A 86 15.20 9.59 3.93
C LEU A 86 16.16 8.48 3.49
N LEU A 87 16.30 7.46 4.30
CA LEU A 87 17.20 6.33 3.93
C LEU A 87 16.51 5.42 2.91
N LYS A 88 15.23 5.21 3.06
CA LYS A 88 14.49 4.33 2.10
C LYS A 88 14.08 5.12 0.87
N MET A 89 13.42 6.24 1.05
CA MET A 89 13.00 7.05 -0.14
C MET A 89 14.20 7.41 -1.01
N THR A 90 15.28 7.83 -0.42
CA THR A 90 16.48 8.20 -1.23
C THR A 90 17.09 6.96 -1.90
N ILE A 91 17.12 5.84 -1.21
CA ILE A 91 17.70 4.61 -1.83
C ILE A 91 16.64 3.90 -2.69
N SER A 92 15.40 4.23 -2.51
CA SER A 92 14.33 3.58 -3.32
C SER A 92 14.38 4.10 -4.75
N GLN A 93 14.51 5.40 -4.91
CA GLN A 93 14.59 5.97 -6.29
C GLN A 93 15.99 5.80 -6.86
N GLN A 94 16.98 5.75 -6.01
CA GLN A 94 18.38 5.59 -6.51
C GLN A 94 18.64 4.12 -6.86
N GLU A 95 18.25 3.21 -6.00
CA GLU A 95 18.46 1.76 -6.29
C GLU A 95 17.64 1.35 -7.50
N PHE A 96 16.44 1.85 -7.62
CA PHE A 96 15.58 1.49 -8.79
C PHE A 96 15.45 -0.04 -8.91
N GLY A 97 16.30 -0.67 -9.69
CA GLY A 97 16.22 -2.15 -9.83
C GLY A 97 14.82 -2.54 -10.36
N ARG A 98 14.28 -1.75 -11.25
CA ARG A 98 12.93 -2.07 -11.81
C ARG A 98 11.90 -2.18 -10.69
N THR A 99 11.08 -1.17 -10.52
CA THR A 99 10.05 -1.21 -9.44
C THR A 99 8.78 -0.49 -9.90
N GLY A 100 8.40 -0.67 -11.13
CA GLY A 100 7.17 0.02 -11.64
C GLY A 100 5.93 -0.81 -11.25
N LEU A 101 5.76 -1.06 -9.98
CA LEU A 101 4.59 -1.85 -9.51
C LEU A 101 4.33 -1.52 -8.05
N PRO A 102 3.08 -1.59 -7.65
CA PRO A 102 2.74 -1.28 -6.25
C PRO A 102 3.10 -2.45 -5.32
N ASP A 103 4.17 -3.14 -5.60
CA ASP A 103 4.57 -4.29 -4.73
C ASP A 103 3.39 -5.25 -4.51
N LEU A 104 2.91 -5.85 -5.58
CA LEU A 104 1.76 -6.80 -5.43
C LEU A 104 2.19 -8.04 -4.65
N SER A 105 3.31 -8.62 -5.00
CA SER A 105 3.79 -9.83 -4.28
C SER A 105 4.35 -9.45 -2.89
N SER A 106 4.39 -8.18 -2.57
CA SER A 106 4.92 -7.75 -1.25
C SER A 106 3.79 -7.18 -0.38
N MET A 107 2.61 -7.07 -0.93
CA MET A 107 1.47 -6.53 -0.13
C MET A 107 0.83 -7.65 0.68
N THR A 108 -0.36 -7.42 1.19
CA THR A 108 -1.04 -8.47 2.00
C THR A 108 -2.45 -8.72 1.47
N GLU A 109 -3.16 -9.62 2.09
CA GLU A 109 -4.55 -9.93 1.64
C GLU A 109 -5.43 -8.71 1.87
N GLU A 110 -5.11 -7.91 2.85
CA GLU A 110 -5.92 -6.69 3.12
C GLU A 110 -5.45 -5.58 2.20
N GLU A 111 -4.16 -5.43 2.02
CA GLU A 111 -3.65 -4.38 1.09
C GLU A 111 -4.15 -4.70 -0.31
N GLN A 112 -4.10 -5.96 -0.68
CA GLN A 112 -4.61 -6.36 -2.02
C GLN A 112 -6.12 -6.23 -1.99
N ILE A 113 -6.73 -6.51 -0.85
CA ILE A 113 -8.21 -6.37 -0.74
C ILE A 113 -8.57 -4.92 -0.98
N ALA A 114 -7.80 -4.01 -0.44
CA ALA A 114 -8.08 -2.56 -0.65
C ALA A 114 -8.08 -2.27 -2.15
N TYR A 115 -7.28 -3.00 -2.88
CA TYR A 115 -7.22 -2.81 -4.35
C TYR A 115 -8.58 -3.12 -4.97
N ALA A 116 -9.07 -4.32 -4.78
CA ALA A 116 -10.40 -4.69 -5.36
C ALA A 116 -11.51 -3.90 -4.66
N MET A 117 -11.34 -3.60 -3.40
CA MET A 117 -12.38 -2.83 -2.67
C MET A 117 -12.33 -1.36 -3.09
N GLN A 118 -11.21 -0.94 -3.64
CA GLN A 118 -11.09 0.47 -4.09
C GLN A 118 -11.78 0.66 -5.44
N MET A 119 -11.83 -0.37 -6.24
CA MET A 119 -12.50 -0.27 -7.57
C MET A 119 -13.89 -0.91 -7.53
N SER A 120 -14.30 -1.42 -6.41
CA SER A 120 -15.64 -2.06 -6.32
C SER A 120 -16.56 -1.25 -5.42
N LEU A 121 -16.01 -0.38 -4.61
CA LEU A 121 -16.86 0.45 -3.70
C LEU A 121 -17.85 1.29 -4.52
N GLN A 122 -17.52 1.59 -5.74
CA GLN A 122 -18.44 2.41 -6.59
C GLN A 122 -19.68 1.59 -6.96
N GLY A 123 -19.49 0.46 -7.58
CA GLY A 123 -20.66 -0.39 -7.96
C GLY A 123 -20.99 -0.19 -9.44
N ALA A 124 -20.81 -1.21 -10.24
CA ALA A 124 -21.11 -1.09 -11.69
C ALA A 124 -22.26 -2.00 -12.09
N GLU A 125 -23.47 -1.50 -12.06
CA GLU A 125 -24.64 -2.36 -12.43
C GLU A 125 -24.76 -2.46 -13.96
N PHE A 126 -24.85 -1.34 -14.63
CA PHE A 126 -24.97 -1.37 -16.11
C PHE A 126 -24.64 0.01 -16.71
N GLY A 127 -25.15 1.05 -16.11
CA GLY A 127 -24.86 2.42 -16.63
C GLY A 127 -26.09 2.96 -17.35
N GLN A 128 -27.22 2.98 -16.69
CA GLN A 128 -28.46 3.49 -17.35
C GLN A 128 -28.37 5.00 -17.56
N ALA A 129 -27.59 5.43 -18.52
CA ALA A 129 -27.45 6.90 -18.78
C ALA A 129 -27.08 7.64 -17.49
N GLU A 130 -25.82 7.75 -17.19
CA GLU A 130 -25.40 8.45 -15.95
C GLU A 130 -24.46 9.62 -16.29
N SER A 131 -23.37 9.34 -16.96
CA SER A 131 -22.42 10.43 -17.33
C SER A 131 -22.63 10.85 -18.78
N ALA A 132 -23.83 11.26 -19.12
CA ALA A 132 -24.11 11.69 -20.53
C ALA A 132 -23.38 13.00 -20.82
N MET B 1 -25.31 -18.53 -16.19
CA MET B 1 -24.88 -17.15 -16.59
C MET B 1 -23.36 -17.02 -16.55
N GLN B 2 -22.81 -16.18 -17.38
CA GLN B 2 -21.34 -15.99 -17.40
C GLN B 2 -20.96 -14.76 -16.56
N ILE B 3 -19.78 -14.76 -15.99
CA ILE B 3 -19.36 -13.60 -15.16
C ILE B 3 -17.90 -13.24 -15.47
N PHE B 4 -17.52 -12.02 -15.21
CA PHE B 4 -16.12 -11.59 -15.50
C PHE B 4 -15.36 -11.33 -14.19
N VAL B 5 -14.09 -11.62 -14.16
CA VAL B 5 -13.28 -11.39 -12.94
C VAL B 5 -12.02 -10.59 -13.29
N LYS B 6 -11.80 -9.50 -12.60
CA LYS B 6 -10.59 -8.67 -12.89
C LYS B 6 -9.47 -8.95 -11.88
N THR B 7 -8.29 -9.22 -12.34
CA THR B 7 -7.16 -9.51 -11.41
C THR B 7 -6.34 -8.24 -11.17
N LEU B 8 -5.35 -8.32 -10.31
CA LEU B 8 -4.51 -7.13 -10.02
C LEU B 8 -3.81 -6.63 -11.29
N THR B 9 -3.74 -7.45 -12.30
CA THR B 9 -3.05 -7.03 -13.57
C THR B 9 -4.07 -6.50 -14.58
N GLY B 10 -5.22 -6.08 -14.13
CA GLY B 10 -6.25 -5.55 -15.06
C GLY B 10 -6.71 -6.64 -16.03
N LYS B 11 -6.41 -7.88 -15.74
CA LYS B 11 -6.83 -8.98 -16.65
C LYS B 11 -8.27 -9.40 -16.33
N THR B 12 -9.08 -9.62 -17.34
CA THR B 12 -10.49 -10.02 -17.10
C THR B 12 -10.72 -11.47 -17.56
N ILE B 13 -11.24 -12.30 -16.70
CA ILE B 13 -11.49 -13.72 -17.10
C ILE B 13 -13.00 -13.98 -17.22
N THR B 14 -13.40 -14.72 -18.21
CA THR B 14 -14.85 -15.02 -18.39
C THR B 14 -15.14 -16.44 -17.88
N LEU B 15 -16.02 -16.58 -16.92
CA LEU B 15 -16.32 -17.94 -16.38
C LEU B 15 -17.82 -18.25 -16.49
N GLU B 16 -18.18 -19.51 -16.46
CA GLU B 16 -19.61 -19.89 -16.55
C GLU B 16 -20.10 -20.34 -15.17
N VAL B 17 -21.00 -19.60 -14.57
CA VAL B 17 -21.50 -19.98 -13.21
C VAL B 17 -23.01 -19.74 -13.09
N GLU B 18 -23.57 -20.16 -12.00
CA GLU B 18 -25.03 -19.95 -11.78
C GLU B 18 -25.21 -18.96 -10.61
N PRO B 19 -26.39 -18.40 -10.50
CA PRO B 19 -26.66 -17.45 -9.40
C PRO B 19 -26.77 -18.19 -8.07
N SER B 20 -27.15 -19.43 -8.10
CA SER B 20 -27.26 -20.21 -6.82
C SER B 20 -25.90 -20.80 -6.44
N ASP B 21 -24.89 -20.58 -7.25
CA ASP B 21 -23.54 -21.13 -6.92
C ASP B 21 -22.92 -20.38 -5.75
N THR B 22 -22.17 -21.05 -4.93
CA THR B 22 -21.52 -20.39 -3.76
C THR B 22 -20.21 -19.73 -4.19
N ILE B 23 -19.77 -18.74 -3.47
CA ILE B 23 -18.49 -18.06 -3.83
C ILE B 23 -17.34 -19.08 -3.81
N GLU B 24 -17.40 -20.04 -2.92
CA GLU B 24 -16.33 -21.07 -2.86
C GLU B 24 -16.31 -21.87 -4.17
N ASN B 25 -17.47 -22.10 -4.74
CA ASN B 25 -17.52 -22.85 -6.03
C ASN B 25 -16.94 -21.99 -7.14
N VAL B 26 -17.14 -20.70 -7.07
CA VAL B 26 -16.58 -19.80 -8.11
C VAL B 26 -15.05 -19.75 -7.96
N LYS B 27 -14.58 -19.79 -6.74
CA LYS B 27 -13.11 -19.77 -6.52
C LYS B 27 -12.49 -21.02 -7.14
N ALA B 28 -13.12 -22.15 -6.93
CA ALA B 28 -12.60 -23.42 -7.52
C ALA B 28 -12.60 -23.31 -9.04
N LYS B 29 -13.56 -22.60 -9.59
CA LYS B 29 -13.61 -22.43 -11.07
C LYS B 29 -12.42 -21.58 -11.52
N ILE B 30 -12.07 -20.60 -10.73
CA ILE B 30 -10.91 -19.74 -11.10
C ILE B 30 -9.63 -20.57 -11.05
N GLN B 31 -9.52 -21.44 -10.07
CA GLN B 31 -8.31 -22.31 -9.98
C GLN B 31 -8.21 -23.16 -11.24
N ASP B 32 -9.29 -23.78 -11.63
CA ASP B 32 -9.27 -24.63 -12.86
C ASP B 32 -8.85 -23.79 -14.07
N LYS B 33 -9.11 -22.50 -14.04
CA LYS B 33 -8.73 -21.63 -15.18
C LYS B 33 -7.26 -21.20 -15.09
N GLU B 34 -6.82 -20.83 -13.91
CA GLU B 34 -5.40 -20.39 -13.75
C GLU B 34 -4.60 -21.44 -12.99
N GLY B 35 -5.07 -21.84 -11.84
CA GLY B 35 -4.32 -22.88 -11.05
C GLY B 35 -4.02 -22.33 -9.65
N ILE B 36 -4.73 -21.33 -9.22
CA ILE B 36 -4.49 -20.78 -7.85
C ILE B 36 -5.38 -21.49 -6.83
N PRO B 37 -4.87 -21.67 -5.64
CA PRO B 37 -5.66 -22.34 -4.57
C PRO B 37 -6.84 -21.46 -4.15
N PRO B 38 -8.00 -22.06 -4.08
CA PRO B 38 -9.23 -21.31 -3.68
C PRO B 38 -9.08 -20.72 -2.27
N ASP B 39 -8.26 -21.32 -1.46
CA ASP B 39 -8.07 -20.79 -0.07
C ASP B 39 -7.33 -19.45 -0.12
N GLN B 40 -6.58 -19.21 -1.17
CA GLN B 40 -5.83 -17.93 -1.27
C GLN B 40 -6.55 -16.96 -2.22
N GLN B 41 -7.68 -17.36 -2.76
CA GLN B 41 -8.42 -16.47 -3.69
C GLN B 41 -9.49 -15.67 -2.93
N ARG B 42 -9.65 -14.42 -3.27
CA ARG B 42 -10.67 -13.58 -2.57
C ARG B 42 -11.56 -12.88 -3.60
N LEU B 43 -12.85 -12.95 -3.45
CA LEU B 43 -13.75 -12.28 -4.43
C LEU B 43 -14.34 -11.00 -3.82
N ILE B 44 -14.23 -9.90 -4.51
CA ILE B 44 -14.76 -8.61 -4.00
C ILE B 44 -15.79 -8.04 -4.98
N PHE B 45 -16.94 -7.68 -4.50
CA PHE B 45 -17.99 -7.11 -5.41
C PHE B 45 -18.71 -5.96 -4.72
N ALA B 46 -19.18 -5.00 -5.47
CA ALA B 46 -19.90 -3.83 -4.88
C ALA B 46 -19.15 -3.29 -3.65
N GLY B 47 -17.87 -3.47 -3.60
CA GLY B 47 -17.08 -2.95 -2.43
C GLY B 47 -17.22 -3.90 -1.23
N LYS B 48 -17.97 -4.96 -1.37
CA LYS B 48 -18.16 -5.91 -0.22
C LYS B 48 -17.46 -7.24 -0.54
N GLN B 49 -16.87 -7.85 0.46
CA GLN B 49 -16.18 -9.16 0.22
C GLN B 49 -17.23 -10.28 0.15
N LEU B 50 -17.08 -11.19 -0.77
CA LEU B 50 -18.08 -12.30 -0.87
C LEU B 50 -17.72 -13.43 0.10
N GLU B 51 -18.70 -13.97 0.77
CA GLU B 51 -18.42 -15.07 1.74
C GLU B 51 -18.59 -16.44 1.08
N ASP B 52 -17.61 -17.29 1.20
CA ASP B 52 -17.69 -18.66 0.59
C ASP B 52 -19.04 -19.33 0.92
N GLY B 53 -19.65 -18.98 2.01
CA GLY B 53 -20.94 -19.60 2.39
C GLY B 53 -22.10 -18.92 1.66
N ARG B 54 -21.86 -17.79 1.04
CA ARG B 54 -22.96 -17.09 0.32
C ARG B 54 -22.92 -17.39 -1.17
N THR B 55 -24.01 -17.24 -1.86
CA THR B 55 -24.03 -17.53 -3.33
C THR B 55 -23.99 -16.21 -4.11
N LEU B 56 -23.69 -16.27 -5.38
CA LEU B 56 -23.62 -15.03 -6.20
C LEU B 56 -24.92 -14.23 -6.06
N SER B 57 -26.05 -14.89 -6.11
CA SER B 57 -27.35 -14.17 -5.98
C SER B 57 -27.41 -13.36 -4.68
N ASP B 58 -26.88 -13.90 -3.61
CA ASP B 58 -26.91 -13.16 -2.31
C ASP B 58 -26.18 -11.83 -2.43
N TYR B 59 -25.21 -11.76 -3.32
CA TYR B 59 -24.47 -10.48 -3.50
C TYR B 59 -24.97 -9.75 -4.74
N ASN B 60 -26.22 -9.95 -5.08
CA ASN B 60 -26.81 -9.28 -6.27
C ASN B 60 -25.92 -9.48 -7.51
N ILE B 61 -25.20 -10.57 -7.57
CA ILE B 61 -24.34 -10.82 -8.76
C ILE B 61 -25.18 -11.38 -9.91
N GLN B 62 -25.41 -10.60 -10.92
CA GLN B 62 -26.24 -11.10 -12.06
C GLN B 62 -25.35 -11.41 -13.28
N LYS B 63 -25.91 -12.00 -14.30
CA LYS B 63 -25.12 -12.34 -15.53
C LYS B 63 -24.27 -11.15 -15.97
N GLU B 64 -23.12 -11.43 -16.55
CA GLU B 64 -22.21 -10.33 -17.02
C GLU B 64 -21.74 -9.48 -15.84
N SER B 65 -21.81 -10.00 -14.65
CA SER B 65 -21.35 -9.21 -13.46
C SER B 65 -19.83 -9.10 -13.46
N THR B 66 -19.30 -8.01 -12.96
CA THR B 66 -17.83 -7.85 -12.93
C THR B 66 -17.32 -7.98 -11.49
N LEU B 67 -16.65 -9.05 -11.19
CA LEU B 67 -16.13 -9.26 -9.80
C LEU B 67 -14.63 -8.95 -9.75
N HIS B 68 -14.12 -8.64 -8.59
CA HIS B 68 -12.67 -8.35 -8.45
C HIS B 68 -11.97 -9.49 -7.72
N LEU B 69 -10.80 -9.89 -8.17
CA LEU B 69 -10.10 -11.02 -7.49
C LEU B 69 -8.90 -10.49 -6.69
N VAL B 70 -8.74 -10.96 -5.48
CA VAL B 70 -7.59 -10.51 -4.65
C VAL B 70 -6.78 -11.73 -4.17
N LEU B 71 -5.51 -11.55 -3.93
CA LEU B 71 -4.67 -12.69 -3.46
C LEU B 71 -4.59 -12.70 -1.94
N ARG B 72 -4.75 -13.84 -1.32
CA ARG B 72 -4.69 -13.92 0.17
C ARG B 72 -3.50 -14.78 0.59
N LEU B 73 -2.68 -14.29 1.48
CA LEU B 73 -1.50 -15.09 1.94
C LEU B 73 -1.87 -15.92 3.17
N ARG B 74 -1.48 -17.16 3.19
CA ARG B 74 -1.79 -18.03 4.36
C ARG B 74 -0.82 -17.75 5.51
N GLY B 75 -1.01 -16.65 6.21
CA GLY B 75 -0.10 -16.32 7.33
C GLY B 75 0.70 -15.06 6.99
N GLY B 76 0.93 -14.21 7.94
CA GLY B 76 1.72 -12.97 7.67
C GLY B 76 0.76 -11.85 7.28
N HIS A 21 27.91 -8.40 -13.73
CA HIS A 21 26.80 -7.45 -13.48
C HIS A 21 25.57 -8.20 -12.95
N MET A 22 25.49 -8.37 -11.66
CA MET A 22 24.32 -9.10 -11.07
C MET A 22 24.24 -8.84 -9.56
N LEU A 23 23.29 -9.43 -8.90
CA LEU A 23 23.16 -9.23 -7.42
C LEU A 23 23.48 -10.53 -6.70
N GLY A 24 24.26 -11.39 -7.31
CA GLY A 24 24.61 -12.68 -6.67
C GLY A 24 25.78 -12.47 -5.71
N LEU A 25 26.83 -13.23 -5.87
CA LEU A 25 28.01 -13.07 -4.97
C LEU A 25 29.29 -12.88 -5.80
N GLY A 26 29.49 -13.71 -6.78
CA GLY A 26 30.72 -13.58 -7.62
C GLY A 26 30.39 -13.99 -9.07
N ALA A 27 31.35 -13.88 -9.95
CA ALA A 27 31.10 -14.25 -11.38
C ALA A 27 31.92 -15.48 -11.75
N SER A 28 33.10 -15.60 -11.20
CA SER A 28 33.95 -16.78 -11.52
C SER A 28 33.60 -17.98 -10.63
N ASP A 29 32.61 -17.84 -9.78
CA ASP A 29 32.23 -18.97 -8.89
C ASP A 29 31.23 -19.89 -9.60
N PHE A 30 30.49 -19.37 -10.54
CA PHE A 30 29.51 -20.22 -11.28
C PHE A 30 29.54 -19.89 -12.77
N GLU A 31 30.10 -20.77 -13.57
CA GLU A 31 30.17 -20.50 -15.04
C GLU A 31 29.68 -21.72 -15.82
N PHE A 32 28.53 -22.24 -15.48
CA PHE A 32 28.00 -23.43 -16.21
C PHE A 32 26.56 -23.18 -16.66
N GLY A 33 25.65 -22.99 -15.74
CA GLY A 33 24.25 -22.73 -16.12
C GLY A 33 23.71 -21.54 -15.31
N VAL A 34 24.58 -20.67 -14.87
CA VAL A 34 24.13 -19.50 -14.08
C VAL A 34 24.48 -18.19 -14.81
N ASP A 35 25.46 -18.23 -15.68
CA ASP A 35 25.85 -16.99 -16.42
C ASP A 35 24.67 -16.47 -17.23
N PRO A 36 24.87 -15.39 -17.94
CA PRO A 36 23.77 -14.78 -18.73
C PRO A 36 23.24 -15.75 -19.77
N SER A 37 22.44 -16.69 -19.34
CA SER A 37 21.86 -17.70 -20.27
C SER A 37 22.97 -18.63 -20.74
N ALA A 38 23.80 -19.05 -19.82
CA ALA A 38 24.93 -19.96 -20.15
C ALA A 38 25.61 -19.52 -21.46
N ASP A 39 25.58 -18.26 -21.79
CA ASP A 39 26.23 -17.80 -23.04
C ASP A 39 26.26 -16.27 -23.10
N PRO A 40 27.45 -15.74 -22.96
CA PRO A 40 27.64 -14.28 -23.01
C PRO A 40 27.47 -13.78 -24.45
N GLU A 41 27.48 -14.67 -25.40
CA GLU A 41 27.32 -14.26 -26.83
C GLU A 41 25.86 -13.89 -27.09
N LEU A 42 24.96 -14.53 -26.40
CA LEU A 42 23.51 -14.22 -26.58
C LEU A 42 23.13 -13.04 -25.67
N ALA A 43 23.83 -12.89 -24.58
CA ALA A 43 23.52 -11.74 -23.66
C ALA A 43 23.98 -10.43 -24.29
N LEU A 44 25.11 -10.45 -24.94
CA LEU A 44 25.63 -9.21 -25.58
C LEU A 44 24.94 -9.01 -26.94
N ALA A 45 24.64 -10.08 -27.62
CA ALA A 45 23.96 -9.95 -28.95
C ALA A 45 22.59 -9.27 -28.78
N LEU A 46 21.87 -9.65 -27.76
CA LEU A 46 20.54 -9.02 -27.53
C LEU A 46 20.70 -7.65 -26.85
N ARG A 47 21.81 -7.42 -26.20
CA ARG A 47 22.03 -6.11 -25.54
C ARG A 47 22.49 -5.10 -26.59
N VAL A 48 23.20 -5.56 -27.58
CA VAL A 48 23.67 -4.62 -28.65
C VAL A 48 22.51 -4.29 -29.59
N SER A 49 21.57 -5.19 -29.72
CA SER A 49 20.40 -4.93 -30.61
C SER A 49 19.46 -3.90 -29.96
N MET A 50 19.20 -4.05 -28.69
CA MET A 50 18.30 -3.09 -27.99
C MET A 50 18.92 -1.69 -28.00
N GLU A 51 20.18 -1.59 -27.69
CA GLU A 51 20.86 -0.25 -27.69
C GLU A 51 20.86 0.33 -29.10
N GLU A 52 20.99 -0.49 -30.10
CA GLU A 52 20.99 0.02 -31.50
C GLU A 52 19.66 0.67 -31.83
N GLN A 53 18.57 0.06 -31.43
CA GLN A 53 17.24 0.66 -31.72
C GLN A 53 17.10 2.02 -31.03
N ARG A 54 17.63 2.14 -29.84
CA ARG A 54 17.54 3.45 -29.12
C ARG A 54 18.45 4.48 -29.78
N GLN A 55 19.56 4.05 -30.32
CA GLN A 55 20.48 5.01 -30.99
C GLN A 55 19.78 5.69 -32.17
N ARG A 56 19.12 4.92 -33.00
CA ARG A 56 18.42 5.51 -34.17
C ARG A 56 17.25 6.38 -33.68
N GLN A 57 16.61 5.98 -32.62
CA GLN A 57 15.46 6.77 -32.09
C GLN A 57 15.98 7.99 -31.31
N GLU A 58 17.19 7.91 -30.81
CA GLU A 58 17.76 9.05 -30.04
C GLU A 58 18.38 10.05 -31.02
N GLU A 59 19.34 9.63 -31.79
CA GLU A 59 19.97 10.56 -32.78
C GLU A 59 18.87 11.19 -33.64
N GLU A 60 17.80 10.48 -33.86
CA GLU A 60 16.69 11.03 -34.66
C GLU A 60 15.79 11.89 -33.77
N ALA A 61 15.57 11.47 -32.54
CA ALA A 61 14.71 12.27 -31.62
C ALA A 61 15.43 13.56 -31.22
N ARG A 62 16.61 13.45 -30.68
CA ARG A 62 17.37 14.66 -30.26
C ARG A 62 17.55 15.60 -31.46
N ARG A 63 17.81 15.07 -32.62
CA ARG A 63 17.97 15.95 -33.82
C ARG A 63 16.71 16.76 -34.05
N ALA A 64 15.56 16.20 -33.75
CA ALA A 64 14.28 16.94 -33.95
C ALA A 64 14.13 18.00 -32.85
N ALA A 65 14.68 17.75 -31.70
CA ALA A 65 14.58 18.74 -30.60
C ALA A 65 15.51 19.92 -30.85
N ALA A 66 16.59 19.69 -31.56
CA ALA A 66 17.55 20.79 -31.86
C ALA A 66 17.06 21.61 -33.06
N ALA A 67 16.56 20.95 -34.07
CA ALA A 67 16.06 21.67 -35.27
C ALA A 67 14.85 22.53 -34.91
N SER A 68 14.03 22.06 -34.00
CA SER A 68 12.83 22.84 -33.60
C SER A 68 13.23 23.97 -32.64
N ALA A 69 14.13 23.71 -31.75
CA ALA A 69 14.57 24.79 -30.80
C ALA A 69 15.44 25.81 -31.52
N ALA A 70 16.28 25.36 -32.42
CA ALA A 70 17.15 26.32 -33.17
C ALA A 70 16.30 27.30 -33.98
N GLU A 71 15.15 26.87 -34.41
CA GLU A 71 14.27 27.77 -35.21
C GLU A 71 13.52 28.73 -34.28
N ALA A 72 14.14 29.82 -33.91
CA ALA A 72 13.47 30.80 -33.01
C ALA A 72 12.99 30.11 -31.74
N GLY A 73 13.63 29.04 -31.34
CA GLY A 73 13.22 28.32 -30.10
C GLY A 73 14.31 28.42 -29.05
N ILE A 74 15.50 28.80 -29.43
CA ILE A 74 16.61 28.92 -28.43
C ILE A 74 16.22 29.90 -27.32
N ALA A 75 15.49 30.93 -27.65
CA ALA A 75 15.08 31.93 -26.61
C ALA A 75 14.03 31.30 -25.68
N THR A 76 14.45 30.83 -24.54
CA THR A 76 13.49 30.21 -23.58
C THR A 76 13.52 30.95 -22.24
N THR A 77 12.39 31.42 -21.79
CA THR A 77 12.35 32.16 -20.49
C THR A 77 10.97 32.03 -19.85
N GLY A 78 10.87 31.35 -18.74
CA GLY A 78 9.55 31.20 -18.07
C GLY A 78 9.77 30.82 -16.61
N THR A 79 10.46 29.75 -16.36
CA THR A 79 10.71 29.32 -14.95
C THR A 79 11.99 28.49 -14.86
N GLU A 80 13.09 29.03 -15.31
CA GLU A 80 14.38 28.28 -15.24
C GLU A 80 15.19 28.72 -14.03
N ASP A 81 14.66 28.55 -12.85
CA ASP A 81 15.41 28.96 -11.62
C ASP A 81 16.19 27.77 -11.05
N SER A 82 15.60 26.60 -11.06
CA SER A 82 16.31 25.41 -10.51
C SER A 82 16.32 24.28 -11.55
N ASP A 83 17.38 24.17 -12.31
CA ASP A 83 17.46 23.09 -13.33
C ASP A 83 17.35 21.72 -12.67
N ASP A 84 17.80 21.60 -11.45
CA ASP A 84 17.70 20.30 -10.74
C ASP A 84 16.26 20.08 -10.27
N ALA A 85 15.57 21.15 -10.00
CA ALA A 85 14.15 20.99 -9.56
C ALA A 85 13.35 20.34 -10.68
N LEU A 86 13.61 20.74 -11.90
CA LEU A 86 12.89 20.12 -13.04
C LEU A 86 13.33 18.66 -13.16
N LEU A 87 14.55 18.38 -12.79
CA LEU A 87 15.05 16.98 -12.85
C LEU A 87 14.41 16.14 -11.75
N LYS A 88 14.36 16.67 -10.55
CA LYS A 88 13.75 15.92 -9.42
C LYS A 88 12.22 15.99 -9.49
N MET A 89 11.66 17.17 -9.57
CA MET A 89 10.18 17.30 -9.65
C MET A 89 9.62 16.43 -10.77
N THR A 90 10.30 16.35 -11.88
CA THR A 90 9.80 15.52 -13.02
C THR A 90 9.90 14.03 -12.66
N ILE A 91 10.95 13.62 -12.00
CA ILE A 91 11.08 12.17 -11.64
C ILE A 91 10.29 11.88 -10.37
N SER A 92 9.99 12.90 -9.60
CA SER A 92 9.21 12.68 -8.34
C SER A 92 7.76 12.31 -8.69
N GLN A 93 7.19 12.95 -9.65
CA GLN A 93 5.79 12.63 -10.04
C GLN A 93 5.76 11.38 -10.93
N GLN A 94 6.80 11.16 -11.68
CA GLN A 94 6.84 9.97 -12.57
C GLN A 94 7.22 8.72 -11.76
N GLU A 95 8.18 8.85 -10.88
CA GLU A 95 8.60 7.68 -10.05
C GLU A 95 7.45 7.25 -9.12
N PHE A 96 6.74 8.21 -8.58
CA PHE A 96 5.61 7.87 -7.66
C PHE A 96 4.34 7.58 -8.47
N GLY A 97 4.18 8.22 -9.61
CA GLY A 97 2.97 7.97 -10.43
C GLY A 97 3.07 6.61 -11.11
N ARG A 98 3.08 5.55 -10.33
CA ARG A 98 3.18 4.19 -10.92
C ARG A 98 4.34 4.09 -11.91
N THR A 99 5.56 4.15 -11.43
CA THR A 99 6.74 4.05 -12.34
C THR A 99 6.57 2.85 -13.28
N GLY A 100 5.89 1.84 -12.79
CA GLY A 100 5.64 0.62 -13.60
C GLY A 100 4.54 -0.18 -12.90
N LEU A 101 4.61 -0.30 -11.61
CA LEU A 101 3.58 -1.04 -10.85
C LEU A 101 3.58 -0.53 -9.41
N PRO A 102 2.43 -0.55 -8.79
CA PRO A 102 2.34 -0.06 -7.39
C PRO A 102 2.88 -1.12 -6.41
N ASP A 103 3.90 -1.84 -6.79
CA ASP A 103 4.48 -2.87 -5.88
C ASP A 103 3.38 -3.80 -5.37
N LEU A 104 3.06 -4.84 -6.09
CA LEU A 104 2.00 -5.79 -5.64
C LEU A 104 2.55 -6.73 -4.57
N SER A 105 3.82 -7.05 -4.64
CA SER A 105 4.42 -7.96 -3.63
C SER A 105 4.35 -7.33 -2.24
N SER A 106 4.24 -6.03 -2.17
CA SER A 106 4.16 -5.35 -0.84
C SER A 106 2.72 -5.32 -0.35
N MET A 107 1.78 -5.33 -1.26
CA MET A 107 0.34 -5.30 -0.85
C MET A 107 -0.04 -6.62 -0.17
N THR A 108 -0.44 -6.56 1.07
CA THR A 108 -0.83 -7.81 1.80
C THR A 108 -2.22 -8.28 1.38
N GLU A 109 -2.83 -9.09 2.19
CA GLU A 109 -4.19 -9.59 1.89
C GLU A 109 -5.18 -8.44 2.00
N GLU A 110 -4.93 -7.54 2.91
CA GLU A 110 -5.85 -6.38 3.07
C GLU A 110 -5.46 -5.29 2.09
N GLU A 111 -4.17 -5.11 1.87
CA GLU A 111 -3.74 -4.06 0.90
C GLU A 111 -4.24 -4.46 -0.48
N GLN A 112 -4.07 -5.70 -0.84
CA GLN A 112 -4.58 -6.18 -2.16
C GLN A 112 -6.11 -6.14 -2.11
N ILE A 113 -6.67 -6.44 -0.96
CA ILE A 113 -8.15 -6.41 -0.82
C ILE A 113 -8.63 -4.97 -1.01
N ALA A 114 -7.89 -4.01 -0.49
CA ALA A 114 -8.29 -2.59 -0.67
C ALA A 114 -8.40 -2.30 -2.16
N TYR A 115 -7.57 -2.94 -2.94
CA TYR A 115 -7.61 -2.75 -4.42
C TYR A 115 -8.90 -3.35 -4.96
N ALA A 116 -9.31 -4.47 -4.44
CA ALA A 116 -10.56 -5.11 -4.90
C ALA A 116 -11.77 -4.28 -4.44
N MET A 117 -11.75 -3.81 -3.22
CA MET A 117 -12.88 -2.99 -2.72
C MET A 117 -12.77 -1.56 -3.25
N GLN A 118 -11.64 -1.21 -3.80
CA GLN A 118 -11.47 0.18 -4.34
C GLN A 118 -12.11 0.30 -5.72
N MET A 119 -11.80 -0.62 -6.60
CA MET A 119 -12.39 -0.56 -7.98
C MET A 119 -13.84 -1.08 -7.98
N SER A 120 -14.22 -1.77 -6.94
CA SER A 120 -15.63 -2.30 -6.89
C SER A 120 -16.55 -1.25 -6.28
N LEU A 121 -16.04 -0.41 -5.42
CA LEU A 121 -16.91 0.63 -4.79
C LEU A 121 -17.49 1.55 -5.87
N GLN A 122 -16.84 1.64 -7.00
CA GLN A 122 -17.35 2.52 -8.10
C GLN A 122 -17.94 1.66 -9.22
N GLY A 123 -18.57 0.58 -8.88
CA GLY A 123 -19.17 -0.30 -9.93
C GLY A 123 -20.54 0.25 -10.34
N ALA A 124 -21.56 -0.04 -9.59
CA ALA A 124 -22.92 0.47 -9.94
C ALA A 124 -23.66 0.91 -8.67
N GLU A 125 -23.60 2.17 -8.34
CA GLU A 125 -24.31 2.66 -7.12
C GLU A 125 -24.67 4.14 -7.27
N PHE A 126 -25.75 4.43 -7.94
CA PHE A 126 -26.15 5.86 -8.12
C PHE A 126 -27.66 6.01 -7.92
N GLY A 127 -28.45 5.40 -8.76
CA GLY A 127 -29.93 5.51 -8.61
C GLY A 127 -30.58 5.47 -9.99
N GLN A 128 -30.05 6.20 -10.93
CA GLN A 128 -30.64 6.21 -12.31
C GLN A 128 -29.59 5.80 -13.34
N ALA A 129 -29.53 4.54 -13.66
CA ALA A 129 -28.53 4.07 -14.66
C ALA A 129 -28.87 2.65 -15.14
N GLU A 130 -28.76 1.68 -14.28
CA GLU A 130 -29.10 0.28 -14.68
C GLU A 130 -30.55 -0.04 -14.35
N SER A 131 -31.06 0.51 -13.28
CA SER A 131 -32.48 0.24 -12.90
C SER A 131 -33.39 1.36 -13.42
N ALA A 132 -34.68 1.22 -13.23
CA ALA A 132 -35.61 2.28 -13.71
C ALA A 132 -36.26 2.99 -12.53
N MET B 1 -25.20 -18.50 -16.09
CA MET B 1 -24.85 -17.06 -16.13
C MET B 1 -23.33 -16.88 -16.37
N GLN B 2 -22.95 -15.83 -17.04
CA GLN B 2 -21.51 -15.59 -17.29
C GLN B 2 -21.02 -14.40 -16.46
N ILE B 3 -19.85 -14.50 -15.89
CA ILE B 3 -19.33 -13.37 -15.07
C ILE B 3 -17.85 -13.13 -15.36
N PHE B 4 -17.36 -11.95 -15.09
CA PHE B 4 -15.93 -11.64 -15.35
C PHE B 4 -15.17 -11.44 -14.05
N VAL B 5 -13.91 -11.82 -14.03
CA VAL B 5 -13.10 -11.64 -12.79
C VAL B 5 -11.81 -10.90 -13.12
N LYS B 6 -11.61 -9.74 -12.54
CA LYS B 6 -10.38 -8.95 -12.83
C LYS B 6 -9.36 -9.13 -11.70
N THR B 7 -8.15 -9.49 -12.04
CA THR B 7 -7.11 -9.68 -10.98
C THR B 7 -6.27 -8.41 -10.83
N LEU B 8 -5.36 -8.40 -9.87
CA LEU B 8 -4.51 -7.21 -9.65
C LEU B 8 -3.66 -6.90 -10.90
N THR B 9 -3.56 -7.83 -11.82
CA THR B 9 -2.74 -7.58 -13.04
C THR B 9 -3.63 -7.10 -14.19
N GLY B 10 -4.81 -6.60 -13.89
CA GLY B 10 -5.71 -6.11 -14.96
C GLY B 10 -6.17 -7.27 -15.85
N LYS B 11 -5.97 -8.49 -15.42
CA LYS B 11 -6.41 -9.66 -16.24
C LYS B 11 -7.89 -9.96 -15.97
N THR B 12 -8.67 -10.07 -17.00
CA THR B 12 -10.13 -10.38 -16.80
C THR B 12 -10.46 -11.77 -17.34
N ILE B 13 -11.03 -12.60 -16.52
CA ILE B 13 -11.39 -13.98 -16.98
C ILE B 13 -12.90 -14.13 -17.10
N THR B 14 -13.36 -14.83 -18.10
CA THR B 14 -14.84 -15.04 -18.26
C THR B 14 -15.21 -16.44 -17.78
N LEU B 15 -16.09 -16.54 -16.83
CA LEU B 15 -16.48 -17.89 -16.31
C LEU B 15 -17.99 -18.10 -16.42
N GLU B 16 -18.42 -19.34 -16.48
CA GLU B 16 -19.88 -19.63 -16.58
C GLU B 16 -20.38 -20.17 -15.24
N VAL B 17 -21.23 -19.43 -14.58
CA VAL B 17 -21.76 -19.89 -13.26
C VAL B 17 -23.24 -19.58 -13.13
N GLU B 18 -23.84 -20.01 -12.05
CA GLU B 18 -25.28 -19.73 -11.82
C GLU B 18 -25.43 -18.80 -10.62
N PRO B 19 -26.59 -18.22 -10.47
CA PRO B 19 -26.83 -17.30 -9.32
C PRO B 19 -26.95 -18.10 -8.02
N SER B 20 -27.38 -19.33 -8.09
CA SER B 20 -27.51 -20.15 -6.84
C SER B 20 -26.16 -20.79 -6.49
N ASP B 21 -25.16 -20.60 -7.30
CA ASP B 21 -23.83 -21.20 -6.99
C ASP B 21 -23.18 -20.49 -5.81
N THR B 22 -22.45 -21.21 -5.00
CA THR B 22 -21.79 -20.60 -3.81
C THR B 22 -20.47 -19.95 -4.23
N ILE B 23 -20.02 -18.97 -3.48
CA ILE B 23 -18.73 -18.30 -3.83
C ILE B 23 -17.60 -19.32 -3.83
N GLU B 24 -17.66 -20.30 -2.96
CA GLU B 24 -16.60 -21.34 -2.92
C GLU B 24 -16.57 -22.09 -4.25
N ASN B 25 -17.72 -22.32 -4.83
CA ASN B 25 -17.77 -23.03 -6.13
C ASN B 25 -17.21 -22.11 -7.23
N VAL B 26 -17.39 -20.83 -7.07
CA VAL B 26 -16.84 -19.88 -8.09
C VAL B 26 -15.32 -19.86 -7.99
N LYS B 27 -14.80 -19.88 -6.80
CA LYS B 27 -13.32 -19.88 -6.63
C LYS B 27 -12.74 -21.16 -7.24
N ALA B 28 -13.39 -22.27 -7.02
CA ALA B 28 -12.90 -23.55 -7.60
C ALA B 28 -12.90 -23.44 -9.12
N LYS B 29 -13.86 -22.72 -9.66
CA LYS B 29 -13.92 -22.55 -11.14
C LYS B 29 -12.73 -21.69 -11.59
N ILE B 30 -12.33 -20.75 -10.77
CA ILE B 30 -11.17 -19.89 -11.14
C ILE B 30 -9.91 -20.75 -11.14
N GLN B 31 -9.75 -21.60 -10.16
CA GLN B 31 -8.55 -22.47 -10.10
C GLN B 31 -8.48 -23.35 -11.36
N ASP B 32 -9.55 -24.04 -11.66
CA ASP B 32 -9.56 -24.93 -12.87
C ASP B 32 -9.26 -24.10 -14.13
N LYS B 33 -9.55 -22.83 -14.10
CA LYS B 33 -9.28 -21.97 -15.30
C LYS B 33 -7.82 -21.50 -15.31
N GLU B 34 -7.30 -21.10 -14.18
CA GLU B 34 -5.89 -20.61 -14.13
C GLU B 34 -5.00 -21.64 -13.44
N GLY B 35 -5.34 -22.05 -12.25
CA GLY B 35 -4.51 -23.05 -11.51
C GLY B 35 -4.19 -22.55 -10.11
N ILE B 36 -4.88 -21.54 -9.64
CA ILE B 36 -4.61 -21.02 -8.27
C ILE B 36 -5.51 -21.73 -7.25
N PRO B 37 -4.97 -21.97 -6.08
CA PRO B 37 -5.76 -22.66 -5.02
C PRO B 37 -6.89 -21.75 -4.52
N PRO B 38 -8.04 -22.33 -4.34
CA PRO B 38 -9.23 -21.56 -3.86
C PRO B 38 -8.97 -20.96 -2.47
N ASP B 39 -8.10 -21.56 -1.71
CA ASP B 39 -7.81 -21.01 -0.36
C ASP B 39 -7.06 -19.67 -0.49
N GLN B 40 -6.40 -19.46 -1.59
CA GLN B 40 -5.66 -18.19 -1.79
C GLN B 40 -6.45 -17.24 -2.68
N GLN B 41 -7.63 -17.63 -3.09
CA GLN B 41 -8.45 -16.73 -3.97
C GLN B 41 -9.41 -15.88 -3.13
N ARG B 42 -9.54 -14.63 -3.47
CA ARG B 42 -10.47 -13.74 -2.71
C ARG B 42 -11.38 -12.99 -3.69
N LEU B 43 -12.68 -13.09 -3.51
CA LEU B 43 -13.61 -12.40 -4.43
C LEU B 43 -14.20 -11.15 -3.78
N ILE B 44 -14.01 -10.01 -4.40
CA ILE B 44 -14.57 -8.74 -3.83
C ILE B 44 -15.51 -8.10 -4.85
N PHE B 45 -16.67 -7.68 -4.40
CA PHE B 45 -17.66 -7.04 -5.33
C PHE B 45 -18.34 -5.87 -4.62
N ALA B 46 -18.62 -4.81 -5.34
CA ALA B 46 -19.29 -3.63 -4.71
C ALA B 46 -18.65 -3.26 -3.38
N GLY B 47 -17.37 -3.56 -3.22
CA GLY B 47 -16.68 -3.21 -1.94
C GLY B 47 -17.00 -4.25 -0.87
N LYS B 48 -17.75 -5.27 -1.19
CA LYS B 48 -18.09 -6.30 -0.18
C LYS B 48 -17.39 -7.62 -0.51
N GLN B 49 -16.78 -8.24 0.46
CA GLN B 49 -16.09 -9.55 0.19
C GLN B 49 -17.14 -10.67 0.14
N LEU B 50 -17.02 -11.55 -0.82
CA LEU B 50 -18.03 -12.66 -0.92
C LEU B 50 -17.67 -13.80 0.02
N GLU B 51 -18.64 -14.33 0.73
CA GLU B 51 -18.36 -15.45 1.68
C GLU B 51 -18.60 -16.80 1.00
N ASP B 52 -17.64 -17.69 1.08
CA ASP B 52 -17.78 -19.03 0.47
C ASP B 52 -19.12 -19.69 0.84
N GLY B 53 -19.67 -19.32 1.97
CA GLY B 53 -20.97 -19.94 2.39
C GLY B 53 -22.15 -19.22 1.71
N ARG B 54 -21.92 -18.10 1.10
CA ARG B 54 -23.03 -17.36 0.43
C ARG B 54 -23.04 -17.64 -1.07
N THR B 55 -24.15 -17.40 -1.73
CA THR B 55 -24.22 -17.64 -3.20
C THR B 55 -24.09 -16.33 -3.97
N LEU B 56 -23.81 -16.40 -5.24
CA LEU B 56 -23.67 -15.14 -6.05
C LEU B 56 -24.93 -14.28 -5.93
N SER B 57 -26.08 -14.87 -6.00
CA SER B 57 -27.35 -14.09 -5.89
C SER B 57 -27.40 -13.28 -4.58
N ASP B 58 -26.85 -13.81 -3.52
CA ASP B 58 -26.86 -13.07 -2.23
C ASP B 58 -26.16 -11.72 -2.38
N TYR B 59 -25.24 -11.61 -3.28
CA TYR B 59 -24.51 -10.33 -3.47
C TYR B 59 -25.08 -9.57 -4.68
N ASN B 60 -26.31 -9.84 -5.04
CA ASN B 60 -26.94 -9.15 -6.20
C ASN B 60 -26.03 -9.22 -7.43
N ILE B 61 -25.27 -10.27 -7.55
CA ILE B 61 -24.36 -10.40 -8.73
C ILE B 61 -25.14 -10.93 -9.93
N GLN B 62 -25.29 -10.12 -10.95
CA GLN B 62 -26.04 -10.56 -12.15
C GLN B 62 -25.08 -10.86 -13.31
N LYS B 63 -25.56 -11.46 -14.36
CA LYS B 63 -24.68 -11.78 -15.52
C LYS B 63 -23.82 -10.58 -15.91
N GLU B 64 -22.71 -10.83 -16.53
CA GLU B 64 -21.79 -9.72 -16.96
C GLU B 64 -21.25 -8.96 -15.75
N SER B 65 -21.40 -9.52 -14.56
CA SER B 65 -20.89 -8.82 -13.34
C SER B 65 -19.36 -8.85 -13.32
N THR B 66 -18.74 -7.80 -12.84
CA THR B 66 -17.26 -7.76 -12.77
C THR B 66 -16.79 -7.91 -11.33
N LEU B 67 -16.15 -9.00 -11.00
CA LEU B 67 -15.68 -9.21 -9.60
C LEU B 67 -14.17 -8.95 -9.52
N HIS B 68 -13.66 -8.70 -8.34
CA HIS B 68 -12.21 -8.44 -8.20
C HIS B 68 -11.56 -9.63 -7.49
N LEU B 69 -10.43 -10.09 -7.98
CA LEU B 69 -9.77 -11.26 -7.33
C LEU B 69 -8.51 -10.82 -6.58
N VAL B 70 -8.36 -11.27 -5.36
CA VAL B 70 -7.16 -10.91 -4.55
C VAL B 70 -6.45 -12.18 -4.07
N LEU B 71 -5.23 -12.07 -3.64
CA LEU B 71 -4.49 -13.27 -3.17
C LEU B 71 -4.62 -13.42 -1.65
N ARG B 72 -4.97 -14.59 -1.20
CA ARG B 72 -5.12 -14.81 0.28
C ARG B 72 -3.91 -15.58 0.81
N LEU B 73 -2.88 -14.89 1.21
CA LEU B 73 -1.67 -15.58 1.75
C LEU B 73 -2.04 -16.43 2.97
N ARG B 74 -1.11 -17.22 3.45
CA ARG B 74 -1.41 -18.07 4.64
C ARG B 74 -0.85 -17.42 5.91
N GLY B 75 -0.85 -16.12 5.96
CA GLY B 75 -0.32 -15.41 7.17
C GLY B 75 -1.39 -15.39 8.26
N GLY B 76 -1.19 -14.60 9.28
CA GLY B 76 -2.21 -14.53 10.37
C GLY B 76 -2.76 -13.10 10.47
N HIS A 21 4.65 61.31 -0.85
CA HIS A 21 5.12 62.06 0.36
C HIS A 21 5.99 63.25 -0.06
N MET A 22 6.00 63.59 -1.32
CA MET A 22 6.83 64.74 -1.81
C MET A 22 8.28 64.56 -1.37
N LEU A 23 9.13 65.49 -1.71
CA LEU A 23 10.56 65.39 -1.31
C LEU A 23 10.89 66.49 -0.30
N GLY A 24 9.90 66.97 0.41
CA GLY A 24 10.14 68.05 1.41
C GLY A 24 10.50 67.42 2.76
N LEU A 25 9.93 66.30 3.07
CA LEU A 25 10.23 65.63 4.37
C LEU A 25 11.08 64.38 4.14
N GLY A 26 12.34 64.56 3.86
CA GLY A 26 13.23 63.38 3.62
C GLY A 26 14.48 63.50 4.48
N ALA A 27 15.56 63.98 3.91
CA ALA A 27 16.82 64.12 4.69
C ALA A 27 17.03 65.59 5.08
N SER A 28 16.23 66.11 5.97
CA SER A 28 16.39 67.53 6.39
C SER A 28 15.77 67.74 7.78
N ASP A 29 14.61 67.19 8.02
CA ASP A 29 13.96 67.37 9.36
C ASP A 29 14.75 66.59 10.42
N PHE A 30 15.36 65.50 10.03
CA PHE A 30 16.13 64.70 11.02
C PHE A 30 17.53 64.38 10.47
N GLU A 31 18.54 65.08 10.93
CA GLU A 31 19.91 64.83 10.44
C GLU A 31 20.75 64.13 11.51
N PHE A 32 20.17 63.22 12.24
CA PHE A 32 20.93 62.51 13.31
C PHE A 32 20.64 61.01 13.27
N GLY A 33 20.06 60.53 12.20
CA GLY A 33 19.75 59.06 12.11
C GLY A 33 18.93 58.65 13.33
N VAL A 34 17.88 59.37 13.63
CA VAL A 34 17.04 59.01 14.82
C VAL A 34 16.64 57.53 14.77
N ASP A 35 16.59 56.96 13.58
CA ASP A 35 16.20 55.53 13.46
C ASP A 35 17.16 54.82 12.48
N PRO A 36 17.43 53.57 12.76
CA PRO A 36 18.34 52.78 11.89
C PRO A 36 17.66 52.45 10.55
N SER A 37 16.37 52.60 10.47
CA SER A 37 15.66 52.30 9.19
C SER A 37 15.95 53.38 8.14
N ALA A 38 16.62 54.43 8.51
CA ALA A 38 16.93 55.51 7.52
C ALA A 38 18.45 55.63 7.33
N ASP A 39 19.19 54.60 7.64
CA ASP A 39 20.66 54.67 7.46
C ASP A 39 21.26 53.28 7.65
N PRO A 40 21.89 52.79 6.61
CA PRO A 40 22.51 51.45 6.65
C PRO A 40 23.75 51.47 7.56
N GLU A 41 24.22 52.64 7.90
CA GLU A 41 25.42 52.73 8.79
C GLU A 41 24.99 52.53 10.25
N LEU A 42 23.83 53.01 10.59
CA LEU A 42 23.33 52.85 11.99
C LEU A 42 22.59 51.52 12.10
N ALA A 43 22.02 51.04 11.02
CA ALA A 43 21.30 49.75 11.07
C ALA A 43 22.31 48.60 11.21
N LEU A 44 23.42 48.70 10.53
CA LEU A 44 24.45 47.64 10.63
C LEU A 44 25.26 47.82 11.92
N ALA A 45 25.42 49.04 12.36
CA ALA A 45 26.19 49.28 13.61
C ALA A 45 25.52 48.58 14.79
N LEU A 46 24.21 48.65 14.86
CA LEU A 46 23.49 47.98 15.98
C LEU A 46 23.34 46.49 15.68
N ARG A 47 23.42 46.10 14.45
CA ARG A 47 23.29 44.66 14.09
C ARG A 47 24.62 43.96 14.34
N VAL A 48 25.70 44.68 14.23
CA VAL A 48 27.03 44.07 14.48
C VAL A 48 27.31 44.02 15.98
N SER A 49 26.82 44.99 16.71
CA SER A 49 27.03 45.01 18.18
C SER A 49 26.25 43.87 18.84
N MET A 50 25.03 43.67 18.42
CA MET A 50 24.21 42.58 19.03
C MET A 50 24.80 41.21 18.63
N GLU A 51 25.28 41.10 17.43
CA GLU A 51 25.86 39.80 16.98
C GLU A 51 27.10 39.47 17.82
N GLU A 52 27.92 40.44 18.10
CA GLU A 52 29.14 40.18 18.93
C GLU A 52 28.73 39.68 20.32
N GLN A 53 27.76 40.31 20.92
CA GLN A 53 27.31 39.86 22.28
C GLN A 53 26.75 38.44 22.20
N ARG A 54 26.09 38.11 21.13
CA ARG A 54 25.53 36.73 20.99
C ARG A 54 26.65 35.72 20.87
N GLN A 55 27.71 36.07 20.17
CA GLN A 55 28.85 35.12 20.02
C GLN A 55 29.46 34.80 21.38
N ARG A 56 29.48 35.76 22.27
CA ARG A 56 30.06 35.52 23.62
C ARG A 56 29.13 34.61 24.43
N GLN A 57 27.85 34.71 24.21
CA GLN A 57 26.88 33.86 24.96
C GLN A 57 26.89 32.44 24.40
N GLU A 58 27.12 32.30 23.12
CA GLU A 58 27.16 30.94 22.50
C GLU A 58 28.53 30.33 22.69
N GLU A 59 29.57 31.00 22.27
CA GLU A 59 30.94 30.44 22.44
C GLU A 59 31.17 30.09 23.92
N GLU A 60 30.50 30.80 24.79
CA GLU A 60 30.65 30.51 26.26
C GLU A 60 29.62 29.47 26.68
N ALA A 61 28.44 29.51 26.10
CA ALA A 61 27.39 28.50 26.48
C ALA A 61 27.79 27.12 25.97
N ARG A 62 28.33 27.05 24.80
CA ARG A 62 28.74 25.72 24.23
C ARG A 62 30.05 25.25 24.89
N ARG A 63 30.95 26.15 25.16
CA ARG A 63 32.24 25.74 25.80
C ARG A 63 31.96 25.06 27.14
N ALA A 64 31.00 25.56 27.88
CA ALA A 64 30.67 24.93 29.20
C ALA A 64 29.93 23.61 28.97
N ALA A 65 29.21 23.52 27.88
CA ALA A 65 28.46 22.25 27.59
C ALA A 65 29.44 21.14 27.21
N ALA A 66 30.59 21.51 26.71
CA ALA A 66 31.59 20.47 26.32
C ALA A 66 32.45 20.07 27.52
N ALA A 67 32.78 21.01 28.36
CA ALA A 67 33.60 20.68 29.56
C ALA A 67 32.79 19.85 30.56
N SER A 68 31.50 19.99 30.56
CA SER A 68 30.66 19.20 31.50
C SER A 68 30.17 17.91 30.83
N ALA A 69 30.01 17.93 29.54
CA ALA A 69 29.54 16.70 28.83
C ALA A 69 30.70 15.73 28.63
N ALA A 70 31.91 16.21 28.60
CA ALA A 70 33.08 15.31 28.41
C ALA A 70 33.64 14.86 29.76
N GLU A 71 33.33 15.57 30.81
CA GLU A 71 33.85 15.20 32.16
C GLU A 71 32.71 14.71 33.05
N ALA A 72 31.59 15.37 33.02
CA ALA A 72 30.44 14.94 33.87
C ALA A 72 29.58 13.92 33.13
N GLY A 73 29.50 14.03 31.81
CA GLY A 73 28.69 13.07 31.04
C GLY A 73 29.58 12.28 30.07
N ILE A 74 30.64 11.72 30.57
CA ILE A 74 31.57 10.94 29.69
C ILE A 74 30.88 9.67 29.19
N ALA A 75 29.97 9.80 28.26
CA ALA A 75 29.26 8.59 27.72
C ALA A 75 28.77 8.85 26.30
N THR A 76 28.62 7.82 25.52
CA THR A 76 28.14 8.00 24.12
C THR A 76 26.69 7.52 23.99
N THR A 77 25.76 8.42 23.94
CA THR A 77 24.33 8.02 23.80
C THR A 77 23.85 8.26 22.37
N GLY A 78 23.84 7.24 21.55
CA GLY A 78 23.38 7.41 20.15
C GLY A 78 22.86 6.08 19.62
N THR A 79 21.67 5.70 20.00
CA THR A 79 21.10 4.40 19.52
C THR A 79 20.41 4.60 18.17
N GLU A 80 21.17 4.78 17.13
CA GLU A 80 20.57 4.97 15.78
C GLU A 80 20.63 3.69 14.96
N ASP A 81 20.32 2.58 15.57
CA ASP A 81 20.33 1.30 14.82
C ASP A 81 19.40 1.47 13.63
N SER A 82 19.96 1.77 12.49
CA SER A 82 19.13 2.00 11.27
C SER A 82 18.15 0.85 11.06
N ASP A 83 17.08 0.84 11.79
CA ASP A 83 16.07 -0.25 11.64
C ASP A 83 15.21 0.01 10.40
N ASP A 84 14.57 1.14 10.32
CA ASP A 84 13.73 1.43 9.13
C ASP A 84 14.63 1.81 7.96
N ALA A 85 15.78 2.37 8.23
CA ALA A 85 16.70 2.73 7.13
C ALA A 85 17.12 1.45 6.41
N LEU A 86 17.26 0.38 7.15
CA LEU A 86 17.64 -0.91 6.51
C LEU A 86 16.46 -1.43 5.71
N LEU A 87 15.26 -1.14 6.16
CA LEU A 87 14.05 -1.58 5.42
C LEU A 87 13.84 -0.71 4.18
N LYS A 88 14.07 0.56 4.32
CA LYS A 88 13.90 1.48 3.15
C LYS A 88 15.10 1.38 2.21
N MET A 89 16.29 1.48 2.74
CA MET A 89 17.51 1.39 1.87
C MET A 89 17.46 0.11 1.03
N THR A 90 16.96 -0.97 1.59
CA THR A 90 16.90 -2.25 0.83
C THR A 90 15.83 -2.16 -0.27
N ILE A 91 14.69 -1.59 0.04
CA ILE A 91 13.62 -1.48 -0.99
C ILE A 91 13.91 -0.30 -1.92
N SER A 92 14.75 0.61 -1.49
CA SER A 92 15.08 1.77 -2.35
C SER A 92 15.93 1.31 -3.54
N GLN A 93 16.90 0.48 -3.29
CA GLN A 93 17.76 -0.03 -4.41
C GLN A 93 16.99 -1.06 -5.22
N GLN A 94 16.07 -1.76 -4.60
CA GLN A 94 15.27 -2.79 -5.33
C GLN A 94 14.14 -2.11 -6.10
N GLU A 95 13.57 -1.07 -5.54
CA GLU A 95 12.45 -0.37 -6.23
C GLU A 95 12.95 0.29 -7.52
N PHE A 96 13.98 1.08 -7.43
CA PHE A 96 14.52 1.75 -8.66
C PHE A 96 15.00 0.70 -9.66
N GLY A 97 15.47 -0.43 -9.18
CA GLY A 97 15.95 -1.49 -10.11
C GLY A 97 14.76 -2.18 -10.76
N ARG A 98 13.69 -2.36 -10.03
CA ARG A 98 12.49 -3.03 -10.60
C ARG A 98 11.23 -2.20 -10.30
N THR A 99 10.51 -1.82 -11.32
CA THR A 99 9.28 -1.01 -11.09
C THR A 99 8.20 -1.39 -12.12
N GLY A 100 8.03 -2.65 -12.38
CA GLY A 100 7.01 -3.08 -13.38
C GLY A 100 5.79 -3.62 -12.64
N LEU A 101 5.55 -3.16 -11.44
CA LEU A 101 4.37 -3.64 -10.66
C LEU A 101 4.28 -2.83 -9.36
N PRO A 102 3.08 -2.70 -8.85
CA PRO A 102 2.89 -1.93 -7.60
C PRO A 102 3.33 -2.76 -6.37
N ASP A 103 4.40 -3.51 -6.50
CA ASP A 103 4.87 -4.33 -5.34
C ASP A 103 3.72 -5.16 -4.76
N LEU A 104 3.18 -6.06 -5.53
CA LEU A 104 2.06 -6.91 -5.03
C LEU A 104 2.51 -7.75 -3.83
N SER A 105 3.74 -8.18 -3.85
CA SER A 105 4.25 -9.01 -2.71
C SER A 105 4.18 -8.22 -1.40
N SER A 106 4.22 -6.91 -1.48
CA SER A 106 4.14 -6.08 -0.24
C SER A 106 2.69 -5.89 0.18
N MET A 107 1.78 -6.01 -0.75
CA MET A 107 0.34 -5.85 -0.40
C MET A 107 -0.22 -7.14 0.20
N THR A 108 -0.67 -7.09 1.41
CA THR A 108 -1.21 -8.33 2.06
C THR A 108 -2.61 -8.63 1.54
N GLU A 109 -3.30 -9.52 2.18
CA GLU A 109 -4.68 -9.87 1.75
C GLU A 109 -5.59 -8.66 1.95
N GLU A 110 -5.29 -7.85 2.93
CA GLU A 110 -6.12 -6.65 3.17
C GLU A 110 -5.63 -5.51 2.28
N GLU A 111 -4.34 -5.36 2.14
CA GLU A 111 -3.81 -4.29 1.25
C GLU A 111 -4.26 -4.60 -0.18
N GLN A 112 -4.13 -5.83 -0.59
CA GLN A 112 -4.60 -6.21 -1.95
C GLN A 112 -6.12 -6.07 -1.97
N ILE A 113 -6.75 -6.37 -0.86
CA ILE A 113 -8.23 -6.22 -0.78
C ILE A 113 -8.59 -4.76 -1.02
N ALA A 114 -7.81 -3.86 -0.46
CA ALA A 114 -8.09 -2.41 -0.67
C ALA A 114 -8.08 -2.12 -2.17
N TYR A 115 -7.28 -2.85 -2.90
CA TYR A 115 -7.21 -2.66 -4.37
C TYR A 115 -8.55 -3.01 -5.01
N ALA A 116 -9.07 -4.19 -4.72
CA ALA A 116 -10.37 -4.60 -5.31
C ALA A 116 -11.52 -3.84 -4.63
N MET A 117 -11.34 -3.45 -3.41
CA MET A 117 -12.43 -2.71 -2.70
C MET A 117 -12.40 -1.23 -3.11
N GLN A 118 -11.26 -0.75 -3.54
CA GLN A 118 -11.15 0.67 -3.95
C GLN A 118 -11.68 0.85 -5.39
N MET A 119 -11.66 -0.19 -6.17
CA MET A 119 -12.15 -0.08 -7.58
C MET A 119 -13.62 -0.48 -7.66
N SER A 120 -14.13 -1.18 -6.68
CA SER A 120 -15.55 -1.60 -6.72
C SER A 120 -16.44 -0.59 -5.99
N LEU A 121 -15.87 0.18 -5.09
CA LEU A 121 -16.69 1.19 -4.35
C LEU A 121 -17.10 2.34 -5.27
N GLN A 122 -16.53 2.40 -6.46
CA GLN A 122 -16.89 3.51 -7.40
C GLN A 122 -18.35 3.38 -7.82
N GLY A 123 -18.78 2.21 -8.18
CA GLY A 123 -20.21 2.03 -8.60
C GLY A 123 -20.34 2.35 -10.08
N ALA A 124 -20.64 1.37 -10.89
CA ALA A 124 -20.79 1.62 -12.35
C ALA A 124 -22.25 1.96 -12.69
N GLU A 125 -22.64 3.19 -12.50
CA GLU A 125 -24.04 3.58 -12.81
C GLU A 125 -24.13 4.12 -14.24
N PHE A 126 -23.06 4.67 -14.75
CA PHE A 126 -23.09 5.21 -16.14
C PHE A 126 -22.57 4.15 -17.13
N GLY A 127 -22.54 2.91 -16.73
CA GLY A 127 -22.05 1.84 -17.65
C GLY A 127 -23.24 1.14 -18.31
N GLN A 128 -23.77 1.71 -19.36
CA GLN A 128 -24.93 1.08 -20.04
C GLN A 128 -24.49 0.40 -21.34
N ALA A 129 -23.97 -0.79 -21.24
CA ALA A 129 -23.52 -1.51 -22.47
C ALA A 129 -24.65 -2.37 -23.03
N GLU A 130 -25.47 -2.93 -22.17
CA GLU A 130 -26.59 -3.77 -22.64
C GLU A 130 -27.70 -3.82 -21.60
N SER A 131 -27.37 -4.15 -20.38
CA SER A 131 -28.40 -4.20 -19.31
C SER A 131 -27.80 -3.80 -17.96
N ALA A 132 -28.50 -3.00 -17.20
CA ALA A 132 -27.96 -2.57 -15.88
C ALA A 132 -29.06 -2.66 -14.81
N MET B 1 -25.25 -18.73 -15.94
CA MET B 1 -24.89 -17.39 -16.49
C MET B 1 -23.37 -17.22 -16.50
N GLN B 2 -22.87 -16.31 -17.32
CA GLN B 2 -21.40 -16.09 -17.38
C GLN B 2 -21.02 -14.84 -16.59
N ILE B 3 -19.86 -14.84 -15.98
CA ILE B 3 -19.44 -13.65 -15.19
C ILE B 3 -17.97 -13.33 -15.46
N PHE B 4 -17.55 -12.12 -15.22
CA PHE B 4 -16.13 -11.74 -15.47
C PHE B 4 -15.40 -11.44 -14.16
N VAL B 5 -14.15 -11.82 -14.08
CA VAL B 5 -13.36 -11.55 -12.84
C VAL B 5 -12.06 -10.85 -13.19
N LYS B 6 -11.80 -9.72 -12.58
CA LYS B 6 -10.54 -8.97 -12.90
C LYS B 6 -9.48 -9.24 -11.83
N THR B 7 -8.30 -9.62 -12.24
CA THR B 7 -7.22 -9.91 -11.24
C THR B 7 -6.32 -8.67 -11.04
N LEU B 8 -5.37 -8.77 -10.16
CA LEU B 8 -4.45 -7.62 -9.90
C LEU B 8 -3.68 -7.23 -11.16
N THR B 9 -3.65 -8.08 -12.15
CA THR B 9 -2.90 -7.76 -13.40
C THR B 9 -3.84 -7.16 -14.45
N GLY B 10 -5.00 -6.71 -14.06
CA GLY B 10 -5.96 -6.11 -15.04
C GLY B 10 -6.47 -7.19 -15.99
N LYS B 11 -6.21 -8.44 -15.70
CA LYS B 11 -6.70 -9.53 -16.61
C LYS B 11 -8.14 -9.89 -16.24
N THR B 12 -8.99 -10.08 -17.22
CA THR B 12 -10.41 -10.42 -16.92
C THR B 12 -10.72 -11.84 -17.40
N ILE B 13 -11.26 -12.66 -16.55
CA ILE B 13 -11.58 -14.07 -16.95
C ILE B 13 -13.09 -14.25 -17.08
N THR B 14 -13.53 -14.92 -18.10
CA THR B 14 -14.99 -15.16 -18.28
C THR B 14 -15.32 -16.58 -17.85
N LEU B 15 -16.17 -16.76 -16.88
CA LEU B 15 -16.51 -18.14 -16.42
C LEU B 15 -18.02 -18.40 -16.51
N GLU B 16 -18.41 -19.64 -16.45
CA GLU B 16 -19.86 -19.98 -16.52
C GLU B 16 -20.34 -20.39 -15.13
N VAL B 17 -21.19 -19.61 -14.52
CA VAL B 17 -21.68 -19.95 -13.16
C VAL B 17 -23.17 -19.63 -13.01
N GLU B 18 -23.77 -20.08 -11.95
CA GLU B 18 -25.22 -19.79 -11.72
C GLU B 18 -25.35 -18.86 -10.50
N PRO B 19 -26.51 -18.28 -10.35
CA PRO B 19 -26.75 -17.37 -9.20
C PRO B 19 -26.84 -18.16 -7.89
N SER B 20 -27.23 -19.40 -7.96
CA SER B 20 -27.33 -20.22 -6.72
C SER B 20 -25.97 -20.82 -6.36
N ASP B 21 -24.97 -20.62 -7.19
CA ASP B 21 -23.62 -21.19 -6.89
C ASP B 21 -22.97 -20.43 -5.73
N THR B 22 -22.24 -21.13 -4.90
CA THR B 22 -21.57 -20.47 -3.74
C THR B 22 -20.26 -19.83 -4.18
N ILE B 23 -19.76 -18.87 -3.44
CA ILE B 23 -18.48 -18.21 -3.81
C ILE B 23 -17.37 -19.25 -3.85
N GLU B 24 -17.43 -20.23 -2.99
CA GLU B 24 -16.38 -21.30 -2.98
C GLU B 24 -16.40 -22.02 -4.32
N ASN B 25 -17.57 -22.20 -4.89
CA ASN B 25 -17.66 -22.88 -6.21
C ASN B 25 -17.09 -21.96 -7.29
N VAL B 26 -17.23 -20.68 -7.11
CA VAL B 26 -16.69 -19.72 -8.12
C VAL B 26 -15.16 -19.74 -8.06
N LYS B 27 -14.62 -19.80 -6.87
CA LYS B 27 -13.13 -19.85 -6.72
C LYS B 27 -12.61 -21.12 -7.38
N ALA B 28 -13.26 -22.24 -7.15
CA ALA B 28 -12.81 -23.51 -7.78
C ALA B 28 -12.87 -23.38 -9.30
N LYS B 29 -13.82 -22.62 -9.80
CA LYS B 29 -13.94 -22.44 -11.27
C LYS B 29 -12.73 -21.63 -11.78
N ILE B 30 -12.32 -20.63 -11.02
CA ILE B 30 -11.16 -19.81 -11.45
C ILE B 30 -9.89 -20.67 -11.42
N GLN B 31 -9.73 -21.47 -10.39
CA GLN B 31 -8.52 -22.35 -10.31
C GLN B 31 -8.48 -23.29 -11.51
N ASP B 32 -9.59 -23.94 -11.80
CA ASP B 32 -9.63 -24.86 -12.96
C ASP B 32 -9.27 -24.12 -14.25
N LYS B 33 -9.54 -22.84 -14.30
CA LYS B 33 -9.21 -22.06 -15.53
C LYS B 33 -7.74 -21.63 -15.52
N GLU B 34 -7.26 -21.20 -14.38
CA GLU B 34 -5.84 -20.77 -14.28
C GLU B 34 -5.05 -21.81 -13.46
N GLY B 35 -4.46 -21.42 -12.36
CA GLY B 35 -3.69 -22.41 -11.54
C GLY B 35 -3.53 -21.88 -10.11
N ILE B 36 -4.38 -20.99 -9.68
CA ILE B 36 -4.27 -20.46 -8.30
C ILE B 36 -5.14 -21.29 -7.35
N PRO B 37 -4.64 -21.49 -6.14
CA PRO B 37 -5.41 -22.27 -5.13
C PRO B 37 -6.64 -21.48 -4.68
N PRO B 38 -7.76 -22.17 -4.58
CA PRO B 38 -9.03 -21.53 -4.16
C PRO B 38 -8.90 -20.94 -2.74
N ASP B 39 -8.05 -21.51 -1.93
CA ASP B 39 -7.88 -20.98 -0.54
C ASP B 39 -7.20 -19.61 -0.57
N GLN B 40 -6.49 -19.32 -1.62
CA GLN B 40 -5.79 -17.99 -1.71
C GLN B 40 -6.58 -17.03 -2.61
N GLN B 41 -7.74 -17.43 -3.06
CA GLN B 41 -8.54 -16.53 -3.95
C GLN B 41 -9.54 -15.72 -3.13
N ARG B 42 -9.70 -14.46 -3.46
CA ARG B 42 -10.67 -13.61 -2.70
C ARG B 42 -11.59 -12.89 -3.68
N LEU B 43 -12.87 -12.92 -3.45
CA LEU B 43 -13.82 -12.23 -4.38
C LEU B 43 -14.33 -10.93 -3.76
N ILE B 44 -14.17 -9.84 -4.46
CA ILE B 44 -14.64 -8.52 -3.94
C ILE B 44 -15.65 -7.92 -4.92
N PHE B 45 -16.77 -7.45 -4.41
CA PHE B 45 -17.79 -6.84 -5.32
C PHE B 45 -18.41 -5.62 -4.65
N ALA B 46 -18.64 -4.57 -5.39
CA ALA B 46 -19.23 -3.32 -4.81
C ALA B 46 -18.56 -2.95 -3.48
N GLY B 47 -17.31 -3.31 -3.32
CA GLY B 47 -16.59 -2.97 -2.06
C GLY B 47 -16.90 -3.99 -0.96
N LYS B 48 -17.68 -5.00 -1.27
CA LYS B 48 -18.03 -6.02 -0.23
C LYS B 48 -17.37 -7.36 -0.56
N GLN B 49 -16.68 -7.94 0.40
CA GLN B 49 -16.02 -9.26 0.14
C GLN B 49 -17.07 -10.37 0.21
N LEU B 50 -17.05 -11.28 -0.73
CA LEU B 50 -18.07 -12.37 -0.71
C LEU B 50 -17.61 -13.51 0.20
N GLU B 51 -18.52 -14.09 0.95
CA GLU B 51 -18.14 -15.20 1.86
C GLU B 51 -18.34 -16.56 1.17
N ASP B 52 -17.37 -17.43 1.26
CA ASP B 52 -17.51 -18.78 0.63
C ASP B 52 -18.85 -19.44 0.96
N GLY B 53 -19.43 -19.09 2.08
CA GLY B 53 -20.73 -19.70 2.48
C GLY B 53 -21.90 -18.98 1.79
N ARG B 54 -21.65 -17.88 1.14
CA ARG B 54 -22.76 -17.14 0.46
C ARG B 54 -22.78 -17.46 -1.03
N THR B 55 -23.90 -17.27 -1.68
CA THR B 55 -23.99 -17.56 -3.14
C THR B 55 -23.92 -16.25 -3.94
N LEU B 56 -23.64 -16.34 -5.21
CA LEU B 56 -23.56 -15.10 -6.05
C LEU B 56 -24.83 -14.27 -5.92
N SER B 57 -25.98 -14.91 -5.96
CA SER B 57 -27.27 -14.16 -5.85
C SER B 57 -27.31 -13.34 -4.55
N ASP B 58 -26.72 -13.84 -3.50
CA ASP B 58 -26.73 -13.10 -2.20
C ASP B 58 -26.07 -11.74 -2.38
N TYR B 59 -25.15 -11.62 -3.31
CA TYR B 59 -24.47 -10.32 -3.52
C TYR B 59 -25.06 -9.60 -4.74
N ASN B 60 -26.29 -9.90 -5.05
CA ASN B 60 -26.95 -9.26 -6.24
C ASN B 60 -26.08 -9.37 -7.49
N ILE B 61 -25.31 -10.42 -7.59
CA ILE B 61 -24.43 -10.59 -8.79
C ILE B 61 -25.25 -11.17 -9.94
N GLN B 62 -25.43 -10.41 -10.99
CA GLN B 62 -26.21 -10.91 -12.16
C GLN B 62 -25.28 -11.26 -13.32
N LYS B 63 -25.79 -11.93 -14.32
CA LYS B 63 -24.94 -12.30 -15.49
C LYS B 63 -24.11 -11.11 -15.97
N GLU B 64 -22.98 -11.39 -16.57
CA GLU B 64 -22.09 -10.30 -17.06
C GLU B 64 -21.59 -9.44 -15.90
N SER B 65 -21.70 -9.92 -14.70
CA SER B 65 -21.23 -9.13 -13.53
C SER B 65 -19.70 -9.08 -13.50
N THR B 66 -19.13 -7.99 -13.05
CA THR B 66 -17.64 -7.89 -12.99
C THR B 66 -17.17 -7.97 -11.53
N LEU B 67 -16.54 -9.05 -11.17
CA LEU B 67 -16.05 -9.19 -9.77
C LEU B 67 -14.55 -8.94 -9.70
N HIS B 68 -14.04 -8.63 -8.54
CA HIS B 68 -12.58 -8.37 -8.41
C HIS B 68 -11.91 -9.53 -7.65
N LEU B 69 -10.76 -9.95 -8.09
CA LEU B 69 -10.07 -11.08 -7.40
C LEU B 69 -8.85 -10.58 -6.64
N VAL B 70 -8.70 -11.00 -5.41
CA VAL B 70 -7.52 -10.57 -4.60
C VAL B 70 -6.76 -11.79 -4.09
N LEU B 71 -5.50 -11.63 -3.76
CA LEU B 71 -4.70 -12.79 -3.26
C LEU B 71 -4.75 -12.85 -1.74
N ARG B 72 -5.02 -14.00 -1.18
CA ARG B 72 -5.09 -14.12 0.30
C ARG B 72 -3.93 -14.99 0.81
N LEU B 73 -3.58 -14.84 2.06
CA LEU B 73 -2.46 -15.66 2.62
C LEU B 73 -2.94 -16.46 3.83
N ARG B 74 -2.29 -17.56 4.14
CA ARG B 74 -2.71 -18.37 5.31
C ARG B 74 -1.50 -19.00 5.99
N GLY B 75 -1.62 -19.35 7.24
CA GLY B 75 -0.47 -19.95 7.97
C GLY B 75 0.30 -18.87 8.72
N GLY B 76 0.62 -17.79 8.07
CA GLY B 76 1.37 -16.69 8.74
C GLY B 76 0.45 -16.00 9.76
N HIS A 21 83.75 -47.78 -1.70
CA HIS A 21 82.84 -47.22 -2.74
C HIS A 21 82.19 -48.37 -3.53
N MET A 22 80.96 -48.68 -3.25
CA MET A 22 80.26 -49.77 -3.99
C MET A 22 79.60 -49.22 -5.24
N LEU A 23 78.90 -50.06 -5.97
CA LEU A 23 78.20 -49.58 -7.20
C LEU A 23 76.69 -49.66 -6.99
N GLY A 24 76.25 -49.59 -5.76
CA GLY A 24 74.79 -49.66 -5.49
C GLY A 24 74.16 -48.28 -5.71
N LEU A 25 74.17 -47.80 -6.93
CA LEU A 25 73.58 -46.47 -7.22
C LEU A 25 72.81 -46.51 -8.54
N GLY A 26 71.80 -47.35 -8.63
CA GLY A 26 71.01 -47.44 -9.88
C GLY A 26 70.13 -46.20 -10.02
N ALA A 27 68.85 -46.38 -10.25
CA ALA A 27 67.94 -45.20 -10.39
C ALA A 27 66.48 -45.66 -10.30
N SER A 28 66.13 -46.71 -10.98
CA SER A 28 64.72 -47.20 -10.94
C SER A 28 64.36 -47.64 -9.51
N ASP A 29 65.34 -48.06 -8.75
CA ASP A 29 65.06 -48.50 -7.35
C ASP A 29 64.78 -47.30 -6.46
N PHE A 30 65.04 -46.11 -6.92
CA PHE A 30 64.77 -44.90 -6.09
C PHE A 30 64.18 -43.78 -6.94
N GLU A 31 62.87 -43.66 -6.96
CA GLU A 31 62.23 -42.60 -7.78
C GLU A 31 60.75 -42.47 -7.42
N PHE A 32 60.41 -42.70 -6.18
CA PHE A 32 58.98 -42.60 -5.76
C PHE A 32 58.89 -42.61 -4.22
N GLY A 33 59.61 -43.49 -3.59
CA GLY A 33 59.56 -43.56 -2.10
C GLY A 33 60.84 -42.98 -1.51
N VAL A 34 61.46 -42.07 -2.20
CA VAL A 34 62.72 -41.46 -1.68
C VAL A 34 62.45 -40.03 -1.18
N ASP A 35 62.03 -39.15 -2.06
CA ASP A 35 61.76 -37.75 -1.63
C ASP A 35 61.01 -37.01 -2.75
N PRO A 36 60.41 -35.90 -2.39
CA PRO A 36 59.66 -35.08 -3.37
C PRO A 36 60.62 -34.39 -4.35
N SER A 37 61.87 -34.26 -3.99
CA SER A 37 62.84 -33.60 -4.91
C SER A 37 63.05 -34.44 -6.16
N ALA A 38 62.62 -35.67 -6.16
CA ALA A 38 62.80 -36.54 -7.37
C ALA A 38 61.99 -36.00 -8.54
N ASP A 39 61.06 -35.12 -8.28
CA ASP A 39 60.23 -34.55 -9.39
C ASP A 39 59.42 -33.36 -8.87
N PRO A 40 59.67 -32.22 -9.46
CA PRO A 40 58.96 -31.00 -9.05
C PRO A 40 57.49 -31.07 -9.49
N GLU A 41 57.17 -31.98 -10.37
CA GLU A 41 55.76 -32.12 -10.83
C GLU A 41 54.93 -32.79 -9.73
N LEU A 42 55.54 -33.66 -8.98
CA LEU A 42 54.81 -34.35 -7.88
C LEU A 42 54.88 -33.51 -6.61
N ALA A 43 55.92 -32.73 -6.46
CA ALA A 43 56.04 -31.87 -5.26
C ALA A 43 55.03 -30.73 -5.34
N LEU A 44 54.85 -30.17 -6.50
CA LEU A 44 53.88 -29.06 -6.66
C LEU A 44 52.45 -29.62 -6.71
N ALA A 45 52.30 -30.80 -7.25
CA ALA A 45 50.95 -31.42 -7.31
C ALA A 45 50.42 -31.68 -5.89
N LEU A 46 51.28 -32.05 -4.99
CA LEU A 46 50.84 -32.31 -3.59
C LEU A 46 50.72 -31.00 -2.82
N ARG A 47 51.38 -29.96 -3.28
CA ARG A 47 51.29 -28.65 -2.58
C ARG A 47 50.05 -27.89 -3.07
N VAL A 48 49.64 -28.15 -4.29
CA VAL A 48 48.44 -27.44 -4.83
C VAL A 48 47.17 -28.10 -4.31
N SER A 49 47.19 -29.41 -4.16
CA SER A 49 45.97 -30.12 -3.65
C SER A 49 45.82 -29.86 -2.15
N MET A 50 46.88 -29.95 -1.41
CA MET A 50 46.79 -29.71 0.06
C MET A 50 46.41 -28.25 0.33
N GLU A 51 46.82 -27.35 -0.54
CA GLU A 51 46.48 -25.92 -0.34
C GLU A 51 45.02 -25.65 -0.72
N GLU A 52 44.56 -26.28 -1.77
CA GLU A 52 43.15 -26.07 -2.20
C GLU A 52 42.20 -26.61 -1.14
N GLN A 53 42.47 -27.77 -0.61
CA GLN A 53 41.59 -28.36 0.43
C GLN A 53 41.57 -27.46 1.67
N ARG A 54 42.71 -27.01 2.12
CA ARG A 54 42.77 -26.13 3.31
C ARG A 54 42.03 -24.82 3.04
N GLN A 55 42.16 -24.30 1.84
CA GLN A 55 41.45 -23.02 1.50
C GLN A 55 39.94 -23.19 1.68
N ARG A 56 39.42 -24.32 1.30
CA ARG A 56 37.95 -24.56 1.45
C ARG A 56 37.63 -24.91 2.91
N GLN A 57 38.43 -25.74 3.52
CA GLN A 57 38.16 -26.11 4.94
C GLN A 57 38.43 -24.92 5.85
N GLU A 58 39.24 -24.00 5.42
CA GLU A 58 39.54 -22.80 6.26
C GLU A 58 38.46 -21.75 6.05
N GLU A 59 38.25 -21.33 4.82
CA GLU A 59 37.19 -20.31 4.54
C GLU A 59 35.87 -20.78 5.16
N GLU A 60 35.66 -22.08 5.20
CA GLU A 60 34.42 -22.61 5.81
C GLU A 60 34.61 -22.74 7.31
N ALA A 61 35.81 -23.06 7.75
CA ALA A 61 36.06 -23.19 9.20
C ALA A 61 35.88 -21.83 9.89
N ARG A 62 36.51 -20.82 9.37
CA ARG A 62 36.37 -19.46 9.98
C ARG A 62 34.96 -18.93 9.73
N ARG A 63 34.36 -19.29 8.62
CA ARG A 63 32.97 -18.82 8.32
C ARG A 63 32.07 -19.15 9.51
N ALA A 64 32.23 -20.31 10.08
CA ALA A 64 31.41 -20.70 11.26
C ALA A 64 32.02 -20.08 12.52
N ALA A 65 33.31 -19.82 12.48
CA ALA A 65 33.98 -19.22 13.67
C ALA A 65 33.52 -17.77 13.86
N ALA A 66 33.13 -17.13 12.79
CA ALA A 66 32.67 -15.71 12.89
C ALA A 66 31.15 -15.67 13.10
N ALA A 67 30.42 -16.49 12.39
CA ALA A 67 28.94 -16.49 12.55
C ALA A 67 28.56 -16.93 13.97
N SER A 68 29.38 -17.74 14.59
CA SER A 68 29.07 -18.20 15.97
C SER A 68 29.66 -17.23 17.00
N ALA A 69 30.79 -16.64 16.70
CA ALA A 69 31.42 -15.68 17.66
C ALA A 69 30.61 -14.39 17.70
N ALA A 70 29.99 -14.02 16.61
CA ALA A 70 29.19 -12.75 16.59
C ALA A 70 27.95 -12.91 17.47
N GLU A 71 27.47 -14.11 17.64
CA GLU A 71 26.26 -14.33 18.49
C GLU A 71 26.52 -13.84 19.91
N ALA A 72 27.76 -13.87 20.35
CA ALA A 72 28.08 -13.41 21.73
C ALA A 72 29.12 -12.28 21.67
N GLY A 73 29.24 -11.62 20.56
CA GLY A 73 30.24 -10.51 20.44
C GLY A 73 29.55 -9.25 19.93
N ILE A 74 28.91 -9.33 18.79
CA ILE A 74 28.21 -8.13 18.23
C ILE A 74 26.98 -8.56 17.44
N ALA A 75 25.89 -8.85 18.12
CA ALA A 75 24.66 -9.27 17.40
C ALA A 75 23.70 -8.08 17.24
N THR A 76 23.35 -7.74 16.03
CA THR A 76 22.43 -6.59 15.81
C THR A 76 20.99 -7.01 16.12
N THR A 77 20.56 -6.85 17.34
CA THR A 77 19.17 -7.24 17.71
C THR A 77 18.18 -6.18 17.23
N GLY A 78 17.57 -6.39 16.10
CA GLY A 78 16.59 -5.38 15.58
C GLY A 78 15.36 -6.11 15.02
N THR A 79 15.12 -6.00 13.75
CA THR A 79 13.93 -6.68 13.15
C THR A 79 14.04 -6.70 11.63
N GLU A 80 14.41 -7.81 11.05
CA GLU A 80 14.54 -7.89 9.58
C GLU A 80 13.55 -8.94 9.02
N ASP A 81 12.36 -8.52 8.68
CA ASP A 81 11.36 -9.48 8.13
C ASP A 81 11.63 -9.73 6.64
N SER A 82 11.92 -8.69 5.90
CA SER A 82 12.19 -8.87 4.44
C SER A 82 13.57 -8.33 4.09
N ASP A 83 14.60 -9.11 4.31
CA ASP A 83 15.97 -8.65 3.98
C ASP A 83 16.10 -8.37 2.48
N ASP A 84 15.37 -9.10 1.67
CA ASP A 84 15.43 -8.87 0.20
C ASP A 84 14.65 -7.61 -0.13
N ALA A 85 13.63 -7.31 0.63
CA ALA A 85 12.85 -6.08 0.35
C ALA A 85 13.76 -4.87 0.49
N LEU A 86 14.67 -4.93 1.43
CA LEU A 86 15.61 -3.79 1.62
C LEU A 86 16.60 -3.78 0.45
N LEU A 87 16.90 -4.93 -0.09
CA LEU A 87 17.84 -5.00 -1.25
C LEU A 87 17.12 -4.56 -2.52
N LYS A 88 15.88 -4.92 -2.67
CA LYS A 88 15.11 -4.51 -3.88
C LYS A 88 14.56 -3.09 -3.73
N MET A 89 13.87 -2.83 -2.66
CA MET A 89 13.32 -1.45 -2.44
C MET A 89 14.43 -0.40 -2.55
N THR A 90 15.59 -0.70 -2.01
CA THR A 90 16.72 0.27 -2.08
C THR A 90 17.23 0.41 -3.52
N ILE A 91 17.33 -0.68 -4.23
CA ILE A 91 17.82 -0.60 -5.63
C ILE A 91 16.67 -0.26 -6.59
N SER A 92 15.45 -0.35 -6.11
CA SER A 92 14.29 -0.03 -6.99
C SER A 92 14.10 1.48 -7.06
N GLN A 93 14.47 2.19 -6.03
CA GLN A 93 14.32 3.67 -6.03
C GLN A 93 15.62 4.34 -6.50
N GLN A 94 16.73 3.68 -6.32
CA GLN A 94 18.03 4.28 -6.76
C GLN A 94 18.43 3.73 -8.13
N GLU A 95 17.99 2.54 -8.46
CA GLU A 95 18.35 1.94 -9.78
C GLU A 95 17.11 1.81 -10.66
N PHE A 96 15.94 1.78 -10.06
CA PHE A 96 14.68 1.65 -10.86
C PHE A 96 14.77 0.45 -11.81
N GLY A 97 14.98 -0.72 -11.27
CA GLY A 97 15.06 -1.94 -12.13
C GLY A 97 13.67 -2.49 -12.37
N ARG A 98 12.94 -2.77 -11.33
CA ARG A 98 11.56 -3.32 -11.49
C ARG A 98 10.52 -2.29 -11.03
N THR A 99 9.68 -1.84 -11.92
CA THR A 99 8.65 -0.83 -11.53
C THR A 99 7.43 -0.95 -12.46
N GLY A 100 7.14 -2.12 -12.94
CA GLY A 100 5.97 -2.30 -13.84
C GLY A 100 4.78 -2.81 -13.04
N LEU A 101 4.64 -2.38 -11.82
CA LEU A 101 3.50 -2.84 -10.97
C LEU A 101 3.52 -2.08 -9.65
N PRO A 102 2.37 -1.93 -9.05
CA PRO A 102 2.30 -1.20 -7.77
C PRO A 102 2.80 -2.06 -6.61
N ASP A 103 3.85 -2.83 -6.82
CA ASP A 103 4.38 -3.70 -5.72
C ASP A 103 3.26 -4.52 -5.08
N LEU A 104 3.03 -5.71 -5.57
CA LEU A 104 1.96 -6.56 -4.99
C LEU A 104 2.50 -7.35 -3.80
N SER A 105 3.77 -7.67 -3.82
CA SER A 105 4.36 -8.45 -2.69
C SER A 105 4.32 -7.62 -1.40
N SER A 106 4.11 -6.33 -1.50
CA SER A 106 4.06 -5.47 -0.29
C SER A 106 2.62 -5.37 0.23
N MET A 107 1.66 -5.61 -0.62
CA MET A 107 0.23 -5.54 -0.18
C MET A 107 -0.22 -6.90 0.36
N THR A 108 -0.69 -6.94 1.57
CA THR A 108 -1.15 -8.24 2.15
C THR A 108 -2.53 -8.61 1.62
N GLU A 109 -3.18 -9.53 2.26
CA GLU A 109 -4.54 -9.93 1.80
C GLU A 109 -5.52 -8.79 2.01
N GLU A 110 -5.29 -7.98 3.02
CA GLU A 110 -6.18 -6.83 3.27
C GLU A 110 -5.72 -5.64 2.43
N GLU A 111 -4.43 -5.45 2.33
CA GLU A 111 -3.91 -4.33 1.49
C GLU A 111 -4.33 -4.59 0.04
N GLN A 112 -4.15 -5.81 -0.41
CA GLN A 112 -4.58 -6.16 -1.79
C GLN A 112 -6.10 -6.07 -1.85
N ILE A 113 -6.75 -6.43 -0.77
CA ILE A 113 -8.23 -6.34 -0.72
C ILE A 113 -8.63 -4.89 -0.95
N ALA A 114 -7.89 -3.97 -0.39
CA ALA A 114 -8.19 -2.52 -0.60
C ALA A 114 -8.15 -2.23 -2.10
N TYR A 115 -7.26 -2.90 -2.79
CA TYR A 115 -7.16 -2.71 -4.27
C TYR A 115 -8.46 -3.12 -4.94
N ALA A 116 -9.05 -4.20 -4.49
CA ALA A 116 -10.33 -4.67 -5.09
C ALA A 116 -11.49 -3.82 -4.56
N MET A 117 -11.45 -3.44 -3.31
CA MET A 117 -12.54 -2.60 -2.75
C MET A 117 -12.40 -1.17 -3.23
N GLN A 118 -11.20 -0.79 -3.60
CA GLN A 118 -10.99 0.61 -4.10
C GLN A 118 -11.43 0.72 -5.56
N MET A 119 -11.41 -0.36 -6.28
CA MET A 119 -11.83 -0.32 -7.71
C MET A 119 -13.30 -0.74 -7.85
N SER A 120 -13.90 -1.22 -6.79
CA SER A 120 -15.32 -1.65 -6.87
C SER A 120 -16.24 -0.56 -6.29
N LEU A 121 -15.71 0.30 -5.47
CA LEU A 121 -16.55 1.39 -4.88
C LEU A 121 -17.16 2.26 -6.00
N GLN A 122 -16.59 2.21 -7.18
CA GLN A 122 -17.13 3.02 -8.29
C GLN A 122 -18.01 2.16 -9.20
N GLY A 123 -18.96 1.45 -8.63
CA GLY A 123 -19.85 0.59 -9.45
C GLY A 123 -20.68 1.46 -10.40
N ALA A 124 -21.96 1.57 -10.14
CA ALA A 124 -22.83 2.40 -11.02
C ALA A 124 -22.87 3.85 -10.51
N GLU A 125 -21.91 4.65 -10.88
CA GLU A 125 -21.89 6.07 -10.42
C GLU A 125 -22.93 6.88 -11.18
N PHE A 126 -22.65 7.20 -12.42
CA PHE A 126 -23.62 8.00 -13.23
C PHE A 126 -23.19 8.01 -14.71
N GLY A 127 -22.01 8.48 -14.99
CA GLY A 127 -21.53 8.52 -16.40
C GLY A 127 -20.88 9.88 -16.69
N GLN A 128 -21.36 10.92 -16.05
CA GLN A 128 -20.77 12.27 -16.28
C GLN A 128 -19.82 12.63 -15.14
N ALA A 129 -18.73 11.91 -15.01
CA ALA A 129 -17.76 12.21 -13.93
C ALA A 129 -16.45 11.46 -14.16
N GLU A 130 -15.71 11.85 -15.15
CA GLU A 130 -14.41 11.17 -15.44
C GLU A 130 -14.62 9.65 -15.58
N SER A 131 -15.77 9.25 -16.04
CA SER A 131 -16.05 7.79 -16.20
C SER A 131 -16.04 7.41 -17.68
N ALA A 132 -16.53 8.27 -18.52
CA ALA A 132 -16.55 7.96 -19.99
C ALA A 132 -15.94 9.12 -20.79
N MET B 1 -25.39 -18.52 -15.91
CA MET B 1 -25.04 -17.07 -15.89
C MET B 1 -23.53 -16.88 -16.07
N GLN B 2 -23.14 -16.09 -17.03
CA GLN B 2 -21.68 -15.85 -17.25
C GLN B 2 -21.23 -14.62 -16.46
N ILE B 3 -20.05 -14.66 -15.88
CA ILE B 3 -19.57 -13.49 -15.11
C ILE B 3 -18.10 -13.23 -15.41
N PHE B 4 -17.63 -12.03 -15.16
CA PHE B 4 -16.21 -11.68 -15.43
C PHE B 4 -15.45 -11.45 -14.13
N VAL B 5 -14.21 -11.87 -14.07
CA VAL B 5 -13.39 -11.66 -12.84
C VAL B 5 -12.06 -11.00 -13.21
N LYS B 6 -11.80 -9.84 -12.68
CA LYS B 6 -10.52 -9.14 -13.01
C LYS B 6 -9.49 -9.35 -11.90
N THR B 7 -8.28 -9.68 -12.27
CA THR B 7 -7.22 -9.91 -11.24
C THR B 7 -6.39 -8.63 -11.04
N LEU B 8 -5.48 -8.65 -10.10
CA LEU B 8 -4.64 -7.45 -9.84
C LEU B 8 -3.79 -7.09 -11.07
N THR B 9 -3.75 -7.95 -12.07
CA THR B 9 -2.93 -7.65 -13.28
C THR B 9 -3.80 -7.01 -14.38
N GLY B 10 -5.05 -6.77 -14.11
CA GLY B 10 -5.93 -6.14 -15.14
C GLY B 10 -6.49 -7.21 -16.08
N LYS B 11 -6.19 -8.46 -15.83
CA LYS B 11 -6.72 -9.55 -16.72
C LYS B 11 -8.13 -9.94 -16.28
N THR B 12 -9.05 -10.05 -17.20
CA THR B 12 -10.45 -10.43 -16.83
C THR B 12 -10.78 -11.81 -17.41
N ILE B 13 -11.32 -12.68 -16.60
CA ILE B 13 -11.67 -14.04 -17.08
C ILE B 13 -13.19 -14.21 -17.17
N THR B 14 -13.67 -14.87 -18.19
CA THR B 14 -15.14 -15.08 -18.32
C THR B 14 -15.50 -16.50 -17.89
N LEU B 15 -16.34 -16.65 -16.91
CA LEU B 15 -16.70 -18.03 -16.45
C LEU B 15 -18.22 -18.24 -16.50
N GLU B 16 -18.64 -19.47 -16.51
CA GLU B 16 -20.11 -19.77 -16.55
C GLU B 16 -20.56 -20.25 -15.17
N VAL B 17 -21.42 -19.50 -14.53
CA VAL B 17 -21.89 -19.91 -13.17
C VAL B 17 -23.37 -19.62 -13.00
N GLU B 18 -23.94 -20.07 -11.91
CA GLU B 18 -25.38 -19.81 -11.64
C GLU B 18 -25.51 -18.87 -10.43
N PRO B 19 -26.67 -18.32 -10.24
CA PRO B 19 -26.88 -17.40 -9.10
C PRO B 19 -26.92 -18.19 -7.79
N SER B 20 -27.29 -19.44 -7.84
CA SER B 20 -27.34 -20.27 -6.60
C SER B 20 -25.95 -20.85 -6.29
N ASP B 21 -24.99 -20.62 -7.15
CA ASP B 21 -23.62 -21.16 -6.91
C ASP B 21 -22.94 -20.42 -5.76
N THR B 22 -22.19 -21.12 -4.96
CA THR B 22 -21.49 -20.48 -3.82
C THR B 22 -20.18 -19.82 -4.28
N ILE B 23 -19.71 -18.84 -3.57
CA ILE B 23 -18.43 -18.18 -3.97
C ILE B 23 -17.30 -19.22 -4.00
N GLU B 24 -17.32 -20.14 -3.08
CA GLU B 24 -16.26 -21.20 -3.07
C GLU B 24 -16.30 -21.98 -4.38
N ASN B 25 -17.46 -22.16 -4.94
CA ASN B 25 -17.58 -22.88 -6.24
C ASN B 25 -17.00 -22.01 -7.35
N VAL B 26 -17.15 -20.71 -7.22
CA VAL B 26 -16.59 -19.80 -8.27
C VAL B 26 -15.06 -19.82 -8.19
N LYS B 27 -14.52 -19.84 -7.00
CA LYS B 27 -13.04 -19.89 -6.84
C LYS B 27 -12.52 -21.18 -7.45
N ALA B 28 -13.20 -22.28 -7.22
CA ALA B 28 -12.76 -23.58 -7.80
C ALA B 28 -12.78 -23.49 -9.32
N LYS B 29 -13.72 -22.76 -9.86
CA LYS B 29 -13.79 -22.62 -11.35
C LYS B 29 -12.60 -21.81 -11.84
N ILE B 30 -12.21 -20.81 -11.11
CA ILE B 30 -11.04 -19.98 -11.53
C ILE B 30 -9.77 -20.84 -11.45
N GLN B 31 -9.64 -21.64 -10.43
CA GLN B 31 -8.44 -22.52 -10.31
C GLN B 31 -8.38 -23.46 -11.52
N ASP B 32 -9.47 -24.09 -11.84
CA ASP B 32 -9.48 -25.03 -13.00
C ASP B 32 -9.08 -24.27 -14.28
N LYS B 33 -9.33 -23.00 -14.34
CA LYS B 33 -8.96 -22.21 -15.55
C LYS B 33 -7.49 -21.79 -15.47
N GLU B 34 -7.06 -21.36 -14.33
CA GLU B 34 -5.64 -20.93 -14.17
C GLU B 34 -4.87 -21.97 -13.34
N GLY B 35 -4.32 -21.58 -12.20
CA GLY B 35 -3.58 -22.56 -11.36
C GLY B 35 -3.46 -22.04 -9.92
N ILE B 36 -4.31 -21.12 -9.53
CA ILE B 36 -4.24 -20.59 -8.14
C ILE B 36 -5.16 -21.40 -7.22
N PRO B 37 -4.72 -21.60 -6.00
CA PRO B 37 -5.53 -22.37 -5.02
C PRO B 37 -6.79 -21.58 -4.64
N PRO B 38 -7.91 -22.26 -4.64
CA PRO B 38 -9.20 -21.60 -4.28
C PRO B 38 -9.16 -21.05 -2.86
N ASP B 39 -8.37 -21.64 -2.00
CA ASP B 39 -8.29 -21.14 -0.59
C ASP B 39 -7.62 -19.77 -0.56
N GLN B 40 -6.83 -19.46 -1.55
CA GLN B 40 -6.14 -18.13 -1.58
C GLN B 40 -6.86 -17.16 -2.53
N GLN B 41 -8.00 -17.56 -3.04
CA GLN B 41 -8.75 -16.66 -3.98
C GLN B 41 -9.79 -15.84 -3.20
N ARG B 42 -9.90 -14.58 -3.50
CA ARG B 42 -10.90 -13.72 -2.81
C ARG B 42 -11.70 -12.94 -3.84
N LEU B 43 -13.00 -12.98 -3.77
CA LEU B 43 -13.83 -12.24 -4.76
C LEU B 43 -14.43 -10.98 -4.14
N ILE B 44 -14.32 -9.87 -4.83
CA ILE B 44 -14.88 -8.60 -4.30
C ILE B 44 -15.91 -8.02 -5.26
N PHE B 45 -16.99 -7.50 -4.75
CA PHE B 45 -18.04 -6.91 -5.64
C PHE B 45 -18.60 -5.63 -5.03
N ALA B 46 -18.76 -4.60 -5.82
CA ALA B 46 -19.31 -3.31 -5.29
C ALA B 46 -18.63 -2.90 -3.98
N GLY B 47 -17.43 -3.35 -3.74
CA GLY B 47 -16.71 -2.98 -2.49
C GLY B 47 -17.06 -3.95 -1.36
N LYS B 48 -17.76 -5.01 -1.66
CA LYS B 48 -18.14 -5.99 -0.60
C LYS B 48 -17.39 -7.31 -0.80
N GLN B 49 -16.80 -7.84 0.24
CA GLN B 49 -16.07 -9.12 0.09
C GLN B 49 -17.06 -10.28 0.07
N LEU B 50 -16.93 -11.18 -0.88
CA LEU B 50 -17.89 -12.32 -0.95
C LEU B 50 -17.45 -13.45 -0.01
N GLU B 51 -18.37 -14.01 0.73
CA GLU B 51 -18.01 -15.11 1.68
C GLU B 51 -18.20 -16.47 1.01
N ASP B 52 -17.21 -17.32 1.09
CA ASP B 52 -17.32 -18.68 0.47
C ASP B 52 -18.64 -19.36 0.84
N GLY B 53 -19.20 -19.02 1.97
CA GLY B 53 -20.48 -19.66 2.40
C GLY B 53 -21.68 -18.98 1.74
N ARG B 54 -21.47 -17.86 1.09
CA ARG B 54 -22.61 -17.15 0.44
C ARG B 54 -22.64 -17.46 -1.06
N THR B 55 -23.77 -17.29 -1.69
CA THR B 55 -23.88 -17.56 -3.15
C THR B 55 -23.86 -16.25 -3.94
N LEU B 56 -23.64 -16.32 -5.22
CA LEU B 56 -23.61 -15.08 -6.05
C LEU B 56 -24.91 -14.27 -5.86
N SER B 57 -26.03 -14.93 -5.89
CA SER B 57 -27.34 -14.22 -5.73
C SER B 57 -27.37 -13.43 -4.42
N ASP B 58 -26.80 -13.97 -3.37
CA ASP B 58 -26.81 -13.25 -2.06
C ASP B 58 -26.14 -11.88 -2.19
N TYR B 59 -25.23 -11.74 -3.11
CA TYR B 59 -24.53 -10.43 -3.29
C TYR B 59 -25.14 -9.68 -4.48
N ASN B 60 -26.37 -9.97 -4.81
CA ASN B 60 -27.02 -9.28 -5.96
C ASN B 60 -26.14 -9.34 -7.21
N ILE B 61 -25.35 -10.37 -7.35
CA ILE B 61 -24.47 -10.49 -8.56
C ILE B 61 -25.28 -11.02 -9.74
N GLN B 62 -25.43 -10.21 -10.77
CA GLN B 62 -26.20 -10.67 -11.96
C GLN B 62 -25.26 -10.99 -13.12
N LYS B 63 -25.78 -11.57 -14.18
CA LYS B 63 -24.93 -11.91 -15.36
C LYS B 63 -24.04 -10.73 -15.76
N GLU B 64 -22.92 -11.03 -16.37
CA GLU B 64 -21.98 -9.94 -16.81
C GLU B 64 -21.45 -9.17 -15.59
N SER B 65 -21.56 -9.72 -14.42
CA SER B 65 -21.05 -9.02 -13.20
C SER B 65 -19.52 -9.01 -13.21
N THR B 66 -18.92 -7.94 -12.77
CA THR B 66 -17.42 -7.87 -12.76
C THR B 66 -16.91 -7.97 -11.33
N LEU B 67 -16.34 -9.09 -10.96
CA LEU B 67 -15.82 -9.25 -9.57
C LEU B 67 -14.30 -9.09 -9.58
N HIS B 68 -13.71 -8.79 -8.45
CA HIS B 68 -12.22 -8.65 -8.41
C HIS B 68 -11.59 -9.82 -7.66
N LEU B 69 -10.44 -10.26 -8.09
CA LEU B 69 -9.79 -11.41 -7.39
C LEU B 69 -8.57 -10.93 -6.59
N VAL B 70 -8.52 -11.26 -5.32
CA VAL B 70 -7.37 -10.85 -4.48
C VAL B 70 -6.74 -12.09 -3.83
N LEU B 71 -5.48 -12.03 -3.49
CA LEU B 71 -4.82 -13.20 -2.86
C LEU B 71 -4.87 -13.10 -1.34
N ARG B 72 -5.35 -14.13 -0.69
CA ARG B 72 -5.42 -14.10 0.80
C ARG B 72 -4.42 -15.09 1.40
N LEU B 73 -3.34 -14.60 1.95
CA LEU B 73 -2.32 -15.50 2.54
C LEU B 73 -2.42 -15.48 4.08
N ARG B 74 -2.34 -16.62 4.70
CA ARG B 74 -2.43 -16.68 6.19
C ARG B 74 -1.11 -16.23 6.81
N GLY B 75 -0.84 -14.94 6.81
CA GLY B 75 0.44 -14.44 7.40
C GLY B 75 1.60 -14.83 6.49
N GLY B 76 1.95 -16.08 6.46
CA GLY B 76 3.08 -16.52 5.60
C GLY B 76 4.39 -16.38 6.38
N HIS A 21 -21.31 -54.03 26.15
CA HIS A 21 -20.39 -53.44 27.16
C HIS A 21 -19.54 -52.34 26.52
N MET A 22 -18.86 -52.65 25.45
CA MET A 22 -18.00 -51.63 24.77
C MET A 22 -17.03 -50.99 25.78
N LEU A 23 -16.29 -50.01 25.36
CA LEU A 23 -15.33 -49.34 26.28
C LEU A 23 -15.79 -47.90 26.55
N GLY A 24 -17.06 -47.65 26.41
CA GLY A 24 -17.59 -46.27 26.65
C GLY A 24 -17.75 -46.05 28.15
N LEU A 25 -18.13 -47.05 28.88
CA LEU A 25 -18.32 -46.89 30.35
C LEU A 25 -16.96 -46.72 31.04
N GLY A 26 -16.39 -45.55 30.99
CA GLY A 26 -15.08 -45.32 31.63
C GLY A 26 -15.18 -44.14 32.60
N ALA A 27 -16.26 -44.07 33.35
CA ALA A 27 -16.43 -42.94 34.31
C ALA A 27 -15.70 -43.27 35.63
N SER A 28 -15.83 -44.48 36.11
CA SER A 28 -15.15 -44.85 37.38
C SER A 28 -13.63 -44.73 37.22
N ASP A 29 -13.13 -44.88 36.02
CA ASP A 29 -11.66 -44.77 35.80
C ASP A 29 -11.15 -43.40 36.23
N PHE A 30 -12.00 -42.40 36.16
CA PHE A 30 -11.57 -41.03 36.57
C PHE A 30 -12.79 -40.23 37.06
N GLU A 31 -13.21 -40.48 38.27
CA GLU A 31 -14.39 -39.73 38.82
C GLU A 31 -13.95 -38.36 39.34
N PHE A 32 -14.41 -37.30 38.72
CA PHE A 32 -14.02 -35.93 39.18
C PHE A 32 -12.51 -35.81 39.32
N GLY A 33 -11.77 -36.55 38.53
CA GLY A 33 -10.28 -36.48 38.62
C GLY A 33 -9.71 -36.03 37.28
N VAL A 34 -10.48 -35.32 36.49
CA VAL A 34 -9.98 -34.85 35.17
C VAL A 34 -9.97 -33.32 35.11
N ASP A 35 -10.73 -32.67 35.95
CA ASP A 35 -10.76 -31.18 35.93
C ASP A 35 -10.45 -30.63 37.32
N PRO A 36 -9.86 -29.46 37.36
CA PRO A 36 -9.50 -28.82 38.65
C PRO A 36 -10.76 -28.33 39.38
N SER A 37 -11.84 -28.15 38.67
CA SER A 37 -13.10 -27.68 39.33
C SER A 37 -13.70 -28.78 40.21
N ALA A 38 -13.13 -29.96 40.19
CA ALA A 38 -13.67 -31.06 41.04
C ALA A 38 -12.54 -31.74 41.82
N ASP A 39 -11.42 -31.07 41.96
CA ASP A 39 -10.28 -31.68 42.71
C ASP A 39 -9.21 -30.62 42.96
N PRO A 40 -8.92 -30.40 44.21
CA PRO A 40 -7.90 -29.39 44.59
C PRO A 40 -6.50 -29.89 44.20
N GLU A 41 -6.37 -31.16 43.91
CA GLU A 41 -5.04 -31.70 43.50
C GLU A 41 -4.75 -31.31 42.06
N LEU A 42 -5.77 -31.15 41.26
CA LEU A 42 -5.57 -30.76 39.84
C LEU A 42 -5.59 -29.25 39.71
N ALA A 43 -6.26 -28.57 40.60
CA ALA A 43 -6.32 -27.09 40.54
C ALA A 43 -4.98 -26.51 41.00
N LEU A 44 -4.41 -27.06 42.03
CA LEU A 44 -3.10 -26.54 42.53
C LEU A 44 -1.96 -27.08 41.66
N ALA A 45 -2.13 -28.26 41.12
CA ALA A 45 -1.06 -28.84 40.26
C ALA A 45 -0.94 -28.04 38.96
N LEU A 46 -2.05 -27.58 38.43
CA LEU A 46 -2.00 -26.79 37.17
C LEU A 46 -1.62 -25.34 37.46
N ARG A 47 -1.82 -24.89 38.67
CA ARG A 47 -1.46 -23.49 39.03
C ARG A 47 0.03 -23.41 39.30
N VAL A 48 0.62 -24.49 39.74
CA VAL A 48 2.08 -24.49 40.02
C VAL A 48 2.86 -24.71 38.72
N SER A 49 2.27 -25.39 37.78
CA SER A 49 2.98 -25.64 36.48
C SER A 49 2.93 -24.38 35.62
N MET A 50 1.84 -23.66 35.65
CA MET A 50 1.73 -22.41 34.84
C MET A 50 2.60 -21.31 35.44
N GLU A 51 2.62 -21.21 36.74
CA GLU A 51 3.46 -20.16 37.40
C GLU A 51 4.93 -20.50 37.25
N GLU A 52 5.26 -21.76 37.21
CA GLU A 52 6.69 -22.16 37.07
C GLU A 52 7.22 -21.74 35.69
N GLN A 53 6.53 -22.10 34.64
CA GLN A 53 6.99 -21.72 33.28
C GLN A 53 7.04 -20.20 33.14
N ARG A 54 6.24 -19.50 33.91
CA ARG A 54 6.25 -18.01 33.83
C ARG A 54 7.56 -17.45 34.38
N GLN A 55 7.87 -17.78 35.61
CA GLN A 55 9.13 -17.27 36.22
C GLN A 55 10.34 -17.73 35.38
N ARG A 56 10.19 -18.81 34.65
CA ARG A 56 11.31 -19.30 33.81
C ARG A 56 11.40 -18.49 32.52
N GLN A 57 10.28 -18.21 31.91
CA GLN A 57 10.29 -17.41 30.65
C GLN A 57 10.46 -15.92 30.97
N GLU A 58 10.11 -15.51 32.15
CA GLU A 58 10.27 -14.08 32.53
C GLU A 58 11.69 -13.82 33.02
N GLU A 59 12.10 -14.49 34.06
CA GLU A 59 13.49 -14.31 34.57
C GLU A 59 14.48 -14.52 33.42
N GLU A 60 14.13 -15.36 32.49
CA GLU A 60 15.03 -15.61 31.33
C GLU A 60 14.82 -14.51 30.28
N ALA A 61 13.60 -14.10 30.07
CA ALA A 61 13.35 -13.03 29.06
C ALA A 61 13.84 -11.69 29.58
N ARG A 62 13.35 -11.26 30.72
CA ARG A 62 13.79 -9.95 31.30
C ARG A 62 15.32 -9.92 31.43
N ARG A 63 15.92 -11.00 31.82
CA ARG A 63 17.41 -11.03 31.96
C ARG A 63 18.06 -10.72 30.61
N ALA A 64 17.48 -11.22 29.54
CA ALA A 64 18.07 -10.94 28.19
C ALA A 64 17.78 -9.50 27.78
N ALA A 65 16.68 -8.96 28.22
CA ALA A 65 16.33 -7.55 27.86
C ALA A 65 17.20 -6.57 28.67
N ALA A 66 17.60 -6.97 29.84
CA ALA A 66 18.45 -6.06 30.68
C ALA A 66 19.89 -6.08 30.18
N ALA A 67 20.40 -7.25 29.87
CA ALA A 67 21.81 -7.34 29.37
C ALA A 67 21.95 -6.57 28.05
N SER A 68 20.96 -6.62 27.21
CA SER A 68 21.05 -5.89 25.91
C SER A 68 20.85 -4.39 26.13
N ALA A 69 20.10 -4.03 27.15
CA ALA A 69 19.87 -2.58 27.42
C ALA A 69 21.16 -1.94 27.95
N ALA A 70 21.93 -2.67 28.69
CA ALA A 70 23.21 -2.10 29.23
C ALA A 70 24.40 -2.55 28.38
N GLU A 71 24.14 -3.04 27.19
CA GLU A 71 25.26 -3.48 26.31
C GLU A 71 25.36 -2.57 25.09
N ALA A 72 24.34 -2.53 24.28
CA ALA A 72 24.38 -1.65 23.06
C ALA A 72 23.38 -0.51 23.22
N GLY A 73 23.01 -0.18 24.42
CA GLY A 73 22.04 0.93 24.64
C GLY A 73 22.79 2.19 25.07
N ILE A 74 23.90 2.02 25.74
CA ILE A 74 24.69 3.21 26.20
C ILE A 74 25.37 3.89 25.01
N ALA A 75 24.61 4.40 24.08
CA ALA A 75 25.21 5.07 22.90
C ALA A 75 24.15 5.89 22.16
N THR A 76 24.29 7.19 22.15
CA THR A 76 23.29 8.05 21.45
C THR A 76 23.96 8.81 20.30
N THR A 77 23.26 9.75 19.71
CA THR A 77 23.85 10.52 18.59
C THR A 77 23.29 11.94 18.58
N GLY A 78 23.86 12.82 17.78
CA GLY A 78 23.35 14.21 17.71
C GLY A 78 23.96 14.93 16.51
N THR A 79 24.18 14.21 15.44
CA THR A 79 24.77 14.84 14.22
C THR A 79 23.69 15.05 13.15
N GLU A 80 22.89 16.08 13.30
CA GLU A 80 21.82 16.32 12.29
C GLU A 80 22.26 17.41 11.30
N ASP A 81 23.26 17.12 10.50
CA ASP A 81 23.74 18.13 9.51
C ASP A 81 23.02 17.95 8.18
N SER A 82 22.71 16.73 7.82
CA SER A 82 22.01 16.49 6.52
C SER A 82 20.56 16.07 6.79
N ASP A 83 19.73 16.99 7.19
CA ASP A 83 18.30 16.65 7.47
C ASP A 83 17.55 16.38 6.16
N ASP A 84 17.82 17.16 5.15
CA ASP A 84 17.13 16.95 3.85
C ASP A 84 17.71 15.72 3.17
N ALA A 85 18.96 15.44 3.41
CA ALA A 85 19.58 14.23 2.80
C ALA A 85 18.83 13.00 3.28
N LEU A 86 18.59 12.89 4.55
CA LEU A 86 17.84 11.73 5.09
C LEU A 86 16.45 11.72 4.45
N LEU A 87 15.94 12.89 4.12
CA LEU A 87 14.59 12.97 3.48
C LEU A 87 14.71 12.62 2.00
N LYS A 88 15.81 12.95 1.38
CA LYS A 88 15.98 12.65 -0.08
C LYS A 88 16.43 11.20 -0.25
N MET A 89 17.49 10.81 0.40
CA MET A 89 17.98 9.40 0.27
C MET A 89 16.87 8.40 0.61
N THR A 90 16.10 8.69 1.62
CA THR A 90 14.99 7.75 2.00
C THR A 90 13.90 7.72 0.92
N ILE A 91 13.56 8.86 0.37
CA ILE A 91 12.51 8.89 -0.67
C ILE A 91 13.12 8.59 -2.05
N SER A 92 14.41 8.68 -2.18
CA SER A 92 15.07 8.39 -3.48
C SER A 92 15.07 6.89 -3.74
N GLN A 93 15.26 6.11 -2.72
CA GLN A 93 15.27 4.62 -2.89
C GLN A 93 13.85 4.07 -2.77
N GLN A 94 12.99 4.77 -2.07
CA GLN A 94 11.59 4.30 -1.91
C GLN A 94 10.74 4.74 -3.11
N GLU A 95 10.92 5.95 -3.55
CA GLU A 95 10.12 6.45 -4.71
C GLU A 95 10.64 5.83 -6.01
N PHE A 96 11.94 5.75 -6.17
CA PHE A 96 12.51 5.16 -7.41
C PHE A 96 13.03 3.75 -7.14
N GLY A 97 12.23 2.75 -7.38
CA GLY A 97 12.67 1.35 -7.13
C GLY A 97 11.63 0.38 -7.70
N ARG A 98 11.75 0.05 -8.96
CA ARG A 98 10.76 -0.90 -9.58
C ARG A 98 9.33 -0.43 -9.33
N THR A 99 8.76 0.27 -10.27
CA THR A 99 7.36 0.76 -10.10
C THR A 99 6.48 0.26 -11.24
N GLY A 100 6.80 -0.87 -11.80
CA GLY A 100 5.97 -1.41 -12.93
C GLY A 100 4.99 -2.44 -12.39
N LEU A 101 4.55 -2.26 -11.17
CA LEU A 101 3.59 -3.22 -10.56
C LEU A 101 2.95 -2.57 -9.33
N PRO A 102 1.74 -2.94 -9.06
CA PRO A 102 1.04 -2.35 -7.88
C PRO A 102 1.54 -2.98 -6.57
N ASP A 103 2.81 -3.24 -6.47
CA ASP A 103 3.37 -3.84 -5.22
C ASP A 103 2.56 -5.08 -4.82
N LEU A 104 2.25 -5.94 -5.77
CA LEU A 104 1.48 -7.17 -5.45
C LEU A 104 2.26 -8.05 -4.47
N SER A 105 3.51 -8.32 -4.76
CA SER A 105 4.32 -9.17 -3.85
C SER A 105 4.66 -8.40 -2.56
N SER A 106 4.43 -7.11 -2.54
CA SER A 106 4.75 -6.32 -1.32
C SER A 106 3.46 -6.03 -0.55
N MET A 107 2.32 -6.16 -1.19
CA MET A 107 1.03 -5.90 -0.50
C MET A 107 0.62 -7.13 0.31
N THR A 108 -0.62 -7.22 0.70
CA THR A 108 -1.09 -8.39 1.49
C THR A 108 -2.52 -8.76 1.10
N GLU A 109 -3.10 -9.69 1.81
CA GLU A 109 -4.50 -10.10 1.50
C GLU A 109 -5.44 -8.92 1.77
N GLU A 110 -5.12 -8.12 2.74
CA GLU A 110 -5.98 -6.94 3.06
C GLU A 110 -5.58 -5.77 2.16
N GLU A 111 -4.30 -5.56 1.96
CA GLU A 111 -3.87 -4.43 1.08
C GLU A 111 -4.38 -4.72 -0.34
N GLN A 112 -4.21 -5.93 -0.79
CA GLN A 112 -4.72 -6.29 -2.13
C GLN A 112 -6.24 -6.25 -2.09
N ILE A 113 -6.81 -6.60 -0.97
CA ILE A 113 -8.30 -6.54 -0.83
C ILE A 113 -8.74 -5.09 -1.05
N ALA A 114 -7.98 -4.15 -0.55
CA ALA A 114 -8.32 -2.72 -0.76
C ALA A 114 -8.36 -2.45 -2.26
N TYR A 115 -7.52 -3.12 -2.99
CA TYR A 115 -7.50 -2.95 -4.47
C TYR A 115 -8.82 -3.44 -5.05
N ALA A 116 -9.38 -4.46 -4.45
CA ALA A 116 -10.68 -5.00 -4.95
C ALA A 116 -11.82 -4.12 -4.48
N MET A 117 -11.74 -3.62 -3.27
CA MET A 117 -12.82 -2.74 -2.75
C MET A 117 -12.66 -1.32 -3.30
N GLN A 118 -11.47 -0.98 -3.73
CA GLN A 118 -11.25 0.40 -4.28
C GLN A 118 -11.74 0.47 -5.73
N MET A 119 -11.50 -0.56 -6.49
CA MET A 119 -11.94 -0.55 -7.92
C MET A 119 -13.41 -0.97 -8.03
N SER A 120 -13.90 -1.75 -7.09
CA SER A 120 -15.32 -2.20 -7.14
C SER A 120 -16.24 -1.07 -6.69
N LEU A 121 -15.80 -0.27 -5.76
CA LEU A 121 -16.66 0.85 -5.27
C LEU A 121 -16.92 1.85 -6.41
N GLN A 122 -16.10 1.85 -7.41
CA GLN A 122 -16.30 2.81 -8.55
C GLN A 122 -15.64 2.26 -9.82
N GLY A 123 -15.92 1.03 -10.17
CA GLY A 123 -15.31 0.45 -11.39
C GLY A 123 -16.38 0.25 -12.46
N ALA A 124 -16.89 1.32 -13.01
CA ALA A 124 -17.95 1.20 -14.05
C ALA A 124 -18.09 2.52 -14.82
N GLU A 125 -17.49 2.61 -15.97
CA GLU A 125 -17.59 3.87 -16.77
C GLU A 125 -18.57 3.69 -17.92
N PHE A 126 -18.25 2.84 -18.86
CA PHE A 126 -19.16 2.59 -20.02
C PHE A 126 -19.00 1.17 -20.55
N GLY A 127 -19.74 0.25 -20.00
CA GLY A 127 -19.63 -1.18 -20.46
C GLY A 127 -20.82 -1.50 -21.37
N GLN A 128 -21.97 -0.96 -21.07
CA GLN A 128 -23.16 -1.25 -21.91
C GLN A 128 -23.22 -0.27 -23.10
N ALA A 129 -22.16 -0.18 -23.86
CA ALA A 129 -22.16 0.75 -25.03
C ALA A 129 -22.74 0.05 -26.26
N GLU A 130 -22.29 -1.14 -26.53
CA GLU A 130 -22.81 -1.88 -27.73
C GLU A 130 -23.45 -3.21 -27.29
N SER A 131 -22.73 -4.00 -26.54
CA SER A 131 -23.29 -5.30 -26.08
C SER A 131 -24.04 -5.12 -24.76
N ALA A 132 -25.18 -5.76 -24.62
CA ALA A 132 -25.95 -5.63 -23.35
C ALA A 132 -25.72 -6.85 -22.45
N MET B 1 -25.13 -18.59 -16.04
CA MET B 1 -24.79 -17.14 -16.02
C MET B 1 -23.29 -16.93 -16.16
N GLN B 2 -22.88 -16.14 -17.12
CA GLN B 2 -21.42 -15.88 -17.31
C GLN B 2 -21.00 -14.64 -16.53
N ILE B 3 -19.84 -14.65 -15.94
CA ILE B 3 -19.39 -13.47 -15.16
C ILE B 3 -17.91 -13.18 -15.43
N PHE B 4 -17.49 -11.97 -15.19
CA PHE B 4 -16.07 -11.59 -15.45
C PHE B 4 -15.34 -11.32 -14.12
N VAL B 5 -14.09 -11.69 -14.04
CA VAL B 5 -13.30 -11.44 -12.80
C VAL B 5 -12.00 -10.73 -13.14
N LYS B 6 -11.77 -9.58 -12.56
CA LYS B 6 -10.51 -8.82 -12.86
C LYS B 6 -9.47 -9.05 -11.76
N THR B 7 -8.23 -9.24 -12.14
CA THR B 7 -7.17 -9.47 -11.13
C THR B 7 -6.44 -8.15 -10.82
N LEU B 8 -5.58 -8.16 -9.83
CA LEU B 8 -4.83 -6.92 -9.47
C LEU B 8 -3.93 -6.46 -10.62
N THR B 9 -3.76 -7.28 -11.63
CA THR B 9 -2.88 -6.87 -12.78
C THR B 9 -3.73 -6.29 -13.91
N GLY B 10 -5.01 -6.54 -13.92
CA GLY B 10 -5.88 -6.00 -15.01
C GLY B 10 -6.36 -7.12 -15.91
N LYS B 11 -6.12 -8.36 -15.55
CA LYS B 11 -6.59 -9.49 -16.40
C LYS B 11 -8.04 -9.83 -16.08
N THR B 12 -8.85 -10.01 -17.09
CA THR B 12 -10.29 -10.33 -16.83
C THR B 12 -10.59 -11.76 -17.30
N ILE B 13 -11.16 -12.56 -16.45
CA ILE B 13 -11.48 -13.96 -16.84
C ILE B 13 -13.00 -14.14 -16.97
N THR B 14 -13.43 -14.82 -18.00
CA THR B 14 -14.89 -15.05 -18.19
C THR B 14 -15.24 -16.47 -17.75
N LEU B 15 -16.11 -16.62 -16.79
CA LEU B 15 -16.48 -17.99 -16.33
C LEU B 15 -17.97 -18.24 -16.44
N GLU B 16 -18.39 -19.48 -16.46
CA GLU B 16 -19.85 -19.80 -16.56
C GLU B 16 -20.33 -20.30 -15.20
N VAL B 17 -21.20 -19.55 -14.57
CA VAL B 17 -21.70 -19.98 -13.22
C VAL B 17 -23.20 -19.68 -13.08
N GLU B 18 -23.78 -20.14 -12.01
CA GLU B 18 -25.23 -19.88 -11.78
C GLU B 18 -25.38 -18.95 -10.56
N PRO B 19 -26.54 -18.37 -10.42
CA PRO B 19 -26.78 -17.46 -9.27
C PRO B 19 -26.87 -18.26 -7.97
N SER B 20 -27.23 -19.51 -8.06
CA SER B 20 -27.31 -20.35 -6.83
C SER B 20 -25.93 -20.92 -6.47
N ASP B 21 -24.93 -20.68 -7.29
CA ASP B 21 -23.57 -21.21 -6.99
C ASP B 21 -22.95 -20.45 -5.81
N THR B 22 -22.20 -21.14 -5.00
CA THR B 22 -21.55 -20.48 -3.82
C THR B 22 -20.25 -19.81 -4.25
N ILE B 23 -19.79 -18.84 -3.50
CA ILE B 23 -18.52 -18.14 -3.85
C ILE B 23 -17.38 -19.17 -3.88
N GLU B 24 -17.41 -20.12 -2.98
CA GLU B 24 -16.34 -21.15 -2.95
C GLU B 24 -16.33 -21.90 -4.30
N ASN B 25 -17.48 -22.11 -4.88
CA ASN B 25 -17.54 -22.81 -6.18
C ASN B 25 -16.99 -21.89 -7.27
N VAL B 26 -17.14 -20.61 -7.12
CA VAL B 26 -16.61 -19.65 -8.13
C VAL B 26 -15.07 -19.65 -8.05
N LYS B 27 -14.54 -19.66 -6.86
CA LYS B 27 -13.05 -19.68 -6.71
C LYS B 27 -12.51 -20.97 -7.32
N ALA B 28 -13.18 -22.07 -7.08
CA ALA B 28 -12.71 -23.36 -7.66
C ALA B 28 -12.73 -23.27 -9.18
N LYS B 29 -13.67 -22.54 -9.72
CA LYS B 29 -13.74 -22.40 -11.21
C LYS B 29 -12.54 -21.58 -11.69
N ILE B 30 -12.15 -20.58 -10.95
CA ILE B 30 -10.97 -19.77 -11.37
C ILE B 30 -9.71 -20.64 -11.29
N GLN B 31 -9.62 -21.46 -10.28
CA GLN B 31 -8.43 -22.35 -10.15
C GLN B 31 -8.34 -23.27 -11.38
N ASP B 32 -9.42 -23.92 -11.71
CA ASP B 32 -9.42 -24.82 -12.91
C ASP B 32 -9.02 -24.04 -14.16
N LYS B 33 -9.27 -22.76 -14.19
CA LYS B 33 -8.90 -21.95 -15.39
C LYS B 33 -7.44 -21.54 -15.31
N GLU B 34 -6.99 -21.08 -14.17
CA GLU B 34 -5.58 -20.65 -14.01
C GLU B 34 -4.82 -21.67 -13.14
N GLY B 35 -4.33 -21.27 -11.99
CA GLY B 35 -3.60 -22.23 -11.12
C GLY B 35 -3.56 -21.72 -9.69
N ILE B 36 -4.47 -20.85 -9.32
CA ILE B 36 -4.48 -20.32 -7.93
C ILE B 36 -5.38 -21.17 -7.03
N PRO B 37 -4.94 -21.41 -5.83
CA PRO B 37 -5.74 -22.23 -4.88
C PRO B 37 -6.98 -21.44 -4.42
N PRO B 38 -8.10 -22.13 -4.34
CA PRO B 38 -9.36 -21.47 -3.91
C PRO B 38 -9.23 -20.93 -2.49
N ASP B 39 -8.42 -21.53 -1.67
CA ASP B 39 -8.26 -21.03 -0.28
C ASP B 39 -7.54 -19.68 -0.27
N GLN B 40 -6.78 -19.40 -1.29
CA GLN B 40 -6.06 -18.09 -1.35
C GLN B 40 -6.78 -17.11 -2.28
N GLN B 41 -7.91 -17.50 -2.81
CA GLN B 41 -8.65 -16.59 -3.73
C GLN B 41 -9.71 -15.78 -2.96
N ARG B 42 -9.84 -14.53 -3.27
CA ARG B 42 -10.84 -13.68 -2.57
C ARG B 42 -11.69 -12.92 -3.60
N LEU B 43 -12.99 -12.99 -3.49
CA LEU B 43 -13.86 -12.27 -4.47
C LEU B 43 -14.45 -11.01 -3.84
N ILE B 44 -14.27 -9.89 -4.50
CA ILE B 44 -14.81 -8.61 -3.95
C ILE B 44 -15.78 -7.98 -4.98
N PHE B 45 -16.87 -7.45 -4.52
CA PHE B 45 -17.86 -6.82 -5.45
C PHE B 45 -18.45 -5.56 -4.82
N ALA B 46 -18.58 -4.51 -5.60
CA ALA B 46 -19.14 -3.23 -5.06
C ALA B 46 -18.53 -2.86 -3.70
N GLY B 47 -17.31 -3.29 -3.45
CA GLY B 47 -16.66 -2.95 -2.14
C GLY B 47 -17.06 -3.96 -1.07
N LYS B 48 -17.80 -4.97 -1.41
CA LYS B 48 -18.21 -5.98 -0.39
C LYS B 48 -17.51 -7.32 -0.66
N GLN B 49 -16.87 -7.87 0.35
CA GLN B 49 -16.17 -9.17 0.15
C GLN B 49 -17.20 -10.32 0.17
N LEU B 50 -17.10 -11.22 -0.75
CA LEU B 50 -18.08 -12.36 -0.79
C LEU B 50 -17.64 -13.47 0.16
N GLU B 51 -18.58 -14.04 0.88
CA GLU B 51 -18.23 -15.13 1.84
C GLU B 51 -18.42 -16.50 1.17
N ASP B 52 -17.43 -17.35 1.27
CA ASP B 52 -17.53 -18.72 0.65
C ASP B 52 -18.86 -19.38 1.00
N GLY B 53 -19.45 -19.04 2.11
CA GLY B 53 -20.74 -19.67 2.52
C GLY B 53 -21.91 -18.97 1.81
N ARG B 54 -21.67 -17.86 1.16
CA ARG B 54 -22.79 -17.15 0.48
C ARG B 54 -22.79 -17.46 -1.03
N THR B 55 -23.91 -17.31 -1.68
CA THR B 55 -23.98 -17.60 -3.14
C THR B 55 -23.96 -16.30 -3.94
N LEU B 56 -23.70 -16.38 -5.22
CA LEU B 56 -23.65 -15.14 -6.06
C LEU B 56 -24.97 -14.35 -5.91
N SER B 57 -26.08 -15.03 -5.94
CA SER B 57 -27.39 -14.32 -5.81
C SER B 57 -27.46 -13.50 -4.51
N ASP B 58 -26.88 -14.00 -3.45
CA ASP B 58 -26.91 -13.25 -2.17
C ASP B 58 -26.26 -11.88 -2.33
N TYR B 59 -25.34 -11.75 -3.25
CA TYR B 59 -24.66 -10.45 -3.47
C TYR B 59 -25.26 -9.72 -4.67
N ASN B 60 -26.48 -10.04 -5.02
CA ASN B 60 -27.14 -9.37 -6.18
C ASN B 60 -26.23 -9.42 -7.42
N ILE B 61 -25.42 -10.43 -7.54
CA ILE B 61 -24.51 -10.53 -8.72
C ILE B 61 -25.28 -11.10 -9.91
N GLN B 62 -25.45 -10.33 -10.95
CA GLN B 62 -26.20 -10.83 -12.14
C GLN B 62 -25.23 -11.12 -13.29
N LYS B 63 -25.72 -11.71 -14.34
CA LYS B 63 -24.84 -12.04 -15.52
C LYS B 63 -23.98 -10.84 -15.90
N GLU B 64 -22.85 -11.11 -16.50
CA GLU B 64 -21.93 -10.02 -16.93
C GLU B 64 -21.42 -9.21 -15.72
N SER B 65 -21.53 -9.77 -14.54
CA SER B 65 -21.06 -9.04 -13.33
C SER B 65 -19.53 -8.99 -13.32
N THR B 66 -18.97 -7.90 -12.86
CA THR B 66 -17.48 -7.80 -12.81
C THR B 66 -16.99 -7.90 -11.37
N LEU B 67 -16.40 -9.00 -11.00
CA LEU B 67 -15.90 -9.16 -9.61
C LEU B 67 -14.38 -8.96 -9.56
N HIS B 68 -13.84 -8.68 -8.39
CA HIS B 68 -12.37 -8.48 -8.29
C HIS B 68 -11.75 -9.67 -7.54
N LEU B 69 -10.64 -10.19 -8.02
CA LEU B 69 -10.01 -11.35 -7.33
C LEU B 69 -8.74 -10.92 -6.59
N VAL B 70 -8.59 -11.31 -5.35
CA VAL B 70 -7.38 -10.94 -4.58
C VAL B 70 -6.68 -12.19 -4.03
N LEU B 71 -5.42 -12.11 -3.76
CA LEU B 71 -4.68 -13.29 -3.23
C LEU B 71 -4.62 -13.22 -1.69
N ARG B 72 -5.16 -14.21 -1.02
CA ARG B 72 -5.14 -14.21 0.47
C ARG B 72 -3.89 -14.93 0.97
N LEU B 73 -2.74 -14.33 0.79
CA LEU B 73 -1.48 -14.98 1.27
C LEU B 73 -1.43 -15.00 2.80
N ARG B 74 -1.37 -16.16 3.39
CA ARG B 74 -1.32 -16.25 4.88
C ARG B 74 0.06 -16.75 5.33
N GLY B 75 0.49 -16.34 6.49
CA GLY B 75 1.82 -16.79 6.99
C GLY B 75 2.93 -16.05 6.24
N GLY B 76 3.43 -16.63 5.18
CA GLY B 76 4.51 -15.96 4.40
C GLY B 76 3.93 -14.76 3.65
N HIS A 21 10.28 51.17 -32.21
CA HIS A 21 9.43 52.24 -32.81
C HIS A 21 10.22 53.04 -33.84
N MET A 22 11.25 53.72 -33.40
CA MET A 22 12.07 54.51 -34.37
C MET A 22 13.40 53.81 -34.65
N LEU A 23 14.24 54.42 -35.44
CA LEU A 23 15.56 53.79 -35.75
C LEU A 23 16.67 54.63 -35.13
N GLY A 24 16.36 55.38 -34.10
CA GLY A 24 17.40 56.22 -33.45
C GLY A 24 18.10 55.41 -32.35
N LEU A 25 17.36 54.75 -31.52
CA LEU A 25 17.99 53.94 -30.44
C LEU A 25 16.95 53.01 -29.79
N GLY A 26 16.99 51.74 -30.12
CA GLY A 26 16.01 50.80 -29.53
C GLY A 26 16.61 49.38 -29.51
N ALA A 27 16.65 48.72 -30.63
CA ALA A 27 17.22 47.34 -30.66
C ALA A 27 18.46 47.31 -31.57
N SER A 28 19.39 48.20 -31.35
CA SER A 28 20.63 48.22 -32.19
C SER A 28 21.79 48.86 -31.42
N ASP A 29 21.75 48.80 -30.12
CA ASP A 29 22.85 49.40 -29.30
C ASP A 29 23.65 48.30 -28.60
N PHE A 30 23.17 47.09 -28.61
CA PHE A 30 23.93 45.98 -27.95
C PHE A 30 23.34 44.62 -28.36
N GLU A 31 22.94 44.50 -29.59
CA GLU A 31 22.37 43.20 -30.05
C GLU A 31 23.48 42.20 -30.34
N PHE A 32 24.28 41.87 -29.36
CA PHE A 32 25.39 40.90 -29.58
C PHE A 32 26.00 40.49 -28.24
N GLY A 33 26.47 41.43 -27.48
CA GLY A 33 27.08 41.11 -26.16
C GLY A 33 26.16 41.60 -25.03
N VAL A 34 24.90 41.28 -25.11
CA VAL A 34 23.95 41.73 -24.04
C VAL A 34 23.34 40.53 -23.33
N ASP A 35 23.30 39.39 -23.98
CA ASP A 35 22.72 38.18 -23.33
C ASP A 35 23.57 36.95 -23.66
N PRO A 36 23.60 36.02 -22.74
CA PRO A 36 24.40 34.78 -22.94
C PRO A 36 23.72 33.88 -23.98
N SER A 37 22.49 34.12 -24.30
CA SER A 37 21.78 33.27 -25.31
C SER A 37 22.30 33.58 -26.72
N ALA A 38 23.13 34.57 -26.87
CA ALA A 38 23.65 34.91 -28.22
C ALA A 38 25.17 34.70 -28.27
N ASP A 39 25.71 33.96 -27.34
CA ASP A 39 27.19 33.71 -27.34
C ASP A 39 27.52 32.63 -26.31
N PRO A 40 28.10 31.56 -26.79
CA PRO A 40 28.48 30.45 -25.90
C PRO A 40 29.65 30.84 -24.99
N GLU A 41 30.31 31.93 -25.32
CA GLU A 41 31.45 32.38 -24.47
C GLU A 41 30.91 33.08 -23.21
N LEU A 42 29.78 33.72 -23.34
CA LEU A 42 29.18 34.42 -22.16
C LEU A 42 28.24 33.47 -21.43
N ALA A 43 27.69 32.52 -22.13
CA ALA A 43 26.77 31.54 -21.47
C ALA A 43 27.57 30.58 -20.60
N LEU A 44 28.70 30.13 -21.09
CA LEU A 44 29.54 29.20 -20.29
C LEU A 44 30.32 29.98 -19.22
N ALA A 45 30.68 31.20 -19.53
CA ALA A 45 31.43 32.02 -18.52
C ALA A 45 30.54 32.31 -17.32
N LEU A 46 29.26 32.45 -17.54
CA LEU A 46 28.32 32.73 -16.41
C LEU A 46 27.94 31.42 -15.71
N ARG A 47 28.08 30.31 -16.39
CA ARG A 47 27.74 29.00 -15.76
C ARG A 47 28.94 28.48 -14.96
N VAL A 48 30.12 28.88 -15.34
CA VAL A 48 31.33 28.41 -14.60
C VAL A 48 31.56 29.29 -13.37
N SER A 49 31.20 30.55 -13.45
CA SER A 49 31.40 31.46 -12.28
C SER A 49 30.28 31.25 -11.25
N MET A 50 29.08 31.03 -11.71
CA MET A 50 27.95 30.81 -10.75
C MET A 50 28.08 29.44 -10.09
N GLU A 51 28.57 28.46 -10.81
CA GLU A 51 28.72 27.10 -10.21
C GLU A 51 29.90 27.08 -9.23
N GLU A 52 30.92 27.85 -9.50
CA GLU A 52 32.10 27.88 -8.58
C GLU A 52 31.77 28.68 -7.32
N GLN A 53 31.13 29.81 -7.48
CA GLN A 53 30.78 30.64 -6.28
C GLN A 53 29.80 29.88 -5.39
N ARG A 54 28.91 29.12 -5.97
CA ARG A 54 27.94 28.35 -5.15
C ARG A 54 28.66 27.27 -4.34
N GLN A 55 29.58 26.58 -4.96
CA GLN A 55 30.32 25.51 -4.23
C GLN A 55 31.03 26.11 -3.01
N ARG A 56 31.49 27.33 -3.11
CA ARG A 56 32.17 27.96 -1.95
C ARG A 56 31.14 28.46 -0.94
N GLN A 57 30.04 28.98 -1.41
CA GLN A 57 28.98 29.48 -0.48
C GLN A 57 28.25 28.30 0.16
N GLU A 58 28.20 27.18 -0.52
CA GLU A 58 27.50 25.99 0.05
C GLU A 58 28.45 25.24 0.97
N GLU A 59 29.57 24.79 0.46
CA GLU A 59 30.54 24.06 1.32
C GLU A 59 30.83 24.88 2.58
N GLU A 60 30.77 26.18 2.46
CA GLU A 60 31.02 27.05 3.63
C GLU A 60 29.71 27.21 4.41
N ALA A 61 28.60 27.26 3.72
CA ALA A 61 27.29 27.40 4.41
C ALA A 61 27.03 26.16 5.27
N ARG A 62 27.15 24.99 4.70
CA ARG A 62 26.91 23.75 5.48
C ARG A 62 28.04 23.56 6.51
N ARG A 63 29.22 24.01 6.19
CA ARG A 63 30.35 23.86 7.15
C ARG A 63 29.96 24.48 8.49
N ALA A 64 29.26 25.59 8.46
CA ALA A 64 28.82 26.23 9.72
C ALA A 64 27.61 25.49 10.27
N ALA A 65 26.83 24.88 9.41
CA ALA A 65 25.63 24.13 9.87
C ALA A 65 26.07 22.92 10.70
N ALA A 66 27.24 22.41 10.45
CA ALA A 66 27.73 21.23 11.23
C ALA A 66 28.42 21.70 12.51
N ALA A 67 29.21 22.74 12.42
CA ALA A 67 29.91 23.24 13.64
C ALA A 67 28.89 23.70 14.69
N SER A 68 27.74 24.16 14.25
CA SER A 68 26.70 24.63 15.22
C SER A 68 25.85 23.44 15.69
N ALA A 69 25.53 22.54 14.80
CA ALA A 69 24.70 21.37 15.20
C ALA A 69 25.45 20.53 16.24
N ALA A 70 26.74 20.65 16.30
CA ALA A 70 27.53 19.85 17.30
C ALA A 70 27.23 20.35 18.72
N GLU A 71 26.58 21.47 18.86
CA GLU A 71 26.27 22.00 20.23
C GLU A 71 25.52 20.94 21.04
N ALA A 72 24.47 20.39 20.49
CA ALA A 72 23.70 19.35 21.23
C ALA A 72 23.68 18.04 20.44
N GLY A 73 24.64 17.84 19.57
CA GLY A 73 24.68 16.59 18.77
C GLY A 73 25.88 15.74 19.22
N ILE A 74 27.07 16.21 18.96
CA ILE A 74 28.28 15.43 19.35
C ILE A 74 28.91 16.05 20.62
N ALA A 75 28.16 16.13 21.68
CA ALA A 75 28.69 16.71 22.94
C ALA A 75 28.62 15.68 24.07
N THR A 76 27.59 14.89 24.10
CA THR A 76 27.46 13.87 25.17
C THR A 76 27.41 12.46 24.57
N THR A 77 28.24 11.58 25.04
CA THR A 77 28.25 10.19 24.49
C THR A 77 27.88 9.18 25.58
N GLY A 78 26.62 8.88 25.73
CA GLY A 78 26.19 7.91 26.78
C GLY A 78 24.73 7.49 26.53
N THR A 79 24.38 7.28 25.29
CA THR A 79 22.98 6.87 24.97
C THR A 79 22.96 5.42 24.47
N GLU A 80 23.43 4.50 25.28
CA GLU A 80 23.43 3.07 24.86
C GLU A 80 22.42 2.26 25.68
N ASP A 81 21.18 2.32 25.31
CA ASP A 81 20.14 1.57 26.07
C ASP A 81 19.54 0.46 25.20
N SER A 82 19.28 0.76 23.95
CA SER A 82 18.69 -0.27 23.04
C SER A 82 19.57 -0.45 21.80
N ASP A 83 20.56 -1.29 21.87
CA ASP A 83 21.45 -1.51 20.69
C ASP A 83 20.62 -1.97 19.48
N ASP A 84 19.54 -2.66 19.73
CA ASP A 84 18.69 -3.12 18.59
C ASP A 84 17.90 -1.94 18.04
N ALA A 85 17.59 -0.99 18.89
CA ALA A 85 16.82 0.19 18.41
C ALA A 85 17.66 0.93 17.36
N LEU A 86 18.94 1.05 17.61
CA LEU A 86 19.82 1.73 16.62
C LEU A 86 19.88 0.87 15.36
N LEU A 87 19.74 -0.43 15.51
CA LEU A 87 19.77 -1.33 14.33
C LEU A 87 18.43 -1.24 13.58
N LYS A 88 17.35 -1.14 14.31
CA LYS A 88 16.02 -1.05 13.65
C LYS A 88 15.76 0.38 13.16
N MET A 89 15.86 1.35 14.04
CA MET A 89 15.62 2.76 13.62
C MET A 89 16.46 3.10 12.38
N THR A 90 17.67 2.62 12.32
CA THR A 90 18.53 2.92 11.14
C THR A 90 18.01 2.21 9.90
N ILE A 91 17.61 0.97 10.03
CA ILE A 91 17.09 0.23 8.84
C ILE A 91 15.61 0.55 8.61
N SER A 92 14.96 1.16 9.57
CA SER A 92 13.52 1.50 9.41
C SER A 92 13.39 2.72 8.49
N GLN A 93 14.15 3.74 8.74
CA GLN A 93 14.07 4.97 7.88
C GLN A 93 14.84 4.74 6.57
N GLN A 94 15.80 3.85 6.59
CA GLN A 94 16.59 3.57 5.35
C GLN A 94 15.82 2.60 4.45
N GLU A 95 15.34 1.52 4.99
CA GLU A 95 14.58 0.54 4.17
C GLU A 95 13.33 1.20 3.57
N PHE A 96 12.60 1.93 4.37
CA PHE A 96 11.37 2.60 3.85
C PHE A 96 11.72 3.97 3.28
N GLY A 97 11.71 4.11 1.98
CA GLY A 97 12.04 5.42 1.37
C GLY A 97 11.36 5.54 0.00
N ARG A 98 11.67 4.64 -0.91
CA ARG A 98 11.03 4.70 -2.25
C ARG A 98 9.86 3.72 -2.33
N THR A 99 8.68 4.21 -2.56
CA THR A 99 7.49 3.31 -2.64
C THR A 99 6.41 3.94 -3.52
N GLY A 100 6.78 4.45 -4.67
CA GLY A 100 5.78 5.07 -5.58
C GLY A 100 5.25 4.02 -6.55
N LEU A 101 4.64 2.99 -6.04
CA LEU A 101 4.08 1.92 -6.92
C LEU A 101 3.27 0.95 -6.07
N PRO A 102 2.24 0.39 -6.66
CA PRO A 102 1.38 -0.55 -5.91
C PRO A 102 2.13 -1.87 -5.68
N ASP A 103 3.20 -1.83 -4.93
CA ASP A 103 3.98 -3.08 -4.65
C ASP A 103 3.05 -4.17 -4.12
N LEU A 104 2.64 -5.09 -4.97
CA LEU A 104 1.74 -6.17 -4.51
C LEU A 104 2.53 -7.24 -3.74
N SER A 105 3.76 -7.47 -4.14
CA SER A 105 4.59 -8.49 -3.43
C SER A 105 4.80 -8.08 -1.97
N SER A 106 4.59 -6.82 -1.66
CA SER A 106 4.78 -6.36 -0.25
C SER A 106 3.42 -6.09 0.41
N MET A 107 2.41 -5.84 -0.39
CA MET A 107 1.07 -5.56 0.19
C MET A 107 0.56 -6.79 0.95
N THR A 108 -0.71 -6.84 1.26
CA THR A 108 -1.26 -8.01 2.00
C THR A 108 -2.65 -8.37 1.47
N GLU A 109 -3.29 -9.32 2.10
CA GLU A 109 -4.66 -9.72 1.65
C GLU A 109 -5.62 -8.57 1.88
N GLU A 110 -5.38 -7.78 2.90
CA GLU A 110 -6.28 -6.62 3.16
C GLU A 110 -5.86 -5.45 2.28
N GLU A 111 -4.58 -5.21 2.15
CA GLU A 111 -4.13 -4.09 1.26
C GLU A 111 -4.56 -4.41 -0.16
N GLN A 112 -4.38 -5.64 -0.57
CA GLN A 112 -4.83 -6.04 -1.93
C GLN A 112 -6.36 -5.98 -1.95
N ILE A 113 -6.97 -6.31 -0.84
CA ILE A 113 -8.46 -6.25 -0.77
C ILE A 113 -8.89 -4.80 -0.98
N ALA A 114 -8.17 -3.88 -0.42
CA ALA A 114 -8.51 -2.43 -0.59
C ALA A 114 -8.52 -2.13 -2.09
N TYR A 115 -7.70 -2.80 -2.83
CA TYR A 115 -7.64 -2.59 -4.30
C TYR A 115 -8.90 -3.15 -4.95
N ALA A 116 -9.23 -4.38 -4.65
CA ALA A 116 -10.45 -4.99 -5.24
C ALA A 116 -11.70 -4.28 -4.74
N MET A 117 -11.67 -3.78 -3.53
CA MET A 117 -12.86 -3.06 -3.00
C MET A 117 -12.87 -1.61 -3.51
N GLN A 118 -11.73 -1.09 -3.88
CA GLN A 118 -11.68 0.31 -4.40
C GLN A 118 -12.11 0.35 -5.87
N MET A 119 -11.93 -0.73 -6.58
CA MET A 119 -12.33 -0.74 -8.02
C MET A 119 -13.76 -1.25 -8.18
N SER A 120 -14.27 -1.96 -7.20
CA SER A 120 -15.67 -2.48 -7.31
C SER A 120 -16.65 -1.44 -6.77
N LEU A 121 -16.20 -0.55 -5.92
CA LEU A 121 -17.12 0.49 -5.37
C LEU A 121 -17.24 1.68 -6.34
N GLN A 122 -16.62 1.60 -7.49
CA GLN A 122 -16.72 2.72 -8.46
C GLN A 122 -16.38 2.23 -9.88
N GLY A 123 -16.59 0.97 -10.14
CA GLY A 123 -16.28 0.42 -11.50
C GLY A 123 -17.45 0.71 -12.44
N ALA A 124 -18.64 0.40 -12.03
CA ALA A 124 -19.83 0.66 -12.90
C ALA A 124 -20.86 1.52 -12.16
N GLU A 125 -20.54 2.77 -11.94
CA GLU A 125 -21.49 3.68 -11.23
C GLU A 125 -21.93 3.06 -9.91
N PHE A 126 -21.17 3.26 -8.85
CA PHE A 126 -21.55 2.68 -7.53
C PHE A 126 -21.06 3.59 -6.40
N GLY A 127 -21.26 4.87 -6.53
CA GLY A 127 -20.81 5.82 -5.47
C GLY A 127 -22.00 6.22 -4.61
N GLN A 128 -22.87 5.28 -4.31
CA GLN A 128 -24.06 5.61 -3.46
C GLN A 128 -24.17 4.62 -2.31
N ALA A 129 -23.79 5.02 -1.13
CA ALA A 129 -23.87 4.10 0.05
C ALA A 129 -25.13 4.40 0.87
N GLU A 130 -25.72 5.55 0.68
CA GLU A 130 -26.96 5.89 1.46
C GLU A 130 -28.20 5.46 0.68
N SER A 131 -28.20 4.27 0.13
CA SER A 131 -29.39 3.81 -0.64
C SER A 131 -29.25 2.32 -0.97
N ALA A 132 -28.25 1.95 -1.71
CA ALA A 132 -28.06 0.51 -2.06
C ALA A 132 -26.70 0.02 -1.54
N MET B 1 -25.32 -18.71 -15.99
CA MET B 1 -24.96 -17.27 -16.02
C MET B 1 -23.46 -17.11 -16.27
N GLN B 2 -23.06 -15.99 -16.82
CA GLN B 2 -21.61 -15.77 -17.08
C GLN B 2 -21.12 -14.56 -16.27
N ILE B 3 -19.95 -14.64 -15.73
CA ILE B 3 -19.42 -13.50 -14.92
C ILE B 3 -17.95 -13.25 -15.25
N PHE B 4 -17.46 -12.08 -14.97
CA PHE B 4 -16.03 -11.77 -15.27
C PHE B 4 -15.23 -11.60 -13.99
N VAL B 5 -13.96 -11.95 -14.01
CA VAL B 5 -13.12 -11.80 -12.79
C VAL B 5 -11.84 -11.04 -13.16
N LYS B 6 -11.62 -9.92 -12.53
CA LYS B 6 -10.40 -9.11 -12.85
C LYS B 6 -9.34 -9.35 -11.78
N THR B 7 -8.14 -9.70 -12.19
CA THR B 7 -7.06 -9.96 -11.21
C THR B 7 -6.20 -8.70 -11.03
N LEU B 8 -5.29 -8.73 -10.09
CA LEU B 8 -4.40 -7.54 -9.87
C LEU B 8 -3.56 -7.23 -11.11
N THR B 9 -3.55 -8.10 -12.08
CA THR B 9 -2.74 -7.85 -13.31
C THR B 9 -3.60 -7.22 -14.41
N GLY B 10 -4.79 -6.79 -14.07
CA GLY B 10 -5.67 -6.16 -15.10
C GLY B 10 -6.24 -7.22 -16.04
N LYS B 11 -6.01 -8.48 -15.76
CA LYS B 11 -6.55 -9.54 -16.66
C LYS B 11 -7.99 -9.89 -16.27
N THR B 12 -8.86 -10.03 -17.23
CA THR B 12 -10.28 -10.36 -16.92
C THR B 12 -10.61 -11.76 -17.44
N ILE B 13 -11.15 -12.61 -16.60
CA ILE B 13 -11.50 -13.99 -17.06
C ILE B 13 -13.01 -14.16 -17.11
N THR B 14 -13.50 -14.87 -18.11
CA THR B 14 -14.97 -15.09 -18.22
C THR B 14 -15.31 -16.50 -17.72
N LEU B 15 -16.19 -16.60 -16.76
CA LEU B 15 -16.55 -17.96 -16.23
C LEU B 15 -18.05 -18.21 -16.36
N GLU B 16 -18.45 -19.44 -16.40
CA GLU B 16 -19.90 -19.77 -16.50
C GLU B 16 -20.41 -20.31 -15.16
N VAL B 17 -21.27 -19.57 -14.50
CA VAL B 17 -21.78 -20.04 -13.18
C VAL B 17 -23.27 -19.75 -13.05
N GLU B 18 -23.85 -20.16 -11.95
CA GLU B 18 -25.30 -19.90 -11.72
C GLU B 18 -25.44 -18.92 -10.55
N PRO B 19 -26.61 -18.37 -10.40
CA PRO B 19 -26.86 -17.40 -9.30
C PRO B 19 -26.93 -18.14 -7.96
N SER B 20 -27.32 -19.38 -7.96
CA SER B 20 -27.38 -20.16 -6.69
C SER B 20 -26.01 -20.75 -6.34
N ASP B 21 -25.04 -20.56 -7.19
CA ASP B 21 -23.68 -21.12 -6.91
C ASP B 21 -23.01 -20.35 -5.77
N THR B 22 -22.27 -21.02 -4.94
CA THR B 22 -21.59 -20.35 -3.80
C THR B 22 -20.28 -19.71 -4.27
N ILE B 23 -19.80 -18.72 -3.56
CA ILE B 23 -18.52 -18.07 -3.96
C ILE B 23 -17.39 -19.10 -3.96
N GLU B 24 -17.45 -20.07 -3.09
CA GLU B 24 -16.40 -21.12 -3.05
C GLU B 24 -16.40 -21.89 -4.38
N ASN B 25 -17.56 -22.12 -4.93
CA ASN B 25 -17.64 -22.85 -6.23
C ASN B 25 -17.10 -21.95 -7.34
N VAL B 26 -17.28 -20.66 -7.20
CA VAL B 26 -16.78 -19.73 -8.25
C VAL B 26 -15.25 -19.70 -8.19
N LYS B 27 -14.69 -19.67 -7.01
CA LYS B 27 -13.20 -19.66 -6.88
C LYS B 27 -12.65 -20.96 -7.47
N ALA B 28 -13.31 -22.06 -7.22
CA ALA B 28 -12.84 -23.36 -7.77
C ALA B 28 -12.83 -23.30 -9.30
N LYS B 29 -13.82 -22.64 -9.87
CA LYS B 29 -13.86 -22.53 -11.35
C LYS B 29 -12.72 -21.64 -11.83
N ILE B 30 -12.35 -20.67 -11.04
CA ILE B 30 -11.22 -19.78 -11.44
C ILE B 30 -9.92 -20.60 -11.41
N GLN B 31 -9.76 -21.44 -10.43
CA GLN B 31 -8.54 -22.29 -10.35
C GLN B 31 -8.45 -23.17 -11.60
N ASP B 32 -9.52 -23.84 -11.92
CA ASP B 32 -9.51 -24.73 -13.13
C ASP B 32 -9.17 -23.91 -14.38
N LYS B 33 -9.46 -22.64 -14.36
CA LYS B 33 -9.17 -21.78 -15.56
C LYS B 33 -7.71 -21.30 -15.52
N GLU B 34 -7.23 -20.91 -14.36
CA GLU B 34 -5.82 -20.41 -14.27
C GLU B 34 -4.94 -21.44 -13.57
N GLY B 35 -5.31 -21.85 -12.38
CA GLY B 35 -4.50 -22.85 -11.65
C GLY B 35 -4.14 -22.33 -10.25
N ILE B 36 -4.87 -21.35 -9.77
CA ILE B 36 -4.57 -20.79 -8.41
C ILE B 36 -5.39 -21.54 -7.36
N PRO B 37 -4.82 -21.72 -6.20
CA PRO B 37 -5.52 -22.42 -5.10
C PRO B 37 -6.70 -21.57 -4.59
N PRO B 38 -7.85 -22.20 -4.47
CA PRO B 38 -9.06 -21.49 -4.00
C PRO B 38 -8.85 -20.92 -2.59
N ASP B 39 -7.97 -21.51 -1.82
CA ASP B 39 -7.72 -20.99 -0.45
C ASP B 39 -7.03 -19.63 -0.51
N GLN B 40 -6.33 -19.36 -1.58
CA GLN B 40 -5.64 -18.05 -1.73
C GLN B 40 -6.44 -17.11 -2.64
N GLN B 41 -7.59 -17.53 -3.08
CA GLN B 41 -8.41 -16.66 -3.97
C GLN B 41 -9.43 -15.86 -3.16
N ARG B 42 -9.58 -14.59 -3.46
CA ARG B 42 -10.56 -13.76 -2.71
C ARG B 42 -11.45 -13.01 -3.71
N LEU B 43 -12.75 -13.09 -3.54
CA LEU B 43 -13.65 -12.38 -4.49
C LEU B 43 -14.24 -11.11 -3.86
N ILE B 44 -14.13 -10.01 -4.54
CA ILE B 44 -14.66 -8.72 -4.02
C ILE B 44 -15.70 -8.16 -4.99
N PHE B 45 -16.81 -7.68 -4.49
CA PHE B 45 -17.86 -7.11 -5.38
C PHE B 45 -18.48 -5.87 -4.71
N ALA B 46 -18.81 -4.88 -5.49
CA ALA B 46 -19.42 -3.63 -4.92
C ALA B 46 -18.66 -3.17 -3.66
N GLY B 47 -17.39 -3.46 -3.58
CA GLY B 47 -16.59 -3.02 -2.40
C GLY B 47 -16.82 -3.96 -1.22
N LYS B 48 -17.58 -5.01 -1.39
CA LYS B 48 -17.83 -5.96 -0.27
C LYS B 48 -17.15 -7.30 -0.53
N GLN B 49 -16.55 -7.89 0.46
CA GLN B 49 -15.88 -9.20 0.26
C GLN B 49 -16.93 -10.31 0.23
N LEU B 50 -16.85 -11.21 -0.72
CA LEU B 50 -17.87 -12.31 -0.80
C LEU B 50 -17.48 -13.45 0.13
N GLU B 51 -18.45 -14.01 0.82
CA GLU B 51 -18.15 -15.13 1.76
C GLU B 51 -18.36 -16.48 1.06
N ASP B 52 -17.38 -17.35 1.13
CA ASP B 52 -17.52 -18.69 0.48
C ASP B 52 -18.85 -19.35 0.82
N GLY B 53 -19.42 -19.02 1.95
CA GLY B 53 -20.72 -19.65 2.36
C GLY B 53 -21.90 -18.92 1.68
N ARG B 54 -21.64 -17.82 1.04
CA ARG B 54 -22.76 -17.07 0.38
C ARG B 54 -22.80 -17.38 -1.12
N THR B 55 -23.95 -17.21 -1.74
CA THR B 55 -24.06 -17.50 -3.20
C THR B 55 -24.03 -16.18 -4.00
N LEU B 56 -23.79 -16.27 -5.28
CA LEU B 56 -23.74 -15.04 -6.13
C LEU B 56 -25.02 -14.20 -5.94
N SER B 57 -26.16 -14.84 -5.97
CA SER B 57 -27.44 -14.09 -5.81
C SER B 57 -27.46 -13.30 -4.49
N ASP B 58 -26.89 -13.86 -3.44
CA ASP B 58 -26.89 -13.13 -2.14
C ASP B 58 -26.18 -11.78 -2.27
N TYR B 59 -25.25 -11.67 -3.18
CA TYR B 59 -24.53 -10.38 -3.35
C TYR B 59 -25.09 -9.62 -4.56
N ASN B 60 -26.33 -9.88 -4.90
CA ASN B 60 -26.96 -9.18 -6.06
C ASN B 60 -26.06 -9.29 -7.30
N ILE B 61 -25.29 -10.34 -7.40
CA ILE B 61 -24.40 -10.52 -8.58
C ILE B 61 -25.20 -11.08 -9.76
N GLN B 62 -25.41 -10.29 -10.78
CA GLN B 62 -26.17 -10.79 -11.96
C GLN B 62 -25.22 -11.06 -13.13
N LYS B 63 -25.74 -11.65 -14.19
CA LYS B 63 -24.87 -11.95 -15.37
C LYS B 63 -24.01 -10.76 -15.76
N GLU B 64 -22.89 -11.01 -16.39
CA GLU B 64 -21.98 -9.91 -16.81
C GLU B 64 -21.44 -9.15 -15.58
N SER B 65 -21.56 -9.73 -14.41
CA SER B 65 -21.05 -9.03 -13.19
C SER B 65 -19.51 -9.04 -13.19
N THR B 66 -18.91 -7.98 -12.72
CA THR B 66 -17.41 -7.93 -12.70
C THR B 66 -16.90 -8.07 -11.26
N LEU B 67 -16.28 -9.18 -10.96
CA LEU B 67 -15.76 -9.38 -9.58
C LEU B 67 -14.24 -9.14 -9.55
N HIS B 68 -13.70 -8.82 -8.40
CA HIS B 68 -12.23 -8.59 -8.31
C HIS B 68 -11.57 -9.73 -7.54
N LEU B 69 -10.44 -10.21 -7.98
CA LEU B 69 -9.77 -11.33 -7.28
C LEU B 69 -8.54 -10.85 -6.51
N VAL B 70 -8.40 -11.27 -5.27
CA VAL B 70 -7.22 -10.85 -4.47
C VAL B 70 -6.50 -12.09 -3.93
N LEU B 71 -5.25 -11.95 -3.58
CA LEU B 71 -4.48 -13.12 -3.04
C LEU B 71 -4.53 -13.14 -1.52
N ARG B 72 -4.92 -14.25 -0.95
CA ARG B 72 -4.99 -14.33 0.54
C ARG B 72 -3.74 -15.03 1.10
N LEU B 73 -2.86 -14.29 1.71
CA LEU B 73 -1.62 -14.90 2.26
C LEU B 73 -1.65 -14.83 3.79
N ARG B 74 -1.53 -15.96 4.45
CA ARG B 74 -1.55 -15.95 5.94
C ARG B 74 -0.36 -15.14 6.48
N GLY B 75 -0.64 -14.17 7.32
CA GLY B 75 0.47 -13.34 7.89
C GLY B 75 0.07 -11.86 7.83
N GLY B 76 0.58 -11.07 8.74
CA GLY B 76 0.22 -9.62 8.75
C GLY B 76 1.44 -8.80 9.19
N HIS A 21 -72.58 69.68 33.37
CA HIS A 21 -71.86 70.74 34.14
C HIS A 21 -70.71 70.12 34.95
N MET A 22 -69.59 69.88 34.33
CA MET A 22 -68.45 69.27 35.06
C MET A 22 -67.24 70.22 35.03
N LEU A 23 -66.13 69.79 35.57
CA LEU A 23 -64.91 70.65 35.55
C LEU A 23 -63.87 70.04 34.62
N GLY A 24 -64.31 69.24 33.69
CA GLY A 24 -63.36 68.59 32.73
C GLY A 24 -63.35 69.36 31.41
N LEU A 25 -62.51 70.35 31.30
CA LEU A 25 -62.45 71.14 30.04
C LEU A 25 -61.35 70.60 29.12
N GLY A 26 -60.96 69.37 29.30
CA GLY A 26 -59.89 68.79 28.44
C GLY A 26 -59.79 67.29 28.69
N ALA A 27 -58.92 66.62 27.97
CA ALA A 27 -58.76 65.15 28.17
C ALA A 27 -57.39 64.83 28.78
N SER A 28 -56.92 65.67 29.67
CA SER A 28 -55.59 65.41 30.30
C SER A 28 -55.76 65.00 31.77
N ASP A 29 -56.84 65.42 32.39
CA ASP A 29 -57.07 65.05 33.82
C ASP A 29 -57.14 63.53 33.96
N PHE A 30 -57.63 62.84 32.96
CA PHE A 30 -57.72 61.37 33.03
C PHE A 30 -56.42 60.71 32.55
N GLU A 31 -55.54 61.48 31.97
CA GLU A 31 -54.25 60.89 31.48
C GLU A 31 -53.49 60.25 32.63
N PHE A 32 -53.71 58.98 32.86
CA PHE A 32 -52.98 58.27 33.98
C PHE A 32 -53.17 59.04 35.29
N GLY A 33 -54.29 59.69 35.45
CA GLY A 33 -54.53 60.46 36.71
C GLY A 33 -55.20 59.56 37.75
N VAL A 34 -55.82 58.48 37.32
CA VAL A 34 -56.49 57.58 38.29
C VAL A 34 -56.34 56.11 37.86
N ASP A 35 -56.46 55.83 36.59
CA ASP A 35 -56.34 54.43 36.12
C ASP A 35 -55.73 54.41 34.72
N PRO A 36 -55.29 53.24 34.30
CA PRO A 36 -54.66 53.11 32.97
C PRO A 36 -55.59 53.58 31.84
N SER A 37 -55.69 54.87 31.70
CA SER A 37 -56.57 55.47 30.63
C SER A 37 -58.03 55.21 30.96
N ALA A 38 -58.38 55.33 32.20
CA ALA A 38 -59.79 55.10 32.63
C ALA A 38 -60.37 53.87 31.93
N ASP A 39 -59.56 52.89 31.62
CA ASP A 39 -60.07 51.68 30.93
C ASP A 39 -59.08 50.52 31.09
N PRO A 40 -59.51 49.50 31.79
CA PRO A 40 -58.66 48.32 32.00
C PRO A 40 -58.49 47.54 30.69
N GLU A 41 -59.31 47.84 29.71
CA GLU A 41 -59.19 47.13 28.40
C GLU A 41 -57.94 47.63 27.67
N LEU A 42 -57.58 48.88 27.90
CA LEU A 42 -56.38 49.43 27.25
C LEU A 42 -55.15 49.09 28.09
N ALA A 43 -55.32 49.00 29.37
CA ALA A 43 -54.17 48.65 30.26
C ALA A 43 -53.74 47.20 29.99
N LEU A 44 -54.69 46.33 29.84
CA LEU A 44 -54.35 44.90 29.56
C LEU A 44 -53.87 44.76 28.11
N ALA A 45 -54.39 45.57 27.23
CA ALA A 45 -53.96 45.49 25.80
C ALA A 45 -52.49 45.90 25.69
N LEU A 46 -52.03 46.79 26.53
CA LEU A 46 -50.61 47.21 26.47
C LEU A 46 -49.72 46.19 27.19
N ARG A 47 -50.29 45.41 28.07
CA ARG A 47 -49.48 44.39 28.80
C ARG A 47 -49.41 43.11 27.95
N VAL A 48 -50.37 42.90 27.09
CA VAL A 48 -50.35 41.68 26.23
C VAL A 48 -49.44 41.91 25.02
N SER A 49 -49.45 43.10 24.47
CA SER A 49 -48.59 43.39 23.29
C SER A 49 -47.14 43.55 23.73
N MET A 50 -46.92 44.11 24.90
CA MET A 50 -45.52 44.30 25.40
C MET A 50 -44.90 42.94 25.73
N GLU A 51 -45.63 42.09 26.40
CA GLU A 51 -45.09 40.75 26.76
C GLU A 51 -44.81 39.93 25.48
N GLU A 52 -45.66 40.04 24.51
CA GLU A 52 -45.45 39.27 23.24
C GLU A 52 -44.24 39.84 22.49
N GLN A 53 -44.16 41.14 22.36
CA GLN A 53 -43.01 41.75 21.63
C GLN A 53 -41.70 41.41 22.34
N ARG A 54 -41.74 41.23 23.63
CA ARG A 54 -40.51 40.88 24.39
C ARG A 54 -40.17 39.39 24.20
N GLN A 55 -41.17 38.55 24.24
CA GLN A 55 -40.92 37.09 24.07
C GLN A 55 -40.19 36.82 22.75
N ARG A 56 -40.44 37.63 21.76
CA ARG A 56 -39.75 37.43 20.44
C ARG A 56 -38.34 38.02 20.50
N GLN A 57 -38.21 39.24 20.96
CA GLN A 57 -36.85 39.86 21.04
C GLN A 57 -36.01 39.17 22.12
N GLU A 58 -36.65 38.52 23.06
CA GLU A 58 -35.90 37.82 24.14
C GLU A 58 -35.47 36.44 23.64
N GLU A 59 -36.41 35.61 23.24
CA GLU A 59 -36.04 34.26 22.74
C GLU A 59 -34.97 34.39 21.65
N GLU A 60 -35.03 35.45 20.89
CA GLU A 60 -34.00 35.67 19.84
C GLU A 60 -32.77 36.32 20.46
N ALA A 61 -32.96 37.15 21.46
CA ALA A 61 -31.80 37.80 22.12
C ALA A 61 -30.93 36.73 22.80
N ARG A 62 -31.54 35.87 23.59
CA ARG A 62 -30.75 34.80 24.27
C ARG A 62 -30.24 33.80 23.23
N ARG A 63 -30.99 33.60 22.17
CA ARG A 63 -30.55 32.65 21.11
C ARG A 63 -29.14 33.02 20.66
N ALA A 64 -28.88 34.29 20.50
CA ALA A 64 -27.52 34.73 20.10
C ALA A 64 -26.62 34.77 21.34
N ALA A 65 -27.21 34.93 22.49
CA ALA A 65 -26.41 34.97 23.74
C ALA A 65 -25.86 33.57 24.05
N ALA A 66 -26.58 32.55 23.67
CA ALA A 66 -26.11 31.16 23.93
C ALA A 66 -25.11 30.74 22.86
N ALA A 67 -25.37 31.07 21.62
CA ALA A 67 -24.43 30.69 20.52
C ALA A 67 -23.06 31.33 20.77
N SER A 68 -23.02 32.43 21.46
CA SER A 68 -21.72 33.10 21.73
C SER A 68 -21.11 32.57 23.04
N ALA A 69 -21.95 32.23 23.99
CA ALA A 69 -21.42 31.71 25.28
C ALA A 69 -20.65 30.41 25.06
N ALA A 70 -21.13 29.56 24.20
CA ALA A 70 -20.43 28.27 23.94
C ALA A 70 -19.13 28.53 23.15
N GLU A 71 -19.09 29.59 22.39
CA GLU A 71 -17.86 29.90 21.61
C GLU A 71 -16.84 30.63 22.49
N ALA A 72 -16.15 29.91 23.33
CA ALA A 72 -15.13 30.55 24.22
C ALA A 72 -15.76 31.73 24.98
N GLY A 73 -17.03 31.65 25.27
CA GLY A 73 -17.71 32.75 26.01
C GLY A 73 -17.73 32.42 27.50
N ILE A 74 -18.35 31.32 27.86
CA ILE A 74 -18.42 30.94 29.29
C ILE A 74 -17.67 29.63 29.54
N ALA A 75 -17.42 28.87 28.51
CA ALA A 75 -16.69 27.58 28.69
C ALA A 75 -15.18 27.82 28.66
N THR A 76 -14.40 26.86 29.10
CA THR A 76 -12.92 27.05 29.10
C THR A 76 -12.39 27.08 27.65
N THR A 77 -11.24 27.66 27.45
CA THR A 77 -10.67 27.72 26.07
C THR A 77 -9.16 27.54 26.11
N GLY A 78 -8.53 27.48 24.97
CA GLY A 78 -7.04 27.30 24.93
C GLY A 78 -6.51 27.80 23.59
N THR A 79 -6.42 26.94 22.61
CA THR A 79 -5.90 27.37 21.28
C THR A 79 -6.50 26.49 20.17
N GLU A 80 -7.45 27.03 19.44
CA GLU A 80 -8.08 26.23 18.35
C GLU A 80 -8.01 27.00 17.02
N ASP A 81 -6.84 27.07 16.44
CA ASP A 81 -6.69 27.81 15.15
C ASP A 81 -6.71 26.84 13.97
N SER A 82 -5.73 25.99 13.87
CA SER A 82 -5.69 25.01 12.74
C SER A 82 -6.03 23.60 13.25
N ASP A 83 -7.26 23.37 13.59
CA ASP A 83 -7.66 22.01 14.10
C ASP A 83 -7.68 21.00 12.95
N ASP A 84 -8.14 21.40 11.80
CA ASP A 84 -8.16 20.45 10.65
C ASP A 84 -6.76 20.31 10.09
N ALA A 85 -5.95 21.33 10.21
CA ALA A 85 -4.56 21.24 9.70
C ALA A 85 -3.83 20.14 10.46
N LEU A 86 -4.06 20.06 11.75
CA LEU A 86 -3.41 19.00 12.55
C LEU A 86 -3.97 17.65 12.11
N LEU A 87 -5.20 17.62 11.69
CA LEU A 87 -5.82 16.35 11.23
C LEU A 87 -5.24 15.96 9.87
N LYS A 88 -5.18 16.90 8.96
CA LYS A 88 -4.62 16.60 7.60
C LYS A 88 -3.11 16.50 7.66
N MET A 89 -2.44 17.52 8.17
CA MET A 89 -0.95 17.46 8.25
C MET A 89 -0.48 16.16 8.90
N THR A 90 -1.18 15.68 9.88
CA THR A 90 -0.78 14.42 10.55
C THR A 90 -0.95 13.23 9.59
N ILE A 91 -2.04 13.18 8.87
CA ILE A 91 -2.24 12.06 7.92
C ILE A 91 -1.49 12.32 6.62
N SER A 92 -1.11 13.54 6.38
CA SER A 92 -0.36 13.85 5.12
C SER A 92 1.04 13.24 5.19
N GLN A 93 1.69 13.37 6.31
CA GLN A 93 3.06 12.79 6.45
C GLN A 93 2.96 11.28 6.74
N GLN A 94 1.85 10.85 7.29
CA GLN A 94 1.69 9.41 7.60
C GLN A 94 1.24 8.65 6.33
N GLU A 95 0.38 9.25 5.54
CA GLU A 95 -0.08 8.57 4.31
C GLU A 95 1.02 8.53 3.26
N PHE A 96 1.61 9.68 2.96
CA PHE A 96 2.70 9.71 1.95
C PHE A 96 3.87 8.83 2.38
N GLY A 97 4.15 7.80 1.62
CA GLY A 97 5.29 6.90 1.98
C GLY A 97 5.53 5.91 0.84
N ARG A 98 6.09 6.37 -0.25
CA ARG A 98 6.36 5.46 -1.41
C ARG A 98 5.08 4.71 -1.80
N THR A 99 4.28 5.29 -2.66
CA THR A 99 3.02 4.62 -3.09
C THR A 99 2.64 5.07 -4.50
N GLY A 100 3.59 5.14 -5.39
CA GLY A 100 3.28 5.58 -6.78
C GLY A 100 3.32 4.37 -7.72
N LEU A 101 2.80 3.26 -7.27
CA LEU A 101 2.80 2.03 -8.13
C LEU A 101 1.99 0.95 -7.44
N PRO A 102 1.33 0.13 -8.22
CA PRO A 102 0.51 -0.96 -7.65
C PRO A 102 1.40 -2.04 -7.06
N ASP A 103 2.19 -1.71 -6.06
CA ASP A 103 3.10 -2.72 -5.44
C ASP A 103 2.27 -3.92 -4.92
N LEU A 104 2.40 -5.05 -5.56
CA LEU A 104 1.64 -6.25 -5.10
C LEU A 104 2.39 -6.96 -3.97
N SER A 105 3.68 -7.09 -4.10
CA SER A 105 4.48 -7.78 -3.03
C SER A 105 4.32 -7.04 -1.70
N SER A 106 4.13 -5.75 -1.74
CA SER A 106 3.97 -4.98 -0.47
C SER A 106 2.50 -5.04 -0.02
N MET A 107 1.59 -5.15 -0.95
CA MET A 107 0.15 -5.20 -0.57
C MET A 107 -0.22 -6.60 -0.09
N THR A 108 -0.64 -6.73 1.15
CA THR A 108 -1.01 -8.08 1.67
C THR A 108 -2.41 -8.48 1.19
N GLU A 109 -3.01 -9.44 1.84
CA GLU A 109 -4.37 -9.87 1.45
C GLU A 109 -5.37 -8.76 1.75
N GLU A 110 -5.12 -8.00 2.78
CA GLU A 110 -6.03 -6.88 3.13
C GLU A 110 -5.67 -5.68 2.27
N GLU A 111 -4.40 -5.43 2.07
CA GLU A 111 -3.99 -4.28 1.22
C GLU A 111 -4.48 -4.54 -0.20
N GLN A 112 -4.28 -5.75 -0.67
CA GLN A 112 -4.78 -6.08 -2.04
C GLN A 112 -6.30 -6.07 -1.99
N ILE A 113 -6.87 -6.44 -0.87
CA ILE A 113 -8.35 -6.42 -0.73
C ILE A 113 -8.82 -4.97 -0.92
N ALA A 114 -8.07 -4.02 -0.40
CA ALA A 114 -8.46 -2.60 -0.59
C ALA A 114 -8.51 -2.30 -2.08
N TYR A 115 -7.64 -2.93 -2.83
CA TYR A 115 -7.62 -2.73 -4.30
C TYR A 115 -8.90 -3.31 -4.91
N ALA A 116 -9.31 -4.45 -4.44
CA ALA A 116 -10.55 -5.08 -4.97
C ALA A 116 -11.78 -4.30 -4.50
N MET A 117 -11.76 -3.83 -3.28
CA MET A 117 -12.92 -3.05 -2.76
C MET A 117 -12.85 -1.61 -3.29
N GLN A 118 -11.72 -1.21 -3.80
CA GLN A 118 -11.59 0.19 -4.32
C GLN A 118 -12.19 0.28 -5.73
N MET A 119 -11.95 -0.71 -6.55
CA MET A 119 -12.51 -0.67 -7.94
C MET A 119 -13.94 -1.23 -7.96
N SER A 120 -14.29 -2.02 -7.00
CA SER A 120 -15.68 -2.59 -6.97
C SER A 120 -16.63 -1.60 -6.32
N LEU A 121 -16.14 -0.74 -5.48
CA LEU A 121 -17.03 0.26 -4.81
C LEU A 121 -17.13 1.54 -5.66
N GLN A 122 -16.64 1.50 -6.87
CA GLN A 122 -16.71 2.71 -7.75
C GLN A 122 -16.93 2.30 -9.20
N GLY A 123 -17.60 1.21 -9.42
CA GLY A 123 -17.86 0.75 -10.82
C GLY A 123 -19.25 1.21 -11.26
N ALA A 124 -20.24 0.37 -11.11
CA ALA A 124 -21.63 0.75 -11.53
C ALA A 124 -22.62 0.41 -10.41
N GLU A 125 -22.71 1.24 -9.41
CA GLU A 125 -23.66 0.97 -8.30
C GLU A 125 -25.03 1.60 -8.60
N PHE A 126 -25.84 0.94 -9.37
CA PHE A 126 -27.18 1.50 -9.71
C PHE A 126 -28.29 0.56 -9.25
N GLY A 127 -28.37 -0.61 -9.83
CA GLY A 127 -29.43 -1.57 -9.42
C GLY A 127 -30.70 -1.29 -10.22
N GLN A 128 -31.47 -2.31 -10.50
CA GLN A 128 -32.73 -2.11 -11.28
C GLN A 128 -33.95 -2.15 -10.35
N ALA A 129 -34.02 -1.22 -9.42
CA ALA A 129 -35.18 -1.21 -8.48
C ALA A 129 -35.25 0.13 -7.75
N GLU A 130 -35.10 1.21 -8.47
CA GLU A 130 -35.16 2.56 -7.82
C GLU A 130 -36.42 3.31 -8.27
N SER A 131 -36.66 3.37 -9.56
CA SER A 131 -37.86 4.08 -10.07
C SER A 131 -38.16 3.67 -11.51
N ALA A 132 -38.33 2.40 -11.74
CA ALA A 132 -38.63 1.91 -13.13
C ALA A 132 -39.99 1.24 -13.17
N MET B 1 -25.37 -18.63 -16.10
CA MET B 1 -24.99 -17.19 -16.12
C MET B 1 -23.49 -17.04 -16.39
N GLN B 2 -23.08 -15.88 -16.87
CA GLN B 2 -21.64 -15.66 -17.14
C GLN B 2 -21.14 -14.46 -16.33
N ILE B 3 -19.97 -14.55 -15.77
CA ILE B 3 -19.44 -13.41 -14.96
C ILE B 3 -17.95 -13.17 -15.28
N PHE B 4 -17.49 -11.98 -15.02
CA PHE B 4 -16.06 -11.65 -15.32
C PHE B 4 -15.29 -11.43 -14.01
N VAL B 5 -14.05 -11.83 -13.98
CA VAL B 5 -13.23 -11.62 -12.74
C VAL B 5 -11.91 -10.93 -13.11
N LYS B 6 -11.68 -9.77 -12.56
CA LYS B 6 -10.42 -9.04 -12.89
C LYS B 6 -9.39 -9.23 -11.77
N THR B 7 -8.19 -9.60 -12.13
CA THR B 7 -7.13 -9.81 -11.09
C THR B 7 -6.28 -8.55 -10.94
N LEU B 8 -5.38 -8.53 -10.00
CA LEU B 8 -4.52 -7.33 -9.79
C LEU B 8 -3.67 -7.04 -11.04
N THR B 9 -3.59 -7.96 -11.96
CA THR B 9 -2.77 -7.73 -13.18
C THR B 9 -3.64 -7.23 -14.33
N GLY B 10 -4.83 -6.76 -14.04
CA GLY B 10 -5.72 -6.23 -15.13
C GLY B 10 -6.22 -7.38 -16.00
N LYS B 11 -6.00 -8.61 -15.59
CA LYS B 11 -6.49 -9.76 -16.42
C LYS B 11 -7.94 -10.08 -16.07
N THR B 12 -8.79 -10.19 -17.06
CA THR B 12 -10.22 -10.49 -16.78
C THR B 12 -10.58 -11.89 -17.30
N ILE B 13 -11.17 -12.71 -16.47
CA ILE B 13 -11.54 -14.09 -16.91
C ILE B 13 -13.06 -14.21 -17.04
N THR B 14 -13.52 -14.90 -18.05
CA THR B 14 -14.98 -15.08 -18.23
C THR B 14 -15.38 -16.49 -17.77
N LEU B 15 -16.26 -16.59 -16.82
CA LEU B 15 -16.67 -17.95 -16.34
C LEU B 15 -18.18 -18.16 -16.45
N GLU B 16 -18.60 -19.40 -16.55
CA GLU B 16 -20.06 -19.69 -16.65
C GLU B 16 -20.56 -20.26 -15.33
N VAL B 17 -21.39 -19.55 -14.64
CA VAL B 17 -21.91 -20.06 -13.33
C VAL B 17 -23.39 -19.73 -13.16
N GLU B 18 -23.95 -20.12 -12.05
CA GLU B 18 -25.38 -19.82 -11.78
C GLU B 18 -25.49 -18.84 -10.61
N PRO B 19 -26.63 -18.24 -10.45
CA PRO B 19 -26.83 -17.28 -9.33
C PRO B 19 -26.90 -18.02 -8.00
N SER B 20 -27.33 -19.25 -8.02
CA SER B 20 -27.42 -20.03 -6.75
C SER B 20 -26.06 -20.66 -6.40
N ASP B 21 -25.09 -20.49 -7.24
CA ASP B 21 -23.74 -21.09 -6.96
C ASP B 21 -23.06 -20.34 -5.81
N THR B 22 -22.31 -21.05 -5.00
CA THR B 22 -21.61 -20.39 -3.85
C THR B 22 -20.30 -19.77 -4.31
N ILE B 23 -19.81 -18.79 -3.60
CA ILE B 23 -18.52 -18.15 -4.00
C ILE B 23 -17.41 -19.20 -3.99
N GLU B 24 -17.50 -20.18 -3.11
CA GLU B 24 -16.47 -21.25 -3.07
C GLU B 24 -16.46 -22.00 -4.41
N ASN B 25 -17.62 -22.19 -4.98
CA ASN B 25 -17.69 -22.89 -6.30
C ASN B 25 -17.11 -22.00 -7.38
N VAL B 26 -17.26 -20.71 -7.24
CA VAL B 26 -16.70 -19.78 -8.26
C VAL B 26 -15.17 -19.79 -8.16
N LYS B 27 -14.65 -19.83 -6.96
CA LYS B 27 -13.17 -19.88 -6.79
C LYS B 27 -12.63 -21.16 -7.41
N ALA B 28 -13.32 -22.26 -7.21
CA ALA B 28 -12.87 -23.55 -7.80
C ALA B 28 -12.86 -23.43 -9.32
N LYS B 29 -13.80 -22.70 -9.87
CA LYS B 29 -13.85 -22.53 -11.36
C LYS B 29 -12.63 -21.72 -11.82
N ILE B 30 -12.25 -20.72 -11.06
CA ILE B 30 -11.07 -19.90 -11.46
C ILE B 30 -9.80 -20.76 -11.35
N GLN B 31 -9.73 -21.59 -10.34
CA GLN B 31 -8.54 -22.47 -10.18
C GLN B 31 -8.41 -23.39 -11.40
N ASP B 32 -9.45 -24.10 -11.73
CA ASP B 32 -9.39 -25.02 -12.91
C ASP B 32 -9.03 -24.24 -14.18
N LYS B 33 -9.34 -22.97 -14.22
CA LYS B 33 -9.03 -22.17 -15.45
C LYS B 33 -7.58 -21.67 -15.41
N GLU B 34 -7.09 -21.26 -14.27
CA GLU B 34 -5.70 -20.75 -14.19
C GLU B 34 -4.81 -21.76 -13.46
N GLY B 35 -5.19 -22.16 -12.28
CA GLY B 35 -4.38 -23.15 -11.51
C GLY B 35 -4.08 -22.62 -10.12
N ILE B 36 -4.78 -21.61 -9.67
CA ILE B 36 -4.54 -21.06 -8.30
C ILE B 36 -5.44 -21.78 -7.29
N PRO B 37 -4.92 -21.99 -6.11
CA PRO B 37 -5.70 -22.67 -5.04
C PRO B 37 -6.85 -21.77 -4.57
N PRO B 38 -8.01 -22.37 -4.40
CA PRO B 38 -9.21 -21.60 -3.95
C PRO B 38 -8.98 -20.98 -2.57
N ASP B 39 -8.16 -21.58 -1.76
CA ASP B 39 -7.90 -21.01 -0.40
C ASP B 39 -7.13 -19.70 -0.52
N GLN B 40 -6.46 -19.49 -1.62
CA GLN B 40 -5.69 -18.22 -1.81
C GLN B 40 -6.47 -17.26 -2.71
N GLN B 41 -7.64 -17.64 -3.15
CA GLN B 41 -8.42 -16.73 -4.04
C GLN B 41 -9.42 -15.91 -3.20
N ARG B 42 -9.56 -14.65 -3.53
CA ARG B 42 -10.51 -13.78 -2.79
C ARG B 42 -11.43 -13.05 -3.76
N LEU B 43 -12.72 -13.13 -3.56
CA LEU B 43 -13.66 -12.43 -4.49
C LEU B 43 -14.23 -11.18 -3.83
N ILE B 44 -14.06 -10.05 -4.46
CA ILE B 44 -14.58 -8.77 -3.89
C ILE B 44 -15.57 -8.13 -4.86
N PHE B 45 -16.71 -7.72 -4.38
CA PHE B 45 -17.72 -7.09 -5.27
C PHE B 45 -18.41 -5.93 -4.54
N ALA B 46 -18.88 -4.95 -5.27
CA ALA B 46 -19.55 -3.77 -4.63
C ALA B 46 -18.77 -3.26 -3.41
N GLY B 47 -17.48 -3.46 -3.40
CA GLY B 47 -16.67 -2.97 -2.24
C GLY B 47 -16.76 -3.93 -1.06
N LYS B 48 -17.56 -4.97 -1.17
CA LYS B 48 -17.69 -5.93 -0.04
C LYS B 48 -17.06 -7.27 -0.41
N GLN B 49 -16.42 -7.92 0.52
CA GLN B 49 -15.79 -9.25 0.23
C GLN B 49 -16.87 -10.33 0.23
N LEU B 50 -16.84 -11.23 -0.71
CA LEU B 50 -17.87 -12.30 -0.77
C LEU B 50 -17.49 -13.46 0.17
N GLU B 51 -18.44 -14.01 0.85
CA GLU B 51 -18.14 -15.14 1.78
C GLU B 51 -18.36 -16.49 1.07
N ASP B 52 -17.40 -17.37 1.15
CA ASP B 52 -17.52 -18.71 0.50
C ASP B 52 -18.88 -19.36 0.82
N GLY B 53 -19.45 -19.02 1.95
CA GLY B 53 -20.76 -19.63 2.34
C GLY B 53 -21.92 -18.90 1.65
N ARG B 54 -21.66 -17.79 1.01
CA ARG B 54 -22.77 -17.05 0.33
C ARG B 54 -22.78 -17.36 -1.16
N THR B 55 -23.91 -17.16 -1.81
CA THR B 55 -23.99 -17.44 -3.27
C THR B 55 -23.93 -16.14 -4.06
N LEU B 56 -23.70 -16.23 -5.36
CA LEU B 56 -23.62 -15.00 -6.19
C LEU B 56 -24.87 -14.13 -6.00
N SER B 57 -26.03 -14.74 -6.02
CA SER B 57 -27.30 -13.96 -5.86
C SER B 57 -27.30 -13.17 -4.54
N ASP B 58 -26.74 -13.74 -3.50
CA ASP B 58 -26.73 -13.02 -2.19
C ASP B 58 -26.00 -11.67 -2.32
N TYR B 59 -25.07 -11.58 -3.23
CA TYR B 59 -24.32 -10.30 -3.41
C TYR B 59 -24.89 -9.53 -4.61
N ASN B 60 -26.12 -9.75 -4.94
CA ASN B 60 -26.73 -9.04 -6.11
C ASN B 60 -25.84 -9.17 -7.35
N ILE B 61 -25.10 -10.25 -7.45
CA ILE B 61 -24.21 -10.44 -8.63
C ILE B 61 -25.02 -10.97 -9.81
N GLN B 62 -25.22 -10.17 -10.83
CA GLN B 62 -26.01 -10.63 -12.00
C GLN B 62 -25.07 -10.91 -13.18
N LYS B 63 -25.60 -11.49 -14.23
CA LYS B 63 -24.77 -11.80 -15.43
C LYS B 63 -23.89 -10.61 -15.82
N GLU B 64 -22.77 -10.87 -16.44
CA GLU B 64 -21.85 -9.77 -16.86
C GLU B 64 -21.33 -9.00 -15.64
N SER B 65 -21.45 -9.57 -14.47
CA SER B 65 -20.95 -8.88 -13.25
C SER B 65 -19.42 -8.86 -13.23
N THR B 66 -18.83 -7.81 -12.76
CA THR B 66 -17.33 -7.75 -12.71
C THR B 66 -16.84 -7.88 -11.27
N LEU B 67 -16.24 -8.99 -10.94
CA LEU B 67 -15.73 -9.18 -9.54
C LEU B 67 -14.22 -8.98 -9.50
N HIS B 68 -13.68 -8.72 -8.34
CA HIS B 68 -12.21 -8.51 -8.24
C HIS B 68 -11.56 -9.71 -7.53
N LEU B 69 -10.44 -10.17 -8.02
CA LEU B 69 -9.77 -11.34 -7.38
C LEU B 69 -8.52 -10.91 -6.62
N VAL B 70 -8.37 -11.34 -5.39
CA VAL B 70 -7.17 -10.97 -4.59
C VAL B 70 -6.47 -12.22 -4.09
N LEU B 71 -5.22 -12.12 -3.71
CA LEU B 71 -4.48 -13.31 -3.22
C LEU B 71 -4.55 -13.39 -1.70
N ARG B 72 -5.24 -14.36 -1.17
CA ARG B 72 -5.35 -14.49 0.31
C ARG B 72 -4.08 -15.14 0.88
N LEU B 73 -2.97 -14.45 0.80
CA LEU B 73 -1.70 -15.02 1.33
C LEU B 73 -1.77 -15.13 2.86
N ARG B 74 -0.96 -15.98 3.45
CA ARG B 74 -0.97 -16.13 4.93
C ARG B 74 -0.14 -15.03 5.58
N GLY B 75 -0.59 -14.51 6.70
CA GLY B 75 0.17 -13.44 7.39
C GLY B 75 0.19 -12.19 6.52
N GLY B 76 0.20 -11.03 7.13
CA GLY B 76 0.22 -9.76 6.34
C GLY B 76 -0.07 -8.58 7.26
N HIS A 21 -2.89 44.63 -37.38
CA HIS A 21 -2.93 44.86 -35.91
C HIS A 21 -4.33 44.53 -35.36
N MET A 22 -4.78 43.32 -35.55
CA MET A 22 -6.13 42.94 -35.04
C MET A 22 -6.02 41.80 -34.02
N LEU A 23 -7.06 41.55 -33.28
CA LEU A 23 -7.02 40.46 -32.27
C LEU A 23 -7.95 39.32 -32.71
N GLY A 24 -8.21 39.23 -33.99
CA GLY A 24 -9.10 38.16 -34.50
C GLY A 24 -8.35 36.82 -34.47
N LEU A 25 -7.30 36.69 -35.23
CA LEU A 25 -6.53 35.43 -35.25
C LEU A 25 -5.05 35.71 -35.55
N GLY A 26 -4.60 36.90 -35.29
CA GLY A 26 -3.17 37.24 -35.55
C GLY A 26 -2.56 37.89 -34.31
N ALA A 27 -2.41 39.19 -34.32
CA ALA A 27 -1.82 39.91 -33.15
C ALA A 27 -0.36 39.48 -32.93
N SER A 28 -0.13 38.26 -32.54
CA SER A 28 1.27 37.79 -32.33
C SER A 28 1.81 37.12 -33.59
N ASP A 29 1.23 37.42 -34.73
CA ASP A 29 1.71 36.80 -36.00
C ASP A 29 2.59 37.80 -36.77
N PHE A 30 3.07 38.81 -36.12
CA PHE A 30 3.93 39.81 -36.82
C PHE A 30 5.17 40.15 -35.97
N GLU A 31 5.93 39.16 -35.61
CA GLU A 31 7.14 39.41 -34.78
C GLU A 31 8.38 39.48 -35.68
N PHE A 32 9.14 40.54 -35.59
CA PHE A 32 10.36 40.68 -36.45
C PHE A 32 9.99 40.49 -37.92
N GLY A 33 9.03 41.22 -38.40
CA GLY A 33 8.60 41.09 -39.82
C GLY A 33 7.38 40.16 -39.90
N VAL A 34 7.46 39.01 -39.28
CA VAL A 34 6.32 38.06 -39.31
C VAL A 34 6.31 37.18 -38.05
N ASP A 35 7.46 36.69 -37.66
CA ASP A 35 7.54 35.82 -36.44
C ASP A 35 8.96 35.29 -36.27
N PRO A 36 9.26 34.78 -35.10
CA PRO A 36 10.61 34.25 -34.82
C PRO A 36 10.84 32.93 -35.58
N SER A 37 9.78 32.24 -35.92
CA SER A 37 9.93 30.95 -36.65
C SER A 37 10.32 31.19 -38.11
N ALA A 38 10.48 32.44 -38.52
CA ALA A 38 10.85 32.72 -39.93
C ALA A 38 12.37 32.93 -40.05
N ASP A 39 13.10 32.71 -38.98
CA ASP A 39 14.58 32.91 -39.03
C ASP A 39 15.22 32.35 -37.76
N PRO A 40 16.06 31.37 -37.95
CA PRO A 40 16.77 30.74 -36.81
C PRO A 40 17.80 31.72 -36.24
N GLU A 41 18.13 32.76 -36.97
CA GLU A 41 19.13 33.74 -36.48
C GLU A 41 18.47 34.62 -35.41
N LEU A 42 17.20 34.85 -35.51
CA LEU A 42 16.49 35.67 -34.51
C LEU A 42 16.04 34.79 -33.34
N ALA A 43 15.80 33.53 -33.60
CA ALA A 43 15.37 32.61 -32.51
C ALA A 43 16.57 32.28 -31.63
N LEU A 44 17.71 32.04 -32.23
CA LEU A 44 18.92 31.72 -31.42
C LEU A 44 19.49 33.00 -30.81
N ALA A 45 19.35 34.10 -31.49
CA ALA A 45 19.88 35.39 -30.94
C ALA A 45 19.15 35.74 -29.65
N LEU A 46 17.86 35.53 -29.61
CA LEU A 46 17.09 35.85 -28.37
C LEU A 46 17.32 34.76 -27.31
N ARG A 47 17.72 33.58 -27.74
CA ARG A 47 17.98 32.50 -26.76
C ARG A 47 19.35 32.72 -26.11
N VAL A 48 20.24 33.35 -26.82
CA VAL A 48 21.59 33.62 -26.24
C VAL A 48 21.50 34.78 -25.26
N SER A 49 20.71 35.77 -25.57
CA SER A 49 20.56 36.93 -24.65
C SER A 49 19.92 36.48 -23.34
N MET A 50 18.90 35.67 -23.41
CA MET A 50 18.23 35.19 -22.17
C MET A 50 19.23 34.38 -21.32
N GLU A 51 20.05 33.58 -21.96
CA GLU A 51 21.04 32.77 -21.21
C GLU A 51 22.12 33.68 -20.63
N GLU A 52 22.53 34.67 -21.38
CA GLU A 52 23.59 35.60 -20.88
C GLU A 52 23.06 36.38 -19.67
N GLN A 53 21.83 36.81 -19.73
CA GLN A 53 21.26 37.57 -18.58
C GLN A 53 21.23 36.69 -17.33
N ARG A 54 21.06 35.41 -17.50
CA ARG A 54 21.03 34.49 -16.32
C ARG A 54 22.43 34.40 -15.70
N GLN A 55 23.45 34.31 -16.51
CA GLN A 55 24.83 34.21 -15.96
C GLN A 55 25.15 35.44 -15.10
N ARG A 56 24.74 36.60 -15.54
CA ARG A 56 25.02 37.83 -14.75
C ARG A 56 24.13 37.85 -13.50
N GLN A 57 22.87 37.61 -13.65
CA GLN A 57 21.95 37.60 -12.47
C GLN A 57 22.35 36.50 -11.49
N GLU A 58 22.98 35.46 -11.98
CA GLU A 58 23.40 34.35 -11.08
C GLU A 58 24.66 34.75 -10.33
N GLU A 59 25.69 35.15 -11.03
CA GLU A 59 26.94 35.58 -10.34
C GLU A 59 26.60 36.64 -9.29
N GLU A 60 25.62 37.45 -9.58
CA GLU A 60 25.19 38.50 -8.62
C GLU A 60 24.21 37.89 -7.61
N ALA A 61 23.38 36.98 -8.04
CA ALA A 61 22.40 36.36 -7.09
C ALA A 61 23.14 35.46 -6.11
N ARG A 62 23.87 34.50 -6.60
CA ARG A 62 24.62 33.58 -5.70
C ARG A 62 25.58 34.37 -4.80
N ARG A 63 26.27 35.34 -5.34
CA ARG A 63 27.22 36.15 -4.51
C ARG A 63 26.47 36.75 -3.31
N ALA A 64 25.24 37.16 -3.51
CA ALA A 64 24.47 37.75 -2.39
C ALA A 64 24.09 36.65 -1.38
N ALA A 65 23.87 35.46 -1.86
CA ALA A 65 23.51 34.33 -0.95
C ALA A 65 24.76 33.82 -0.23
N ALA A 66 25.90 33.89 -0.88
CA ALA A 66 27.16 33.41 -0.24
C ALA A 66 27.55 34.34 0.91
N ALA A 67 27.53 35.62 0.67
CA ALA A 67 27.91 36.59 1.75
C ALA A 67 26.92 36.46 2.92
N SER A 68 25.65 36.38 2.64
CA SER A 68 24.65 36.26 3.73
C SER A 68 24.71 34.86 4.36
N ALA A 69 24.99 33.86 3.56
CA ALA A 69 25.07 32.47 4.11
C ALA A 69 26.19 32.37 5.14
N ALA A 70 27.27 33.08 4.92
CA ALA A 70 28.39 33.03 5.90
C ALA A 70 27.93 33.50 7.28
N GLU A 71 26.91 34.32 7.33
CA GLU A 71 26.41 34.83 8.63
C GLU A 71 25.59 33.74 9.34
N ALA A 72 26.24 32.68 9.76
CA ALA A 72 25.51 31.57 10.45
C ALA A 72 24.33 31.09 9.59
N GLY A 73 24.48 31.13 8.29
CA GLY A 73 23.37 30.68 7.40
C GLY A 73 23.79 29.40 6.67
N ILE A 74 25.04 29.30 6.31
CA ILE A 74 25.52 28.08 5.60
C ILE A 74 25.29 26.83 6.46
N ALA A 75 25.38 26.98 7.75
CA ALA A 75 25.17 25.80 8.65
C ALA A 75 23.67 25.55 8.85
N THR A 76 23.20 24.40 8.43
CA THR A 76 21.74 24.10 8.60
C THR A 76 21.55 22.60 8.90
N THR A 77 20.76 22.30 9.90
CA THR A 77 20.53 20.86 10.24
C THR A 77 19.18 20.70 10.97
N GLY A 78 18.22 21.51 10.62
CA GLY A 78 16.89 21.41 11.28
C GLY A 78 15.84 22.15 10.45
N THR A 79 16.03 22.20 9.16
CA THR A 79 15.04 22.92 8.28
C THR A 79 14.10 21.92 7.62
N GLU A 80 13.27 21.26 8.39
CA GLU A 80 12.33 20.27 7.81
C GLU A 80 11.11 20.98 7.20
N ASP A 81 11.28 21.59 6.06
CA ASP A 81 10.11 22.29 5.42
C ASP A 81 9.06 21.28 4.99
N SER A 82 9.46 20.07 4.69
CA SER A 82 8.47 19.04 4.27
C SER A 82 8.71 17.74 5.04
N ASP A 83 8.10 17.60 6.19
CA ASP A 83 8.29 16.36 6.99
C ASP A 83 7.86 15.12 6.18
N ASP A 84 6.88 15.28 5.33
CA ASP A 84 6.43 14.14 4.51
C ASP A 84 7.44 13.87 3.40
N ALA A 85 8.09 14.91 2.94
CA ALA A 85 9.10 14.71 1.86
C ALA A 85 10.20 13.79 2.38
N LEU A 86 10.63 14.00 3.59
CA LEU A 86 11.68 13.11 4.15
C LEU A 86 11.11 11.70 4.27
N LEU A 87 9.83 11.59 4.52
CA LEU A 87 9.20 10.24 4.61
C LEU A 87 9.14 9.60 3.22
N LYS A 88 8.55 10.28 2.27
CA LYS A 88 8.46 9.72 0.89
C LYS A 88 9.84 9.62 0.26
N MET A 89 10.60 10.69 0.27
CA MET A 89 11.96 10.65 -0.34
C MET A 89 12.76 9.46 0.21
N THR A 90 12.47 9.03 1.40
CA THR A 90 13.23 7.87 1.97
C THR A 90 12.76 6.56 1.35
N ILE A 91 11.47 6.35 1.28
CA ILE A 91 10.97 5.08 0.65
C ILE A 91 11.26 5.15 -0.84
N SER A 92 11.21 6.33 -1.38
CA SER A 92 11.48 6.51 -2.83
C SER A 92 12.86 5.97 -3.18
N GLN A 93 13.83 6.22 -2.34
CA GLN A 93 15.22 5.71 -2.62
C GLN A 93 15.26 4.20 -2.47
N GLN A 94 14.61 3.67 -1.47
CA GLN A 94 14.60 2.20 -1.26
C GLN A 94 13.55 1.53 -2.15
N GLU A 95 12.65 2.30 -2.71
CA GLU A 95 11.60 1.70 -3.58
C GLU A 95 12.03 1.79 -5.06
N PHE A 96 12.78 2.80 -5.40
CA PHE A 96 13.22 2.95 -6.82
C PHE A 96 14.03 1.73 -7.25
N GLY A 97 13.38 0.76 -7.85
CA GLY A 97 14.11 -0.47 -8.30
C GLY A 97 13.21 -1.27 -9.24
N ARG A 98 12.06 -1.68 -8.77
CA ARG A 98 11.13 -2.46 -9.64
C ARG A 98 9.78 -1.74 -9.76
N THR A 99 9.42 -1.32 -10.93
CA THR A 99 8.13 -0.61 -11.11
C THR A 99 7.26 -1.34 -12.14
N GLY A 100 7.45 -2.62 -12.27
CA GLY A 100 6.63 -3.39 -13.26
C GLY A 100 5.44 -4.03 -12.56
N LEU A 101 5.08 -3.55 -11.40
CA LEU A 101 3.93 -4.13 -10.66
C LEU A 101 3.67 -3.29 -9.41
N PRO A 102 2.45 -3.29 -8.96
CA PRO A 102 2.10 -2.50 -7.76
C PRO A 102 2.57 -3.21 -6.48
N ASP A 103 3.72 -3.84 -6.52
CA ASP A 103 4.23 -4.55 -5.32
C ASP A 103 3.15 -5.49 -4.74
N LEU A 104 2.87 -6.57 -5.42
CA LEU A 104 1.83 -7.52 -4.92
C LEU A 104 2.40 -8.34 -3.75
N SER A 105 3.66 -8.68 -3.81
CA SER A 105 4.27 -9.48 -2.72
C SER A 105 4.51 -8.62 -1.47
N SER A 106 4.23 -7.34 -1.55
CA SER A 106 4.43 -6.46 -0.37
C SER A 106 3.08 -6.08 0.25
N MET A 107 2.00 -6.39 -0.43
CA MET A 107 0.66 -6.05 0.13
C MET A 107 -0.02 -7.33 0.62
N THR A 108 -0.72 -7.24 1.72
CA THR A 108 -1.41 -8.45 2.28
C THR A 108 -2.78 -8.65 1.66
N GLU A 109 -3.53 -9.59 2.16
CA GLU A 109 -4.90 -9.85 1.62
C GLU A 109 -5.76 -8.61 1.82
N GLU A 110 -5.51 -7.86 2.86
CA GLU A 110 -6.31 -6.63 3.10
C GLU A 110 -5.80 -5.54 2.16
N GLU A 111 -4.51 -5.42 2.02
CA GLU A 111 -3.97 -4.39 1.08
C GLU A 111 -4.45 -4.74 -0.33
N GLN A 112 -4.37 -6.00 -0.67
CA GLN A 112 -4.87 -6.43 -2.01
C GLN A 112 -6.38 -6.25 -2.02
N ILE A 113 -7.00 -6.50 -0.90
CA ILE A 113 -8.48 -6.31 -0.82
C ILE A 113 -8.80 -4.86 -1.10
N ALA A 114 -8.00 -3.95 -0.57
CA ALA A 114 -8.23 -2.50 -0.84
C ALA A 114 -8.29 -2.31 -2.36
N TYR A 115 -7.50 -3.07 -3.07
CA TYR A 115 -7.50 -2.99 -4.55
C TYR A 115 -8.87 -3.44 -5.06
N ALA A 116 -9.43 -4.44 -4.44
CA ALA A 116 -10.76 -4.94 -4.87
C ALA A 116 -11.83 -3.90 -4.54
N MET A 117 -11.72 -3.27 -3.41
CA MET A 117 -12.72 -2.22 -3.03
C MET A 117 -12.41 -0.91 -3.77
N GLN A 118 -11.22 -0.76 -4.27
CA GLN A 118 -10.86 0.49 -5.00
C GLN A 118 -11.39 0.43 -6.44
N MET A 119 -11.46 -0.74 -7.00
CA MET A 119 -11.96 -0.86 -8.41
C MET A 119 -13.43 -1.30 -8.43
N SER A 120 -13.94 -1.78 -7.33
CA SER A 120 -15.36 -2.23 -7.29
C SER A 120 -16.24 -1.13 -6.68
N LEU A 121 -15.69 -0.33 -5.81
CA LEU A 121 -16.49 0.76 -5.17
C LEU A 121 -16.20 2.09 -5.86
N GLN A 122 -15.83 2.07 -7.12
CA GLN A 122 -15.53 3.33 -7.84
C GLN A 122 -16.23 3.34 -9.19
N GLY A 123 -17.33 2.64 -9.31
CA GLY A 123 -18.07 2.60 -10.62
C GLY A 123 -19.57 2.64 -10.34
N ALA A 124 -20.01 3.55 -9.51
CA ALA A 124 -21.46 3.63 -9.19
C ALA A 124 -22.19 4.44 -10.29
N GLU A 125 -22.27 3.90 -11.48
CA GLU A 125 -22.96 4.61 -12.58
C GLU A 125 -23.31 3.64 -13.71
N PHE A 126 -24.36 2.88 -13.53
CA PHE A 126 -24.77 1.91 -14.59
C PHE A 126 -26.29 1.83 -14.69
N GLY A 127 -26.94 2.95 -14.86
CA GLY A 127 -28.43 2.96 -14.96
C GLY A 127 -29.03 3.54 -13.68
N GLN A 128 -28.38 4.53 -13.12
CA GLN A 128 -28.92 5.15 -11.87
C GLN A 128 -29.68 6.44 -12.19
N ALA A 129 -30.86 6.33 -12.74
CA ALA A 129 -31.64 7.55 -13.07
C ALA A 129 -32.68 7.82 -11.99
N GLU A 130 -32.33 7.62 -10.74
CA GLU A 130 -33.28 7.86 -9.62
C GLU A 130 -32.87 9.10 -8.83
N SER A 131 -32.61 10.19 -9.51
CA SER A 131 -32.20 11.43 -8.79
C SER A 131 -33.43 12.33 -8.57
N ALA A 132 -34.33 12.36 -9.50
CA ALA A 132 -35.56 13.21 -9.34
C ALA A 132 -36.79 12.33 -9.11
N MET B 1 -25.24 -19.03 -15.91
CA MET B 1 -24.94 -17.56 -16.03
C MET B 1 -23.45 -17.36 -16.32
N GLN B 2 -23.08 -16.18 -16.75
CA GLN B 2 -21.64 -15.90 -17.05
C GLN B 2 -21.21 -14.62 -16.33
N ILE B 3 -20.02 -14.62 -15.78
CA ILE B 3 -19.54 -13.39 -15.06
C ILE B 3 -18.07 -13.11 -15.40
N PHE B 4 -17.62 -11.92 -15.14
CA PHE B 4 -16.20 -11.57 -15.43
C PHE B 4 -15.42 -11.35 -14.13
N VAL B 5 -14.16 -11.67 -14.13
CA VAL B 5 -13.34 -11.48 -12.89
C VAL B 5 -12.07 -10.70 -13.24
N LYS B 6 -11.79 -9.63 -12.53
CA LYS B 6 -10.58 -8.82 -12.82
C LYS B 6 -9.46 -9.17 -11.83
N THR B 7 -8.25 -9.32 -12.31
CA THR B 7 -7.12 -9.66 -11.40
C THR B 7 -6.38 -8.38 -10.98
N LEU B 8 -5.46 -8.51 -10.06
CA LEU B 8 -4.67 -7.32 -9.60
C LEU B 8 -3.88 -6.70 -10.76
N THR B 9 -3.72 -7.41 -11.85
CA THR B 9 -2.94 -6.86 -13.00
C THR B 9 -3.88 -6.22 -14.03
N GLY B 10 -5.14 -6.52 -13.99
CA GLY B 10 -6.09 -5.92 -14.97
C GLY B 10 -6.59 -7.00 -15.95
N LYS B 11 -6.35 -8.26 -15.64
CA LYS B 11 -6.81 -9.33 -16.56
C LYS B 11 -8.27 -9.68 -16.26
N THR B 12 -9.07 -9.86 -17.28
CA THR B 12 -10.51 -10.19 -17.05
C THR B 12 -10.81 -11.61 -17.51
N ILE B 13 -11.34 -12.43 -16.64
CA ILE B 13 -11.66 -13.83 -17.05
C ILE B 13 -13.17 -14.02 -17.12
N THR B 14 -13.65 -14.68 -18.15
CA THR B 14 -15.11 -14.91 -18.27
C THR B 14 -15.43 -16.34 -17.85
N LEU B 15 -16.26 -16.52 -16.85
CA LEU B 15 -16.58 -17.90 -16.39
C LEU B 15 -18.09 -18.15 -16.42
N GLU B 16 -18.49 -19.40 -16.47
CA GLU B 16 -19.95 -19.71 -16.50
C GLU B 16 -20.38 -20.26 -15.14
N VAL B 17 -21.24 -19.55 -14.45
CA VAL B 17 -21.69 -20.03 -13.11
C VAL B 17 -23.18 -19.79 -12.91
N GLU B 18 -23.71 -20.20 -11.80
CA GLU B 18 -25.16 -19.99 -11.52
C GLU B 18 -25.29 -19.01 -10.35
N PRO B 19 -26.46 -18.43 -10.20
CA PRO B 19 -26.69 -17.48 -9.10
C PRO B 19 -26.74 -18.21 -7.75
N SER B 20 -27.12 -19.46 -7.75
CA SER B 20 -27.17 -20.22 -6.47
C SER B 20 -25.79 -20.81 -6.13
N ASP B 21 -24.83 -20.62 -6.99
CA ASP B 21 -23.47 -21.18 -6.71
C ASP B 21 -22.79 -20.39 -5.58
N THR B 22 -22.04 -21.06 -4.75
CA THR B 22 -21.35 -20.36 -3.63
C THR B 22 -20.03 -19.75 -4.12
N ILE B 23 -19.53 -18.77 -3.41
CA ILE B 23 -18.25 -18.13 -3.82
C ILE B 23 -17.14 -19.19 -3.85
N GLU B 24 -17.23 -20.18 -3.00
CA GLU B 24 -16.19 -21.25 -2.98
C GLU B 24 -16.20 -21.98 -4.32
N ASN B 25 -17.37 -22.19 -4.89
CA ASN B 25 -17.45 -22.88 -6.20
C ASN B 25 -16.90 -21.96 -7.29
N VAL B 26 -17.05 -20.67 -7.12
CA VAL B 26 -16.52 -19.72 -8.13
C VAL B 26 -14.99 -19.72 -8.07
N LYS B 27 -14.45 -19.78 -6.87
CA LYS B 27 -12.96 -19.79 -6.74
C LYS B 27 -12.41 -21.06 -7.38
N ALA B 28 -13.06 -22.18 -7.16
CA ALA B 28 -12.59 -23.45 -7.78
C ALA B 28 -12.65 -23.32 -9.30
N LYS B 29 -13.61 -22.59 -9.80
CA LYS B 29 -13.72 -22.41 -11.28
C LYS B 29 -12.54 -21.58 -11.80
N ILE B 30 -12.17 -20.56 -11.07
CA ILE B 30 -11.02 -19.73 -11.51
C ILE B 30 -9.73 -20.57 -11.43
N GLN B 31 -9.61 -21.39 -10.42
CA GLN B 31 -8.39 -22.24 -10.30
C GLN B 31 -8.29 -23.16 -11.52
N ASP B 32 -9.36 -23.82 -11.86
CA ASP B 32 -9.35 -24.73 -13.05
C ASP B 32 -8.97 -23.95 -14.30
N LYS B 33 -9.25 -22.67 -14.33
CA LYS B 33 -8.90 -21.86 -15.54
C LYS B 33 -7.44 -21.39 -15.47
N GLU B 34 -6.99 -20.98 -14.32
CA GLU B 34 -5.59 -20.51 -14.19
C GLU B 34 -4.75 -21.53 -13.41
N GLY B 35 -5.14 -21.81 -12.20
CA GLY B 35 -4.37 -22.81 -11.38
C GLY B 35 -4.06 -22.24 -10.00
N ILE B 36 -4.82 -21.28 -9.55
CA ILE B 36 -4.56 -20.69 -8.19
C ILE B 36 -5.40 -21.43 -7.14
N PRO B 37 -4.83 -21.60 -5.98
CA PRO B 37 -5.54 -22.29 -4.88
C PRO B 37 -6.73 -21.45 -4.40
N PRO B 38 -7.88 -22.08 -4.30
CA PRO B 38 -9.10 -21.37 -3.85
C PRO B 38 -8.92 -20.80 -2.44
N ASP B 39 -8.05 -21.38 -1.67
CA ASP B 39 -7.81 -20.86 -0.29
C ASP B 39 -7.13 -19.49 -0.35
N GLN B 40 -6.43 -19.22 -1.42
CA GLN B 40 -5.74 -17.90 -1.57
C GLN B 40 -6.54 -16.97 -2.50
N GLN B 41 -7.67 -17.43 -2.98
CA GLN B 41 -8.48 -16.57 -3.89
C GLN B 41 -9.54 -15.82 -3.11
N ARG B 42 -9.76 -14.57 -3.43
CA ARG B 42 -10.79 -13.77 -2.71
C ARG B 42 -11.71 -13.07 -3.72
N LEU B 43 -12.99 -13.18 -3.54
CA LEU B 43 -13.93 -12.51 -4.50
C LEU B 43 -14.54 -11.25 -3.87
N ILE B 44 -14.42 -10.14 -4.55
CA ILE B 44 -14.98 -8.87 -4.03
C ILE B 44 -16.01 -8.30 -5.02
N PHE B 45 -17.06 -7.72 -4.52
CA PHE B 45 -18.09 -7.13 -5.42
C PHE B 45 -18.61 -5.81 -4.82
N ALA B 46 -18.78 -4.82 -5.64
CA ALA B 46 -19.28 -3.48 -5.14
C ALA B 46 -18.55 -3.06 -3.86
N GLY B 47 -17.33 -3.50 -3.69
CA GLY B 47 -16.55 -3.11 -2.47
C GLY B 47 -16.88 -4.03 -1.30
N LYS B 48 -17.64 -5.08 -1.52
CA LYS B 48 -17.97 -6.01 -0.41
C LYS B 48 -17.28 -7.36 -0.61
N GLN B 49 -16.66 -7.89 0.42
CA GLN B 49 -15.98 -9.19 0.28
C GLN B 49 -17.01 -10.34 0.33
N LEU B 50 -16.98 -11.22 -0.63
CA LEU B 50 -17.96 -12.34 -0.64
C LEU B 50 -17.47 -13.49 0.24
N GLU B 51 -18.35 -14.09 1.00
CA GLU B 51 -17.94 -15.23 1.88
C GLU B 51 -18.16 -16.56 1.18
N ASP B 52 -17.20 -17.46 1.26
CA ASP B 52 -17.34 -18.79 0.61
C ASP B 52 -18.70 -19.44 0.93
N GLY B 53 -19.26 -19.10 2.07
CA GLY B 53 -20.58 -19.70 2.45
C GLY B 53 -21.72 -18.95 1.78
N ARG B 54 -21.45 -17.84 1.14
CA ARG B 54 -22.54 -17.07 0.47
C ARG B 54 -22.57 -17.38 -1.02
N THR B 55 -23.72 -17.21 -1.65
CA THR B 55 -23.82 -17.50 -3.11
C THR B 55 -23.79 -16.19 -3.92
N LEU B 56 -23.54 -16.29 -5.19
CA LEU B 56 -23.49 -15.06 -6.04
C LEU B 56 -24.77 -14.23 -5.89
N SER B 57 -25.90 -14.88 -5.92
CA SER B 57 -27.20 -14.15 -5.79
C SER B 57 -27.25 -13.31 -4.51
N ASP B 58 -26.67 -13.80 -3.44
CA ASP B 58 -26.68 -13.04 -2.16
C ASP B 58 -26.03 -11.67 -2.34
N TYR B 59 -25.11 -11.56 -3.27
CA TYR B 59 -24.44 -10.25 -3.50
C TYR B 59 -25.03 -9.55 -4.72
N ASN B 60 -26.26 -9.86 -5.05
CA ASN B 60 -26.92 -9.22 -6.23
C ASN B 60 -26.03 -9.33 -7.48
N ILE B 61 -25.27 -10.39 -7.59
CA ILE B 61 -24.39 -10.54 -8.79
C ILE B 61 -25.20 -11.09 -9.96
N GLN B 62 -25.39 -10.30 -10.99
CA GLN B 62 -26.17 -10.78 -12.16
C GLN B 62 -25.24 -11.07 -13.34
N LYS B 63 -25.76 -11.70 -14.36
CA LYS B 63 -24.91 -12.02 -15.56
C LYS B 63 -24.08 -10.82 -16.01
N GLU B 64 -22.95 -11.08 -16.60
CA GLU B 64 -22.06 -9.98 -17.08
C GLU B 64 -21.58 -9.13 -15.90
N SER B 65 -21.70 -9.63 -14.70
CA SER B 65 -21.25 -8.85 -13.51
C SER B 65 -19.72 -8.79 -13.47
N THR B 66 -19.18 -7.77 -12.87
CA THR B 66 -17.69 -7.65 -12.79
C THR B 66 -17.22 -7.94 -11.36
N LEU B 67 -16.54 -9.03 -11.16
CA LEU B 67 -16.06 -9.39 -9.81
C LEU B 67 -14.57 -9.07 -9.67
N HIS B 68 -14.11 -8.81 -8.48
CA HIS B 68 -12.66 -8.49 -8.30
C HIS B 68 -11.97 -9.66 -7.59
N LEU B 69 -10.83 -10.08 -8.06
CA LEU B 69 -10.13 -11.22 -7.40
C LEU B 69 -8.91 -10.73 -6.62
N VAL B 70 -8.74 -11.20 -5.43
CA VAL B 70 -7.58 -10.76 -4.60
C VAL B 70 -6.78 -11.98 -4.14
N LEU B 71 -5.50 -11.80 -3.90
CA LEU B 71 -4.66 -12.95 -3.44
C LEU B 71 -4.57 -12.96 -1.91
N ARG B 72 -4.98 -14.04 -1.30
CA ARG B 72 -4.91 -14.13 0.19
C ARG B 72 -3.75 -15.03 0.62
N LEU B 73 -2.74 -14.45 1.22
CA LEU B 73 -1.56 -15.26 1.66
C LEU B 73 -1.75 -15.70 3.11
N ARG B 74 -0.85 -16.50 3.62
CA ARG B 74 -0.96 -16.96 5.04
C ARG B 74 0.11 -16.28 5.90
N GLY B 75 0.40 -15.04 5.63
CA GLY B 75 1.43 -14.32 6.43
C GLY B 75 1.20 -12.81 6.33
N GLY B 76 1.54 -12.08 7.35
CA GLY B 76 1.35 -10.60 7.31
C GLY B 76 -0.12 -10.26 7.59
N HIS A 21 85.30 -33.99 -20.69
CA HIS A 21 84.67 -33.96 -22.05
C HIS A 21 84.49 -32.52 -22.51
N MET A 22 84.09 -31.64 -21.63
CA MET A 22 83.88 -30.21 -22.02
C MET A 22 85.23 -29.50 -22.07
N LEU A 23 85.23 -28.25 -22.47
CA LEU A 23 86.50 -27.48 -22.53
C LEU A 23 86.48 -26.39 -21.45
N GLY A 24 85.74 -26.61 -20.41
CA GLY A 24 85.66 -25.59 -19.31
C GLY A 24 86.57 -26.01 -18.16
N LEU A 25 86.00 -26.38 -17.04
CA LEU A 25 86.82 -26.81 -15.87
C LEU A 25 87.88 -25.75 -15.55
N GLY A 26 87.48 -24.50 -15.48
CA GLY A 26 88.46 -23.42 -15.17
C GLY A 26 87.82 -22.39 -14.25
N ALA A 27 88.28 -21.16 -14.30
CA ALA A 27 87.70 -20.11 -13.43
C ALA A 27 86.65 -19.30 -14.21
N SER A 28 85.74 -19.97 -14.86
CA SER A 28 84.69 -19.25 -15.64
C SER A 28 83.30 -19.53 -15.06
N ASP A 29 83.14 -20.63 -14.36
CA ASP A 29 81.81 -20.95 -13.78
C ASP A 29 81.36 -19.85 -12.82
N PHE A 30 82.28 -19.26 -12.11
CA PHE A 30 81.90 -18.17 -11.16
C PHE A 30 83.03 -17.14 -11.05
N GLU A 31 83.37 -16.53 -12.14
CA GLU A 31 84.47 -15.51 -12.12
C GLU A 31 84.01 -14.27 -11.34
N PHE A 32 83.96 -14.35 -10.04
CA PHE A 32 83.52 -13.18 -9.21
C PHE A 32 82.18 -12.64 -9.72
N GLY A 33 81.15 -13.44 -9.66
CA GLY A 33 79.81 -12.97 -10.13
C GLY A 33 78.72 -13.75 -9.40
N VAL A 34 78.99 -14.20 -8.20
CA VAL A 34 77.96 -14.96 -7.44
C VAL A 34 77.56 -14.21 -6.16
N ASP A 35 78.45 -13.39 -5.66
CA ASP A 35 78.12 -12.62 -4.41
C ASP A 35 77.16 -11.47 -4.73
N PRO A 36 76.81 -10.72 -3.73
CA PRO A 36 75.86 -9.59 -3.93
C PRO A 36 76.43 -8.57 -4.91
N SER A 37 76.36 -8.88 -6.17
CA SER A 37 76.90 -7.96 -7.23
C SER A 37 78.41 -7.93 -7.12
N ALA A 38 78.99 -9.09 -7.01
CA ALA A 38 80.47 -9.20 -6.89
C ALA A 38 81.04 -8.12 -5.95
N ASP A 39 80.26 -7.72 -4.96
CA ASP A 39 80.76 -6.67 -4.03
C ASP A 39 79.88 -6.62 -2.78
N PRO A 40 80.47 -6.95 -1.66
CA PRO A 40 79.75 -6.92 -0.37
C PRO A 40 79.48 -5.48 0.04
N GLU A 41 80.17 -4.54 -0.57
CA GLU A 41 79.94 -3.11 -0.22
C GLU A 41 78.60 -2.65 -0.80
N LEU A 42 78.21 -3.24 -1.91
CA LEU A 42 76.91 -2.87 -2.52
C LEU A 42 75.79 -3.63 -1.80
N ALA A 43 76.08 -4.81 -1.33
CA ALA A 43 75.05 -5.60 -0.61
C ALA A 43 74.68 -4.87 0.69
N LEU A 44 75.66 -4.32 1.36
CA LEU A 44 75.38 -3.59 2.62
C LEU A 44 74.81 -2.21 2.31
N ALA A 45 75.19 -1.64 1.19
CA ALA A 45 74.68 -0.30 0.81
C ALA A 45 73.22 -0.40 0.38
N LEU A 46 72.84 -1.50 -0.22
CA LEU A 46 71.43 -1.67 -0.66
C LEU A 46 70.55 -2.08 0.53
N ARG A 47 71.14 -2.63 1.56
CA ARG A 47 70.35 -3.04 2.75
C ARG A 47 70.07 -1.82 3.61
N VAL A 48 70.94 -0.84 3.56
CA VAL A 48 70.74 0.39 4.36
C VAL A 48 69.79 1.34 3.62
N SER A 49 69.80 1.30 2.32
CA SER A 49 68.91 2.20 1.54
C SER A 49 67.46 1.70 1.60
N MET A 50 67.28 0.41 1.70
CA MET A 50 65.90 -0.15 1.78
C MET A 50 65.38 0.00 3.21
N GLU A 51 66.27 -0.03 4.17
CA GLU A 51 65.82 0.12 5.59
C GLU A 51 65.66 1.60 5.94
N GLU A 52 66.46 2.45 5.36
CA GLU A 52 66.33 3.91 5.66
C GLU A 52 65.06 4.47 5.00
N GLN A 53 64.71 3.96 3.86
CA GLN A 53 63.47 4.45 3.17
C GLN A 53 62.23 3.90 3.87
N ARG A 54 62.31 2.70 4.38
CA ARG A 54 61.13 2.11 5.08
C ARG A 54 60.79 2.94 6.33
N GLN A 55 61.78 3.23 7.13
CA GLN A 55 61.53 4.04 8.36
C GLN A 55 60.98 5.42 7.97
N ARG A 56 61.45 5.97 6.88
CA ARG A 56 60.95 7.30 6.45
C ARG A 56 59.52 7.18 5.91
N GLN A 57 59.31 6.29 4.97
CA GLN A 57 57.95 6.11 4.40
C GLN A 57 56.96 5.67 5.50
N GLU A 58 57.47 5.03 6.52
CA GLU A 58 56.58 4.58 7.63
C GLU A 58 56.36 5.73 8.61
N GLU A 59 57.43 6.27 9.16
CA GLU A 59 57.29 7.41 10.10
C GLU A 59 56.44 8.51 9.46
N GLU A 60 56.52 8.64 8.16
CA GLU A 60 55.72 9.66 7.45
C GLU A 60 54.34 9.08 7.13
N ALA A 61 54.27 7.80 6.86
CA ALA A 61 52.95 7.18 6.56
C ALA A 61 52.04 7.27 7.79
N ARG A 62 52.56 6.90 8.94
CA ARG A 62 51.74 6.98 10.17
C ARG A 62 51.49 8.44 10.54
N ARG A 63 52.42 9.30 10.25
CA ARG A 63 52.22 10.75 10.57
C ARG A 63 50.90 11.23 9.95
N ALA A 64 50.62 10.79 8.75
CA ALA A 64 49.34 11.17 8.09
C ALA A 64 48.21 10.31 8.65
N ALA A 65 48.53 9.12 9.10
CA ALA A 65 47.50 8.22 9.67
C ALA A 65 46.89 8.86 10.92
N ALA A 66 47.63 9.72 11.58
CA ALA A 66 47.11 10.37 12.81
C ALA A 66 46.43 11.70 12.45
N ALA A 67 47.05 12.49 11.61
CA ALA A 67 46.44 13.79 11.22
C ALA A 67 45.20 13.55 10.34
N SER A 68 45.20 12.47 9.59
CA SER A 68 44.02 12.18 8.72
C SER A 68 42.93 11.48 9.53
N ALA A 69 43.30 10.62 10.43
CA ALA A 69 42.28 9.90 11.25
C ALA A 69 41.48 10.90 12.09
N ALA A 70 42.06 12.01 12.44
CA ALA A 70 41.34 13.03 13.25
C ALA A 70 40.51 13.95 12.34
N GLU A 71 40.79 13.95 11.06
CA GLU A 71 40.03 14.83 10.13
C GLU A 71 38.82 14.08 9.57
N ALA A 72 39.05 12.95 8.94
CA ALA A 72 37.93 12.16 8.37
C ALA A 72 37.49 11.07 9.35
N GLY A 73 37.72 11.27 10.62
CA GLY A 73 37.33 10.25 11.63
C GLY A 73 36.14 10.75 12.44
N ILE A 74 36.18 11.99 12.87
CA ILE A 74 35.05 12.55 13.67
C ILE A 74 34.34 13.65 12.87
N ALA A 75 33.71 13.30 11.80
CA ALA A 75 32.99 14.34 10.98
C ALA A 75 31.49 14.01 10.91
N THR A 76 31.07 12.91 11.46
CA THR A 76 29.62 12.55 11.41
C THR A 76 28.98 12.80 12.77
N THR A 77 28.88 14.04 13.17
CA THR A 77 28.26 14.36 14.49
C THR A 77 26.74 14.19 14.40
N GLY A 78 26.10 14.87 13.50
CA GLY A 78 24.62 14.75 13.35
C GLY A 78 24.20 15.24 11.97
N THR A 79 24.79 14.71 10.93
CA THR A 79 24.42 15.13 9.56
C THR A 79 23.25 14.30 9.04
N GLU A 80 22.17 14.24 9.78
CA GLU A 80 20.99 13.44 9.34
C GLU A 80 19.83 14.38 8.98
N ASP A 81 20.00 15.19 7.98
CA ASP A 81 18.91 16.12 7.57
C ASP A 81 17.86 15.37 6.76
N SER A 82 18.27 14.45 5.93
CA SER A 82 17.30 13.68 5.10
C SER A 82 16.97 12.34 5.77
N ASP A 83 16.27 12.38 6.87
CA ASP A 83 15.92 11.11 7.58
C ASP A 83 14.82 10.37 6.81
N ASP A 84 13.63 10.90 6.81
CA ASP A 84 12.53 10.23 6.07
C ASP A 84 12.74 10.44 4.57
N ALA A 85 13.38 11.51 4.20
CA ALA A 85 13.63 11.76 2.76
C ALA A 85 14.49 10.62 2.21
N LEU A 86 15.52 10.25 2.93
CA LEU A 86 16.38 9.13 2.48
C LEU A 86 15.55 7.84 2.45
N LEU A 87 14.57 7.75 3.30
CA LEU A 87 13.70 6.54 3.31
C LEU A 87 12.76 6.55 2.11
N LYS A 88 12.10 7.65 1.88
CA LYS A 88 11.16 7.74 0.72
C LYS A 88 11.95 7.91 -0.59
N MET A 89 12.81 8.89 -0.65
CA MET A 89 13.60 9.11 -1.90
C MET A 89 14.29 7.80 -2.34
N THR A 90 14.75 7.01 -1.41
CA THR A 90 15.42 5.73 -1.78
C THR A 90 14.41 4.75 -2.36
N ILE A 91 13.26 4.62 -1.75
CA ILE A 91 12.24 3.67 -2.29
C ILE A 91 11.45 4.33 -3.42
N SER A 92 11.54 5.62 -3.55
CA SER A 92 10.80 6.31 -4.65
C SER A 92 11.49 6.04 -5.99
N GLN A 93 12.79 6.09 -6.01
CA GLN A 93 13.52 5.82 -7.28
C GLN A 93 13.62 4.31 -7.52
N GLN A 94 13.62 3.54 -6.46
CA GLN A 94 13.71 2.06 -6.62
C GLN A 94 12.33 1.48 -6.97
N GLU A 95 11.30 1.98 -6.35
CA GLU A 95 9.92 1.47 -6.65
C GLU A 95 9.50 1.92 -8.05
N PHE A 96 9.89 3.10 -8.45
CA PHE A 96 9.51 3.59 -9.81
C PHE A 96 10.31 2.86 -10.88
N GLY A 97 11.53 2.49 -10.57
CA GLY A 97 12.37 1.77 -11.56
C GLY A 97 11.72 0.44 -11.94
N ARG A 98 11.01 -0.16 -11.01
CA ARG A 98 10.34 -1.46 -11.30
C ARG A 98 8.88 -1.21 -11.66
N THR A 99 8.50 -1.51 -12.88
CA THR A 99 7.08 -1.30 -13.30
C THR A 99 6.46 -2.61 -13.79
N GLY A 100 7.19 -3.70 -13.71
CA GLY A 100 6.63 -5.01 -14.17
C GLY A 100 5.43 -5.38 -13.30
N LEU A 101 5.29 -4.77 -12.15
CA LEU A 101 4.13 -5.09 -11.26
C LEU A 101 4.08 -4.06 -10.13
N PRO A 102 2.90 -3.79 -9.66
CA PRO A 102 2.74 -2.80 -8.57
C PRO A 102 3.18 -3.39 -7.22
N ASP A 103 4.25 -4.14 -7.20
CA ASP A 103 4.72 -4.74 -5.92
C ASP A 103 3.56 -5.46 -5.20
N LEU A 104 3.18 -6.63 -5.68
CA LEU A 104 2.08 -7.37 -5.03
C LEU A 104 2.53 -7.95 -3.69
N SER A 105 3.77 -8.32 -3.59
CA SER A 105 4.28 -8.89 -2.31
C SER A 105 4.18 -7.86 -1.19
N SER A 106 4.15 -6.60 -1.53
CA SER A 106 4.05 -5.53 -0.48
C SER A 106 2.59 -5.39 -0.03
N MET A 107 1.66 -5.67 -0.90
CA MET A 107 0.22 -5.56 -0.52
C MET A 107 -0.26 -6.87 0.11
N THR A 108 -0.69 -6.82 1.35
CA THR A 108 -1.17 -8.06 2.02
C THR A 108 -2.59 -8.41 1.57
N GLU A 109 -3.25 -9.26 2.29
CA GLU A 109 -4.65 -9.64 1.93
C GLU A 109 -5.56 -8.44 2.09
N GLU A 110 -5.26 -7.58 3.04
CA GLU A 110 -6.09 -6.36 3.24
C GLU A 110 -5.61 -5.27 2.29
N GLU A 111 -4.32 -5.14 2.12
CA GLU A 111 -3.81 -4.10 1.17
C GLU A 111 -4.29 -4.45 -0.22
N GLN A 112 -4.17 -5.70 -0.59
CA GLN A 112 -4.66 -6.13 -1.93
C GLN A 112 -6.18 -6.02 -1.93
N ILE A 113 -6.80 -6.27 -0.80
CA ILE A 113 -8.28 -6.14 -0.72
C ILE A 113 -8.66 -4.69 -1.04
N ALA A 114 -7.88 -3.76 -0.56
CA ALA A 114 -8.16 -2.32 -0.86
C ALA A 114 -8.14 -2.12 -2.37
N TYR A 115 -7.30 -2.86 -3.04
CA TYR A 115 -7.20 -2.74 -4.53
C TYR A 115 -8.53 -3.18 -5.16
N ALA A 116 -8.97 -4.37 -4.86
CA ALA A 116 -10.25 -4.85 -5.44
C ALA A 116 -11.43 -4.05 -4.89
N MET A 117 -11.34 -3.60 -3.66
CA MET A 117 -12.45 -2.81 -3.07
C MET A 117 -12.41 -1.39 -3.62
N GLN A 118 -11.27 -0.96 -4.10
CA GLN A 118 -11.17 0.42 -4.65
C GLN A 118 -11.65 0.45 -6.10
N MET A 119 -11.64 -0.67 -6.77
CA MET A 119 -12.09 -0.70 -8.20
C MET A 119 -13.60 -0.98 -8.27
N SER A 120 -14.14 -1.65 -7.28
CA SER A 120 -15.60 -1.96 -7.29
C SER A 120 -16.39 -0.82 -6.63
N LEU A 121 -15.77 -0.07 -5.76
CA LEU A 121 -16.48 1.05 -5.09
C LEU A 121 -16.50 2.30 -5.99
N GLN A 122 -15.97 2.20 -7.19
CA GLN A 122 -15.95 3.38 -8.10
C GLN A 122 -16.22 2.94 -9.54
N GLY A 123 -17.27 2.18 -9.75
CA GLY A 123 -17.59 1.71 -11.12
C GLY A 123 -19.08 1.91 -11.40
N ALA A 124 -19.92 1.34 -10.58
CA ALA A 124 -21.39 1.50 -10.79
C ALA A 124 -21.89 2.81 -10.18
N GLU A 125 -21.59 3.91 -10.81
CA GLU A 125 -22.03 5.23 -10.28
C GLU A 125 -22.19 6.25 -11.42
N PHE A 126 -22.48 5.78 -12.60
CA PHE A 126 -22.63 6.71 -13.76
C PHE A 126 -23.95 6.43 -14.48
N GLY A 127 -25.05 6.82 -13.93
CA GLY A 127 -26.37 6.57 -14.59
C GLY A 127 -26.87 7.87 -15.23
N GLN A 128 -25.99 8.66 -15.77
CA GLN A 128 -26.42 9.94 -16.40
C GLN A 128 -26.34 9.82 -17.93
N ALA A 129 -26.99 8.83 -18.48
CA ALA A 129 -26.97 8.65 -19.96
C ALA A 129 -28.33 9.00 -20.56
N GLU A 130 -28.54 10.24 -20.90
CA GLU A 130 -29.85 10.65 -21.48
C GLU A 130 -29.77 10.67 -23.01
N SER A 131 -29.03 9.76 -23.58
CA SER A 131 -28.91 9.71 -25.08
C SER A 131 -30.23 9.22 -25.69
N ALA A 132 -30.32 9.23 -26.99
CA ALA A 132 -31.58 8.75 -27.65
C ALA A 132 -31.69 7.23 -27.54
N MET B 1 -25.24 -18.42 -16.13
CA MET B 1 -24.96 -16.96 -16.06
C MET B 1 -23.46 -16.69 -16.27
N GLN B 2 -23.12 -15.94 -17.29
CA GLN B 2 -21.69 -15.64 -17.54
C GLN B 2 -21.25 -14.44 -16.71
N ILE B 3 -20.06 -14.48 -16.15
CA ILE B 3 -19.59 -13.34 -15.32
C ILE B 3 -18.11 -13.04 -15.63
N PHE B 4 -17.68 -11.85 -15.31
CA PHE B 4 -16.26 -11.46 -15.58
C PHE B 4 -15.49 -11.30 -14.27
N VAL B 5 -14.25 -11.70 -14.25
CA VAL B 5 -13.44 -11.57 -13.01
C VAL B 5 -12.12 -10.85 -13.31
N LYS B 6 -11.84 -9.77 -12.63
CA LYS B 6 -10.57 -9.03 -12.89
C LYS B 6 -9.51 -9.39 -11.85
N THR B 7 -8.32 -9.73 -12.28
CA THR B 7 -7.25 -10.10 -11.32
C THR B 7 -6.35 -8.89 -11.04
N LEU B 8 -5.36 -9.06 -10.21
CA LEU B 8 -4.44 -7.93 -9.88
C LEU B 8 -3.70 -7.43 -11.13
N THR B 9 -3.72 -8.19 -12.20
CA THR B 9 -3.00 -7.76 -13.44
C THR B 9 -3.96 -7.05 -14.40
N GLY B 10 -5.09 -6.62 -13.92
CA GLY B 10 -6.06 -5.92 -14.81
C GLY B 10 -6.62 -6.89 -15.87
N LYS B 11 -6.35 -8.17 -15.74
CA LYS B 11 -6.87 -9.14 -16.73
C LYS B 11 -8.29 -9.56 -16.35
N THR B 12 -9.17 -9.67 -17.30
CA THR B 12 -10.57 -10.07 -16.99
C THR B 12 -10.88 -11.44 -17.58
N ILE B 13 -11.40 -12.35 -16.79
CA ILE B 13 -11.71 -13.71 -17.31
C ILE B 13 -13.22 -13.90 -17.41
N THR B 14 -13.68 -14.55 -18.44
CA THR B 14 -15.15 -14.78 -18.60
C THR B 14 -15.48 -16.22 -18.19
N LEU B 15 -16.29 -16.41 -17.18
CA LEU B 15 -16.61 -17.80 -16.75
C LEU B 15 -18.12 -18.03 -16.76
N GLU B 16 -18.54 -19.27 -16.76
CA GLU B 16 -20.00 -19.58 -16.77
C GLU B 16 -20.42 -20.10 -15.40
N VAL B 17 -21.27 -19.38 -14.73
CA VAL B 17 -21.72 -19.82 -13.37
C VAL B 17 -23.21 -19.58 -13.19
N GLU B 18 -23.76 -20.03 -12.09
CA GLU B 18 -25.21 -19.82 -11.84
C GLU B 18 -25.38 -18.88 -10.63
N PRO B 19 -26.55 -18.34 -10.47
CA PRO B 19 -26.82 -17.43 -9.33
C PRO B 19 -26.88 -18.21 -8.02
N SER B 20 -27.27 -19.46 -8.08
CA SER B 20 -27.34 -20.27 -6.82
C SER B 20 -25.97 -20.87 -6.50
N ASP B 21 -24.98 -20.64 -7.33
CA ASP B 21 -23.63 -21.20 -7.06
C ASP B 21 -22.97 -20.48 -5.89
N THR B 22 -22.23 -21.20 -5.08
CA THR B 22 -21.56 -20.56 -3.91
C THR B 22 -20.24 -19.91 -4.35
N ILE B 23 -19.79 -18.93 -3.60
CA ILE B 23 -18.51 -18.25 -3.97
C ILE B 23 -17.37 -19.28 -3.98
N GLU B 24 -17.43 -20.25 -3.10
CA GLU B 24 -16.37 -21.29 -3.07
C GLU B 24 -16.36 -22.04 -4.41
N ASN B 25 -17.51 -22.23 -5.00
CA ASN B 25 -17.58 -22.93 -6.31
C ASN B 25 -17.00 -22.02 -7.40
N VAL B 26 -17.17 -20.74 -7.26
CA VAL B 26 -16.61 -19.80 -8.28
C VAL B 26 -15.08 -19.79 -8.18
N LYS B 27 -14.57 -19.81 -6.97
CA LYS B 27 -13.09 -19.82 -6.80
C LYS B 27 -12.54 -21.12 -7.39
N ALA B 28 -13.21 -22.21 -7.18
CA ALA B 28 -12.73 -23.50 -7.77
C ALA B 28 -12.72 -23.40 -9.29
N LYS B 29 -13.66 -22.68 -9.85
CA LYS B 29 -13.71 -22.52 -11.33
C LYS B 29 -12.51 -21.69 -11.79
N ILE B 30 -12.16 -20.68 -11.06
CA ILE B 30 -10.99 -19.84 -11.46
C ILE B 30 -9.71 -20.68 -11.34
N GLN B 31 -9.64 -21.51 -10.33
CA GLN B 31 -8.44 -22.38 -10.16
C GLN B 31 -8.30 -23.30 -11.38
N ASP B 32 -9.35 -23.98 -11.74
CA ASP B 32 -9.29 -24.90 -12.91
C ASP B 32 -8.88 -24.12 -14.17
N LYS B 33 -9.18 -22.85 -14.22
CA LYS B 33 -8.81 -22.04 -15.44
C LYS B 33 -7.36 -21.56 -15.34
N GLU B 34 -6.93 -21.16 -14.16
CA GLU B 34 -5.53 -20.67 -14.01
C GLU B 34 -4.70 -21.69 -13.22
N GLY B 35 -5.10 -22.00 -12.01
CA GLY B 35 -4.34 -22.98 -11.21
C GLY B 35 -4.06 -22.43 -9.80
N ILE B 36 -4.80 -21.43 -9.38
CA ILE B 36 -4.57 -20.85 -8.02
C ILE B 36 -5.46 -21.57 -7.00
N PRO B 37 -4.95 -21.76 -5.81
CA PRO B 37 -5.73 -22.43 -4.74
C PRO B 37 -6.88 -21.53 -4.28
N PRO B 38 -8.05 -22.11 -4.20
CA PRO B 38 -9.26 -21.34 -3.76
C PRO B 38 -9.07 -20.77 -2.35
N ASP B 39 -8.25 -21.41 -1.54
CA ASP B 39 -8.01 -20.90 -0.17
C ASP B 39 -7.25 -19.58 -0.21
N GLN B 40 -6.52 -19.34 -1.27
CA GLN B 40 -5.74 -18.07 -1.37
C GLN B 40 -6.47 -17.07 -2.27
N GLN B 41 -7.57 -17.47 -2.86
CA GLN B 41 -8.32 -16.53 -3.75
C GLN B 41 -9.41 -15.81 -2.96
N ARG B 42 -9.59 -14.54 -3.23
CA ARG B 42 -10.65 -13.77 -2.52
C ARG B 42 -11.51 -13.02 -3.54
N LEU B 43 -12.81 -13.05 -3.37
CA LEU B 43 -13.69 -12.34 -4.34
C LEU B 43 -14.23 -11.05 -3.73
N ILE B 44 -14.08 -9.96 -4.42
CA ILE B 44 -14.56 -8.65 -3.92
C ILE B 44 -15.58 -8.05 -4.89
N PHE B 45 -16.66 -7.53 -4.40
CA PHE B 45 -17.68 -6.92 -5.30
C PHE B 45 -18.26 -5.65 -4.67
N ALA B 46 -18.41 -4.61 -5.44
CA ALA B 46 -18.95 -3.33 -4.89
C ALA B 46 -18.29 -2.97 -3.55
N GLY B 47 -17.08 -3.38 -3.34
CA GLY B 47 -16.37 -3.06 -2.07
C GLY B 47 -16.76 -4.05 -0.97
N LYS B 48 -17.52 -5.07 -1.30
CA LYS B 48 -17.92 -6.06 -0.27
C LYS B 48 -17.24 -7.41 -0.52
N GLN B 49 -16.61 -7.97 0.47
CA GLN B 49 -15.94 -9.29 0.27
C GLN B 49 -16.98 -10.41 0.28
N LEU B 50 -16.93 -11.30 -0.67
CA LEU B 50 -17.94 -12.40 -0.71
C LEU B 50 -17.53 -13.54 0.22
N GLU B 51 -18.47 -14.11 0.93
CA GLU B 51 -18.14 -15.24 1.85
C GLU B 51 -18.34 -16.58 1.14
N ASP B 52 -17.36 -17.45 1.20
CA ASP B 52 -17.48 -18.78 0.55
C ASP B 52 -18.81 -19.46 0.89
N GLY B 53 -19.39 -19.13 2.00
CA GLY B 53 -20.68 -19.77 2.40
C GLY B 53 -21.86 -19.07 1.71
N ARG B 54 -21.63 -17.95 1.07
CA ARG B 54 -22.76 -17.25 0.39
C ARG B 54 -22.75 -17.55 -1.11
N THR B 55 -23.87 -17.38 -1.76
CA THR B 55 -23.93 -17.65 -3.23
C THR B 55 -23.90 -16.35 -4.02
N LEU B 56 -23.68 -16.42 -5.30
CA LEU B 56 -23.64 -15.17 -6.14
C LEU B 56 -24.91 -14.34 -5.94
N SER B 57 -26.06 -14.97 -6.02
CA SER B 57 -27.34 -14.22 -5.84
C SER B 57 -27.39 -13.49 -4.51
N ASP B 58 -26.84 -14.08 -3.47
CA ASP B 58 -26.86 -13.41 -2.13
C ASP B 58 -26.15 -12.05 -2.21
N TYR B 59 -25.21 -11.92 -3.10
CA TYR B 59 -24.47 -10.63 -3.23
C TYR B 59 -25.02 -9.83 -4.42
N ASN B 60 -26.26 -10.05 -4.76
CA ASN B 60 -26.88 -9.32 -5.91
C ASN B 60 -26.00 -9.42 -7.15
N ILE B 61 -25.25 -10.49 -7.27
CA ILE B 61 -24.37 -10.65 -8.48
C ILE B 61 -25.20 -11.20 -9.64
N GLN B 62 -25.44 -10.38 -10.64
CA GLN B 62 -26.25 -10.84 -11.80
C GLN B 62 -25.34 -11.08 -13.02
N LYS B 63 -25.91 -11.61 -14.08
CA LYS B 63 -25.10 -11.89 -15.31
C LYS B 63 -24.24 -10.69 -15.68
N GLU B 64 -23.14 -10.93 -16.35
CA GLU B 64 -22.23 -9.83 -16.77
C GLU B 64 -21.66 -9.11 -15.54
N SER B 65 -21.76 -9.69 -14.38
CA SER B 65 -21.23 -9.04 -13.15
C SER B 65 -19.69 -9.05 -13.18
N THR B 66 -19.08 -8.00 -12.73
CA THR B 66 -17.58 -7.96 -12.72
C THR B 66 -17.06 -8.11 -11.29
N LEU B 67 -16.43 -9.21 -10.97
CA LEU B 67 -15.91 -9.42 -9.60
C LEU B 67 -14.41 -9.17 -9.57
N HIS B 68 -13.87 -8.84 -8.43
CA HIS B 68 -12.41 -8.58 -8.32
C HIS B 68 -11.73 -9.72 -7.54
N LEU B 69 -10.56 -10.13 -7.95
CA LEU B 69 -9.88 -11.23 -7.22
C LEU B 69 -8.70 -10.70 -6.41
N VAL B 70 -8.57 -11.13 -5.18
CA VAL B 70 -7.43 -10.66 -4.34
C VAL B 70 -6.65 -11.86 -3.80
N LEU B 71 -5.39 -11.69 -3.52
CA LEU B 71 -4.57 -12.82 -2.98
C LEU B 71 -4.56 -12.78 -1.46
N ARG B 72 -5.12 -13.78 -0.82
CA ARG B 72 -5.14 -13.79 0.67
C ARG B 72 -3.97 -14.62 1.20
N LEU B 73 -3.06 -13.99 1.90
CA LEU B 73 -1.88 -14.72 2.45
C LEU B 73 -1.95 -14.75 3.98
N ARG B 74 -1.16 -15.61 4.59
CA ARG B 74 -1.18 -15.68 6.08
C ARG B 74 0.17 -15.21 6.65
N GLY B 75 0.14 -14.45 7.70
CA GLY B 75 1.42 -13.96 8.30
C GLY B 75 1.94 -14.97 9.30
N GLY B 76 1.56 -14.85 10.55
CA GLY B 76 2.04 -15.81 11.59
C GLY B 76 1.23 -17.11 11.49
N HIS A 21 110.75 -55.97 3.31
CA HIS A 21 109.26 -55.85 3.44
C HIS A 21 108.79 -56.53 4.72
N MET A 22 107.56 -56.31 5.11
CA MET A 22 107.04 -56.94 6.35
C MET A 22 105.51 -57.07 6.28
N LEU A 23 104.83 -55.97 6.05
CA LEU A 23 103.33 -55.97 5.99
C LEU A 23 102.79 -56.04 7.40
N GLY A 24 103.47 -55.40 8.32
CA GLY A 24 103.04 -55.41 9.73
C GLY A 24 101.75 -54.60 9.88
N LEU A 25 101.84 -53.42 10.43
CA LEU A 25 100.62 -52.57 10.62
C LEU A 25 100.62 -51.44 9.58
N GLY A 26 100.28 -51.73 8.36
CA GLY A 26 100.25 -50.67 7.32
C GLY A 26 98.87 -50.01 7.29
N ALA A 27 98.07 -50.35 6.31
CA ALA A 27 96.71 -49.74 6.22
C ALA A 27 95.85 -50.50 5.21
N SER A 28 96.43 -50.90 4.12
CA SER A 28 95.64 -51.65 3.09
C SER A 28 94.96 -52.87 3.72
N ASP A 29 95.53 -53.41 4.76
CA ASP A 29 94.92 -54.59 5.43
C ASP A 29 93.61 -54.18 6.09
N PHE A 30 93.54 -52.99 6.63
CA PHE A 30 92.29 -52.53 7.29
C PHE A 30 91.66 -51.39 6.49
N GLU A 31 90.74 -51.70 5.62
CA GLU A 31 90.09 -50.64 4.81
C GLU A 31 88.61 -50.94 4.67
N PHE A 32 87.76 -49.98 4.99
CA PHE A 32 86.29 -50.19 4.88
C PHE A 32 85.81 -51.24 5.90
N GLY A 33 86.36 -52.42 5.87
CA GLY A 33 85.93 -53.49 6.83
C GLY A 33 85.97 -52.94 8.27
N VAL A 34 86.79 -51.96 8.52
CA VAL A 34 86.88 -51.39 9.90
C VAL A 34 85.98 -50.16 10.01
N ASP A 35 86.29 -49.12 9.30
CA ASP A 35 85.45 -47.88 9.36
C ASP A 35 85.78 -46.96 8.18
N PRO A 36 84.95 -45.96 7.99
CA PRO A 36 85.17 -44.99 6.88
C PRO A 36 86.37 -44.09 7.18
N SER A 37 86.76 -43.99 8.42
CA SER A 37 87.94 -43.12 8.77
C SER A 37 89.24 -43.73 8.22
N ALA A 38 89.20 -44.94 7.74
CA ALA A 38 90.44 -45.58 7.20
C ALA A 38 90.88 -44.86 5.92
N ASP A 39 90.03 -44.07 5.33
CA ASP A 39 90.41 -43.35 4.08
C ASP A 39 89.34 -42.32 3.73
N PRO A 40 89.77 -41.09 3.68
CA PRO A 40 88.83 -39.98 3.35
C PRO A 40 88.40 -40.06 1.89
N GLU A 41 89.09 -40.84 1.09
CA GLU A 41 88.70 -40.97 -0.34
C GLU A 41 87.50 -41.89 -0.46
N LEU A 42 87.40 -42.85 0.41
CA LEU A 42 86.25 -43.80 0.37
C LEU A 42 85.07 -43.20 1.15
N ALA A 43 85.36 -42.34 2.09
CA ALA A 43 84.27 -41.71 2.88
C ALA A 43 83.62 -40.59 2.08
N LEU A 44 84.41 -39.85 1.35
CA LEU A 44 83.85 -38.75 0.52
C LEU A 44 83.26 -39.32 -0.77
N ALA A 45 83.83 -40.39 -1.27
CA ALA A 45 83.29 -41.00 -2.52
C ALA A 45 81.91 -41.60 -2.26
N LEU A 46 81.73 -42.20 -1.10
CA LEU A 46 80.40 -42.80 -0.78
C LEU A 46 79.41 -41.72 -0.34
N ARG A 47 79.91 -40.59 0.10
CA ARG A 47 79.00 -39.49 0.53
C ARG A 47 78.50 -38.73 -0.71
N VAL A 48 79.30 -38.71 -1.75
CA VAL A 48 78.88 -38.00 -2.99
C VAL A 48 77.93 -38.89 -3.79
N SER A 49 78.06 -40.18 -3.66
CA SER A 49 77.17 -41.11 -4.41
C SER A 49 75.77 -41.13 -3.77
N MET A 50 75.72 -41.17 -2.47
CA MET A 50 74.39 -41.19 -1.78
C MET A 50 73.66 -39.86 -1.99
N GLU A 51 74.38 -38.76 -1.87
CA GLU A 51 73.72 -37.43 -2.07
C GLU A 51 73.23 -37.31 -3.51
N GLU A 52 73.95 -37.86 -4.45
CA GLU A 52 73.52 -37.77 -5.88
C GLU A 52 72.20 -38.53 -6.07
N GLN A 53 72.07 -39.67 -5.45
CA GLN A 53 70.81 -40.46 -5.58
C GLN A 53 69.62 -39.67 -5.02
N ARG A 54 69.88 -38.85 -4.02
CA ARG A 54 68.77 -38.05 -3.42
C ARG A 54 68.28 -37.00 -4.42
N GLN A 55 69.20 -36.33 -5.08
CA GLN A 55 68.79 -35.29 -6.07
C GLN A 55 67.98 -35.92 -7.20
N ARG A 56 68.27 -37.14 -7.53
CA ARG A 56 67.51 -37.82 -8.62
C ARG A 56 66.18 -38.36 -8.08
N GLN A 57 66.19 -38.92 -6.91
CA GLN A 57 64.93 -39.47 -6.32
C GLN A 57 64.06 -38.32 -5.77
N GLU A 58 64.66 -37.21 -5.46
CA GLU A 58 63.88 -36.05 -4.93
C GLU A 58 63.29 -35.26 -6.08
N GLU A 59 64.13 -34.71 -6.94
CA GLU A 59 63.62 -33.93 -8.10
C GLU A 59 62.60 -34.79 -8.87
N GLU A 60 62.77 -36.08 -8.83
CA GLU A 60 61.82 -36.98 -9.54
C GLU A 60 60.60 -37.25 -8.64
N ALA A 61 60.83 -37.40 -7.36
CA ALA A 61 59.68 -37.65 -6.43
C ALA A 61 58.81 -36.39 -6.32
N ARG A 62 59.41 -35.28 -5.96
CA ARG A 62 58.63 -34.02 -5.83
C ARG A 62 57.96 -33.67 -7.16
N ARG A 63 58.60 -33.93 -8.26
CA ARG A 63 58.00 -33.63 -9.59
C ARG A 63 56.68 -34.38 -9.74
N ALA A 64 56.65 -35.62 -9.34
CA ALA A 64 55.39 -36.40 -9.46
C ALA A 64 54.41 -36.01 -8.35
N ALA A 65 54.93 -35.59 -7.22
CA ALA A 65 54.04 -35.17 -6.09
C ALA A 65 53.35 -33.84 -6.43
N ALA A 66 53.95 -33.05 -7.27
CA ALA A 66 53.32 -31.74 -7.64
C ALA A 66 52.32 -31.94 -8.79
N ALA A 67 52.59 -32.89 -9.65
CA ALA A 67 51.65 -33.14 -10.79
C ALA A 67 50.44 -33.95 -10.31
N SER A 68 50.62 -34.73 -9.28
CA SER A 68 49.48 -35.54 -8.76
C SER A 68 48.61 -34.69 -7.83
N ALA A 69 49.20 -33.79 -7.10
CA ALA A 69 48.41 -32.93 -6.18
C ALA A 69 47.66 -31.85 -6.96
N ALA A 70 48.25 -31.37 -8.02
CA ALA A 70 47.58 -30.31 -8.84
C ALA A 70 46.46 -30.93 -9.68
N GLU A 71 46.48 -32.22 -9.88
CA GLU A 71 45.42 -32.88 -10.69
C GLU A 71 44.48 -33.68 -9.79
N ALA A 72 45.02 -34.34 -8.79
CA ALA A 72 44.15 -35.15 -7.88
C ALA A 72 44.11 -34.51 -6.48
N GLY A 73 45.04 -33.64 -6.18
CA GLY A 73 45.04 -33.00 -4.83
C GLY A 73 43.86 -32.03 -4.73
N ILE A 74 44.01 -30.84 -5.25
CA ILE A 74 42.90 -29.84 -5.19
C ILE A 74 42.05 -29.92 -6.47
N ALA A 75 41.33 -30.99 -6.65
CA ALA A 75 40.49 -31.12 -7.87
C ALA A 75 39.06 -30.61 -7.59
N THR A 76 38.61 -30.76 -6.37
CA THR A 76 37.23 -30.29 -6.03
C THR A 76 37.28 -28.81 -5.61
N THR A 77 36.58 -27.97 -6.31
CA THR A 77 36.56 -26.52 -5.96
C THR A 77 35.13 -26.01 -5.85
N GLY A 78 34.95 -24.86 -5.23
CA GLY A 78 33.57 -24.31 -5.08
C GLY A 78 33.61 -22.80 -5.24
N THR A 79 33.30 -22.30 -6.40
CA THR A 79 33.32 -20.82 -6.63
C THR A 79 32.01 -20.19 -6.13
N GLU A 80 31.83 -20.12 -4.84
CA GLU A 80 30.57 -19.52 -4.30
C GLU A 80 30.90 -18.20 -3.57
N ASP A 81 30.79 -17.10 -4.25
CA ASP A 81 31.09 -15.79 -3.61
C ASP A 81 29.82 -14.93 -3.55
N SER A 82 28.98 -14.99 -4.55
CA SER A 82 27.74 -14.18 -4.55
C SER A 82 26.51 -15.09 -4.60
N ASP A 83 26.23 -15.78 -3.52
CA ASP A 83 25.05 -16.69 -3.51
C ASP A 83 23.76 -15.88 -3.33
N ASP A 84 23.64 -15.17 -2.24
CA ASP A 84 22.43 -14.36 -2.02
C ASP A 84 22.47 -13.13 -2.92
N ALA A 85 23.65 -12.66 -3.22
CA ALA A 85 23.75 -11.46 -4.11
C ALA A 85 23.15 -11.82 -5.46
N LEU A 86 23.47 -12.98 -5.97
CA LEU A 86 22.89 -13.40 -7.28
C LEU A 86 21.37 -13.49 -7.13
N LEU A 87 20.91 -13.85 -5.96
CA LEU A 87 19.44 -13.95 -5.73
C LEU A 87 18.83 -12.53 -5.68
N LYS A 88 19.32 -11.71 -4.79
CA LYS A 88 18.79 -10.32 -4.68
C LYS A 88 19.08 -9.53 -5.96
N MET A 89 20.32 -9.50 -6.39
CA MET A 89 20.66 -8.75 -7.63
C MET A 89 19.74 -9.16 -8.80
N THR A 90 19.25 -10.37 -8.78
CA THR A 90 18.35 -10.82 -9.89
C THR A 90 16.97 -10.19 -9.75
N ILE A 91 16.46 -10.11 -8.56
CA ILE A 91 15.11 -9.47 -8.37
C ILE A 91 15.29 -7.96 -8.42
N SER A 92 16.40 -7.49 -7.97
CA SER A 92 16.66 -6.02 -7.96
C SER A 92 16.58 -5.48 -9.40
N GLN A 93 17.03 -6.23 -10.36
CA GLN A 93 16.98 -5.76 -11.77
C GLN A 93 15.59 -5.99 -12.36
N GLN A 94 14.93 -7.04 -11.95
CA GLN A 94 13.56 -7.33 -12.48
C GLN A 94 12.50 -6.59 -11.66
N GLU A 95 12.86 -6.11 -10.50
CA GLU A 95 11.87 -5.38 -9.65
C GLU A 95 11.88 -3.87 -9.98
N PHE A 96 13.05 -3.32 -10.17
CA PHE A 96 13.14 -1.87 -10.50
C PHE A 96 13.24 -1.67 -12.01
N GLY A 97 13.72 -2.65 -12.73
CA GLY A 97 13.85 -2.52 -14.20
C GLY A 97 12.46 -2.33 -14.83
N ARG A 98 11.44 -2.87 -14.19
CA ARG A 98 10.07 -2.72 -14.76
C ARG A 98 9.06 -2.52 -13.61
N THR A 99 8.67 -1.29 -13.39
CA THR A 99 7.69 -1.01 -12.31
C THR A 99 6.26 -1.02 -12.88
N GLY A 100 5.65 0.13 -13.07
CA GLY A 100 4.26 0.16 -13.63
C GLY A 100 3.36 -0.79 -12.83
N LEU A 101 3.52 -0.83 -11.54
CA LEU A 101 2.67 -1.72 -10.70
C LEU A 101 2.67 -1.18 -9.26
N PRO A 102 1.53 -1.24 -8.63
CA PRO A 102 1.44 -0.74 -7.24
C PRO A 102 2.10 -1.72 -6.26
N ASP A 103 3.23 -2.28 -6.63
CA ASP A 103 3.92 -3.24 -5.72
C ASP A 103 2.93 -4.30 -5.21
N LEU A 104 2.70 -5.32 -5.98
CA LEU A 104 1.74 -6.39 -5.55
C LEU A 104 2.45 -7.39 -4.63
N SER A 105 3.67 -7.72 -4.92
CA SER A 105 4.42 -8.70 -4.06
C SER A 105 4.70 -8.08 -2.69
N SER A 106 4.51 -6.81 -2.52
CA SER A 106 4.77 -6.17 -1.20
C SER A 106 3.44 -5.97 -0.46
N MET A 107 2.35 -5.87 -1.18
CA MET A 107 1.03 -5.69 -0.52
C MET A 107 0.66 -6.94 0.27
N THR A 108 -0.59 -7.09 0.61
CA THR A 108 -1.01 -8.30 1.37
C THR A 108 -2.45 -8.68 1.02
N GLU A 109 -3.02 -9.61 1.73
CA GLU A 109 -4.42 -10.02 1.43
C GLU A 109 -5.36 -8.86 1.72
N GLU A 110 -5.03 -8.05 2.70
CA GLU A 110 -5.89 -6.88 3.02
C GLU A 110 -5.51 -5.70 2.13
N GLU A 111 -4.24 -5.48 1.92
CA GLU A 111 -3.83 -4.36 1.02
C GLU A 111 -4.35 -4.64 -0.38
N GLN A 112 -4.20 -5.86 -0.84
CA GLN A 112 -4.73 -6.21 -2.19
C GLN A 112 -6.26 -6.16 -2.11
N ILE A 113 -6.80 -6.51 -0.96
CA ILE A 113 -8.28 -6.45 -0.80
C ILE A 113 -8.73 -5.00 -0.97
N ALA A 114 -7.95 -4.08 -0.44
CA ALA A 114 -8.31 -2.64 -0.60
C ALA A 114 -8.39 -2.32 -2.08
N TYR A 115 -7.60 -2.99 -2.86
CA TYR A 115 -7.60 -2.75 -4.34
C TYR A 115 -8.93 -3.25 -4.91
N ALA A 116 -9.44 -4.34 -4.40
CA ALA A 116 -10.72 -4.89 -4.91
C ALA A 116 -11.89 -4.08 -4.34
N MET A 117 -11.75 -3.58 -3.13
CA MET A 117 -12.84 -2.78 -2.53
C MET A 117 -12.76 -1.33 -3.01
N GLN A 118 -11.60 -0.91 -3.43
CA GLN A 118 -11.44 0.49 -3.91
C GLN A 118 -11.87 0.60 -5.38
N MET A 119 -11.61 -0.41 -6.16
CA MET A 119 -12.00 -0.36 -7.60
C MET A 119 -13.49 -0.67 -7.75
N SER A 120 -14.05 -1.42 -6.82
CA SER A 120 -15.50 -1.76 -6.91
C SER A 120 -16.36 -0.60 -6.41
N LEU A 121 -15.91 0.10 -5.40
CA LEU A 121 -16.70 1.24 -4.86
C LEU A 121 -16.82 2.36 -5.92
N GLN A 122 -16.01 2.31 -6.94
CA GLN A 122 -16.08 3.36 -7.99
C GLN A 122 -16.92 2.88 -9.18
N GLY A 123 -17.95 2.12 -8.92
CA GLY A 123 -18.80 1.61 -10.04
C GLY A 123 -20.27 1.78 -9.67
N ALA A 124 -20.84 2.93 -9.94
CA ALA A 124 -22.27 3.16 -9.61
C ALA A 124 -22.80 4.38 -10.36
N GLU A 125 -23.21 4.21 -11.58
CA GLU A 125 -23.74 5.36 -12.36
C GLU A 125 -25.27 5.40 -12.29
N PHE A 126 -25.81 5.30 -11.10
CA PHE A 126 -27.30 5.32 -10.96
C PHE A 126 -27.73 6.57 -10.18
N GLY A 127 -27.04 6.90 -9.13
CA GLY A 127 -27.41 8.10 -8.33
C GLY A 127 -28.74 7.85 -7.62
N GLN A 128 -28.73 7.10 -6.55
CA GLN A 128 -29.99 6.81 -5.82
C GLN A 128 -29.80 7.05 -4.31
N ALA A 129 -29.97 8.27 -3.87
CA ALA A 129 -29.79 8.57 -2.42
C ALA A 129 -30.36 9.96 -2.09
N GLU A 130 -31.64 10.04 -1.84
CA GLU A 130 -32.25 11.36 -1.51
C GLU A 130 -31.93 12.40 -2.60
N SER A 131 -31.80 11.96 -3.82
CA SER A 131 -31.49 12.90 -4.93
C SER A 131 -32.68 13.01 -5.89
N ALA A 132 -33.48 14.04 -5.76
CA ALA A 132 -34.66 14.19 -6.66
C ALA A 132 -34.77 15.64 -7.13
N MET B 1 -25.28 -18.72 -15.91
CA MET B 1 -24.93 -17.28 -16.04
C MET B 1 -23.44 -17.11 -16.32
N GLN B 2 -23.05 -15.97 -16.85
CA GLN B 2 -21.61 -15.73 -17.14
C GLN B 2 -21.13 -14.49 -16.38
N ILE B 3 -19.95 -14.53 -15.83
CA ILE B 3 -19.44 -13.35 -15.08
C ILE B 3 -17.97 -13.09 -15.42
N PHE B 4 -17.49 -11.91 -15.13
CA PHE B 4 -16.06 -11.60 -15.43
C PHE B 4 -15.26 -11.43 -14.13
N VAL B 5 -14.00 -11.78 -14.15
CA VAL B 5 -13.18 -11.61 -12.91
C VAL B 5 -11.88 -10.87 -13.25
N LYS B 6 -11.62 -9.77 -12.57
CA LYS B 6 -10.39 -9.00 -12.84
C LYS B 6 -9.32 -9.32 -11.80
N THR B 7 -8.09 -9.51 -12.23
CA THR B 7 -7.01 -9.84 -11.26
C THR B 7 -6.24 -8.57 -10.87
N LEU B 8 -5.34 -8.69 -9.93
CA LEU B 8 -4.55 -7.50 -9.48
C LEU B 8 -3.71 -6.93 -10.62
N THR B 9 -3.58 -7.64 -11.71
CA THR B 9 -2.76 -7.13 -12.84
C THR B 9 -3.64 -6.41 -13.87
N GLY B 10 -4.91 -6.69 -13.89
CA GLY B 10 -5.80 -6.01 -14.88
C GLY B 10 -6.35 -7.03 -15.88
N LYS B 11 -6.09 -8.29 -15.69
CA LYS B 11 -6.59 -9.32 -16.64
C LYS B 11 -8.03 -9.70 -16.27
N THR B 12 -8.88 -9.84 -17.25
CA THR B 12 -10.30 -10.21 -16.96
C THR B 12 -10.60 -11.61 -17.50
N ILE B 13 -11.16 -12.46 -16.70
CA ILE B 13 -11.48 -13.85 -17.18
C ILE B 13 -13.00 -14.03 -17.29
N THR B 14 -13.43 -14.81 -18.25
CA THR B 14 -14.90 -15.05 -18.42
C THR B 14 -15.25 -16.42 -17.84
N LEU B 15 -16.13 -16.47 -16.88
CA LEU B 15 -16.48 -17.79 -16.28
C LEU B 15 -17.98 -18.06 -16.39
N GLU B 16 -18.36 -19.31 -16.38
CA GLU B 16 -19.82 -19.66 -16.48
C GLU B 16 -20.30 -20.14 -15.11
N VAL B 17 -21.18 -19.42 -14.48
CA VAL B 17 -21.68 -19.84 -13.13
C VAL B 17 -23.18 -19.58 -13.00
N GLU B 18 -23.77 -20.04 -11.93
CA GLU B 18 -25.21 -19.80 -11.70
C GLU B 18 -25.39 -18.88 -10.49
N PRO B 19 -26.56 -18.33 -10.34
CA PRO B 19 -26.83 -17.43 -9.19
C PRO B 19 -26.92 -18.23 -7.89
N SER B 20 -27.31 -19.47 -7.96
CA SER B 20 -27.39 -20.29 -6.72
C SER B 20 -26.03 -20.89 -6.37
N ASP B 21 -25.03 -20.66 -7.20
CA ASP B 21 -23.68 -21.22 -6.92
C ASP B 21 -23.03 -20.48 -5.73
N THR B 22 -22.33 -21.19 -4.90
CA THR B 22 -21.66 -20.55 -3.73
C THR B 22 -20.33 -19.93 -4.16
N ILE B 23 -19.85 -18.98 -3.40
CA ILE B 23 -18.54 -18.35 -3.74
C ILE B 23 -17.44 -19.41 -3.76
N GLU B 24 -17.57 -20.42 -2.93
CA GLU B 24 -16.54 -21.49 -2.91
C GLU B 24 -16.52 -22.19 -4.27
N ASN B 25 -17.67 -22.36 -4.87
CA ASN B 25 -17.72 -23.02 -6.21
C ASN B 25 -17.13 -22.08 -7.26
N VAL B 26 -17.28 -20.79 -7.05
CA VAL B 26 -16.71 -19.82 -8.02
C VAL B 26 -15.18 -19.83 -7.92
N LYS B 27 -14.66 -19.90 -6.72
CA LYS B 27 -13.18 -19.94 -6.55
C LYS B 27 -12.63 -21.21 -7.19
N ALA B 28 -13.29 -22.31 -6.99
CA ALA B 28 -12.82 -23.59 -7.61
C ALA B 28 -12.84 -23.44 -9.14
N LYS B 29 -13.78 -22.70 -9.65
CA LYS B 29 -13.86 -22.50 -11.12
C LYS B 29 -12.66 -21.66 -11.58
N ILE B 30 -12.26 -20.70 -10.79
CA ILE B 30 -11.08 -19.87 -11.17
C ILE B 30 -9.82 -20.73 -11.14
N GLN B 31 -9.68 -21.56 -10.15
CA GLN B 31 -8.47 -22.43 -10.07
C GLN B 31 -8.42 -23.33 -11.30
N ASP B 32 -9.50 -23.98 -11.62
CA ASP B 32 -9.52 -24.88 -12.82
C ASP B 32 -9.17 -24.08 -14.08
N LYS B 33 -9.42 -22.79 -14.07
CA LYS B 33 -9.08 -21.97 -15.27
C LYS B 33 -7.62 -21.56 -15.23
N GLU B 34 -7.14 -21.13 -14.09
CA GLU B 34 -5.72 -20.71 -13.98
C GLU B 34 -4.93 -21.76 -13.15
N GLY B 35 -4.40 -21.39 -12.01
CA GLY B 35 -3.64 -22.38 -11.20
C GLY B 35 -3.49 -21.86 -9.76
N ILE B 36 -4.36 -20.98 -9.33
CA ILE B 36 -4.26 -20.45 -7.95
C ILE B 36 -5.11 -21.30 -6.99
N PRO B 37 -4.61 -21.49 -5.79
CA PRO B 37 -5.35 -22.28 -4.78
C PRO B 37 -6.62 -21.52 -4.33
N PRO B 38 -7.71 -22.23 -4.24
CA PRO B 38 -9.00 -21.60 -3.83
C PRO B 38 -8.89 -21.01 -2.42
N ASP B 39 -8.04 -21.56 -1.60
CA ASP B 39 -7.89 -21.03 -0.21
C ASP B 39 -7.24 -19.63 -0.24
N GLN B 40 -6.51 -19.33 -1.28
CA GLN B 40 -5.85 -17.99 -1.36
C GLN B 40 -6.63 -17.08 -2.31
N GLN B 41 -7.78 -17.50 -2.78
CA GLN B 41 -8.57 -16.64 -3.70
C GLN B 41 -9.60 -15.83 -2.93
N ARG B 42 -9.76 -14.58 -3.27
CA ARG B 42 -10.77 -13.73 -2.57
C ARG B 42 -11.66 -13.01 -3.59
N LEU B 43 -12.94 -13.09 -3.42
CA LEU B 43 -13.86 -12.41 -4.39
C LEU B 43 -14.44 -11.13 -3.78
N ILE B 44 -14.28 -10.04 -4.47
CA ILE B 44 -14.82 -8.73 -3.96
C ILE B 44 -15.79 -8.14 -4.99
N PHE B 45 -16.89 -7.59 -4.53
CA PHE B 45 -17.88 -7.00 -5.47
C PHE B 45 -18.45 -5.71 -4.89
N ALA B 46 -18.51 -4.66 -5.68
CA ALA B 46 -19.06 -3.36 -5.20
C ALA B 46 -18.49 -2.99 -3.81
N GLY B 47 -17.32 -3.45 -3.49
CA GLY B 47 -16.71 -3.11 -2.16
C GLY B 47 -17.10 -4.13 -1.10
N LYS B 48 -17.85 -5.14 -1.45
CA LYS B 48 -18.25 -6.16 -0.43
C LYS B 48 -17.57 -7.50 -0.72
N GLN B 49 -16.88 -8.05 0.24
CA GLN B 49 -16.21 -9.37 0.01
C GLN B 49 -17.25 -10.49 0.09
N LEU B 50 -17.19 -11.42 -0.83
CA LEU B 50 -18.19 -12.53 -0.83
C LEU B 50 -17.75 -13.64 0.13
N GLU B 51 -18.68 -14.21 0.86
CA GLU B 51 -18.31 -15.30 1.81
C GLU B 51 -18.50 -16.67 1.15
N ASP B 52 -17.54 -17.54 1.30
CA ASP B 52 -17.64 -18.90 0.71
C ASP B 52 -18.99 -19.55 1.00
N GLY B 53 -19.59 -19.23 2.11
CA GLY B 53 -20.91 -19.84 2.46
C GLY B 53 -22.06 -19.09 1.76
N ARG B 54 -21.77 -17.99 1.12
CA ARG B 54 -22.86 -17.22 0.45
C ARG B 54 -22.89 -17.53 -1.05
N THR B 55 -24.01 -17.34 -1.69
CA THR B 55 -24.10 -17.61 -3.15
C THR B 55 -24.03 -16.31 -3.94
N LEU B 56 -23.72 -16.38 -5.21
CA LEU B 56 -23.62 -15.15 -6.05
C LEU B 56 -24.91 -14.32 -5.94
N SER B 57 -26.04 -14.96 -6.01
CA SER B 57 -27.34 -14.22 -5.93
C SER B 57 -27.42 -13.39 -4.64
N ASP B 58 -26.88 -13.88 -3.56
CA ASP B 58 -26.93 -13.12 -2.28
C ASP B 58 -26.26 -11.76 -2.44
N TYR B 59 -25.33 -11.64 -3.35
CA TYR B 59 -24.65 -10.33 -3.56
C TYR B 59 -25.23 -9.61 -4.77
N ASN B 60 -26.44 -9.93 -5.15
CA ASN B 60 -27.08 -9.26 -6.32
C ASN B 60 -26.16 -9.30 -7.54
N ILE B 61 -25.39 -10.34 -7.68
CA ILE B 61 -24.47 -10.44 -8.86
C ILE B 61 -25.25 -10.95 -10.08
N GLN B 62 -25.38 -10.13 -11.09
CA GLN B 62 -26.13 -10.57 -12.30
C GLN B 62 -25.17 -10.88 -13.45
N LYS B 63 -25.65 -11.52 -14.48
CA LYS B 63 -24.78 -11.86 -15.64
C LYS B 63 -23.94 -10.67 -16.08
N GLU B 64 -22.80 -10.92 -16.68
CA GLU B 64 -21.90 -9.82 -17.14
C GLU B 64 -21.41 -8.99 -15.95
N SER B 65 -21.55 -9.49 -14.76
CA SER B 65 -21.08 -8.73 -13.56
C SER B 65 -19.56 -8.71 -13.51
N THR B 66 -18.99 -7.72 -12.88
CA THR B 66 -17.50 -7.65 -12.78
C THR B 66 -17.05 -7.98 -11.36
N LEU B 67 -16.37 -9.07 -11.20
CA LEU B 67 -15.89 -9.49 -9.85
C LEU B 67 -14.40 -9.17 -9.70
N HIS B 68 -13.97 -8.87 -8.51
CA HIS B 68 -12.51 -8.57 -8.31
C HIS B 68 -11.85 -9.72 -7.56
N LEU B 69 -10.74 -10.20 -8.04
CA LEU B 69 -10.07 -11.35 -7.36
C LEU B 69 -8.81 -10.88 -6.63
N VAL B 70 -8.63 -11.30 -5.40
CA VAL B 70 -7.42 -10.90 -4.63
C VAL B 70 -6.69 -12.14 -4.13
N LEU B 71 -5.40 -12.04 -3.97
CA LEU B 71 -4.61 -13.21 -3.48
C LEU B 71 -4.45 -13.15 -1.96
N ARG B 72 -4.99 -14.11 -1.26
CA ARG B 72 -4.87 -14.12 0.23
C ARG B 72 -3.88 -15.21 0.67
N LEU B 73 -2.94 -14.87 1.51
CA LEU B 73 -1.95 -15.89 1.97
C LEU B 73 -2.63 -16.88 2.93
N ARG B 74 -1.89 -17.85 3.40
CA ARG B 74 -2.49 -18.86 4.33
C ARG B 74 -2.79 -18.21 5.68
N GLY B 75 -3.68 -18.81 6.44
CA GLY B 75 -4.02 -18.23 7.78
C GLY B 75 -4.92 -19.20 8.54
N GLY B 76 -4.42 -20.39 8.82
CA GLY B 76 -5.25 -21.39 9.55
C GLY B 76 -5.23 -21.06 11.05
N HIS A 21 -6.16 -22.89 54.65
CA HIS A 21 -4.87 -22.55 55.30
C HIS A 21 -4.91 -21.10 55.81
N MET A 22 -3.80 -20.62 56.32
CA MET A 22 -3.77 -19.22 56.83
C MET A 22 -2.33 -18.69 56.83
N LEU A 23 -2.09 -17.60 57.49
CA LEU A 23 -0.71 -17.04 57.56
C LEU A 23 -0.17 -17.16 58.99
N GLY A 24 -0.69 -18.09 59.73
CA GLY A 24 -0.23 -18.27 61.14
C GLY A 24 1.01 -19.18 61.17
N LEU A 25 2.11 -18.71 60.65
CA LEU A 25 3.35 -19.54 60.64
C LEU A 25 4.58 -18.67 60.85
N GLY A 26 4.87 -17.79 59.91
CA GLY A 26 6.05 -16.91 60.05
C GLY A 26 5.81 -15.61 59.29
N ALA A 27 6.68 -14.65 59.43
CA ALA A 27 6.52 -13.35 58.71
C ALA A 27 7.82 -12.94 58.02
N SER A 28 8.63 -13.90 57.65
CA SER A 28 9.92 -13.57 56.98
C SER A 28 10.20 -14.57 55.85
N ASP A 29 9.19 -15.23 55.36
CA ASP A 29 9.39 -16.21 54.26
C ASP A 29 9.22 -15.54 52.89
N PHE A 30 8.65 -14.36 52.88
CA PHE A 30 8.45 -13.64 51.57
C PHE A 30 9.02 -12.23 51.66
N GLU A 31 10.28 -12.10 51.99
CA GLU A 31 10.89 -10.74 52.10
C GLU A 31 11.33 -10.25 50.72
N PHE A 32 10.41 -10.17 49.79
CA PHE A 32 10.77 -9.69 48.41
C PHE A 32 11.99 -10.46 47.87
N GLY A 33 12.03 -11.75 48.11
CA GLY A 33 13.18 -12.55 47.61
C GLY A 33 12.67 -13.86 47.00
N VAL A 34 11.46 -13.87 46.50
CA VAL A 34 10.90 -15.11 45.90
C VAL A 34 9.93 -14.76 44.77
N ASP A 35 9.12 -13.75 44.95
CA ASP A 35 8.15 -13.37 43.88
C ASP A 35 8.14 -11.86 43.71
N PRO A 36 7.60 -11.41 42.59
CA PRO A 36 7.56 -9.96 42.29
C PRO A 36 6.84 -9.16 43.37
N SER A 37 7.47 -9.00 44.50
CA SER A 37 6.87 -8.24 45.63
C SER A 37 5.61 -8.96 46.10
N ALA A 38 5.63 -10.26 46.03
CA ALA A 38 4.45 -11.07 46.47
C ALA A 38 3.13 -10.38 46.09
N ASP A 39 3.10 -9.71 44.97
CA ASP A 39 1.86 -9.03 44.54
C ASP A 39 2.00 -8.55 43.10
N PRO A 40 1.12 -9.02 42.27
CA PRO A 40 1.15 -8.64 40.83
C PRO A 40 0.73 -7.18 40.68
N GLU A 41 0.14 -6.60 41.69
CA GLU A 41 -0.29 -5.18 41.61
C GLU A 41 0.94 -4.28 41.76
N LEU A 42 1.94 -4.74 42.45
CA LEU A 42 3.18 -3.93 42.64
C LEU A 42 4.16 -4.24 41.52
N ALA A 43 4.10 -5.42 40.97
CA ALA A 43 5.02 -5.79 39.85
C ALA A 43 4.62 -5.05 38.58
N LEU A 44 3.33 -4.96 38.32
CA LEU A 44 2.87 -4.25 37.10
C LEU A 44 2.91 -2.74 37.34
N ALA A 45 2.66 -2.32 38.55
CA ALA A 45 2.68 -0.85 38.86
C ALA A 45 4.10 -0.32 38.70
N LEU A 46 5.09 -1.10 39.04
CA LEU A 46 6.50 -0.64 38.90
C LEU A 46 6.96 -0.77 37.45
N ARG A 47 6.34 -1.64 36.69
CA ARG A 47 6.73 -1.80 35.27
C ARG A 47 6.02 -0.76 34.40
N VAL A 48 4.84 -0.36 34.81
CA VAL A 48 4.09 0.65 34.02
C VAL A 48 4.62 2.05 34.33
N SER A 49 4.98 2.29 35.58
CA SER A 49 5.52 3.64 35.94
C SER A 49 6.91 3.82 35.35
N MET A 50 7.74 2.82 35.43
CA MET A 50 9.12 2.93 34.86
C MET A 50 9.04 3.13 33.35
N GLU A 51 8.08 2.53 32.71
CA GLU A 51 7.93 2.68 31.24
C GLU A 51 7.50 4.10 30.89
N GLU A 52 6.65 4.68 31.69
CA GLU A 52 6.18 6.08 31.41
C GLU A 52 7.38 7.04 31.46
N GLN A 53 8.19 6.95 32.48
CA GLN A 53 9.36 7.86 32.59
C GLN A 53 10.31 7.64 31.40
N ARG A 54 10.48 6.42 30.98
CA ARG A 54 11.38 6.13 29.83
C ARG A 54 10.73 6.61 28.53
N GLN A 55 9.42 6.58 28.46
CA GLN A 55 8.72 7.02 27.23
C GLN A 55 9.02 8.51 26.97
N ARG A 56 9.02 9.31 28.00
CA ARG A 56 9.31 10.76 27.82
C ARG A 56 10.81 10.98 27.70
N GLN A 57 11.59 10.29 28.49
CA GLN A 57 13.07 10.46 28.42
C GLN A 57 13.60 9.92 27.08
N GLU A 58 12.88 9.02 26.48
CA GLU A 58 13.33 8.46 25.17
C GLU A 58 12.91 9.39 24.04
N GLU A 59 11.63 9.63 23.90
CA GLU A 59 11.15 10.55 22.81
C GLU A 59 11.92 11.86 22.89
N GLU A 60 12.31 12.25 24.07
CA GLU A 60 13.09 13.51 24.22
C GLU A 60 14.58 13.20 23.98
N ALA A 61 15.02 12.03 24.39
CA ALA A 61 16.45 11.67 24.17
C ALA A 61 16.74 11.60 22.67
N ARG A 62 15.93 10.87 21.94
CA ARG A 62 16.14 10.77 20.46
C ARG A 62 15.81 12.10 19.80
N ARG A 63 14.89 12.85 20.37
CA ARG A 63 14.53 14.17 19.77
C ARG A 63 15.80 15.01 19.61
N ALA A 64 16.69 14.92 20.56
CA ALA A 64 17.96 15.69 20.48
C ALA A 64 18.92 14.95 19.54
N ALA A 65 18.81 13.65 19.46
CA ALA A 65 19.69 12.87 18.56
C ALA A 65 19.46 13.28 17.11
N ALA A 66 18.27 13.73 16.81
CA ALA A 66 17.96 14.15 15.40
C ALA A 66 18.34 15.62 15.20
N ALA A 67 18.06 16.45 16.18
CA ALA A 67 18.40 17.89 16.05
C ALA A 67 19.93 18.07 16.02
N SER A 68 20.65 17.20 16.66
CA SER A 68 22.13 17.32 16.67
C SER A 68 22.73 16.67 15.41
N ALA A 69 22.11 15.63 14.92
CA ALA A 69 22.63 14.94 13.70
C ALA A 69 22.36 15.81 12.46
N ALA A 70 21.32 16.59 12.49
CA ALA A 70 21.00 17.45 11.31
C ALA A 70 21.93 18.66 11.27
N GLU A 71 22.69 18.90 12.31
CA GLU A 71 23.61 20.07 12.33
C GLU A 71 25.04 19.62 12.02
N ALA A 72 25.43 18.47 12.49
CA ALA A 72 26.80 17.97 12.23
C ALA A 72 26.81 16.97 11.07
N GLY A 73 25.74 16.22 10.93
CA GLY A 73 25.67 15.22 9.83
C GLY A 73 25.41 15.94 8.51
N ILE A 74 24.33 16.67 8.42
CA ILE A 74 24.01 17.39 7.15
C ILE A 74 24.75 18.73 7.12
N ALA A 75 26.05 18.70 7.01
CA ALA A 75 26.82 19.97 6.96
C ALA A 75 28.28 19.70 6.54
N THR A 76 28.48 18.72 5.71
CA THR A 76 29.87 18.39 5.26
C THR A 76 29.89 18.05 3.77
N THR A 77 29.91 19.04 2.93
CA THR A 77 29.92 18.79 1.46
C THR A 77 31.35 18.93 0.91
N GLY A 78 32.21 18.00 1.22
CA GLY A 78 33.62 18.09 0.73
C GLY A 78 34.28 16.72 0.86
N THR A 79 33.52 15.66 0.73
CA THR A 79 34.11 14.30 0.84
C THR A 79 33.67 13.44 -0.35
N GLU A 80 34.53 13.28 -1.32
CA GLU A 80 34.17 12.45 -2.52
C GLU A 80 34.39 10.96 -2.21
N ASP A 81 33.53 10.39 -1.42
CA ASP A 81 33.67 8.94 -1.08
C ASP A 81 33.46 8.08 -2.32
N SER A 82 32.32 8.19 -2.94
CA SER A 82 32.05 7.37 -4.17
C SER A 82 31.47 8.25 -5.28
N ASP A 83 32.29 8.72 -6.17
CA ASP A 83 31.78 9.58 -7.28
C ASP A 83 30.80 8.79 -8.15
N ASP A 84 31.02 7.51 -8.31
CA ASP A 84 30.09 6.70 -9.14
C ASP A 84 28.82 6.43 -8.35
N ALA A 85 28.90 6.42 -7.05
CA ALA A 85 27.68 6.19 -6.23
C ALA A 85 26.70 7.32 -6.49
N LEU A 86 27.18 8.54 -6.52
CA LEU A 86 26.27 9.69 -6.80
C LEU A 86 25.75 9.56 -8.22
N LEU A 87 26.53 8.98 -9.10
CA LEU A 87 26.09 8.80 -10.51
C LEU A 87 25.03 7.69 -10.57
N LYS A 88 25.26 6.62 -9.85
CA LYS A 88 24.27 5.49 -9.86
C LYS A 88 23.08 5.83 -8.96
N MET A 89 23.32 6.11 -7.71
CA MET A 89 22.20 6.43 -6.77
C MET A 89 21.28 7.51 -7.37
N THR A 90 21.85 8.51 -8.00
CA THR A 90 21.01 9.58 -8.60
C THR A 90 20.19 9.03 -9.76
N ILE A 91 20.79 8.25 -10.62
CA ILE A 91 20.03 7.70 -11.78
C ILE A 91 19.28 6.43 -11.38
N SER A 92 19.57 5.90 -10.22
CA SER A 92 18.87 4.66 -9.77
C SER A 92 17.46 5.00 -9.30
N GLN A 93 17.33 6.04 -8.51
CA GLN A 93 15.98 6.44 -8.01
C GLN A 93 15.25 7.27 -9.06
N GLN A 94 15.98 8.00 -9.87
CA GLN A 94 15.33 8.83 -10.92
C GLN A 94 14.87 7.95 -12.08
N GLU A 95 15.66 6.97 -12.45
CA GLU A 95 15.26 6.07 -13.57
C GLU A 95 14.10 5.18 -13.13
N PHE A 96 14.27 4.43 -12.09
CA PHE A 96 13.17 3.53 -11.60
C PHE A 96 12.64 2.68 -12.76
N GLY A 97 13.37 1.66 -13.14
CA GLY A 97 12.91 0.79 -14.26
C GLY A 97 11.51 0.23 -13.96
N ARG A 98 11.44 -0.79 -13.14
CA ARG A 98 10.11 -1.38 -12.82
C ARG A 98 9.34 -0.46 -11.87
N THR A 99 8.32 0.19 -12.37
CA THR A 99 7.52 1.11 -11.50
C THR A 99 6.08 1.22 -12.02
N GLY A 100 5.62 0.23 -12.73
CA GLY A 100 4.23 0.28 -13.27
C GLY A 100 3.28 -0.49 -12.34
N LEU A 101 3.66 -0.66 -11.11
CA LEU A 101 2.79 -1.39 -10.14
C LEU A 101 3.21 -1.02 -8.72
N PRO A 102 2.25 -0.94 -7.84
CA PRO A 102 2.57 -0.57 -6.45
C PRO A 102 3.18 -1.77 -5.70
N ASP A 103 4.03 -2.52 -6.34
CA ASP A 103 4.66 -3.70 -5.67
C ASP A 103 3.58 -4.58 -5.02
N LEU A 104 3.09 -5.56 -5.73
CA LEU A 104 2.05 -6.45 -5.15
C LEU A 104 2.58 -7.17 -3.91
N SER A 105 3.86 -7.46 -3.89
CA SER A 105 4.45 -8.16 -2.71
C SER A 105 4.28 -7.31 -1.44
N SER A 106 4.13 -6.02 -1.60
CA SER A 106 3.95 -5.14 -0.42
C SER A 106 2.50 -5.18 0.06
N MET A 107 1.58 -5.44 -0.84
CA MET A 107 0.14 -5.51 -0.45
C MET A 107 -0.22 -6.92 0.00
N THR A 108 -0.65 -7.08 1.22
CA THR A 108 -1.01 -8.43 1.73
C THR A 108 -2.39 -8.85 1.20
N GLU A 109 -2.97 -9.86 1.79
CA GLU A 109 -4.32 -10.32 1.35
C GLU A 109 -5.34 -9.23 1.67
N GLU A 110 -5.13 -8.49 2.73
CA GLU A 110 -6.08 -7.41 3.09
C GLU A 110 -5.71 -6.14 2.31
N GLU A 111 -4.44 -5.87 2.17
CA GLU A 111 -4.02 -4.67 1.39
C GLU A 111 -4.46 -4.86 -0.04
N GLN A 112 -4.23 -6.04 -0.59
CA GLN A 112 -4.67 -6.31 -1.97
C GLN A 112 -6.20 -6.32 -1.98
N ILE A 113 -6.78 -6.78 -0.91
CA ILE A 113 -8.27 -6.78 -0.82
C ILE A 113 -8.77 -5.34 -0.93
N ALA A 114 -8.07 -4.42 -0.31
CA ALA A 114 -8.48 -2.98 -0.39
C ALA A 114 -8.46 -2.56 -1.86
N TYR A 115 -7.59 -3.16 -2.63
CA TYR A 115 -7.51 -2.82 -4.07
C TYR A 115 -8.80 -3.27 -4.78
N ALA A 116 -9.32 -4.40 -4.41
CA ALA A 116 -10.57 -4.90 -5.05
C ALA A 116 -11.79 -4.24 -4.40
N MET A 117 -11.72 -3.94 -3.12
CA MET A 117 -12.88 -3.30 -2.45
C MET A 117 -12.90 -1.81 -2.79
N GLN A 118 -11.76 -1.25 -3.11
CA GLN A 118 -11.71 0.19 -3.45
C GLN A 118 -12.15 0.41 -4.90
N MET A 119 -11.68 -0.42 -5.80
CA MET A 119 -12.06 -0.27 -7.24
C MET A 119 -13.46 -0.85 -7.48
N SER A 120 -14.00 -1.55 -6.51
CA SER A 120 -15.37 -2.14 -6.69
C SER A 120 -16.43 -1.24 -6.05
N LEU A 121 -16.03 -0.41 -5.13
CA LEU A 121 -17.02 0.50 -4.47
C LEU A 121 -17.10 1.83 -5.22
N GLN A 122 -16.61 1.88 -6.43
CA GLN A 122 -16.67 3.16 -7.21
C GLN A 122 -17.90 3.15 -8.13
N GLY A 123 -18.23 2.03 -8.69
CA GLY A 123 -19.41 1.96 -9.59
C GLY A 123 -20.69 2.10 -8.77
N ALA A 124 -20.70 1.60 -7.57
CA ALA A 124 -21.92 1.72 -6.72
C ALA A 124 -21.76 2.86 -5.71
N GLU A 125 -22.13 4.04 -6.10
CA GLU A 125 -22.00 5.22 -5.18
C GLU A 125 -23.03 5.12 -4.05
N PHE A 126 -22.92 4.12 -3.21
CA PHE A 126 -23.90 3.97 -2.09
C PHE A 126 -23.40 2.92 -1.09
N GLY A 127 -22.96 3.35 0.06
CA GLY A 127 -22.46 2.37 1.07
C GLY A 127 -22.79 2.88 2.48
N GLN A 128 -23.35 2.05 3.31
CA GLN A 128 -23.69 2.47 4.69
C GLN A 128 -23.11 1.50 5.71
N ALA A 129 -21.83 1.58 5.95
CA ALA A 129 -21.19 0.65 6.94
C ALA A 129 -20.43 1.45 8.00
N GLU A 130 -20.97 2.56 8.42
CA GLU A 130 -20.28 3.40 9.46
C GLU A 130 -18.83 3.67 9.04
N SER A 131 -18.63 4.23 7.88
CA SER A 131 -17.25 4.53 7.42
C SER A 131 -16.91 6.00 7.65
N ALA A 132 -15.70 6.40 7.37
CA ALA A 132 -15.32 7.83 7.58
C ALA A 132 -14.22 8.22 6.60
N MET B 1 -25.06 -18.77 -15.72
CA MET B 1 -24.78 -17.31 -15.82
C MET B 1 -23.28 -17.07 -16.02
N GLN B 2 -22.91 -16.40 -17.07
CA GLN B 2 -21.47 -16.12 -17.32
C GLN B 2 -21.07 -14.80 -16.66
N ILE B 3 -19.92 -14.75 -16.04
CA ILE B 3 -19.49 -13.48 -15.38
C ILE B 3 -18.01 -13.20 -15.67
N PHE B 4 -17.57 -12.00 -15.40
CA PHE B 4 -16.14 -11.65 -15.65
C PHE B 4 -15.41 -11.41 -14.33
N VAL B 5 -14.16 -11.79 -14.26
CA VAL B 5 -13.38 -11.57 -13.01
C VAL B 5 -12.05 -10.86 -13.34
N LYS B 6 -11.83 -9.71 -12.75
CA LYS B 6 -10.56 -8.98 -13.04
C LYS B 6 -9.55 -9.20 -11.91
N THR B 7 -8.35 -9.59 -12.24
CA THR B 7 -7.33 -9.84 -11.18
C THR B 7 -6.45 -8.60 -10.96
N LEU B 8 -5.52 -8.68 -10.05
CA LEU B 8 -4.63 -7.51 -9.78
C LEU B 8 -3.82 -7.14 -11.03
N THR B 9 -3.76 -7.99 -12.01
CA THR B 9 -2.97 -7.68 -13.24
C THR B 9 -3.87 -7.09 -14.32
N GLY B 10 -5.05 -6.65 -13.98
CA GLY B 10 -5.96 -6.06 -14.99
C GLY B 10 -6.46 -7.14 -15.97
N LYS B 11 -6.19 -8.39 -15.68
CA LYS B 11 -6.67 -9.48 -16.59
C LYS B 11 -8.11 -9.85 -16.24
N THR B 12 -8.95 -9.97 -17.24
CA THR B 12 -10.38 -10.33 -16.95
C THR B 12 -10.69 -11.73 -17.50
N ILE B 13 -11.22 -12.58 -16.67
CA ILE B 13 -11.55 -13.97 -17.13
C ILE B 13 -13.07 -14.15 -17.22
N THR B 14 -13.53 -14.81 -18.25
CA THR B 14 -14.99 -15.04 -18.39
C THR B 14 -15.32 -16.47 -17.97
N LEU B 15 -16.11 -16.65 -16.94
CA LEU B 15 -16.43 -18.04 -16.49
C LEU B 15 -17.93 -18.27 -16.48
N GLU B 16 -18.35 -19.50 -16.41
CA GLU B 16 -19.80 -19.81 -16.37
C GLU B 16 -20.22 -20.23 -14.96
N VAL B 17 -21.09 -19.48 -14.34
CA VAL B 17 -21.52 -19.83 -12.95
C VAL B 17 -23.02 -19.59 -12.78
N GLU B 18 -23.57 -20.04 -11.69
CA GLU B 18 -25.02 -19.83 -11.44
C GLU B 18 -25.20 -18.89 -10.25
N PRO B 19 -26.38 -18.34 -10.11
CA PRO B 19 -26.66 -17.41 -8.99
C PRO B 19 -26.72 -18.18 -7.66
N SER B 20 -27.06 -19.44 -7.72
CA SER B 20 -27.13 -20.24 -6.46
C SER B 20 -25.74 -20.79 -6.10
N ASP B 21 -24.77 -20.59 -6.95
CA ASP B 21 -23.39 -21.10 -6.65
C ASP B 21 -22.75 -20.28 -5.53
N THR B 22 -21.99 -20.92 -4.68
CA THR B 22 -21.33 -20.20 -3.56
C THR B 22 -20.03 -19.55 -4.04
N ILE B 23 -19.52 -18.60 -3.30
CA ILE B 23 -18.26 -17.92 -3.71
C ILE B 23 -17.14 -18.96 -3.80
N GLU B 24 -17.11 -19.89 -2.87
CA GLU B 24 -16.04 -20.93 -2.91
C GLU B 24 -16.15 -21.72 -4.22
N ASN B 25 -17.33 -21.87 -4.73
CA ASN B 25 -17.51 -22.61 -6.02
C ASN B 25 -16.96 -21.76 -7.16
N VAL B 26 -17.11 -20.46 -7.08
CA VAL B 26 -16.58 -19.58 -8.17
C VAL B 26 -15.05 -19.59 -8.10
N LYS B 27 -14.50 -19.59 -6.92
CA LYS B 27 -13.02 -19.63 -6.78
C LYS B 27 -12.49 -20.93 -7.39
N ALA B 28 -13.14 -22.02 -7.11
CA ALA B 28 -12.71 -23.31 -7.70
C ALA B 28 -12.76 -23.24 -9.23
N LYS B 29 -13.71 -22.50 -9.74
CA LYS B 29 -13.82 -22.37 -11.23
C LYS B 29 -12.62 -21.59 -11.76
N ILE B 30 -12.20 -20.57 -11.05
CA ILE B 30 -11.03 -19.79 -11.51
C ILE B 30 -9.77 -20.67 -11.41
N GLN B 31 -9.70 -21.49 -10.40
CA GLN B 31 -8.52 -22.40 -10.27
C GLN B 31 -8.44 -23.32 -11.49
N ASP B 32 -9.51 -23.98 -11.82
CA ASP B 32 -9.50 -24.91 -12.99
C ASP B 32 -9.12 -24.14 -14.26
N LYS B 33 -9.39 -22.85 -14.30
CA LYS B 33 -9.04 -22.06 -15.52
C LYS B 33 -7.57 -21.63 -15.49
N GLU B 34 -7.09 -21.23 -14.33
CA GLU B 34 -5.67 -20.77 -14.24
C GLU B 34 -4.83 -21.81 -13.49
N GLY B 35 -5.22 -22.15 -12.29
CA GLY B 35 -4.44 -23.16 -11.51
C GLY B 35 -4.16 -22.65 -10.10
N ILE B 36 -4.84 -21.61 -9.68
CA ILE B 36 -4.59 -21.07 -8.30
C ILE B 36 -5.56 -21.74 -7.31
N PRO B 37 -5.07 -21.99 -6.12
CA PRO B 37 -5.92 -22.65 -5.08
C PRO B 37 -7.02 -21.68 -4.60
N PRO B 38 -8.22 -22.20 -4.48
CA PRO B 38 -9.38 -21.38 -4.04
C PRO B 38 -9.15 -20.81 -2.63
N ASP B 39 -8.35 -21.47 -1.84
CA ASP B 39 -8.09 -20.94 -0.46
C ASP B 39 -7.29 -19.65 -0.53
N GLN B 40 -6.59 -19.44 -1.61
CA GLN B 40 -5.77 -18.19 -1.75
C GLN B 40 -6.51 -17.19 -2.64
N GLN B 41 -7.65 -17.55 -3.16
CA GLN B 41 -8.40 -16.60 -4.03
C GLN B 41 -9.45 -15.82 -3.22
N ARG B 42 -9.64 -14.57 -3.54
CA ARG B 42 -10.64 -13.75 -2.79
C ARG B 42 -11.56 -13.04 -3.78
N LEU B 43 -12.85 -13.11 -3.55
CA LEU B 43 -13.81 -12.44 -4.48
C LEU B 43 -14.36 -11.16 -3.86
N ILE B 44 -14.23 -10.07 -4.56
CA ILE B 44 -14.73 -8.76 -4.04
C ILE B 44 -15.75 -8.17 -5.04
N PHE B 45 -16.87 -7.73 -4.54
CA PHE B 45 -17.90 -7.14 -5.45
C PHE B 45 -18.56 -5.92 -4.77
N ALA B 46 -18.97 -4.95 -5.55
CA ALA B 46 -19.63 -3.74 -4.97
C ALA B 46 -18.86 -3.21 -3.74
N GLY B 47 -17.57 -3.43 -3.69
CA GLY B 47 -16.78 -2.93 -2.53
C GLY B 47 -16.93 -3.86 -1.32
N LYS B 48 -17.72 -4.90 -1.44
CA LYS B 48 -17.91 -5.82 -0.29
C LYS B 48 -17.25 -7.17 -0.58
N GLN B 49 -16.59 -7.75 0.39
CA GLN B 49 -15.93 -9.06 0.17
C GLN B 49 -16.98 -10.18 0.23
N LEU B 50 -16.95 -11.09 -0.71
CA LEU B 50 -17.94 -12.20 -0.71
C LEU B 50 -17.50 -13.32 0.22
N GLU B 51 -18.42 -13.89 0.97
CA GLU B 51 -18.05 -14.99 1.92
C GLU B 51 -18.26 -16.35 1.26
N ASP B 52 -17.30 -17.23 1.40
CA ASP B 52 -17.43 -18.59 0.79
C ASP B 52 -18.78 -19.23 1.11
N GLY B 53 -19.37 -18.87 2.22
CA GLY B 53 -20.69 -19.46 2.59
C GLY B 53 -21.83 -18.71 1.89
N ARG B 54 -21.54 -17.63 1.22
CA ARG B 54 -22.63 -16.88 0.52
C ARG B 54 -22.65 -17.23 -0.97
N THR B 55 -23.78 -17.06 -1.61
CA THR B 55 -23.87 -17.37 -3.06
C THR B 55 -23.82 -16.08 -3.87
N LEU B 56 -23.51 -16.17 -5.14
CA LEU B 56 -23.45 -14.95 -6.00
C LEU B 56 -24.76 -14.15 -5.90
N SER B 57 -25.87 -14.83 -5.91
CA SER B 57 -27.19 -14.12 -5.85
C SER B 57 -27.28 -13.26 -4.58
N ASP B 58 -26.71 -13.70 -3.49
CA ASP B 58 -26.78 -12.89 -2.24
C ASP B 58 -26.14 -11.52 -2.44
N TYR B 59 -25.23 -11.41 -3.38
CA TYR B 59 -24.57 -10.10 -3.63
C TYR B 59 -25.18 -9.43 -4.86
N ASN B 60 -26.39 -9.79 -5.21
CA ASN B 60 -27.07 -9.19 -6.39
C ASN B 60 -26.15 -9.24 -7.63
N ILE B 61 -25.35 -10.27 -7.75
CA ILE B 61 -24.46 -10.39 -8.93
C ILE B 61 -25.24 -10.95 -10.13
N GLN B 62 -25.37 -10.19 -11.18
CA GLN B 62 -26.12 -10.68 -12.37
C GLN B 62 -25.16 -11.04 -13.50
N LYS B 63 -25.64 -11.72 -14.52
CA LYS B 63 -24.77 -12.11 -15.66
C LYS B 63 -23.92 -10.92 -16.15
N GLU B 64 -22.78 -11.23 -16.72
CA GLU B 64 -21.88 -10.14 -17.24
C GLU B 64 -21.40 -9.24 -16.09
N SER B 65 -21.54 -9.68 -14.87
CA SER B 65 -21.09 -8.85 -13.71
C SER B 65 -19.56 -8.82 -13.66
N THR B 66 -19.00 -7.80 -13.07
CA THR B 66 -17.52 -7.70 -12.98
C THR B 66 -17.07 -7.96 -11.54
N LEU B 67 -16.41 -9.06 -11.30
CA LEU B 67 -15.94 -9.40 -9.93
C LEU B 67 -14.45 -9.08 -9.79
N HIS B 68 -14.00 -8.80 -8.60
CA HIS B 68 -12.55 -8.51 -8.41
C HIS B 68 -11.87 -9.67 -7.70
N LEU B 69 -10.77 -10.15 -8.20
CA LEU B 69 -10.07 -11.30 -7.55
C LEU B 69 -8.80 -10.83 -6.84
N VAL B 70 -8.60 -11.25 -5.63
CA VAL B 70 -7.37 -10.84 -4.88
C VAL B 70 -6.62 -12.09 -4.40
N LEU B 71 -5.32 -11.97 -4.23
CA LEU B 71 -4.52 -13.14 -3.77
C LEU B 71 -4.36 -13.12 -2.25
N ARG B 72 -4.72 -14.19 -1.59
CA ARG B 72 -4.59 -14.25 -0.11
C ARG B 72 -3.41 -15.13 0.28
N LEU B 73 -2.30 -14.54 0.64
CA LEU B 73 -1.10 -15.34 1.03
C LEU B 73 -0.70 -16.28 -0.11
N ARG B 74 0.43 -16.93 0.02
CA ARG B 74 0.88 -17.86 -1.07
C ARG B 74 1.03 -19.28 -0.50
N GLY B 75 1.23 -20.25 -1.36
CA GLY B 75 1.39 -21.65 -0.89
C GLY B 75 1.10 -22.62 -2.04
N GLY B 76 2.04 -22.80 -2.92
CA GLY B 76 1.82 -23.73 -4.07
C GLY B 76 2.61 -23.24 -5.28
N HIS A 21 46.51 63.23 7.23
CA HIS A 21 46.58 63.90 8.56
C HIS A 21 45.44 64.91 8.70
N MET A 22 44.52 64.68 9.59
CA MET A 22 43.39 65.63 9.78
C MET A 22 42.82 65.52 11.19
N LEU A 23 42.48 64.32 11.61
CA LEU A 23 41.91 64.09 12.96
C LEU A 23 40.42 64.42 12.93
N GLY A 24 39.80 64.11 11.82
CA GLY A 24 38.36 64.40 11.67
C GLY A 24 37.54 63.37 12.45
N LEU A 25 37.26 62.24 11.85
CA LEU A 25 36.46 61.19 12.55
C LEU A 25 35.17 61.78 13.11
N GLY A 26 34.59 62.71 12.41
CA GLY A 26 33.31 63.33 12.90
C GLY A 26 32.12 62.60 12.28
N ALA A 27 31.36 61.91 13.09
CA ALA A 27 30.19 61.17 12.56
C ALA A 27 28.91 61.99 12.75
N SER A 28 29.03 63.29 12.75
CA SER A 28 27.82 64.15 12.95
C SER A 28 27.57 64.99 11.70
N ASP A 29 28.60 65.34 10.98
CA ASP A 29 28.43 66.17 9.75
C ASP A 29 27.49 65.46 8.76
N PHE A 30 27.61 64.16 8.66
CA PHE A 30 26.73 63.41 7.72
C PHE A 30 25.60 62.71 8.49
N GLU A 31 24.52 63.40 8.70
CA GLU A 31 23.38 62.79 9.46
C GLU A 31 22.32 62.27 8.48
N PHE A 32 22.58 61.16 7.85
CA PHE A 32 21.59 60.60 6.88
C PHE A 32 21.87 59.10 6.65
N GLY A 33 23.11 58.75 6.48
CA GLY A 33 23.45 57.31 6.26
C GLY A 33 24.24 56.79 7.45
N VAL A 34 24.01 57.32 8.61
CA VAL A 34 24.75 56.86 9.82
C VAL A 34 23.77 56.57 10.96
N ASP A 35 22.76 57.38 11.12
CA ASP A 35 21.78 57.14 12.22
C ASP A 35 20.36 57.07 11.65
N PRO A 36 19.55 56.19 12.22
CA PRO A 36 18.16 56.03 11.76
C PRO A 36 17.31 57.24 12.15
N SER A 37 17.68 57.89 13.23
CA SER A 37 16.90 59.09 13.68
C SER A 37 16.94 60.18 12.60
N ALA A 38 17.93 60.16 11.75
CA ALA A 38 18.03 61.20 10.68
C ALA A 38 16.77 61.16 9.80
N ASP A 39 16.07 60.06 9.78
CA ASP A 39 14.84 59.97 8.94
C ASP A 39 14.08 58.69 9.30
N PRO A 40 12.86 58.89 9.72
CA PRO A 40 12.00 57.74 10.11
C PRO A 40 11.61 56.93 8.86
N GLU A 41 11.80 57.50 7.70
CA GLU A 41 11.46 56.76 6.45
C GLU A 41 12.53 55.70 6.17
N LEU A 42 13.75 55.97 6.58
CA LEU A 42 14.84 54.99 6.36
C LEU A 42 14.92 54.02 7.54
N ALA A 43 14.47 54.46 8.69
CA ALA A 43 14.51 53.56 9.88
C ALA A 43 13.44 52.48 9.75
N LEU A 44 12.29 52.82 9.22
CA LEU A 44 11.21 51.81 9.05
C LEU A 44 11.42 51.04 7.75
N ALA A 45 12.04 51.67 6.77
CA ALA A 45 12.28 50.97 5.47
C ALA A 45 13.39 49.93 5.64
N LEU A 46 14.38 50.23 6.43
CA LEU A 46 15.50 49.27 6.64
C LEU A 46 15.12 48.24 7.71
N ARG A 47 14.17 48.56 8.54
CA ARG A 47 13.74 47.59 9.60
C ARG A 47 12.81 46.55 8.98
N VAL A 48 12.08 46.94 7.96
CA VAL A 48 11.16 45.98 7.31
C VAL A 48 11.93 45.11 6.30
N SER A 49 12.94 45.67 5.70
CA SER A 49 13.75 44.90 4.70
C SER A 49 14.58 43.83 5.43
N MET A 50 15.22 44.19 6.51
CA MET A 50 16.05 43.20 7.25
C MET A 50 15.15 42.14 7.90
N GLU A 51 14.00 42.54 8.37
CA GLU A 51 13.08 41.56 9.01
C GLU A 51 12.52 40.60 7.95
N GLU A 52 12.27 41.08 6.77
CA GLU A 52 11.72 40.19 5.69
C GLU A 52 12.73 39.09 5.36
N GLN A 53 13.97 39.45 5.14
CA GLN A 53 15.00 38.43 4.82
C GLN A 53 15.22 37.51 6.02
N ARG A 54 15.15 38.05 7.21
CA ARG A 54 15.35 37.20 8.42
C ARG A 54 14.17 36.24 8.60
N GLN A 55 12.98 36.70 8.33
CA GLN A 55 11.78 35.81 8.48
C GLN A 55 11.90 34.61 7.54
N ARG A 56 12.27 34.83 6.31
CA ARG A 56 12.40 33.72 5.34
C ARG A 56 13.58 32.82 5.73
N GLN A 57 14.67 33.41 6.15
CA GLN A 57 15.86 32.61 6.55
C GLN A 57 15.62 31.96 7.92
N GLU A 58 14.72 32.50 8.69
CA GLU A 58 14.42 31.92 10.03
C GLU A 58 13.43 30.77 9.90
N GLU A 59 12.25 31.04 9.39
CA GLU A 59 11.24 29.96 9.22
C GLU A 59 11.87 28.81 8.43
N GLU A 60 12.76 29.12 7.55
CA GLU A 60 13.44 28.05 6.75
C GLU A 60 14.59 27.45 7.56
N ALA A 61 15.27 28.26 8.34
CA ALA A 61 16.39 27.72 9.16
C ALA A 61 15.84 26.88 10.32
N ARG A 62 15.01 27.48 11.13
CA ARG A 62 14.43 26.73 12.30
C ARG A 62 13.74 25.45 11.81
N ARG A 63 13.01 25.53 10.73
CA ARG A 63 12.32 24.31 10.21
C ARG A 63 13.35 23.22 9.90
N ALA A 64 14.49 23.59 9.41
CA ALA A 64 15.55 22.58 9.09
C ALA A 64 16.30 22.21 10.37
N ALA A 65 16.36 23.09 11.32
CA ALA A 65 17.08 22.79 12.59
C ALA A 65 16.27 21.81 13.44
N ALA A 66 14.97 21.82 13.29
CA ALA A 66 14.11 20.88 14.07
C ALA A 66 14.00 19.53 13.36
N ALA A 67 14.05 19.54 12.05
CA ALA A 67 13.95 18.25 11.31
C ALA A 67 15.29 17.51 11.35
N SER A 68 16.37 18.23 11.47
CA SER A 68 17.71 17.57 11.52
C SER A 68 18.10 17.28 12.98
N ALA A 69 17.60 18.05 13.90
CA ALA A 69 17.95 17.84 15.34
C ALA A 69 17.11 16.69 15.91
N ALA A 70 15.89 16.55 15.45
CA ALA A 70 15.01 15.46 15.96
C ALA A 70 15.30 14.14 15.24
N GLU A 71 16.03 14.19 14.16
CA GLU A 71 16.35 12.94 13.42
C GLU A 71 17.50 12.20 14.09
N ALA A 72 18.59 12.88 14.37
CA ALA A 72 19.75 12.22 15.03
C ALA A 72 20.06 12.90 16.36
N GLY A 73 19.06 13.41 17.03
CA GLY A 73 19.30 14.09 18.33
C GLY A 73 18.59 13.33 19.45
N ILE A 74 17.45 12.75 19.16
CA ILE A 74 16.71 11.98 20.20
C ILE A 74 17.01 10.49 20.08
N ALA A 75 17.48 10.06 18.94
CA ALA A 75 17.78 8.60 18.76
C ALA A 75 18.96 8.20 19.65
N THR A 76 18.73 7.28 20.56
CA THR A 76 19.84 6.83 21.46
C THR A 76 20.95 6.18 20.64
N THR A 77 22.15 6.17 21.16
CA THR A 77 23.29 5.55 20.41
C THR A 77 23.54 4.13 20.92
N GLY A 78 23.60 3.16 20.05
CA GLY A 78 23.84 1.77 20.49
C GLY A 78 24.80 1.09 19.51
N THR A 79 24.29 0.32 18.59
CA THR A 79 25.18 -0.37 17.60
C THR A 79 24.37 -0.80 16.37
N GLU A 80 23.89 0.16 15.62
CA GLU A 80 23.09 -0.18 14.40
C GLU A 80 23.38 0.81 13.29
N ASP A 81 24.63 1.15 13.08
CA ASP A 81 24.99 2.07 11.99
C ASP A 81 24.44 1.50 10.69
N SER A 82 23.30 1.95 10.29
CA SER A 82 22.65 1.41 9.05
C SER A 82 23.63 1.41 7.88
N ASP A 83 24.53 0.48 7.86
CA ASP A 83 25.53 0.41 6.75
C ASP A 83 24.85 -0.11 5.48
N ASP A 84 24.06 -1.14 5.59
CA ASP A 84 23.37 -1.67 4.38
C ASP A 84 22.23 -0.74 3.99
N ALA A 85 21.71 -0.01 4.94
CA ALA A 85 20.60 0.92 4.62
C ALA A 85 21.13 2.00 3.68
N LEU A 86 22.32 2.48 3.94
CA LEU A 86 22.91 3.51 3.04
C LEU A 86 23.21 2.87 1.68
N LEU A 87 23.49 1.59 1.68
CA LEU A 87 23.77 0.88 0.40
C LEU A 87 22.47 0.60 -0.35
N LYS A 88 21.43 0.23 0.36
CA LYS A 88 20.13 -0.06 -0.31
C LYS A 88 19.34 1.24 -0.52
N MET A 89 19.16 2.01 0.52
CA MET A 89 18.39 3.29 0.37
C MET A 89 19.01 4.16 -0.73
N THR A 90 20.30 4.24 -0.79
CA THR A 90 20.97 5.08 -1.83
C THR A 90 20.82 4.45 -3.21
N ILE A 91 20.97 3.15 -3.31
CA ILE A 91 20.84 2.50 -4.65
C ILE A 91 19.35 2.29 -4.98
N SER A 92 18.50 2.34 -3.99
CA SER A 92 17.05 2.15 -4.27
C SER A 92 16.50 3.40 -4.95
N GLN A 93 16.88 4.57 -4.50
CA GLN A 93 16.38 5.81 -5.13
C GLN A 93 17.12 6.07 -6.45
N GLN A 94 18.31 5.56 -6.58
CA GLN A 94 19.09 5.77 -7.85
C GLN A 94 18.78 4.64 -8.84
N GLU A 95 18.90 3.42 -8.41
CA GLU A 95 18.63 2.27 -9.34
C GLU A 95 17.13 2.17 -9.63
N PHE A 96 16.31 2.90 -8.92
CA PHE A 96 14.83 2.84 -9.16
C PHE A 96 14.52 3.01 -10.65
N GLY A 97 14.28 1.92 -11.34
CA GLY A 97 13.98 2.01 -12.79
C GLY A 97 12.51 1.67 -13.03
N ARG A 98 12.09 0.49 -12.66
CA ARG A 98 10.66 0.10 -12.85
C ARG A 98 9.81 0.59 -11.69
N THR A 99 8.88 1.47 -11.94
CA THR A 99 8.02 2.00 -10.85
C THR A 99 6.61 2.27 -11.37
N GLY A 100 6.07 1.35 -12.14
CA GLY A 100 4.70 1.55 -12.68
C GLY A 100 3.69 0.75 -11.84
N LEU A 101 4.02 0.50 -10.60
CA LEU A 101 3.09 -0.27 -9.73
C LEU A 101 3.62 -0.24 -8.29
N PRO A 102 2.73 -0.28 -7.35
CA PRO A 102 3.14 -0.24 -5.93
C PRO A 102 3.68 -1.61 -5.50
N ASP A 103 4.41 -2.28 -6.34
CA ASP A 103 4.97 -3.62 -5.98
C ASP A 103 3.86 -4.52 -5.43
N LEU A 104 3.23 -5.31 -6.28
CA LEU A 104 2.14 -6.21 -5.81
C LEU A 104 2.62 -7.07 -4.64
N SER A 105 3.89 -7.38 -4.60
CA SER A 105 4.42 -8.22 -3.49
C SER A 105 4.33 -7.45 -2.16
N SER A 106 4.19 -6.16 -2.21
CA SER A 106 4.09 -5.36 -0.95
C SER A 106 2.65 -5.34 -0.46
N MET A 107 1.70 -5.45 -1.34
CA MET A 107 0.27 -5.43 -0.92
C MET A 107 -0.11 -6.78 -0.31
N THR A 108 -0.49 -6.79 0.94
CA THR A 108 -0.87 -8.08 1.61
C THR A 108 -2.29 -8.48 1.23
N GLU A 109 -2.88 -9.38 1.97
CA GLU A 109 -4.26 -9.82 1.69
C GLU A 109 -5.22 -8.67 1.93
N GLU A 110 -4.91 -7.82 2.87
CA GLU A 110 -5.80 -6.66 3.14
C GLU A 110 -5.43 -5.52 2.20
N GLU A 111 -4.16 -5.32 1.96
CA GLU A 111 -3.75 -4.24 1.01
C GLU A 111 -4.29 -4.59 -0.37
N GLN A 112 -4.13 -5.82 -0.78
CA GLN A 112 -4.66 -6.24 -2.09
C GLN A 112 -6.19 -6.17 -2.01
N ILE A 113 -6.73 -6.48 -0.86
CA ILE A 113 -8.21 -6.41 -0.69
C ILE A 113 -8.65 -4.97 -0.97
N ALA A 114 -7.88 -4.01 -0.51
CA ALA A 114 -8.22 -2.59 -0.77
C ALA A 114 -8.29 -2.37 -2.28
N TYR A 115 -7.50 -3.11 -3.01
CA TYR A 115 -7.51 -2.98 -4.50
C TYR A 115 -8.85 -3.49 -5.03
N ALA A 116 -9.37 -4.52 -4.43
CA ALA A 116 -10.68 -5.08 -4.87
C ALA A 116 -11.83 -4.22 -4.35
N MET A 117 -11.69 -3.69 -3.16
CA MET A 117 -12.77 -2.85 -2.58
C MET A 117 -12.69 -1.44 -3.16
N GLN A 118 -11.53 -1.05 -3.64
CA GLN A 118 -11.39 0.32 -4.20
C GLN A 118 -11.92 0.36 -5.65
N MET A 119 -11.59 -0.63 -6.44
CA MET A 119 -12.07 -0.65 -7.85
C MET A 119 -13.53 -1.09 -7.93
N SER A 120 -14.03 -1.70 -6.89
CA SER A 120 -15.46 -2.16 -6.91
C SER A 120 -16.37 -1.06 -6.35
N LEU A 121 -15.84 -0.18 -5.55
CA LEU A 121 -16.68 0.91 -4.98
C LEU A 121 -16.71 2.12 -5.92
N GLN A 122 -16.22 1.96 -7.12
CA GLN A 122 -16.22 3.10 -8.08
C GLN A 122 -17.46 3.04 -8.98
N GLY A 123 -17.59 1.99 -9.75
CA GLY A 123 -18.78 1.87 -10.64
C GLY A 123 -18.33 1.98 -12.11
N ALA A 124 -17.97 0.89 -12.71
CA ALA A 124 -17.53 0.93 -14.14
C ALA A 124 -18.46 0.10 -15.01
N GLU A 125 -19.46 0.70 -15.59
CA GLU A 125 -20.40 -0.05 -16.45
C GLU A 125 -20.13 0.25 -17.93
N PHE A 126 -18.90 0.08 -18.36
CA PHE A 126 -18.57 0.35 -19.78
C PHE A 126 -18.09 -0.93 -20.47
N GLY A 127 -17.17 -1.63 -19.85
CA GLY A 127 -16.66 -2.89 -20.47
C GLY A 127 -15.31 -2.62 -21.14
N GLN A 128 -15.21 -2.87 -22.41
CA GLN A 128 -13.91 -2.63 -23.13
C GLN A 128 -13.93 -1.26 -23.82
N ALA A 129 -13.57 -0.22 -23.12
CA ALA A 129 -13.57 1.13 -23.73
C ALA A 129 -12.19 1.45 -24.33
N GLU A 130 -11.91 0.95 -25.50
CA GLU A 130 -10.58 1.21 -26.14
C GLU A 130 -9.44 0.86 -25.17
N SER A 131 -9.43 -0.35 -24.68
CA SER A 131 -8.35 -0.76 -23.74
C SER A 131 -7.08 -1.14 -24.51
N ALA A 132 -7.21 -1.93 -25.54
CA ALA A 132 -6.01 -2.33 -26.33
C ALA A 132 -5.74 -1.31 -27.44
N MET B 1 -24.97 -18.49 -16.19
CA MET B 1 -24.78 -17.06 -16.61
C MET B 1 -23.30 -16.79 -16.88
N GLN B 2 -23.02 -15.72 -17.57
CA GLN B 2 -21.60 -15.38 -17.86
C GLN B 2 -21.14 -14.25 -16.93
N ILE B 3 -19.99 -14.39 -16.32
CA ILE B 3 -19.50 -13.32 -15.41
C ILE B 3 -18.00 -13.07 -15.64
N PHE B 4 -17.55 -11.90 -15.33
CA PHE B 4 -16.10 -11.58 -15.54
C PHE B 4 -15.37 -11.41 -14.21
N VAL B 5 -14.12 -11.81 -14.16
CA VAL B 5 -13.34 -11.67 -12.90
C VAL B 5 -12.02 -10.95 -13.19
N LYS B 6 -11.77 -9.83 -12.55
CA LYS B 6 -10.51 -9.08 -12.80
C LYS B 6 -9.49 -9.37 -11.69
N THR B 7 -8.29 -9.73 -12.06
CA THR B 7 -7.24 -10.01 -11.03
C THR B 7 -6.38 -8.77 -10.79
N LEU B 8 -5.46 -8.86 -9.87
CA LEU B 8 -4.57 -7.69 -9.58
C LEU B 8 -3.75 -7.31 -10.82
N THR B 9 -3.66 -8.18 -11.79
CA THR B 9 -2.87 -7.86 -13.01
C THR B 9 -3.77 -7.31 -14.12
N GLY B 10 -4.93 -6.81 -13.77
CA GLY B 10 -5.85 -6.25 -14.80
C GLY B 10 -6.32 -7.36 -15.75
N LYS B 11 -6.13 -8.60 -15.39
CA LYS B 11 -6.57 -9.71 -16.28
C LYS B 11 -8.04 -10.02 -16.03
N THR B 12 -8.83 -10.13 -17.06
CA THR B 12 -10.28 -10.43 -16.87
C THR B 12 -10.61 -11.81 -17.41
N ILE B 13 -11.24 -12.64 -16.62
CA ILE B 13 -11.60 -14.01 -17.08
C ILE B 13 -13.12 -14.13 -17.29
N THR B 14 -13.54 -14.81 -18.32
CA THR B 14 -15.00 -14.99 -18.56
C THR B 14 -15.40 -16.39 -18.11
N LEU B 15 -16.22 -16.50 -17.09
CA LEU B 15 -16.61 -17.86 -16.61
C LEU B 15 -18.13 -18.03 -16.62
N GLU B 16 -18.59 -19.26 -16.69
CA GLU B 16 -20.05 -19.51 -16.70
C GLU B 16 -20.47 -20.07 -15.34
N VAL B 17 -21.36 -19.42 -14.64
CA VAL B 17 -21.77 -19.91 -13.30
C VAL B 17 -23.26 -19.73 -13.08
N GLU B 18 -23.75 -20.16 -11.93
CA GLU B 18 -25.19 -20.00 -11.61
C GLU B 18 -25.32 -19.02 -10.44
N PRO B 19 -26.47 -18.43 -10.30
CA PRO B 19 -26.69 -17.47 -9.19
C PRO B 19 -26.80 -18.22 -7.86
N SER B 20 -27.20 -19.46 -7.89
CA SER B 20 -27.32 -20.25 -6.63
C SER B 20 -25.95 -20.85 -6.25
N ASP B 21 -24.95 -20.69 -7.09
CA ASP B 21 -23.62 -21.27 -6.78
C ASP B 21 -22.95 -20.49 -5.64
N THR B 22 -22.22 -21.17 -4.80
CA THR B 22 -21.54 -20.48 -3.67
C THR B 22 -20.22 -19.86 -4.13
N ILE B 23 -19.72 -18.91 -3.38
CA ILE B 23 -18.43 -18.26 -3.77
C ILE B 23 -17.32 -19.31 -3.81
N GLU B 24 -17.41 -20.31 -2.97
CA GLU B 24 -16.36 -21.37 -2.97
C GLU B 24 -16.37 -22.09 -4.32
N ASN B 25 -17.53 -22.29 -4.89
CA ASN B 25 -17.62 -22.95 -6.22
C ASN B 25 -17.07 -22.01 -7.29
N VAL B 26 -17.23 -20.73 -7.11
CA VAL B 26 -16.71 -19.76 -8.10
C VAL B 26 -15.18 -19.77 -8.05
N LYS B 27 -14.62 -19.79 -6.87
CA LYS B 27 -13.14 -19.82 -6.74
C LYS B 27 -12.61 -21.10 -7.37
N ALA B 28 -13.31 -22.19 -7.19
CA ALA B 28 -12.85 -23.48 -7.80
C ALA B 28 -12.84 -23.35 -9.32
N LYS B 29 -13.79 -22.65 -9.88
CA LYS B 29 -13.82 -22.47 -11.36
C LYS B 29 -12.64 -21.60 -11.78
N ILE B 30 -12.29 -20.61 -10.99
CA ILE B 30 -11.13 -19.74 -11.35
C ILE B 30 -9.85 -20.57 -11.29
N GLN B 31 -9.73 -21.41 -10.30
CA GLN B 31 -8.51 -22.27 -10.20
C GLN B 31 -8.39 -23.15 -11.45
N ASP B 32 -9.50 -23.74 -11.86
CA ASP B 32 -9.48 -24.60 -13.08
C ASP B 32 -9.00 -23.80 -14.30
N LYS B 33 -9.30 -22.53 -14.34
CA LYS B 33 -8.87 -21.70 -15.52
C LYS B 33 -7.42 -21.22 -15.35
N GLU B 34 -7.03 -20.87 -14.16
CA GLU B 34 -5.63 -20.37 -13.95
C GLU B 34 -4.80 -21.42 -13.20
N GLY B 35 -5.25 -21.83 -12.05
CA GLY B 35 -4.51 -22.85 -11.27
C GLY B 35 -4.19 -22.32 -9.87
N ILE B 36 -4.94 -21.34 -9.41
CA ILE B 36 -4.69 -20.79 -8.05
C ILE B 36 -5.55 -21.52 -7.02
N PRO B 37 -5.00 -21.72 -5.84
CA PRO B 37 -5.73 -22.42 -4.78
C PRO B 37 -6.90 -21.55 -4.28
N PRO B 38 -8.06 -22.14 -4.20
CA PRO B 38 -9.28 -21.40 -3.74
C PRO B 38 -9.07 -20.89 -2.31
N ASP B 39 -8.21 -21.51 -1.54
CA ASP B 39 -7.97 -21.05 -0.16
C ASP B 39 -7.25 -19.69 -0.18
N GLN B 40 -6.53 -19.42 -1.24
CA GLN B 40 -5.81 -18.12 -1.34
C GLN B 40 -6.58 -17.15 -2.25
N GLN B 41 -7.71 -17.55 -2.74
CA GLN B 41 -8.50 -16.66 -3.63
C GLN B 41 -9.54 -15.87 -2.84
N ARG B 42 -9.70 -14.61 -3.16
CA ARG B 42 -10.70 -13.78 -2.43
C ARG B 42 -11.58 -13.04 -3.45
N LEU B 43 -12.87 -13.11 -3.31
CA LEU B 43 -13.77 -12.42 -4.28
C LEU B 43 -14.35 -11.15 -3.66
N ILE B 44 -14.17 -10.02 -4.32
CA ILE B 44 -14.71 -8.74 -3.80
C ILE B 44 -15.67 -8.12 -4.83
N PHE B 45 -16.81 -7.66 -4.38
CA PHE B 45 -17.78 -7.04 -5.34
C PHE B 45 -18.43 -5.82 -4.69
N ALA B 46 -18.66 -4.78 -5.45
CA ALA B 46 -19.29 -3.54 -4.89
C ALA B 46 -18.66 -3.14 -3.55
N GLY B 47 -17.40 -3.47 -3.35
CA GLY B 47 -16.73 -3.10 -2.07
C GLY B 47 -17.08 -4.10 -0.96
N LYS B 48 -17.83 -5.13 -1.28
CA LYS B 48 -18.21 -6.13 -0.24
C LYS B 48 -17.49 -7.46 -0.50
N GLN B 49 -16.86 -8.02 0.50
CA GLN B 49 -16.16 -9.32 0.31
C GLN B 49 -17.18 -10.45 0.31
N LEU B 50 -17.10 -11.35 -0.64
CA LEU B 50 -18.08 -12.47 -0.69
C LEU B 50 -17.64 -13.61 0.23
N GLU B 51 -18.55 -14.18 0.97
CA GLU B 51 -18.20 -15.29 1.90
C GLU B 51 -18.41 -16.64 1.22
N ASP B 52 -17.45 -17.53 1.35
CA ASP B 52 -17.57 -18.88 0.70
C ASP B 52 -18.93 -19.51 1.01
N GLY B 53 -19.54 -19.16 2.12
CA GLY B 53 -20.86 -19.75 2.48
C GLY B 53 -21.99 -19.02 1.76
N ARG B 54 -21.71 -17.92 1.13
CA ARG B 54 -22.80 -17.16 0.42
C ARG B 54 -22.78 -17.48 -1.08
N THR B 55 -23.90 -17.28 -1.74
CA THR B 55 -23.95 -17.57 -3.21
C THR B 55 -23.85 -16.27 -4.01
N LEU B 56 -23.56 -16.37 -5.28
CA LEU B 56 -23.45 -15.14 -6.12
C LEU B 56 -24.72 -14.29 -6.02
N SER B 57 -25.86 -14.91 -6.12
CA SER B 57 -27.15 -14.15 -6.05
C SER B 57 -27.25 -13.37 -4.73
N ASP B 58 -26.70 -13.88 -3.66
CA ASP B 58 -26.77 -13.15 -2.36
C ASP B 58 -26.12 -11.78 -2.49
N TYR B 59 -25.18 -11.63 -3.39
CA TYR B 59 -24.52 -10.31 -3.56
C TYR B 59 -25.09 -9.60 -4.78
N ASN B 60 -26.31 -9.90 -5.14
CA ASN B 60 -26.94 -9.25 -6.32
C ASN B 60 -26.04 -9.34 -7.55
N ILE B 61 -25.32 -10.42 -7.70
CA ILE B 61 -24.42 -10.57 -8.88
C ILE B 61 -25.23 -11.03 -10.10
N GLN B 62 -25.40 -10.17 -11.07
CA GLN B 62 -26.18 -10.56 -12.29
C GLN B 62 -25.24 -10.80 -13.46
N LYS B 63 -25.76 -11.29 -14.56
CA LYS B 63 -24.89 -11.56 -15.76
C LYS B 63 -23.96 -10.39 -16.05
N GLU B 64 -22.84 -10.68 -16.65
CA GLU B 64 -21.89 -9.59 -17.01
C GLU B 64 -21.34 -8.91 -15.74
N SER B 65 -21.53 -9.51 -14.59
CA SER B 65 -21.02 -8.90 -13.34
C SER B 65 -19.49 -9.00 -13.29
N THR B 66 -18.83 -7.97 -12.86
CA THR B 66 -17.33 -8.00 -12.78
C THR B 66 -16.88 -8.10 -11.32
N LEU B 67 -16.26 -9.19 -10.95
CA LEU B 67 -15.80 -9.35 -9.55
C LEU B 67 -14.29 -9.11 -9.47
N HIS B 68 -13.78 -8.82 -8.29
CA HIS B 68 -12.32 -8.59 -8.15
C HIS B 68 -11.68 -9.76 -7.39
N LEU B 69 -10.57 -10.25 -7.85
CA LEU B 69 -9.92 -11.41 -7.17
C LEU B 69 -8.66 -10.95 -6.42
N VAL B 70 -8.51 -11.36 -5.18
CA VAL B 70 -7.32 -10.97 -4.39
C VAL B 70 -6.61 -12.22 -3.85
N LEU B 71 -5.36 -12.09 -3.48
CA LEU B 71 -4.62 -13.26 -2.94
C LEU B 71 -4.68 -13.26 -1.41
N ARG B 72 -5.14 -14.35 -0.84
CA ARG B 72 -5.22 -14.42 0.66
C ARG B 72 -4.05 -15.23 1.22
N LEU B 73 -3.11 -14.56 1.83
CA LEU B 73 -1.94 -15.29 2.42
C LEU B 73 -2.14 -15.50 3.92
N ARG B 74 -1.67 -16.60 4.44
CA ARG B 74 -1.83 -16.85 5.91
C ARG B 74 -0.92 -18.01 6.33
N GLY B 75 -0.08 -17.78 7.30
CA GLY B 75 0.83 -18.86 7.78
C GLY B 75 1.99 -19.03 6.79
N GLY B 76 3.07 -18.34 7.00
CA GLY B 76 4.24 -18.45 6.08
C GLY B 76 4.26 -17.24 5.14
N HIS A 21 27.23 41.22 68.82
CA HIS A 21 27.61 40.22 67.78
C HIS A 21 26.56 40.21 66.66
N MET A 22 26.52 41.25 65.87
CA MET A 22 25.53 41.30 64.75
C MET A 22 25.95 40.37 63.62
N LEU A 23 25.38 40.52 62.46
CA LEU A 23 25.76 39.65 61.31
C LEU A 23 26.49 40.49 60.26
N GLY A 24 27.09 41.57 60.67
CA GLY A 24 27.81 42.45 59.70
C GLY A 24 29.21 41.89 59.46
N LEU A 25 30.23 42.66 59.73
CA LEU A 25 31.63 42.18 59.52
C LEU A 25 31.80 41.64 58.10
N GLY A 26 31.13 42.23 57.15
CA GLY A 26 31.26 41.76 55.73
C GLY A 26 31.62 42.94 54.83
N ALA A 27 32.08 42.66 53.64
CA ALA A 27 32.46 43.76 52.70
C ALA A 27 31.57 43.73 51.46
N SER A 28 31.20 42.56 51.01
CA SER A 28 30.33 42.47 49.80
C SER A 28 29.01 43.19 50.04
N ASP A 29 28.55 43.23 51.26
CA ASP A 29 27.26 43.93 51.55
C ASP A 29 27.37 45.42 51.19
N PHE A 30 28.57 45.96 51.24
CA PHE A 30 28.74 47.40 50.91
C PHE A 30 29.50 47.55 49.58
N GLU A 31 30.22 46.53 49.18
CA GLU A 31 30.99 46.62 47.90
C GLU A 31 30.17 46.01 46.75
N PHE A 32 28.95 46.43 46.59
CA PHE A 32 28.12 45.88 45.48
C PHE A 32 26.85 46.71 45.31
N GLY A 33 26.12 46.93 46.38
CA GLY A 33 24.86 47.73 46.28
C GLY A 33 25.20 49.22 46.37
N VAL A 34 26.30 49.56 46.98
CA VAL A 34 26.67 51.00 47.10
C VAL A 34 27.21 51.53 45.76
N ASP A 35 28.35 51.05 45.34
CA ASP A 35 28.92 51.53 44.04
C ASP A 35 29.01 50.37 43.06
N PRO A 36 29.14 50.72 41.79
CA PRO A 36 29.20 49.68 40.72
C PRO A 36 30.35 48.71 40.93
N SER A 37 30.21 47.84 41.89
CA SER A 37 31.28 46.84 42.18
C SER A 37 32.54 47.55 42.63
N ALA A 38 32.36 48.64 43.34
CA ALA A 38 33.52 49.44 43.84
C ALA A 38 34.65 49.50 42.80
N ASP A 39 34.31 49.50 41.54
CA ASP A 39 35.37 49.56 40.49
C ASP A 39 34.74 49.82 39.12
N PRO A 40 35.10 50.93 38.55
CA PRO A 40 34.56 51.30 37.21
C PRO A 40 35.16 50.40 36.13
N GLU A 41 36.20 49.68 36.46
CA GLU A 41 36.84 48.78 35.46
C GLU A 41 36.01 47.51 35.30
N LEU A 42 35.38 47.07 36.36
CA LEU A 42 34.55 45.85 36.29
C LEU A 42 33.12 46.22 35.91
N ALA A 43 32.72 47.44 36.20
CA ALA A 43 31.34 47.87 35.84
C ALA A 43 31.28 48.24 34.36
N LEU A 44 32.29 48.92 33.87
CA LEU A 44 32.30 49.31 32.43
C LEU A 44 32.68 48.09 31.57
N ALA A 45 33.48 47.21 32.11
CA ALA A 45 33.88 46.00 31.33
C ALA A 45 32.67 45.08 31.14
N LEU A 46 31.84 44.97 32.14
CA LEU A 46 30.63 44.10 32.03
C LEU A 46 29.55 44.79 31.19
N ARG A 47 29.61 46.09 31.09
CA ARG A 47 28.59 46.81 30.28
C ARG A 47 28.97 46.74 28.80
N VAL A 48 30.24 46.69 28.53
CA VAL A 48 30.68 46.60 27.11
C VAL A 48 30.56 45.15 26.62
N SER A 49 30.67 44.21 27.50
CA SER A 49 30.55 42.77 27.10
C SER A 49 29.08 42.42 26.86
N MET A 50 28.22 42.78 27.76
CA MET A 50 26.77 42.47 27.59
C MET A 50 26.22 43.23 26.38
N GLU A 51 26.67 44.43 26.17
CA GLU A 51 26.18 45.22 25.00
C GLU A 51 26.79 44.69 23.71
N GLU A 52 28.04 44.31 23.74
CA GLU A 52 28.70 43.79 22.51
C GLU A 52 27.99 42.51 22.03
N GLN A 53 27.77 41.58 22.93
CA GLN A 53 27.08 40.33 22.54
C GLN A 53 25.65 40.63 22.09
N ARG A 54 25.07 41.70 22.58
CA ARG A 54 23.68 42.05 22.18
C ARG A 54 23.67 42.61 20.76
N GLN A 55 24.59 43.48 20.44
CA GLN A 55 24.64 44.06 19.07
C GLN A 55 24.85 42.96 18.03
N ARG A 56 25.69 42.01 18.33
CA ARG A 56 25.93 40.90 17.36
C ARG A 56 24.68 40.03 17.22
N GLN A 57 24.07 39.68 18.31
CA GLN A 57 22.84 38.84 18.26
C GLN A 57 21.64 39.68 17.79
N GLU A 58 21.73 40.97 17.92
CA GLU A 58 20.61 41.86 17.48
C GLU A 58 20.73 42.13 15.99
N GLU A 59 21.85 42.66 15.56
CA GLU A 59 22.04 42.94 14.11
C GLU A 59 21.75 41.66 13.31
N GLU A 60 22.07 40.53 13.89
CA GLU A 60 21.79 39.24 13.19
C GLU A 60 20.35 38.82 13.42
N ALA A 61 19.81 39.10 14.59
CA ALA A 61 18.39 38.71 14.86
C ALA A 61 17.45 39.61 14.05
N ARG A 62 17.54 40.91 14.24
CA ARG A 62 16.65 41.84 13.49
C ARG A 62 16.81 41.62 11.98
N ARG A 63 18.01 41.48 11.51
CA ARG A 63 18.23 41.27 10.05
C ARG A 63 17.41 40.06 9.57
N ALA A 64 17.32 39.05 10.39
CA ALA A 64 16.55 37.84 9.99
C ALA A 64 15.04 38.11 10.17
N ALA A 65 14.70 38.97 11.10
CA ALA A 65 13.26 39.30 11.33
C ALA A 65 12.76 40.26 10.25
N ALA A 66 13.64 41.06 9.70
CA ALA A 66 13.21 42.02 8.64
C ALA A 66 13.26 41.34 7.27
N ALA A 67 14.30 40.60 6.99
CA ALA A 67 14.41 39.91 5.68
C ALA A 67 13.27 38.90 5.52
N SER A 68 12.79 38.34 6.60
CA SER A 68 11.69 37.35 6.51
C SER A 68 10.33 38.06 6.64
N ALA A 69 10.30 39.17 7.32
CA ALA A 69 9.01 39.89 7.49
C ALA A 69 8.50 40.41 6.13
N ALA A 70 9.41 40.66 5.22
CA ALA A 70 8.99 41.17 3.88
C ALA A 70 8.72 40.00 2.93
N GLU A 71 9.26 38.84 3.23
CA GLU A 71 9.03 37.66 2.35
C GLU A 71 7.99 36.72 2.96
N ALA A 72 7.09 37.24 3.74
CA ALA A 72 6.05 36.39 4.38
C ALA A 72 4.96 37.25 5.02
N GLY A 73 5.35 38.33 5.65
CA GLY A 73 4.34 39.22 6.30
C GLY A 73 3.53 39.93 5.22
N ILE A 74 4.19 40.59 4.31
CA ILE A 74 3.45 41.31 3.23
C ILE A 74 3.69 40.64 1.87
N ALA A 75 4.71 39.82 1.77
CA ALA A 75 4.98 39.12 0.47
C ALA A 75 3.89 38.10 0.18
N THR A 76 4.14 37.19 -0.73
CA THR A 76 3.11 36.16 -1.06
C THR A 76 3.59 34.77 -0.61
N THR A 77 2.68 33.88 -0.36
CA THR A 77 3.08 32.51 0.09
C THR A 77 3.51 31.67 -1.11
N GLY A 78 4.77 31.64 -1.41
CA GLY A 78 5.26 30.84 -2.57
C GLY A 78 6.70 30.39 -2.31
N THR A 79 7.51 30.35 -3.34
CA THR A 79 8.93 29.93 -3.15
C THR A 79 9.81 30.55 -4.23
N GLU A 80 10.47 31.63 -3.92
CA GLU A 80 11.35 32.28 -4.94
C GLU A 80 12.82 32.04 -4.60
N ASP A 81 13.16 30.82 -4.26
CA ASP A 81 14.58 30.51 -3.92
C ASP A 81 15.05 29.28 -4.69
N SER A 82 14.23 28.28 -4.80
CA SER A 82 14.63 27.04 -5.54
C SER A 82 13.71 26.82 -6.74
N ASP A 83 13.95 27.52 -7.82
CA ASP A 83 13.09 27.35 -9.03
C ASP A 83 13.09 25.88 -9.47
N ASP A 84 14.16 25.17 -9.22
CA ASP A 84 14.21 23.74 -9.61
C ASP A 84 13.37 22.92 -8.64
N ALA A 85 13.28 23.37 -7.41
CA ALA A 85 12.46 22.63 -6.42
C ALA A 85 11.01 22.60 -6.90
N LEU A 86 10.51 23.71 -7.37
CA LEU A 86 9.12 23.74 -7.88
C LEU A 86 9.04 22.83 -9.12
N LEU A 87 10.12 22.72 -9.84
CA LEU A 87 10.13 21.86 -11.05
C LEU A 87 10.21 20.38 -10.62
N LYS A 88 10.93 20.10 -9.57
CA LYS A 88 11.05 18.70 -9.09
C LYS A 88 9.84 18.32 -8.23
N MET A 89 9.59 19.05 -7.16
CA MET A 89 8.42 18.74 -6.29
C MET A 89 7.14 18.62 -7.11
N THR A 90 6.99 19.43 -8.13
CA THR A 90 5.76 19.37 -8.97
C THR A 90 5.78 18.12 -9.85
N ILE A 91 6.92 17.77 -10.40
CA ILE A 91 6.98 16.56 -11.25
C ILE A 91 7.02 15.30 -10.38
N SER A 92 7.45 15.43 -9.15
CA SER A 92 7.50 14.26 -8.24
C SER A 92 6.07 13.82 -7.91
N GLN A 93 5.21 14.76 -7.58
CA GLN A 93 3.81 14.40 -7.25
C GLN A 93 2.96 14.30 -8.53
N GLN A 94 3.51 14.67 -9.66
CA GLN A 94 2.72 14.58 -10.92
C GLN A 94 3.27 13.47 -11.83
N GLU A 95 4.47 13.01 -11.59
CA GLU A 95 5.05 11.94 -12.45
C GLU A 95 5.07 10.60 -11.70
N PHE A 96 4.92 10.61 -10.40
CA PHE A 96 4.95 9.32 -9.64
C PHE A 96 3.57 8.64 -9.64
N GLY A 97 2.91 8.62 -10.78
CA GLY A 97 1.57 7.97 -10.84
C GLY A 97 1.72 6.46 -10.63
N ARG A 98 2.02 5.73 -11.67
CA ARG A 98 2.17 4.25 -11.53
C ARG A 98 3.46 3.93 -10.78
N THR A 99 4.49 4.70 -10.98
CA THR A 99 5.78 4.43 -10.28
C THR A 99 6.21 2.97 -10.48
N GLY A 100 5.76 2.36 -11.55
CA GLY A 100 6.13 0.94 -11.81
C GLY A 100 5.04 0.03 -11.28
N LEU A 101 5.13 -0.37 -10.04
CA LEU A 101 4.10 -1.26 -9.44
C LEU A 101 4.06 -1.00 -7.94
N PRO A 102 2.89 -1.10 -7.37
CA PRO A 102 2.76 -0.86 -5.92
C PRO A 102 3.26 -2.07 -5.11
N ASP A 103 4.31 -2.71 -5.56
CA ASP A 103 4.84 -3.90 -4.83
C ASP A 103 3.72 -4.89 -4.51
N LEU A 104 3.08 -5.43 -5.53
CA LEU A 104 1.98 -6.40 -5.28
C LEU A 104 2.51 -7.63 -4.52
N SER A 105 3.71 -8.04 -4.81
CA SER A 105 4.28 -9.22 -4.11
C SER A 105 4.68 -8.85 -2.67
N SER A 106 4.55 -7.60 -2.29
CA SER A 106 4.91 -7.19 -0.90
C SER A 106 3.68 -6.67 -0.17
N MET A 107 2.51 -6.88 -0.72
CA MET A 107 1.27 -6.41 -0.04
C MET A 107 0.67 -7.53 0.79
N THR A 108 -0.57 -7.39 1.18
CA THR A 108 -1.22 -8.45 2.00
C THR A 108 -2.64 -8.72 1.50
N GLU A 109 -3.33 -9.64 2.12
CA GLU A 109 -4.72 -9.96 1.70
C GLU A 109 -5.60 -8.73 1.89
N GLU A 110 -5.29 -7.91 2.86
CA GLU A 110 -6.10 -6.69 3.10
C GLU A 110 -5.61 -5.57 2.18
N GLU A 111 -4.31 -5.42 2.04
CA GLU A 111 -3.80 -4.36 1.12
C GLU A 111 -4.25 -4.70 -0.29
N GLN A 112 -4.21 -5.95 -0.63
CA GLN A 112 -4.68 -6.37 -1.98
C GLN A 112 -6.19 -6.23 -2.01
N ILE A 113 -6.84 -6.53 -0.90
CA ILE A 113 -8.31 -6.37 -0.82
C ILE A 113 -8.68 -4.92 -1.08
N ALA A 114 -7.94 -4.01 -0.50
CA ALA A 114 -8.22 -2.56 -0.73
C ALA A 114 -8.17 -2.28 -2.22
N TYR A 115 -7.31 -2.97 -2.92
CA TYR A 115 -7.19 -2.78 -4.39
C TYR A 115 -8.52 -3.12 -5.07
N ALA A 116 -9.08 -4.25 -4.73
CA ALA A 116 -10.38 -4.66 -5.35
C ALA A 116 -11.54 -3.90 -4.70
N MET A 117 -11.39 -3.51 -3.46
CA MET A 117 -12.48 -2.76 -2.78
C MET A 117 -12.43 -1.29 -3.18
N GLN A 118 -11.27 -0.82 -3.58
CA GLN A 118 -11.17 0.61 -3.99
C GLN A 118 -11.57 0.78 -5.46
N MET A 119 -11.51 -0.28 -6.23
CA MET A 119 -11.90 -0.18 -7.67
C MET A 119 -13.34 -0.62 -7.88
N SER A 120 -13.93 -1.28 -6.91
CA SER A 120 -15.34 -1.73 -7.07
C SER A 120 -16.30 -0.79 -6.33
N LEU A 121 -15.91 -0.34 -5.17
CA LEU A 121 -16.79 0.59 -4.40
C LEU A 121 -17.06 1.86 -5.21
N GLN A 122 -16.11 2.26 -6.03
CA GLN A 122 -16.31 3.49 -6.86
C GLN A 122 -15.64 3.32 -8.22
N GLY A 123 -16.24 2.56 -9.10
CA GLY A 123 -15.65 2.35 -10.45
C GLY A 123 -16.53 3.04 -11.50
N ALA A 124 -16.34 4.32 -11.70
CA ALA A 124 -17.16 5.04 -12.72
C ALA A 124 -16.62 4.78 -14.12
N GLU A 125 -16.97 3.65 -14.70
CA GLU A 125 -16.48 3.34 -16.07
C GLU A 125 -17.59 2.67 -16.89
N PHE A 126 -18.82 3.02 -16.64
CA PHE A 126 -19.94 2.41 -17.40
C PHE A 126 -20.55 3.43 -18.37
N GLY A 127 -19.73 4.24 -18.99
CA GLY A 127 -20.26 5.25 -19.94
C GLY A 127 -19.63 5.05 -21.32
N GLN A 128 -20.08 4.05 -22.04
CA GLN A 128 -19.51 3.80 -23.40
C GLN A 128 -20.52 4.19 -24.48
N ALA A 129 -20.89 5.43 -24.53
CA ALA A 129 -21.87 5.88 -25.56
C ALA A 129 -21.17 6.04 -26.92
N GLU A 130 -20.85 4.94 -27.56
CA GLU A 130 -20.17 5.02 -28.88
C GLU A 130 -20.51 3.79 -29.74
N SER A 131 -21.32 3.97 -30.75
CA SER A 131 -21.69 2.82 -31.62
C SER A 131 -21.04 2.97 -33.00
N ALA A 132 -21.02 4.17 -33.52
CA ALA A 132 -20.40 4.39 -34.86
C ALA A 132 -20.04 5.87 -35.04
N MET B 1 -25.17 -18.77 -16.16
CA MET B 1 -24.86 -17.31 -16.09
C MET B 1 -23.36 -17.08 -16.27
N GLN B 2 -22.99 -16.15 -17.10
CA GLN B 2 -21.55 -15.86 -17.33
C GLN B 2 -21.13 -14.64 -16.50
N ILE B 3 -19.95 -14.68 -15.91
CA ILE B 3 -19.49 -13.52 -15.10
C ILE B 3 -18.02 -13.22 -15.38
N PHE B 4 -17.61 -12.00 -15.15
CA PHE B 4 -16.20 -11.62 -15.41
C PHE B 4 -15.44 -11.35 -14.10
N VAL B 5 -14.19 -11.72 -14.04
CA VAL B 5 -13.39 -11.47 -12.80
C VAL B 5 -12.09 -10.75 -13.17
N LYS B 6 -11.84 -9.61 -12.59
CA LYS B 6 -10.59 -8.86 -12.91
C LYS B 6 -9.54 -9.09 -11.83
N THR B 7 -8.34 -9.43 -12.21
CA THR B 7 -7.26 -9.66 -11.20
C THR B 7 -6.42 -8.39 -11.03
N LEU B 8 -5.45 -8.44 -10.14
CA LEU B 8 -4.58 -7.25 -9.91
C LEU B 8 -3.81 -6.87 -11.18
N THR B 9 -3.77 -7.75 -12.15
CA THR B 9 -3.02 -7.43 -13.41
C THR B 9 -3.97 -6.88 -14.48
N GLY B 10 -5.15 -6.44 -14.09
CA GLY B 10 -6.11 -5.90 -15.08
C GLY B 10 -6.60 -7.00 -16.02
N LYS B 11 -6.31 -8.24 -15.71
CA LYS B 11 -6.77 -9.36 -16.58
C LYS B 11 -8.20 -9.76 -16.19
N THR B 12 -9.07 -9.92 -17.16
CA THR B 12 -10.48 -10.30 -16.83
C THR B 12 -10.77 -11.70 -17.36
N ILE B 13 -11.32 -12.55 -16.53
CA ILE B 13 -11.64 -13.94 -16.98
C ILE B 13 -13.16 -14.12 -17.10
N THR B 14 -13.59 -14.81 -18.12
CA THR B 14 -15.05 -15.05 -18.29
C THR B 14 -15.39 -16.47 -17.83
N LEU B 15 -16.26 -16.61 -16.88
CA LEU B 15 -16.60 -17.99 -16.39
C LEU B 15 -18.10 -18.26 -16.50
N GLU B 16 -18.48 -19.50 -16.59
CA GLU B 16 -19.92 -19.85 -16.69
C GLU B 16 -20.40 -20.42 -15.35
N VAL B 17 -21.26 -19.73 -14.66
CA VAL B 17 -21.76 -20.22 -13.34
C VAL B 17 -23.24 -19.94 -13.18
N GLU B 18 -23.80 -20.36 -12.08
CA GLU B 18 -25.24 -20.11 -11.82
C GLU B 18 -25.38 -19.14 -10.65
N PRO B 19 -26.54 -18.56 -10.50
CA PRO B 19 -26.78 -17.60 -9.39
C PRO B 19 -26.83 -18.35 -8.06
N SER B 20 -27.18 -19.60 -8.08
CA SER B 20 -27.24 -20.39 -6.81
C SER B 20 -25.85 -20.95 -6.45
N ASP B 21 -24.88 -20.73 -7.29
CA ASP B 21 -23.51 -21.25 -6.99
C ASP B 21 -22.87 -20.48 -5.83
N THR B 22 -22.13 -21.15 -5.00
CA THR B 22 -21.47 -20.46 -3.85
C THR B 22 -20.17 -19.79 -4.29
N ILE B 23 -19.71 -18.82 -3.54
CA ILE B 23 -18.43 -18.14 -3.90
C ILE B 23 -17.30 -19.16 -3.94
N GLU B 24 -17.32 -20.12 -3.04
CA GLU B 24 -16.25 -21.16 -3.03
C GLU B 24 -16.26 -21.90 -4.36
N ASN B 25 -17.41 -22.09 -4.95
CA ASN B 25 -17.49 -22.79 -6.26
C ASN B 25 -16.91 -21.87 -7.35
N VAL B 26 -17.08 -20.59 -7.21
CA VAL B 26 -16.53 -19.64 -8.22
C VAL B 26 -15.01 -19.63 -8.11
N LYS B 27 -14.50 -19.63 -6.91
CA LYS B 27 -13.01 -19.64 -6.75
C LYS B 27 -12.44 -20.92 -7.35
N ALA B 28 -13.11 -22.02 -7.13
CA ALA B 28 -12.62 -23.31 -7.69
C ALA B 28 -12.61 -23.22 -9.22
N LYS B 29 -13.54 -22.49 -9.78
CA LYS B 29 -13.59 -22.34 -11.26
C LYS B 29 -12.38 -21.53 -11.73
N ILE B 30 -12.05 -20.48 -11.01
CA ILE B 30 -10.87 -19.66 -11.41
C ILE B 30 -9.60 -20.50 -11.27
N GLN B 31 -9.54 -21.32 -10.25
CA GLN B 31 -8.34 -22.18 -10.08
C GLN B 31 -8.19 -23.11 -11.29
N ASP B 32 -9.27 -23.72 -11.70
CA ASP B 32 -9.20 -24.63 -12.87
C ASP B 32 -8.70 -23.88 -14.12
N LYS B 33 -9.00 -22.61 -14.21
CA LYS B 33 -8.54 -21.82 -15.40
C LYS B 33 -7.09 -21.34 -15.21
N GLU B 34 -6.72 -20.96 -14.02
CA GLU B 34 -5.32 -20.48 -13.79
C GLU B 34 -4.52 -21.51 -12.99
N GLY B 35 -4.99 -21.86 -11.83
CA GLY B 35 -4.26 -22.86 -11.00
C GLY B 35 -4.01 -22.29 -9.60
N ILE B 36 -4.76 -21.32 -9.19
CA ILE B 36 -4.55 -20.73 -7.83
C ILE B 36 -5.45 -21.45 -6.81
N PRO B 37 -4.92 -21.63 -5.62
CA PRO B 37 -5.70 -22.31 -4.55
C PRO B 37 -6.90 -21.45 -4.13
N PRO B 38 -8.06 -22.06 -4.08
CA PRO B 38 -9.30 -21.33 -3.70
C PRO B 38 -9.17 -20.75 -2.28
N ASP B 39 -8.34 -21.34 -1.46
CA ASP B 39 -8.17 -20.82 -0.08
C ASP B 39 -7.45 -19.46 -0.12
N GLN B 40 -6.71 -19.21 -1.17
CA GLN B 40 -5.97 -17.91 -1.29
C GLN B 40 -6.72 -16.96 -2.24
N GLN B 41 -7.83 -17.38 -2.78
CA GLN B 41 -8.58 -16.50 -3.72
C GLN B 41 -9.66 -15.71 -2.96
N ARG B 42 -9.81 -14.45 -3.27
CA ARG B 42 -10.85 -13.63 -2.58
C ARG B 42 -11.68 -12.88 -3.62
N LEU B 43 -12.98 -12.91 -3.49
CA LEU B 43 -13.84 -12.20 -4.47
C LEU B 43 -14.39 -10.92 -3.86
N ILE B 44 -14.23 -9.81 -4.54
CA ILE B 44 -14.73 -8.51 -4.01
C ILE B 44 -15.73 -7.89 -4.98
N PHE B 45 -16.82 -7.38 -4.48
CA PHE B 45 -17.84 -6.75 -5.36
C PHE B 45 -18.41 -5.51 -4.68
N ALA B 46 -18.55 -4.43 -5.41
CA ALA B 46 -19.08 -3.16 -4.82
C ALA B 46 -18.42 -2.86 -3.47
N GLY B 47 -17.18 -3.23 -3.30
CA GLY B 47 -16.47 -2.93 -2.02
C GLY B 47 -16.86 -3.96 -0.95
N LYS B 48 -17.63 -4.95 -1.29
CA LYS B 48 -18.03 -5.97 -0.27
C LYS B 48 -17.37 -7.31 -0.58
N GLN B 49 -16.74 -7.92 0.38
CA GLN B 49 -16.08 -9.24 0.14
C GLN B 49 -17.13 -10.34 0.14
N LEU B 50 -17.04 -11.26 -0.78
CA LEU B 50 -18.06 -12.36 -0.84
C LEU B 50 -17.68 -13.49 0.14
N GLU B 51 -18.64 -14.04 0.81
CA GLU B 51 -18.34 -15.14 1.78
C GLU B 51 -18.49 -16.51 1.11
N ASP B 52 -17.52 -17.38 1.27
CA ASP B 52 -17.59 -18.73 0.65
C ASP B 52 -18.94 -19.40 0.90
N GLY B 53 -19.56 -19.09 2.02
CA GLY B 53 -20.88 -19.72 2.33
C GLY B 53 -22.03 -18.99 1.62
N ARG B 54 -21.75 -17.89 0.96
CA ARG B 54 -22.83 -17.15 0.26
C ARG B 54 -22.84 -17.49 -1.23
N THR B 55 -23.95 -17.32 -1.89
CA THR B 55 -24.02 -17.63 -3.35
C THR B 55 -23.98 -16.33 -4.16
N LEU B 56 -23.73 -16.42 -5.44
CA LEU B 56 -23.68 -15.19 -6.28
C LEU B 56 -24.96 -14.35 -6.11
N SER B 57 -26.10 -14.98 -6.20
CA SER B 57 -27.38 -14.24 -6.06
C SER B 57 -27.44 -13.50 -4.71
N ASP B 58 -26.88 -14.06 -3.67
CA ASP B 58 -26.93 -13.38 -2.34
C ASP B 58 -26.25 -12.01 -2.42
N TYR B 59 -25.29 -11.86 -3.30
CA TYR B 59 -24.61 -10.54 -3.43
C TYR B 59 -25.15 -9.78 -4.64
N ASN B 60 -26.39 -10.01 -4.98
CA ASN B 60 -27.01 -9.32 -6.14
C ASN B 60 -26.12 -9.45 -7.39
N ILE B 61 -25.34 -10.50 -7.46
CA ILE B 61 -24.46 -10.68 -8.65
C ILE B 61 -25.26 -11.30 -9.80
N GLN B 62 -25.53 -10.53 -10.82
CA GLN B 62 -26.31 -11.09 -11.97
C GLN B 62 -25.40 -11.34 -13.16
N LYS B 63 -25.93 -11.93 -14.20
CA LYS B 63 -25.10 -12.23 -15.41
C LYS B 63 -24.27 -11.00 -15.83
N GLU B 64 -23.16 -11.23 -16.47
CA GLU B 64 -22.28 -10.10 -16.92
C GLU B 64 -21.76 -9.32 -15.70
N SER B 65 -21.83 -9.89 -14.53
CA SER B 65 -21.34 -9.17 -13.32
C SER B 65 -19.81 -9.09 -13.34
N THR B 66 -19.26 -8.00 -12.91
CA THR B 66 -17.77 -7.87 -12.89
C THR B 66 -17.25 -7.93 -11.46
N LEU B 67 -16.65 -9.03 -11.08
CA LEU B 67 -16.12 -9.16 -9.70
C LEU B 67 -14.60 -8.95 -9.67
N HIS B 68 -14.06 -8.64 -8.54
CA HIS B 68 -12.58 -8.41 -8.45
C HIS B 68 -11.92 -9.58 -7.70
N LEU B 69 -10.77 -10.01 -8.14
CA LEU B 69 -10.09 -11.15 -7.46
C LEU B 69 -8.87 -10.65 -6.67
N VAL B 70 -8.73 -11.07 -5.44
CA VAL B 70 -7.57 -10.64 -4.62
C VAL B 70 -6.82 -11.87 -4.09
N LEU B 71 -5.56 -11.72 -3.81
CA LEU B 71 -4.77 -12.88 -3.29
C LEU B 71 -4.76 -12.87 -1.76
N ARG B 72 -5.53 -13.72 -1.15
CA ARG B 72 -5.57 -13.77 0.35
C ARG B 72 -4.43 -14.64 0.88
N LEU B 73 -3.32 -14.05 1.21
CA LEU B 73 -2.17 -14.84 1.74
C LEU B 73 -1.85 -14.43 3.18
N ARG B 74 -1.44 -15.36 4.00
CA ARG B 74 -1.11 -15.01 5.41
C ARG B 74 0.20 -14.21 5.47
N GLY B 75 0.10 -12.91 5.52
CA GLY B 75 1.34 -12.07 5.57
C GLY B 75 1.41 -11.35 6.91
N GLY B 76 2.59 -10.97 7.33
CA GLY B 76 2.73 -10.26 8.64
C GLY B 76 3.97 -10.78 9.37
N HIS A 21 -13.93 -40.87 68.68
CA HIS A 21 -13.52 -42.17 69.28
C HIS A 21 -13.83 -43.32 68.33
N MET A 22 -12.83 -44.04 67.90
CA MET A 22 -13.07 -45.19 66.97
C MET A 22 -11.88 -46.15 66.99
N LEU A 23 -11.89 -47.12 66.12
CA LEU A 23 -10.75 -48.08 66.08
C LEU A 23 -9.96 -47.90 64.78
N GLY A 24 -10.01 -46.73 64.21
CA GLY A 24 -9.27 -46.48 62.95
C GLY A 24 -7.83 -46.08 63.26
N LEU A 25 -7.03 -47.00 63.72
CA LEU A 25 -5.61 -46.68 64.06
C LEU A 25 -4.67 -47.59 63.28
N GLY A 26 -4.18 -47.14 62.15
CA GLY A 26 -3.26 -47.98 61.34
C GLY A 26 -2.00 -47.19 61.01
N ALA A 27 -1.92 -46.62 59.84
CA ALA A 27 -0.71 -45.83 59.46
C ALA A 27 -1.01 -44.98 58.22
N SER A 28 -2.12 -44.30 58.21
CA SER A 28 -2.47 -43.45 57.03
C SER A 28 -3.32 -42.26 57.46
N ASP A 29 -3.21 -41.86 58.70
CA ASP A 29 -4.01 -40.69 59.18
C ASP A 29 -3.10 -39.50 59.50
N PHE A 30 -1.80 -39.71 59.51
CA PHE A 30 -0.88 -38.59 59.81
C PHE A 30 0.25 -38.54 58.77
N GLU A 31 -0.05 -38.85 57.55
CA GLU A 31 0.99 -38.82 56.49
C GLU A 31 0.64 -37.78 55.41
N PHE A 32 0.08 -36.68 55.82
CA PHE A 32 -0.29 -35.62 54.82
C PHE A 32 -0.71 -34.33 55.54
N GLY A 33 -1.39 -34.44 56.65
CA GLY A 33 -1.83 -33.23 57.39
C GLY A 33 -1.01 -33.06 58.66
N VAL A 34 0.27 -33.36 58.62
CA VAL A 34 1.11 -33.22 59.84
C VAL A 34 2.37 -32.40 59.52
N ASP A 35 2.97 -32.64 58.38
CA ASP A 35 4.19 -31.87 58.01
C ASP A 35 4.51 -32.08 56.52
N PRO A 36 5.11 -31.07 55.91
CA PRO A 36 5.46 -31.16 54.48
C PRO A 36 6.63 -32.12 54.26
N SER A 37 7.33 -32.49 55.31
CA SER A 37 8.48 -33.42 55.15
C SER A 37 7.98 -34.85 54.91
N ALA A 38 6.69 -35.07 54.96
CA ALA A 38 6.17 -36.45 54.72
C ALA A 38 5.58 -36.57 53.31
N ASP A 39 5.74 -35.56 52.49
CA ASP A 39 5.21 -35.63 51.11
C ASP A 39 5.84 -34.54 50.25
N PRO A 40 6.60 -34.95 49.27
CA PRO A 40 7.27 -33.99 48.37
C PRO A 40 6.24 -33.31 47.47
N GLU A 41 5.04 -33.84 47.42
CA GLU A 41 3.98 -33.21 46.57
C GLU A 41 3.48 -31.93 47.25
N LEU A 42 3.55 -31.89 48.55
CA LEU A 42 3.10 -30.67 49.29
C LEU A 42 4.28 -29.71 49.46
N ALA A 43 5.48 -30.24 49.53
CA ALA A 43 6.67 -29.35 49.69
C ALA A 43 6.97 -28.64 48.37
N LEU A 44 6.87 -29.34 47.26
CA LEU A 44 7.15 -28.69 45.95
C LEU A 44 5.94 -27.84 45.53
N ALA A 45 4.76 -28.27 45.85
CA ALA A 45 3.54 -27.49 45.48
C ALA A 45 3.56 -26.13 46.19
N LEU A 46 4.07 -26.09 47.40
CA LEU A 46 4.12 -24.80 48.13
C LEU A 46 5.33 -23.97 47.68
N ARG A 47 6.33 -24.62 47.12
CA ARG A 47 7.52 -23.88 46.65
C ARG A 47 7.23 -23.24 45.30
N VAL A 48 6.37 -23.85 44.53
CA VAL A 48 6.02 -23.30 43.20
C VAL A 48 4.97 -22.19 43.36
N SER A 49 4.15 -22.27 44.38
CA SER A 49 3.11 -21.23 44.59
C SER A 49 3.74 -19.96 45.15
N MET A 50 4.66 -20.09 46.07
CA MET A 50 5.33 -18.89 46.65
C MET A 50 6.25 -18.25 45.62
N GLU A 51 6.83 -19.04 44.75
CA GLU A 51 7.73 -18.48 43.71
C GLU A 51 6.92 -17.73 42.65
N GLU A 52 5.80 -18.28 42.26
CA GLU A 52 4.96 -17.61 41.22
C GLU A 52 4.47 -16.25 41.74
N GLN A 53 4.06 -16.19 42.98
CA GLN A 53 3.58 -14.90 43.55
C GLN A 53 4.72 -13.88 43.58
N ARG A 54 5.92 -14.33 43.84
CA ARG A 54 7.07 -13.37 43.87
C ARG A 54 7.24 -12.70 42.51
N GLN A 55 7.22 -13.47 41.45
CA GLN A 55 7.37 -12.88 40.09
C GLN A 55 6.24 -11.89 39.83
N ARG A 56 5.10 -12.12 40.43
CA ARG A 56 3.95 -11.18 40.23
C ARG A 56 4.14 -9.92 41.07
N GLN A 57 4.52 -10.08 42.31
CA GLN A 57 4.73 -8.90 43.19
C GLN A 57 5.96 -8.10 42.71
N GLU A 58 6.88 -8.76 42.05
CA GLU A 58 8.10 -8.06 41.55
C GLU A 58 7.79 -7.41 40.21
N GLU A 59 7.40 -8.18 39.24
CA GLU A 59 7.06 -7.60 37.90
C GLU A 59 6.03 -6.48 38.09
N GLU A 60 5.19 -6.62 39.08
CA GLU A 60 4.18 -5.56 39.34
C GLU A 60 4.81 -4.44 40.16
N ALA A 61 5.67 -4.77 41.09
CA ALA A 61 6.32 -3.72 41.92
C ALA A 61 7.28 -2.90 41.05
N ARG A 62 8.22 -3.55 40.41
CA ARG A 62 9.20 -2.81 39.55
C ARG A 62 8.46 -2.02 38.48
N ARG A 63 7.41 -2.57 37.94
CA ARG A 63 6.65 -1.85 36.87
C ARG A 63 6.16 -0.50 37.42
N ALA A 64 5.74 -0.48 38.65
CA ALA A 64 5.26 0.80 39.25
C ALA A 64 6.46 1.66 39.67
N ALA A 65 7.54 1.04 40.04
CA ALA A 65 8.74 1.81 40.45
C ALA A 65 9.26 2.63 39.27
N ALA A 66 9.04 2.15 38.06
CA ALA A 66 9.52 2.90 36.87
C ALA A 66 8.48 3.95 36.46
N ALA A 67 7.22 3.62 36.57
CA ALA A 67 6.15 4.60 36.18
C ALA A 67 6.11 5.75 37.19
N SER A 68 6.21 5.44 38.46
CA SER A 68 6.18 6.52 39.49
C SER A 68 7.46 7.36 39.41
N ALA A 69 8.60 6.72 39.32
CA ALA A 69 9.88 7.47 39.24
C ALA A 69 9.95 8.27 37.93
N ALA A 70 9.18 7.88 36.94
CA ALA A 70 9.20 8.61 35.64
C ALA A 70 8.06 9.63 35.59
N GLU A 71 7.58 10.06 36.73
CA GLU A 71 6.48 11.06 36.75
C GLU A 71 6.86 12.26 37.61
N ALA A 72 7.41 12.02 38.77
CA ALA A 72 7.80 13.14 39.67
C ALA A 72 9.32 13.37 39.59
N GLY A 73 10.08 12.32 39.41
CA GLY A 73 11.55 12.47 39.33
C GLY A 73 11.92 13.16 38.01
N ILE A 74 11.20 12.88 36.97
CA ILE A 74 11.50 13.52 35.65
C ILE A 74 11.15 15.01 35.70
N ALA A 75 12.04 15.81 36.24
CA ALA A 75 11.78 17.28 36.34
C ALA A 75 11.31 17.84 34.98
N THR A 76 10.47 18.84 35.01
CA THR A 76 9.97 19.42 33.73
C THR A 76 11.13 20.00 32.91
N THR A 77 11.09 19.80 31.62
CA THR A 77 12.19 20.33 30.76
C THR A 77 11.70 21.56 29.98
N GLY A 78 12.41 21.96 28.97
CA GLY A 78 11.98 23.15 28.18
C GLY A 78 11.85 22.75 26.70
N THR A 79 11.52 21.51 26.45
CA THR A 79 11.37 21.05 25.03
C THR A 79 9.91 21.14 24.60
N GLU A 80 9.37 22.32 24.54
CA GLU A 80 7.94 22.48 24.12
C GLU A 80 7.85 23.29 22.83
N ASP A 81 7.86 22.65 21.69
CA ASP A 81 7.78 23.39 20.41
C ASP A 81 7.42 22.43 19.27
N SER A 82 8.01 21.27 19.23
CA SER A 82 7.69 20.29 18.15
C SER A 82 7.19 18.98 18.75
N ASP A 83 6.00 18.98 19.30
CA ASP A 83 5.45 17.73 19.90
C ASP A 83 4.95 16.79 18.80
N ASP A 84 4.05 17.26 17.97
CA ASP A 84 3.54 16.40 16.87
C ASP A 84 4.61 16.26 15.79
N ALA A 85 5.49 17.25 15.68
CA ALA A 85 6.56 17.16 14.66
C ALA A 85 7.45 15.96 14.98
N LEU A 86 7.80 15.79 16.23
CA LEU A 86 8.63 14.63 16.62
C LEU A 86 7.84 13.34 16.37
N LEU A 87 6.53 13.43 16.48
CA LEU A 87 5.69 12.22 16.23
C LEU A 87 5.55 11.99 14.73
N LYS A 88 5.49 13.04 13.96
CA LYS A 88 5.36 12.89 12.48
C LYS A 88 6.72 12.64 11.85
N MET A 89 7.67 13.52 12.06
CA MET A 89 9.03 13.32 11.47
C MET A 89 9.58 11.92 11.81
N THR A 90 9.41 11.50 13.04
CA THR A 90 9.93 10.16 13.44
C THR A 90 9.16 9.05 12.72
N ILE A 91 7.85 9.17 12.63
CA ILE A 91 7.06 8.12 11.94
C ILE A 91 7.05 8.37 10.42
N SER A 92 7.49 9.51 9.99
CA SER A 92 7.51 9.80 8.52
C SER A 92 8.69 9.08 7.87
N GLN A 93 9.79 8.99 8.56
CA GLN A 93 10.98 8.29 7.99
C GLN A 93 10.94 6.80 8.35
N GLN A 94 10.27 6.46 9.42
CA GLN A 94 10.20 5.03 9.83
C GLN A 94 9.04 4.33 9.10
N GLU A 95 7.95 5.02 8.92
CA GLU A 95 6.78 4.40 8.22
C GLU A 95 6.99 4.44 6.69
N PHE A 96 7.44 5.56 6.18
CA PHE A 96 7.66 5.67 4.71
C PHE A 96 8.97 4.97 4.32
N GLY A 97 8.87 3.86 3.63
CA GLY A 97 10.11 3.13 3.21
C GLY A 97 10.05 2.87 1.71
N ARG A 98 10.36 3.86 0.91
CA ARG A 98 10.33 3.67 -0.57
C ARG A 98 8.95 3.18 -1.02
N THR A 99 8.12 4.06 -1.51
CA THR A 99 6.76 3.64 -1.96
C THR A 99 6.28 4.57 -3.08
N GLY A 100 6.76 4.37 -4.28
CA GLY A 100 6.33 5.24 -5.41
C GLY A 100 5.82 4.35 -6.56
N LEU A 101 5.08 3.33 -6.24
CA LEU A 101 4.54 2.43 -7.30
C LEU A 101 3.59 1.42 -6.65
N PRO A 102 2.60 1.01 -7.40
CA PRO A 102 1.62 0.04 -6.86
C PRO A 102 2.27 -1.34 -6.73
N ASP A 103 3.26 -1.46 -5.88
CA ASP A 103 3.94 -2.79 -5.71
C ASP A 103 2.93 -3.83 -5.23
N LEU A 104 2.78 -4.90 -5.97
CA LEU A 104 1.81 -5.96 -5.55
C LEU A 104 2.43 -6.87 -4.49
N SER A 105 3.69 -7.15 -4.61
CA SER A 105 4.37 -8.03 -3.60
C SER A 105 4.31 -7.38 -2.22
N SER A 106 4.12 -6.10 -2.15
CA SER A 106 4.05 -5.41 -0.83
C SER A 106 2.61 -5.46 -0.28
N MET A 107 1.64 -5.46 -1.15
CA MET A 107 0.23 -5.51 -0.70
C MET A 107 -0.13 -6.94 -0.25
N THR A 108 -0.54 -7.11 0.98
CA THR A 108 -0.89 -8.47 1.47
C THR A 108 -2.29 -8.86 1.01
N GLU A 109 -2.86 -9.87 1.60
CA GLU A 109 -4.23 -10.31 1.21
C GLU A 109 -5.23 -9.22 1.58
N GLU A 110 -4.95 -8.50 2.63
CA GLU A 110 -5.88 -7.40 3.05
C GLU A 110 -5.53 -6.13 2.27
N GLU A 111 -4.26 -5.87 2.09
CA GLU A 111 -3.87 -4.66 1.31
C GLU A 111 -4.36 -4.83 -0.12
N GLN A 112 -4.15 -6.00 -0.67
CA GLN A 112 -4.65 -6.27 -2.05
C GLN A 112 -6.17 -6.27 -2.00
N ILE A 113 -6.72 -6.72 -0.90
CA ILE A 113 -8.20 -6.72 -0.76
C ILE A 113 -8.70 -5.28 -0.87
N ALA A 114 -7.97 -4.36 -0.26
CA ALA A 114 -8.37 -2.94 -0.33
C ALA A 114 -8.43 -2.51 -1.80
N TYR A 115 -7.57 -3.09 -2.60
CA TYR A 115 -7.56 -2.77 -4.05
C TYR A 115 -8.87 -3.23 -4.68
N ALA A 116 -9.37 -4.37 -4.27
CA ALA A 116 -10.65 -4.88 -4.83
C ALA A 116 -11.84 -4.17 -4.19
N MET A 117 -11.74 -3.83 -2.93
CA MET A 117 -12.86 -3.13 -2.27
C MET A 117 -12.84 -1.64 -2.64
N GLN A 118 -11.69 -1.13 -2.97
CA GLN A 118 -11.59 0.30 -3.35
C GLN A 118 -11.85 0.48 -4.85
N MET A 119 -11.65 -0.56 -5.63
CA MET A 119 -11.88 -0.46 -7.09
C MET A 119 -13.28 -0.96 -7.46
N SER A 120 -13.88 -1.74 -6.60
CA SER A 120 -15.24 -2.28 -6.90
C SER A 120 -16.32 -1.39 -6.27
N LEU A 121 -16.03 -0.82 -5.13
CA LEU A 121 -17.03 0.06 -4.47
C LEU A 121 -17.40 1.23 -5.39
N GLN A 122 -16.52 1.62 -6.25
CA GLN A 122 -16.82 2.75 -7.18
C GLN A 122 -17.77 2.30 -8.29
N GLY A 123 -17.61 1.10 -8.77
CA GLY A 123 -18.51 0.60 -9.85
C GLY A 123 -18.05 1.15 -11.19
N ALA A 124 -17.56 0.30 -12.06
CA ALA A 124 -17.10 0.77 -13.39
C ALA A 124 -18.02 0.27 -14.51
N GLU A 125 -19.13 0.95 -14.71
CA GLU A 125 -20.09 0.50 -15.77
C GLU A 125 -19.81 1.26 -17.07
N PHE A 126 -19.82 2.57 -17.02
CA PHE A 126 -19.55 3.37 -18.25
C PHE A 126 -18.20 4.08 -18.13
N GLY A 127 -17.17 3.36 -17.75
CA GLY A 127 -15.83 3.99 -17.61
C GLY A 127 -15.36 4.53 -18.98
N GLN A 128 -15.66 5.78 -19.26
CA GLN A 128 -15.24 6.36 -20.57
C GLN A 128 -14.23 7.48 -20.34
N ALA A 129 -13.07 7.15 -19.85
CA ALA A 129 -12.03 8.20 -19.60
C ALA A 129 -12.61 9.34 -18.77
N GLU A 130 -12.93 9.08 -17.53
CA GLU A 130 -13.50 10.15 -16.66
C GLU A 130 -12.54 10.48 -15.51
N SER A 131 -12.12 9.47 -14.79
CA SER A 131 -11.18 9.72 -13.65
C SER A 131 -10.25 8.51 -13.46
N ALA A 132 -8.97 8.74 -13.38
CA ALA A 132 -8.01 7.61 -13.19
C ALA A 132 -7.40 7.67 -11.79
N MET B 1 -25.23 -18.55 -15.91
CA MET B 1 -24.87 -17.19 -16.43
C MET B 1 -23.36 -17.01 -16.46
N GLN B 2 -22.87 -16.30 -17.43
CA GLN B 2 -21.39 -16.06 -17.53
C GLN B 2 -21.01 -14.81 -16.74
N ILE B 3 -19.85 -14.80 -16.14
CA ILE B 3 -19.43 -13.61 -15.35
C ILE B 3 -17.96 -13.29 -15.62
N PHE B 4 -17.56 -12.07 -15.37
CA PHE B 4 -16.15 -11.66 -15.61
C PHE B 4 -15.43 -11.39 -14.28
N VAL B 5 -14.18 -11.76 -14.19
CA VAL B 5 -13.42 -11.51 -12.93
C VAL B 5 -12.10 -10.78 -13.26
N LYS B 6 -11.90 -9.63 -12.67
CA LYS B 6 -10.65 -8.87 -12.95
C LYS B 6 -9.63 -9.10 -11.83
N THR B 7 -8.42 -9.45 -12.18
CA THR B 7 -7.39 -9.70 -11.13
C THR B 7 -6.53 -8.45 -10.92
N LEU B 8 -5.60 -8.51 -10.01
CA LEU B 8 -4.72 -7.33 -9.73
C LEU B 8 -3.90 -6.96 -10.97
N THR B 9 -3.83 -7.82 -11.95
CA THR B 9 -3.03 -7.50 -13.17
C THR B 9 -3.93 -6.92 -14.27
N GLY B 10 -5.11 -6.48 -13.92
CA GLY B 10 -6.03 -5.90 -14.94
C GLY B 10 -6.51 -6.99 -15.91
N LYS B 11 -6.23 -8.24 -15.61
CA LYS B 11 -6.68 -9.34 -16.52
C LYS B 11 -8.12 -9.73 -16.18
N THR B 12 -8.95 -9.91 -17.17
CA THR B 12 -10.36 -10.29 -16.90
C THR B 12 -10.65 -11.71 -17.41
N ILE B 13 -11.15 -12.57 -16.56
CA ILE B 13 -11.44 -13.96 -17.00
C ILE B 13 -12.96 -14.18 -17.09
N THR B 14 -13.40 -14.87 -18.11
CA THR B 14 -14.86 -15.13 -18.25
C THR B 14 -15.17 -16.56 -17.79
N LEU B 15 -16.04 -16.71 -16.83
CA LEU B 15 -16.37 -18.09 -16.34
C LEU B 15 -17.88 -18.34 -16.43
N GLU B 16 -18.28 -19.58 -16.42
CA GLU B 16 -19.73 -19.91 -16.50
C GLU B 16 -20.23 -20.35 -15.12
N VAL B 17 -21.09 -19.57 -14.52
CA VAL B 17 -21.61 -19.93 -13.17
C VAL B 17 -23.09 -19.62 -13.05
N GLU B 18 -23.70 -20.02 -11.97
CA GLU B 18 -25.14 -19.73 -11.74
C GLU B 18 -25.27 -18.76 -10.57
N PRO B 19 -26.41 -18.14 -10.46
CA PRO B 19 -26.63 -17.19 -9.34
C PRO B 19 -26.74 -17.93 -8.00
N SER B 20 -27.15 -19.17 -8.04
CA SER B 20 -27.26 -19.95 -6.77
C SER B 20 -25.92 -20.57 -6.40
N ASP B 21 -24.91 -20.40 -7.23
CA ASP B 21 -23.57 -20.99 -6.92
C ASP B 21 -22.92 -20.23 -5.76
N THR B 22 -22.20 -20.94 -4.93
CA THR B 22 -21.52 -20.27 -3.77
C THR B 22 -20.19 -19.66 -4.21
N ILE B 23 -19.69 -18.72 -3.46
CA ILE B 23 -18.39 -18.08 -3.81
C ILE B 23 -17.28 -19.15 -3.85
N GLU B 24 -17.35 -20.10 -2.96
CA GLU B 24 -16.32 -21.18 -2.95
C GLU B 24 -16.34 -21.92 -4.28
N ASN B 25 -17.50 -22.09 -4.86
CA ASN B 25 -17.60 -22.78 -6.16
C ASN B 25 -17.01 -21.91 -7.26
N VAL B 26 -17.16 -20.61 -7.13
CA VAL B 26 -16.59 -19.70 -8.17
C VAL B 26 -15.06 -19.70 -8.07
N LYS B 27 -14.54 -19.73 -6.87
CA LYS B 27 -13.06 -19.76 -6.70
C LYS B 27 -12.51 -21.05 -7.31
N ALA B 28 -13.17 -22.15 -7.07
CA ALA B 28 -12.71 -23.44 -7.64
C ALA B 28 -12.75 -23.36 -9.17
N LYS B 29 -13.68 -22.60 -9.70
CA LYS B 29 -13.76 -22.45 -11.19
C LYS B 29 -12.55 -21.66 -11.69
N ILE B 30 -12.15 -20.64 -10.99
CA ILE B 30 -10.97 -19.85 -11.43
C ILE B 30 -9.72 -20.71 -11.30
N GLN B 31 -9.65 -21.53 -10.27
CA GLN B 31 -8.47 -22.41 -10.11
C GLN B 31 -8.35 -23.34 -11.32
N ASP B 32 -9.42 -24.01 -11.67
CA ASP B 32 -9.37 -24.93 -12.84
C ASP B 32 -8.98 -24.16 -14.11
N LYS B 33 -9.22 -22.87 -14.14
CA LYS B 33 -8.86 -22.07 -15.35
C LYS B 33 -7.39 -21.64 -15.29
N GLU B 34 -6.93 -21.22 -14.15
CA GLU B 34 -5.50 -20.76 -14.03
C GLU B 34 -4.68 -21.79 -13.25
N GLY B 35 -5.11 -22.16 -12.08
CA GLY B 35 -4.35 -23.15 -11.27
C GLY B 35 -4.09 -22.61 -9.87
N ILE B 36 -4.80 -21.58 -9.45
CA ILE B 36 -4.59 -21.03 -8.09
C ILE B 36 -5.52 -21.71 -7.10
N PRO B 37 -5.03 -21.94 -5.90
CA PRO B 37 -5.85 -22.60 -4.86
C PRO B 37 -7.00 -21.67 -4.41
N PRO B 38 -8.17 -22.24 -4.28
CA PRO B 38 -9.36 -21.46 -3.86
C PRO B 38 -9.16 -20.84 -2.47
N ASP B 39 -8.35 -21.44 -1.65
CA ASP B 39 -8.10 -20.88 -0.29
C ASP B 39 -7.32 -19.56 -0.40
N GLN B 40 -6.63 -19.37 -1.49
CA GLN B 40 -5.86 -18.10 -1.67
C GLN B 40 -6.62 -17.14 -2.59
N GLN B 41 -7.77 -17.52 -3.07
CA GLN B 41 -8.55 -16.62 -3.97
C GLN B 41 -9.56 -15.80 -3.15
N ARG B 42 -9.71 -14.55 -3.48
CA ARG B 42 -10.69 -13.70 -2.75
C ARG B 42 -11.58 -12.95 -3.73
N LEU B 43 -12.87 -13.02 -3.55
CA LEU B 43 -13.80 -12.31 -4.49
C LEU B 43 -14.37 -11.04 -3.84
N ILE B 44 -14.18 -9.93 -4.48
CA ILE B 44 -14.71 -8.65 -3.92
C ILE B 44 -15.67 -7.99 -4.92
N PHE B 45 -16.78 -7.48 -4.44
CA PHE B 45 -17.76 -6.83 -5.37
C PHE B 45 -18.36 -5.60 -4.69
N ALA B 46 -18.54 -4.54 -5.43
CA ALA B 46 -19.14 -3.28 -4.86
C ALA B 46 -18.50 -2.93 -3.50
N GLY B 47 -17.25 -3.25 -3.31
CA GLY B 47 -16.59 -2.91 -2.01
C GLY B 47 -16.94 -3.95 -0.94
N LYS B 48 -17.69 -4.96 -1.28
CA LYS B 48 -18.08 -5.98 -0.26
C LYS B 48 -17.38 -7.31 -0.57
N GLN B 49 -16.72 -7.90 0.39
CA GLN B 49 -16.05 -9.19 0.15
C GLN B 49 -17.09 -10.32 0.18
N LEU B 50 -17.01 -11.23 -0.76
CA LEU B 50 -18.01 -12.35 -0.79
C LEU B 50 -17.59 -13.47 0.16
N GLU B 51 -18.53 -14.02 0.88
CA GLU B 51 -18.21 -15.13 1.83
C GLU B 51 -18.41 -16.49 1.17
N ASP B 52 -17.46 -17.37 1.31
CA ASP B 52 -17.57 -18.74 0.68
C ASP B 52 -18.94 -19.37 0.98
N GLY B 53 -19.53 -19.02 2.09
CA GLY B 53 -20.86 -19.62 2.44
C GLY B 53 -21.99 -18.86 1.73
N ARG B 54 -21.70 -17.77 1.10
CA ARG B 54 -22.78 -16.99 0.40
C ARG B 54 -22.78 -17.30 -1.10
N THR B 55 -23.89 -17.10 -1.76
CA THR B 55 -23.95 -17.37 -3.22
C THR B 55 -23.87 -16.06 -4.01
N LEU B 56 -23.59 -16.14 -5.28
CA LEU B 56 -23.50 -14.91 -6.12
C LEU B 56 -24.77 -14.05 -5.99
N SER B 57 -25.91 -14.67 -6.01
CA SER B 57 -27.19 -13.90 -5.91
C SER B 57 -27.23 -13.06 -4.62
N ASP B 58 -26.61 -13.52 -3.57
CA ASP B 58 -26.63 -12.76 -2.29
C ASP B 58 -26.01 -11.37 -2.48
N TYR B 59 -25.06 -11.26 -3.38
CA TYR B 59 -24.41 -9.93 -3.62
C TYR B 59 -24.99 -9.30 -4.89
N ASN B 60 -26.22 -9.61 -5.20
CA ASN B 60 -26.86 -9.03 -6.42
C ASN B 60 -25.96 -9.23 -7.65
N ILE B 61 -25.19 -10.28 -7.67
CA ILE B 61 -24.30 -10.52 -8.85
C ILE B 61 -25.11 -11.19 -9.97
N GLN B 62 -25.39 -10.46 -11.02
CA GLN B 62 -26.18 -11.05 -12.14
C GLN B 62 -25.27 -11.36 -13.33
N LYS B 63 -25.83 -11.92 -14.38
CA LYS B 63 -25.02 -12.26 -15.59
C LYS B 63 -24.13 -11.08 -16.00
N GLU B 64 -22.99 -11.37 -16.59
CA GLU B 64 -22.05 -10.30 -17.02
C GLU B 64 -21.55 -9.50 -15.82
N SER B 65 -21.68 -10.02 -14.63
CA SER B 65 -21.21 -9.29 -13.42
C SER B 65 -19.67 -9.28 -13.39
N THR B 66 -19.08 -8.17 -13.01
CA THR B 66 -17.60 -8.09 -12.97
C THR B 66 -17.11 -8.10 -11.52
N LEU B 67 -16.52 -9.17 -11.08
CA LEU B 67 -16.03 -9.24 -9.67
C LEU B 67 -14.51 -9.03 -9.64
N HIS B 68 -13.97 -8.72 -8.50
CA HIS B 68 -12.50 -8.51 -8.41
C HIS B 68 -11.85 -9.68 -7.66
N LEU B 69 -10.76 -10.20 -8.16
CA LEU B 69 -10.09 -11.35 -7.47
C LEU B 69 -8.80 -10.89 -6.80
N VAL B 70 -8.59 -11.31 -5.58
CA VAL B 70 -7.34 -10.91 -4.85
C VAL B 70 -6.60 -12.16 -4.38
N LEU B 71 -5.30 -12.08 -4.23
CA LEU B 71 -4.52 -13.25 -3.78
C LEU B 71 -4.34 -13.21 -2.25
N ARG B 72 -4.73 -14.26 -1.57
CA ARG B 72 -4.58 -14.28 -0.08
C ARG B 72 -3.12 -14.53 0.29
N LEU B 73 -2.27 -13.57 0.11
CA LEU B 73 -0.83 -13.75 0.46
C LEU B 73 -0.50 -13.03 1.77
N ARG B 74 -0.25 -13.77 2.81
CA ARG B 74 0.08 -13.13 4.12
C ARG B 74 1.50 -12.58 4.09
N GLY B 75 1.93 -11.96 5.16
CA GLY B 75 3.31 -11.39 5.19
C GLY B 75 3.40 -10.32 6.28
N GLY B 76 3.93 -9.18 5.95
CA GLY B 76 4.05 -8.08 6.97
C GLY B 76 5.49 -7.97 7.44
#